data_3ETE
#
_entry.id   3ETE
#
_cell.length_a   123.374
_cell.length_b   101.577
_cell.length_c   166.873
_cell.angle_alpha   90.000
_cell.angle_beta   102.344
_cell.angle_gamma   90.000
#
_symmetry.space_group_name_H-M   'P 1 21 1'
#
loop_
_entity.id
_entity.type
_entity.pdbx_description
1 polymer 'Glutamate dehydrogenase'
2 non-polymer 'GLUTAMIC ACID'
3 non-polymer 'NADPH DIHYDRO-NICOTINAMIDE-ADENINE-DINUCLEOTIDE PHOSPHATE'
4 non-polymer "GUANOSINE-5'-TRIPHOSPHATE"
5 non-polymer "2,2'-methanediylbis(3,4,6-trichlorophenol)"
6 water water
#
_entity_poly.entity_id   1
_entity_poly.type   'polypeptide(L)'
_entity_poly.pdbx_seq_one_letter_code
;ADREDDPNFFKMVEGFFDRGASIVEDKLVEDLKTRETEEQKRNRVRGILRIIKPCNHVLSLSFPIRRDDGSWEVIEGYRA
QHSQHRTPCKGGIRYSTDVSVDEVKALASLMTYKCAVVDVPFGGAKAGVKINPKNYTDNELEKITRRFTMELAKKGFIGP
GVDVPAPDMSTGEREMSWIADTYASTIGHYDINAHACVTGKPISQGGIHGRISATGRGVFHGIENFINEASYMSILGMTP
GFGDKTFAVQGFGNVGLHSMRYLHRFGAKCVAVGESDGSIWNPDGIDPKELEDFKLQHGTILGFPKAKIYEGSILEVDCD
ILIPAASEKQLTKSNAPRVKAKIIAEGANGPTTPEADKIFLERNIMVIPDLYLNAGGVTVSYFEWLKNLNHVSYGRLTFK
YERDSNYHLLMSVQESLERKFGKHGGTIPIVPTAEFQDRISGASEKDIVHSGLAYTMERSARQIMRTAMKYNLGLDLRTA
AYVNAIEKVFRVYNEAGVTFT
;
_entity_poly.pdbx_strand_id   A,B,C,D,E,F
#
loop_
_chem_comp.id
_chem_comp.type
_chem_comp.name
_chem_comp.formula
GTP non-polymer GUANOSINE-5'-TRIPHOSPHATE 'C10 H16 N5 O14 P3'
H3P non-polymer 2,2'-methanediylbis(3,4,6-trichlorophenol) 'C13 H6 Cl6 O2'
NDP non-polymer 'NADPH DIHYDRO-NICOTINAMIDE-ADENINE-DINUCLEOTIDE PHOSPHATE' 'C21 H30 N7 O17 P3'
#
# COMPACT_ATOMS: atom_id res chain seq x y z
N GLU A 4 -28.77 -42.19 -11.24
CA GLU A 4 -27.88 -41.79 -12.38
C GLU A 4 -28.32 -40.39 -12.85
N ASP A 5 -27.86 -40.03 -14.04
CA ASP A 5 -28.13 -38.71 -14.64
C ASP A 5 -27.53 -37.61 -13.75
N ASP A 6 -26.28 -37.80 -13.38
CA ASP A 6 -25.61 -36.81 -12.57
C ASP A 6 -24.50 -36.31 -13.45
N PRO A 7 -24.76 -35.23 -14.20
CA PRO A 7 -23.75 -34.68 -15.09
C PRO A 7 -22.82 -33.83 -14.20
N ASN A 8 -21.76 -33.30 -14.81
CA ASN A 8 -20.80 -32.45 -14.14
C ASN A 8 -21.37 -31.02 -14.15
N PHE A 9 -21.90 -30.66 -12.99
CA PHE A 9 -22.50 -29.37 -12.72
C PHE A 9 -21.98 -28.22 -13.56
N PHE A 10 -20.66 -28.09 -13.63
CA PHE A 10 -20.05 -27.00 -14.40
C PHE A 10 -20.40 -27.07 -15.88
N LYS A 11 -20.21 -28.25 -16.47
CA LYS A 11 -20.51 -28.45 -17.88
C LYS A 11 -22.02 -28.38 -18.08
N MET A 12 -22.77 -28.80 -17.06
CA MET A 12 -24.22 -28.78 -17.12
C MET A 12 -24.71 -27.35 -17.38
N VAL A 13 -24.06 -26.39 -16.74
CA VAL A 13 -24.38 -24.99 -16.89
C VAL A 13 -23.80 -24.52 -18.23
N GLU A 14 -22.62 -25.03 -18.57
CA GLU A 14 -22.01 -24.68 -19.85
C GLU A 14 -22.99 -25.11 -20.95
N GLY A 15 -23.68 -26.22 -20.69
CA GLY A 15 -24.65 -26.73 -21.63
C GLY A 15 -25.70 -25.68 -21.94
N PHE A 16 -26.26 -25.11 -20.87
CA PHE A 16 -27.26 -24.08 -21.02
C PHE A 16 -26.66 -22.90 -21.78
N PHE A 17 -25.43 -22.55 -21.45
CA PHE A 17 -24.76 -21.43 -22.11
C PHE A 17 -24.58 -21.62 -23.59
N ASP A 18 -24.07 -22.78 -23.98
CA ASP A 18 -23.83 -23.08 -25.40
C ASP A 18 -25.15 -23.04 -26.17
N ARG A 19 -26.16 -23.67 -25.61
CA ARG A 19 -27.46 -23.72 -26.23
C ARG A 19 -27.93 -22.30 -26.53
N GLY A 20 -27.81 -21.43 -25.52
CA GLY A 20 -28.23 -20.05 -25.69
C GLY A 20 -27.28 -19.29 -26.58
N ALA A 21 -26.01 -19.69 -26.56
CA ALA A 21 -25.00 -19.03 -27.38
C ALA A 21 -25.40 -19.14 -28.85
N SER A 22 -25.72 -20.36 -29.28
CA SER A 22 -26.10 -20.56 -30.68
C SER A 22 -27.26 -19.64 -31.09
N ILE A 23 -28.38 -19.78 -30.39
CA ILE A 23 -29.58 -18.98 -30.66
C ILE A 23 -29.27 -17.54 -31.06
N VAL A 24 -28.37 -16.89 -30.32
CA VAL A 24 -28.01 -15.49 -30.60
C VAL A 24 -26.81 -15.24 -31.50
N GLU A 25 -25.93 -16.23 -31.61
CA GLU A 25 -24.74 -16.07 -32.43
C GLU A 25 -24.95 -15.18 -33.67
N ASP A 26 -26.04 -15.43 -34.38
CA ASP A 26 -26.36 -14.67 -35.58
C ASP A 26 -26.48 -13.17 -35.35
N LYS A 27 -27.26 -12.80 -34.33
CA LYS A 27 -27.49 -11.39 -33.99
C LYS A 27 -26.18 -10.71 -33.62
N LEU A 28 -25.39 -11.38 -32.79
CA LEU A 28 -24.10 -10.85 -32.35
C LEU A 28 -23.16 -10.59 -33.54
N VAL A 29 -23.44 -11.23 -34.67
CA VAL A 29 -22.59 -11.02 -35.83
C VAL A 29 -23.13 -9.88 -36.71
N GLU A 30 -24.46 -9.75 -36.72
CA GLU A 30 -25.12 -8.72 -37.49
C GLU A 30 -24.87 -7.34 -36.93
N ASP A 31 -25.02 -7.20 -35.61
CA ASP A 31 -24.82 -5.92 -34.93
C ASP A 31 -23.37 -5.46 -35.10
N LEU A 32 -22.46 -6.43 -35.09
CA LEU A 32 -21.05 -6.15 -35.24
C LEU A 32 -20.87 -5.38 -36.55
N LYS A 33 -20.10 -4.29 -36.53
CA LYS A 33 -19.91 -3.47 -37.73
C LYS A 33 -18.44 -3.30 -38.17
N THR A 34 -17.59 -4.27 -37.86
CA THR A 34 -16.16 -4.19 -38.21
C THR A 34 -15.78 -4.14 -39.69
N ARG A 35 -14.50 -3.87 -39.94
CA ARG A 35 -13.94 -3.79 -41.28
C ARG A 35 -13.97 -5.15 -42.00
N GLU A 36 -13.30 -6.17 -41.44
CA GLU A 36 -13.30 -7.49 -42.07
C GLU A 36 -14.68 -8.09 -41.82
N THR A 37 -15.70 -7.50 -42.43
CA THR A 37 -17.09 -7.91 -42.30
C THR A 37 -17.32 -9.40 -42.64
N GLU A 38 -16.34 -10.03 -43.30
CA GLU A 38 -16.49 -11.44 -43.64
C GLU A 38 -16.67 -12.23 -42.36
N GLU A 39 -17.21 -13.44 -42.46
CA GLU A 39 -17.46 -14.22 -41.25
C GLU A 39 -16.25 -14.63 -40.39
N GLN A 40 -15.24 -13.78 -40.33
CA GLN A 40 -14.09 -14.05 -39.46
C GLN A 40 -14.68 -13.41 -38.18
N LYS A 41 -15.73 -12.63 -38.44
CA LYS A 41 -16.55 -11.92 -37.46
C LYS A 41 -17.19 -12.98 -36.58
N ARG A 42 -17.64 -14.02 -37.27
CA ARG A 42 -18.31 -15.16 -36.65
C ARG A 42 -17.32 -15.96 -35.80
N ASN A 43 -16.03 -15.92 -36.14
CA ASN A 43 -15.04 -16.64 -35.34
C ASN A 43 -14.73 -15.81 -34.09
N ARG A 44 -14.56 -14.51 -34.32
CA ARG A 44 -14.25 -13.55 -33.26
C ARG A 44 -15.33 -13.53 -32.20
N VAL A 45 -16.58 -13.78 -32.61
CA VAL A 45 -17.66 -13.81 -31.65
C VAL A 45 -17.53 -15.11 -30.86
N ARG A 46 -17.24 -16.19 -31.58
CA ARG A 46 -17.07 -17.49 -30.95
C ARG A 46 -15.84 -17.48 -30.06
N GLY A 47 -14.89 -16.61 -30.41
CA GLY A 47 -13.67 -16.53 -29.63
C GLY A 47 -13.99 -15.88 -28.30
N ILE A 48 -14.74 -14.79 -28.36
CA ILE A 48 -15.11 -14.07 -27.16
C ILE A 48 -15.95 -14.96 -26.26
N LEU A 49 -16.77 -15.80 -26.88
CA LEU A 49 -17.62 -16.71 -26.13
C LEU A 49 -16.80 -17.79 -25.46
N ARG A 50 -15.74 -18.25 -26.13
CA ARG A 50 -14.89 -19.28 -25.53
C ARG A 50 -14.18 -18.69 -24.32
N ILE A 51 -14.06 -17.37 -24.31
CA ILE A 51 -13.38 -16.67 -23.22
C ILE A 51 -14.30 -16.45 -22.01
N ILE A 52 -15.57 -16.17 -22.27
CA ILE A 52 -16.56 -15.97 -21.21
C ILE A 52 -16.77 -17.25 -20.36
N LYS A 53 -17.16 -18.33 -20.99
CA LYS A 53 -17.43 -19.61 -20.33
C LYS A 53 -16.60 -20.08 -19.12
N PRO A 54 -15.27 -19.95 -19.19
CA PRO A 54 -14.45 -20.41 -18.05
C PRO A 54 -14.18 -19.40 -16.93
N CYS A 55 -13.91 -19.92 -15.74
CA CYS A 55 -13.61 -19.05 -14.60
C CYS A 55 -12.25 -18.40 -14.81
N ASN A 56 -12.02 -17.24 -14.24
CA ASN A 56 -10.73 -16.57 -14.42
C ASN A 56 -9.75 -16.92 -13.31
N HIS A 57 -10.24 -16.95 -12.08
CA HIS A 57 -9.42 -17.30 -10.95
C HIS A 57 -10.16 -18.28 -10.02
N VAL A 58 -9.49 -19.31 -9.55
CA VAL A 58 -10.13 -20.21 -8.60
C VAL A 58 -9.12 -20.54 -7.52
N LEU A 59 -9.42 -20.08 -6.31
CA LEU A 59 -8.54 -20.33 -5.17
C LEU A 59 -8.99 -21.54 -4.38
N SER A 60 -8.03 -22.41 -4.08
CA SER A 60 -8.32 -23.62 -3.32
C SER A 60 -7.56 -23.52 -2.01
N LEU A 61 -8.30 -23.60 -0.92
CA LEU A 61 -7.74 -23.48 0.40
C LEU A 61 -7.76 -24.77 1.18
N SER A 62 -6.77 -24.89 2.04
CA SER A 62 -6.59 -26.02 2.92
C SER A 62 -5.89 -25.41 4.11
N PHE A 63 -6.58 -25.30 5.23
CA PHE A 63 -5.97 -24.69 6.42
C PHE A 63 -6.42 -25.38 7.71
N PRO A 64 -5.62 -25.26 8.78
CA PRO A 64 -5.98 -25.89 10.04
C PRO A 64 -6.77 -25.07 11.04
N ILE A 65 -7.65 -25.76 11.78
CA ILE A 65 -8.43 -25.14 12.86
C ILE A 65 -8.26 -26.05 14.08
N ARG A 66 -8.49 -25.50 15.26
CA ARG A 66 -8.34 -26.27 16.50
C ARG A 66 -9.70 -26.63 17.08
N ARG A 67 -10.05 -27.92 17.00
CA ARG A 67 -11.33 -28.42 17.51
C ARG A 67 -11.44 -28.17 19.01
N ASP A 68 -12.65 -27.97 19.49
CA ASP A 68 -12.89 -27.71 20.91
C ASP A 68 -12.26 -28.75 21.84
N ASP A 69 -12.19 -29.98 21.36
CA ASP A 69 -11.62 -31.06 22.14
C ASP A 69 -10.09 -31.08 22.07
N GLY A 70 -9.52 -29.96 21.63
CA GLY A 70 -8.08 -29.80 21.51
C GLY A 70 -7.37 -30.44 20.32
N SER A 71 -8.10 -31.11 19.41
CA SER A 71 -7.41 -31.76 18.29
C SER A 71 -7.25 -30.92 17.02
N TRP A 72 -6.37 -31.39 16.14
CA TRP A 72 -6.10 -30.71 14.86
C TRP A 72 -6.81 -31.32 13.65
N GLU A 73 -7.57 -30.46 12.97
CA GLU A 73 -8.33 -30.83 11.79
C GLU A 73 -8.07 -29.86 10.64
N VAL A 74 -7.84 -30.41 9.44
CA VAL A 74 -7.59 -29.64 8.24
C VAL A 74 -8.93 -29.46 7.52
N ILE A 75 -9.28 -28.24 7.17
CA ILE A 75 -10.55 -28.00 6.49
C ILE A 75 -10.29 -27.43 5.10
N GLU A 76 -11.07 -27.86 4.11
CA GLU A 76 -10.89 -27.40 2.74
C GLU A 76 -11.97 -26.39 2.34
N GLY A 77 -11.57 -25.44 1.49
CA GLY A 77 -12.50 -24.41 1.04
C GLY A 77 -12.08 -23.89 -0.31
N TYR A 78 -13.03 -23.36 -1.06
CA TYR A 78 -12.74 -22.83 -2.38
C TYR A 78 -13.49 -21.53 -2.63
N ARG A 79 -12.96 -20.71 -3.51
CA ARG A 79 -13.59 -19.45 -3.89
C ARG A 79 -13.24 -19.25 -5.35
N ALA A 80 -14.24 -19.14 -6.19
CA ALA A 80 -13.97 -18.97 -7.62
C ALA A 80 -14.51 -17.66 -8.14
N GLN A 81 -13.76 -17.03 -9.02
CA GLN A 81 -14.16 -15.78 -9.62
C GLN A 81 -14.30 -16.09 -11.09
N HIS A 82 -15.55 -16.20 -11.54
CA HIS A 82 -15.82 -16.53 -12.94
C HIS A 82 -15.46 -15.44 -13.91
N SER A 83 -16.11 -14.29 -13.76
CA SER A 83 -15.87 -13.17 -14.65
C SER A 83 -15.60 -11.88 -13.91
N GLN A 84 -15.00 -10.92 -14.64
CA GLN A 84 -14.68 -9.64 -14.08
C GLN A 84 -14.90 -8.52 -15.08
N HIS A 85 -15.91 -8.70 -15.93
CA HIS A 85 -16.26 -7.71 -16.93
C HIS A 85 -16.99 -6.60 -16.19
N ARG A 86 -17.26 -6.92 -14.93
CA ARG A 86 -17.93 -6.05 -13.99
C ARG A 86 -17.18 -6.29 -12.68
N THR A 87 -16.89 -5.22 -11.97
CA THR A 87 -16.17 -5.26 -10.70
C THR A 87 -17.07 -4.64 -9.64
N PRO A 88 -17.12 -5.24 -8.45
CA PRO A 88 -16.45 -6.44 -8.00
C PRO A 88 -17.24 -7.68 -8.35
N CYS A 89 -16.74 -8.85 -7.91
CA CYS A 89 -17.41 -10.11 -8.13
C CYS A 89 -18.36 -10.28 -6.98
N LYS A 90 -19.42 -11.06 -7.19
CA LYS A 90 -20.43 -11.29 -6.16
C LYS A 90 -20.83 -12.75 -6.19
N GLY A 91 -21.26 -13.27 -5.04
CA GLY A 91 -21.64 -14.66 -4.94
C GLY A 91 -21.42 -15.16 -3.52
N GLY A 92 -22.34 -15.96 -3.02
CA GLY A 92 -22.25 -16.44 -1.64
C GLY A 92 -21.28 -17.54 -1.25
N ILE A 93 -21.39 -17.94 0.01
CA ILE A 93 -20.55 -19.00 0.56
C ILE A 93 -21.43 -20.15 1.07
N ARG A 94 -21.20 -21.34 0.53
CA ARG A 94 -21.94 -22.54 0.90
C ARG A 94 -21.09 -23.42 1.81
N TYR A 95 -21.66 -23.83 2.94
CA TYR A 95 -21.00 -24.70 3.91
C TYR A 95 -21.59 -26.10 3.76
N SER A 96 -20.86 -26.98 3.08
CA SER A 96 -21.35 -28.32 2.85
C SER A 96 -20.21 -29.29 2.57
N THR A 97 -20.50 -30.57 2.73
CA THR A 97 -19.50 -31.61 2.48
C THR A 97 -19.54 -32.00 1.01
N ASP A 98 -20.48 -31.41 0.27
CA ASP A 98 -20.62 -31.70 -1.14
C ASP A 98 -19.93 -30.68 -2.01
N VAL A 99 -19.25 -29.73 -1.38
CA VAL A 99 -18.58 -28.71 -2.15
C VAL A 99 -17.31 -29.26 -2.75
N SER A 100 -17.15 -29.05 -4.04
CA SER A 100 -15.95 -29.46 -4.75
C SER A 100 -15.70 -28.27 -5.65
N VAL A 101 -14.52 -28.18 -6.24
CA VAL A 101 -14.20 -27.07 -7.10
C VAL A 101 -15.22 -26.97 -8.25
N ASP A 102 -15.56 -28.13 -8.81
CA ASP A 102 -16.50 -28.20 -9.92
C ASP A 102 -17.84 -27.57 -9.59
N GLU A 103 -18.26 -27.73 -8.35
CA GLU A 103 -19.53 -27.17 -7.92
C GLU A 103 -19.36 -25.66 -7.76
N VAL A 104 -18.36 -25.27 -7.00
CA VAL A 104 -18.09 -23.86 -6.77
C VAL A 104 -17.88 -23.17 -8.13
N LYS A 105 -17.15 -23.79 -9.06
CA LYS A 105 -16.93 -23.17 -10.37
C LYS A 105 -18.23 -22.95 -11.12
N ALA A 106 -19.17 -23.87 -10.90
CA ALA A 106 -20.47 -23.82 -11.55
C ALA A 106 -21.34 -22.74 -10.94
N LEU A 107 -21.51 -22.79 -9.63
CA LEU A 107 -22.31 -21.77 -8.96
C LEU A 107 -21.76 -20.40 -9.29
N ALA A 108 -20.44 -20.27 -9.33
CA ALA A 108 -19.84 -18.98 -9.62
C ALA A 108 -20.33 -18.48 -10.98
N SER A 109 -20.25 -19.34 -11.99
CA SER A 109 -20.70 -18.95 -13.32
C SER A 109 -22.20 -18.65 -13.37
N LEU A 110 -22.98 -19.30 -12.52
CA LEU A 110 -24.40 -19.01 -12.52
C LEU A 110 -24.61 -17.60 -11.96
N MET A 111 -23.75 -17.19 -11.02
CA MET A 111 -23.88 -15.87 -10.42
C MET A 111 -23.73 -14.75 -11.43
N THR A 112 -22.79 -14.90 -12.35
CA THR A 112 -22.58 -13.84 -13.33
C THR A 112 -23.71 -13.70 -14.32
N TYR A 113 -24.18 -14.80 -14.85
CA TYR A 113 -25.28 -14.75 -15.82
C TYR A 113 -26.52 -14.30 -15.06
N LYS A 114 -26.64 -14.77 -13.82
CA LYS A 114 -27.75 -14.39 -12.96
C LYS A 114 -27.79 -12.86 -12.92
N CYS A 115 -26.65 -12.24 -12.59
CA CYS A 115 -26.55 -10.80 -12.54
C CYS A 115 -26.85 -10.12 -13.88
N ALA A 116 -26.44 -10.73 -14.99
CA ALA A 116 -26.68 -10.14 -16.28
C ALA A 116 -28.18 -10.04 -16.57
N VAL A 117 -28.91 -11.07 -16.18
CA VAL A 117 -30.35 -11.11 -16.41
C VAL A 117 -31.00 -9.98 -15.66
N VAL A 118 -30.62 -9.85 -14.40
CA VAL A 118 -31.21 -8.88 -13.50
C VAL A 118 -30.56 -7.50 -13.43
N ASP A 119 -29.49 -7.28 -14.20
CA ASP A 119 -28.81 -5.99 -14.25
C ASP A 119 -28.17 -5.46 -12.97
N VAL A 120 -27.37 -6.32 -12.35
CA VAL A 120 -26.65 -5.99 -11.15
C VAL A 120 -25.22 -5.99 -11.70
N PRO A 121 -24.50 -4.86 -11.58
CA PRO A 121 -23.12 -4.71 -12.07
C PRO A 121 -22.02 -5.49 -11.36
N PHE A 122 -22.19 -6.79 -11.25
CA PHE A 122 -21.22 -7.67 -10.59
C PHE A 122 -20.85 -8.88 -11.47
N GLY A 123 -19.59 -9.29 -11.40
CA GLY A 123 -19.15 -10.45 -12.13
C GLY A 123 -19.45 -11.60 -11.19
N GLY A 124 -19.55 -12.81 -11.70
CA GLY A 124 -19.89 -13.91 -10.83
C GLY A 124 -18.80 -14.54 -9.99
N ALA A 125 -19.17 -14.97 -8.79
CA ALA A 125 -18.25 -15.62 -7.88
C ALA A 125 -19.00 -16.54 -6.90
N LYS A 126 -18.26 -17.41 -6.23
CA LYS A 126 -18.90 -18.33 -5.31
C LYS A 126 -17.88 -19.05 -4.43
N ALA A 127 -18.26 -19.32 -3.19
CA ALA A 127 -17.36 -20.01 -2.27
C ALA A 127 -17.97 -21.27 -1.65
N GLY A 128 -17.10 -22.15 -1.19
CA GLY A 128 -17.52 -23.37 -0.53
C GLY A 128 -16.51 -23.88 0.48
N VAL A 129 -16.97 -24.24 1.68
CA VAL A 129 -16.09 -24.77 2.71
C VAL A 129 -16.60 -26.17 3.04
N LYS A 130 -15.83 -27.19 2.67
CA LYS A 130 -16.24 -28.58 2.88
C LYS A 130 -16.42 -29.07 4.31
N ILE A 131 -17.50 -28.65 4.96
CA ILE A 131 -17.80 -29.10 6.31
C ILE A 131 -19.31 -29.27 6.44
N ASN A 132 -19.71 -30.01 7.47
CA ASN A 132 -21.11 -30.20 7.76
C ASN A 132 -21.27 -29.38 9.03
N PRO A 133 -21.83 -28.19 8.91
CA PRO A 133 -22.02 -27.32 10.09
C PRO A 133 -22.70 -27.98 11.25
N LYS A 134 -23.52 -28.97 10.94
CA LYS A 134 -24.27 -29.70 11.95
C LYS A 134 -23.39 -30.47 12.90
N ASN A 135 -22.11 -30.59 12.56
CA ASN A 135 -21.15 -31.31 13.39
C ASN A 135 -20.11 -30.39 14.03
N TYR A 136 -20.37 -29.09 14.05
CA TYR A 136 -19.42 -28.15 14.64
C TYR A 136 -20.15 -27.23 15.60
N THR A 137 -19.48 -26.91 16.69
CA THR A 137 -20.06 -26.02 17.69
C THR A 137 -20.02 -24.63 17.11
N ASP A 138 -20.81 -23.74 17.70
CA ASP A 138 -20.84 -22.36 17.24
C ASP A 138 -19.41 -21.78 17.31
N ASN A 139 -18.72 -22.09 18.40
CA ASN A 139 -17.38 -21.61 18.57
C ASN A 139 -16.42 -22.06 17.47
N GLU A 140 -16.55 -23.31 17.05
CA GLU A 140 -15.71 -23.87 16.00
C GLU A 140 -16.04 -23.27 14.64
N LEU A 141 -17.33 -23.05 14.39
CA LEU A 141 -17.74 -22.45 13.13
C LEU A 141 -17.11 -21.08 12.96
N GLU A 142 -17.33 -20.22 13.96
CA GLU A 142 -16.78 -18.88 13.93
C GLU A 142 -15.28 -18.93 13.64
N LYS A 143 -14.54 -19.76 14.36
CA LYS A 143 -13.11 -19.83 14.09
C LYS A 143 -12.90 -20.13 12.61
N ILE A 144 -13.72 -21.04 12.07
CA ILE A 144 -13.57 -21.41 10.69
C ILE A 144 -13.89 -20.27 9.74
N THR A 145 -15.09 -19.70 9.86
CA THR A 145 -15.43 -18.63 8.96
C THR A 145 -14.48 -17.42 9.09
N ARG A 146 -13.97 -17.14 10.29
CA ARG A 146 -13.04 -16.02 10.42
C ARG A 146 -11.74 -16.30 9.70
N ARG A 147 -11.12 -17.42 10.04
CA ARG A 147 -9.86 -17.82 9.44
C ARG A 147 -10.00 -17.96 7.93
N PHE A 148 -11.21 -18.30 7.50
CA PHE A 148 -11.46 -18.47 6.08
C PHE A 148 -11.47 -17.11 5.39
N THR A 149 -11.99 -16.11 6.10
CA THR A 149 -12.02 -14.75 5.57
C THR A 149 -10.57 -14.29 5.39
N MET A 150 -9.72 -14.59 6.37
CA MET A 150 -8.32 -14.18 6.28
C MET A 150 -7.58 -14.77 5.08
N GLU A 151 -7.66 -16.09 4.93
CA GLU A 151 -6.96 -16.75 3.83
C GLU A 151 -7.50 -16.31 2.48
N LEU A 152 -8.70 -15.74 2.45
CA LEU A 152 -9.28 -15.24 1.20
C LEU A 152 -8.69 -13.85 0.98
N ALA A 153 -8.70 -13.05 2.05
CA ALA A 153 -8.17 -11.70 2.03
C ALA A 153 -6.75 -11.72 1.50
N LYS A 154 -5.88 -12.43 2.19
CA LYS A 154 -4.48 -12.53 1.80
C LYS A 154 -4.24 -12.76 0.30
N LYS A 155 -5.18 -13.37 -0.41
CA LYS A 155 -4.95 -13.65 -1.83
C LYS A 155 -5.83 -12.88 -2.80
N GLY A 156 -6.50 -11.86 -2.30
CA GLY A 156 -7.37 -11.06 -3.16
C GLY A 156 -8.67 -11.73 -3.55
N PHE A 157 -9.23 -12.53 -2.63
CA PHE A 157 -10.48 -13.22 -2.90
C PHE A 157 -11.65 -12.79 -2.03
N ILE A 158 -11.56 -11.53 -1.60
CA ILE A 158 -12.58 -10.86 -0.80
C ILE A 158 -12.11 -9.42 -0.64
N GLY A 159 -13.03 -8.48 -0.88
CA GLY A 159 -12.71 -7.06 -0.75
C GLY A 159 -13.85 -6.27 -1.35
N PRO A 160 -14.12 -5.05 -0.87
CA PRO A 160 -15.21 -4.18 -1.36
C PRO A 160 -15.28 -3.97 -2.86
N GLY A 161 -14.12 -3.87 -3.51
CA GLY A 161 -14.13 -3.68 -4.94
C GLY A 161 -13.52 -4.84 -5.69
N VAL A 162 -13.46 -6.01 -5.07
CA VAL A 162 -12.86 -7.18 -5.71
C VAL A 162 -13.82 -8.35 -5.81
N ASP A 163 -14.23 -8.82 -4.65
CA ASP A 163 -15.09 -9.98 -4.53
C ASP A 163 -15.88 -9.79 -3.24
N VAL A 164 -17.20 -9.73 -3.37
CA VAL A 164 -18.08 -9.52 -2.22
C VAL A 164 -18.97 -10.72 -1.99
N PRO A 165 -18.67 -11.50 -0.92
CA PRO A 165 -19.43 -12.71 -0.56
C PRO A 165 -20.85 -12.41 -0.05
N ALA A 166 -21.58 -13.47 0.29
CA ALA A 166 -22.95 -13.35 0.78
C ALA A 166 -23.36 -14.73 1.28
N PRO A 167 -24.61 -14.87 1.78
CA PRO A 167 -24.97 -16.20 2.26
C PRO A 167 -25.40 -17.21 1.19
N ASP A 168 -25.31 -18.48 1.52
CA ASP A 168 -25.77 -19.57 0.65
C ASP A 168 -26.16 -20.72 1.58
N MET A 169 -25.83 -21.95 1.23
CA MET A 169 -26.22 -23.07 2.09
C MET A 169 -25.52 -23.18 3.44
N SER A 170 -26.32 -23.19 4.50
CA SER A 170 -25.84 -23.32 5.87
C SER A 170 -25.04 -22.12 6.36
N THR A 171 -25.26 -20.97 5.74
CA THR A 171 -24.58 -19.74 6.15
C THR A 171 -25.64 -18.65 6.17
N GLY A 172 -25.72 -17.94 7.29
CA GLY A 172 -26.70 -16.89 7.39
C GLY A 172 -26.02 -15.60 7.72
N GLU A 173 -26.78 -14.66 8.27
CA GLU A 173 -26.21 -13.38 8.60
C GLU A 173 -25.19 -13.54 9.73
N ARG A 174 -25.26 -14.64 10.46
CA ARG A 174 -24.31 -14.84 11.55
C ARG A 174 -22.91 -14.99 10.97
N GLU A 175 -22.81 -15.70 9.86
CA GLU A 175 -21.53 -15.95 9.20
C GLU A 175 -21.02 -14.69 8.52
N MET A 176 -21.95 -13.96 7.92
CA MET A 176 -21.62 -12.73 7.23
C MET A 176 -21.10 -11.73 8.25
N SER A 177 -21.73 -11.73 9.42
CA SER A 177 -21.37 -10.83 10.50
C SER A 177 -19.95 -11.03 10.96
N TRP A 178 -19.52 -12.29 11.04
CA TRP A 178 -18.16 -12.60 11.45
C TRP A 178 -17.22 -12.22 10.29
N ILE A 179 -17.60 -12.50 9.05
CA ILE A 179 -16.75 -12.16 7.89
C ILE A 179 -16.44 -10.67 7.88
N ALA A 180 -17.49 -9.86 7.93
CA ALA A 180 -17.32 -8.43 7.93
C ALA A 180 -16.38 -8.02 9.07
N ASP A 181 -16.71 -8.45 10.28
CA ASP A 181 -15.88 -8.12 11.45
C ASP A 181 -14.37 -8.41 11.27
N THR A 182 -14.05 -9.62 10.81
CA THR A 182 -12.65 -9.99 10.61
C THR A 182 -12.00 -9.05 9.59
N TYR A 183 -12.69 -8.79 8.48
CA TYR A 183 -12.16 -7.94 7.44
C TYR A 183 -11.94 -6.50 7.91
N ALA A 184 -13.00 -5.86 8.38
CA ALA A 184 -12.93 -4.48 8.83
C ALA A 184 -12.02 -4.23 10.03
N SER A 185 -11.65 -5.30 10.72
CA SER A 185 -10.81 -5.19 11.90
C SER A 185 -9.35 -5.42 11.54
N THR A 186 -9.11 -5.97 10.36
CA THR A 186 -7.75 -6.23 9.95
C THR A 186 -7.41 -5.56 8.60
N ILE A 187 -7.50 -6.29 7.49
CA ILE A 187 -7.19 -5.74 6.16
C ILE A 187 -7.88 -4.40 5.89
N GLY A 188 -9.15 -4.31 6.24
CA GLY A 188 -9.87 -3.08 5.96
C GLY A 188 -9.96 -2.06 7.06
N HIS A 189 -8.99 -2.03 7.96
CA HIS A 189 -9.04 -1.07 9.06
C HIS A 189 -9.06 0.37 8.56
N TYR A 190 -8.46 0.63 7.39
CA TYR A 190 -8.44 1.99 6.84
C TYR A 190 -9.40 2.20 5.69
N ASP A 191 -10.03 1.11 5.23
CA ASP A 191 -10.97 1.17 4.11
C ASP A 191 -12.26 1.84 4.55
N ILE A 192 -12.61 2.92 3.88
CA ILE A 192 -13.82 3.63 4.21
C ILE A 192 -15.03 2.79 3.79
N ASN A 193 -14.81 1.78 2.96
CA ASN A 193 -15.87 0.89 2.49
C ASN A 193 -15.74 -0.52 3.01
N ALA A 194 -14.99 -0.67 4.10
CA ALA A 194 -14.74 -1.97 4.71
C ALA A 194 -15.94 -2.90 4.89
N HIS A 195 -17.04 -2.36 5.40
CA HIS A 195 -18.21 -3.17 5.62
C HIS A 195 -18.97 -3.51 4.37
N ALA A 196 -18.44 -3.13 3.23
CA ALA A 196 -19.11 -3.43 1.97
C ALA A 196 -18.38 -4.60 1.33
N CYS A 197 -17.65 -5.34 2.17
CA CYS A 197 -16.88 -6.47 1.72
C CYS A 197 -17.74 -7.74 1.65
N VAL A 198 -18.98 -7.64 2.12
CA VAL A 198 -19.87 -8.78 2.12
C VAL A 198 -21.30 -8.30 2.38
N THR A 199 -22.27 -9.02 1.82
CA THR A 199 -23.68 -8.68 1.98
C THR A 199 -24.46 -9.73 2.80
N GLY A 200 -25.70 -9.45 3.12
CA GLY A 200 -26.48 -10.39 3.90
C GLY A 200 -26.05 -10.33 5.36
N LYS A 201 -25.57 -9.16 5.78
CA LYS A 201 -25.11 -8.96 7.16
C LYS A 201 -26.29 -8.59 8.02
N PRO A 202 -26.14 -8.67 9.35
CA PRO A 202 -27.21 -8.31 10.29
C PRO A 202 -27.46 -6.84 10.07
N ILE A 203 -28.69 -6.39 10.22
CA ILE A 203 -28.96 -4.98 10.00
C ILE A 203 -28.10 -4.07 10.89
N SER A 204 -27.80 -4.51 12.11
CA SER A 204 -27.00 -3.71 13.02
C SER A 204 -25.57 -3.63 12.54
N GLN A 205 -25.21 -4.57 11.66
CA GLN A 205 -23.87 -4.65 11.10
C GLN A 205 -23.78 -3.95 9.75
N GLY A 206 -24.85 -3.26 9.37
CA GLY A 206 -24.83 -2.58 8.11
C GLY A 206 -25.62 -3.34 7.08
N GLY A 207 -26.45 -4.27 7.52
CA GLY A 207 -27.27 -5.03 6.59
C GLY A 207 -28.38 -4.11 6.15
N ILE A 208 -29.22 -4.57 5.22
CA ILE A 208 -30.31 -3.75 4.73
C ILE A 208 -31.62 -4.48 4.99
N HIS A 209 -32.68 -3.71 5.10
CA HIS A 209 -33.97 -4.26 5.38
C HIS A 209 -34.48 -5.27 4.36
N GLY A 210 -34.84 -6.44 4.87
CA GLY A 210 -35.39 -7.49 4.03
C GLY A 210 -34.42 -8.28 3.19
N ARG A 211 -33.15 -8.31 3.55
CA ARG A 211 -32.24 -9.09 2.74
C ARG A 211 -32.45 -10.55 3.09
N ILE A 212 -32.93 -10.82 4.29
CA ILE A 212 -33.10 -12.22 4.63
C ILE A 212 -34.22 -12.85 3.82
N SER A 213 -35.37 -12.18 3.78
CA SER A 213 -36.52 -12.69 3.04
C SER A 213 -36.45 -12.29 1.59
N ALA A 214 -35.36 -11.62 1.20
CA ALA A 214 -35.17 -11.13 -0.16
C ALA A 214 -35.45 -12.15 -1.25
N THR A 215 -34.80 -13.30 -1.20
CA THR A 215 -34.99 -14.31 -2.22
C THR A 215 -36.44 -14.82 -2.31
N GLY A 216 -37.05 -15.06 -1.15
CA GLY A 216 -38.42 -15.52 -1.15
C GLY A 216 -39.30 -14.50 -1.82
N ARG A 217 -39.16 -13.22 -1.41
CA ARG A 217 -39.94 -12.13 -1.99
C ARG A 217 -39.70 -12.08 -3.50
N GLY A 218 -38.47 -12.36 -3.89
CA GLY A 218 -38.10 -12.36 -5.28
C GLY A 218 -38.76 -13.49 -6.03
N VAL A 219 -38.69 -14.70 -5.47
CA VAL A 219 -39.32 -15.88 -6.07
C VAL A 219 -40.80 -15.60 -6.31
N PHE A 220 -41.43 -14.94 -5.35
CA PHE A 220 -42.83 -14.57 -5.43
C PHE A 220 -43.06 -13.72 -6.67
N HIS A 221 -42.31 -12.63 -6.78
CA HIS A 221 -42.46 -11.75 -7.94
C HIS A 221 -42.19 -12.46 -9.24
N GLY A 222 -41.22 -13.38 -9.21
CA GLY A 222 -40.89 -14.13 -10.41
C GLY A 222 -42.11 -14.87 -10.91
N ILE A 223 -42.70 -15.67 -10.03
CA ILE A 223 -43.88 -16.43 -10.35
C ILE A 223 -45.01 -15.47 -10.73
N GLU A 224 -45.29 -14.49 -9.87
CA GLU A 224 -46.35 -13.52 -10.12
C GLU A 224 -46.35 -12.96 -11.55
N ASN A 225 -45.17 -12.63 -12.04
CA ASN A 225 -45.02 -12.07 -13.38
C ASN A 225 -45.41 -13.06 -14.45
N PHE A 226 -45.30 -14.34 -14.14
CA PHE A 226 -45.66 -15.35 -15.13
C PHE A 226 -47.05 -15.95 -14.92
N ILE A 227 -47.46 -16.11 -13.68
CA ILE A 227 -48.76 -16.70 -13.40
C ILE A 227 -49.88 -15.71 -13.68
N ASN A 228 -49.52 -14.56 -14.27
CA ASN A 228 -50.47 -13.54 -14.66
C ASN A 228 -50.23 -13.07 -16.10
N GLU A 229 -50.01 -14.02 -17.02
CA GLU A 229 -49.81 -13.66 -18.42
C GLU A 229 -50.87 -14.19 -19.40
N ALA A 230 -51.47 -15.34 -19.06
CA ALA A 230 -52.51 -15.94 -19.92
C ALA A 230 -51.84 -16.53 -21.15
N SER A 231 -50.97 -15.73 -21.76
CA SER A 231 -50.23 -16.16 -22.93
C SER A 231 -49.52 -17.45 -22.54
N TYR A 232 -48.98 -17.45 -21.33
CA TYR A 232 -48.25 -18.59 -20.78
C TYR A 232 -49.23 -19.47 -19.99
N MET A 233 -50.18 -18.84 -19.30
CA MET A 233 -51.16 -19.60 -18.51
C MET A 233 -52.10 -20.50 -19.34
N SER A 234 -52.42 -20.05 -20.55
CA SER A 234 -53.29 -20.80 -21.46
C SER A 234 -52.60 -22.10 -21.83
N ILE A 235 -51.38 -21.95 -22.35
CA ILE A 235 -50.56 -23.07 -22.77
C ILE A 235 -50.44 -24.13 -21.67
N LEU A 236 -50.73 -23.74 -20.42
CA LEU A 236 -50.66 -24.67 -19.30
C LEU A 236 -52.04 -25.13 -18.84
N GLY A 237 -53.09 -24.59 -19.45
CA GLY A 237 -54.42 -24.96 -19.00
C GLY A 237 -54.55 -24.55 -17.54
N MET A 238 -54.27 -23.27 -17.26
CA MET A 238 -54.35 -22.74 -15.90
C MET A 238 -54.92 -21.34 -15.91
N THR A 239 -55.72 -21.04 -14.90
CA THR A 239 -56.33 -19.72 -14.75
C THR A 239 -55.29 -18.79 -14.16
N PRO A 240 -55.24 -17.55 -14.63
CA PRO A 240 -54.23 -16.65 -14.05
C PRO A 240 -54.53 -16.38 -12.57
N GLY A 241 -53.51 -15.96 -11.82
CA GLY A 241 -53.68 -15.65 -10.41
C GLY A 241 -53.24 -16.71 -9.42
N PHE A 242 -52.89 -16.29 -8.21
CA PHE A 242 -52.45 -17.20 -7.15
C PHE A 242 -53.62 -17.81 -6.34
N GLY A 243 -54.70 -17.03 -6.21
CA GLY A 243 -55.86 -17.45 -5.45
C GLY A 243 -56.30 -18.90 -5.45
N ASP A 244 -56.12 -19.59 -6.57
CA ASP A 244 -56.54 -20.97 -6.68
C ASP A 244 -55.40 -21.92 -7.00
N LYS A 245 -54.24 -21.67 -6.42
CA LYS A 245 -53.09 -22.53 -6.68
C LYS A 245 -52.60 -23.18 -5.41
N THR A 246 -52.04 -24.37 -5.58
CA THR A 246 -51.47 -25.08 -4.45
C THR A 246 -50.04 -25.34 -4.85
N PHE A 247 -49.11 -25.13 -3.92
CA PHE A 247 -47.71 -25.38 -4.21
C PHE A 247 -47.08 -26.25 -3.13
N ALA A 248 -45.91 -26.77 -3.46
CA ALA A 248 -45.14 -27.62 -2.56
C ALA A 248 -43.70 -27.15 -2.74
N VAL A 249 -42.97 -27.07 -1.64
CA VAL A 249 -41.60 -26.61 -1.69
C VAL A 249 -40.59 -27.54 -0.99
N GLN A 250 -39.49 -27.81 -1.68
CA GLN A 250 -38.40 -28.66 -1.18
C GLN A 250 -37.34 -27.79 -0.51
N GLY A 251 -37.31 -27.82 0.84
CA GLY A 251 -36.37 -27.01 1.58
C GLY A 251 -37.10 -25.92 2.35
N PHE A 252 -37.05 -26.01 3.67
CA PHE A 252 -37.70 -25.01 4.52
C PHE A 252 -36.58 -24.18 5.15
N GLY A 253 -35.86 -23.45 4.28
CA GLY A 253 -34.75 -22.63 4.71
C GLY A 253 -34.93 -21.16 4.36
N ASN A 254 -33.83 -20.46 4.13
CA ASN A 254 -33.93 -19.05 3.82
C ASN A 254 -34.76 -18.79 2.58
N VAL A 255 -34.45 -19.49 1.50
CA VAL A 255 -35.18 -19.31 0.25
C VAL A 255 -36.50 -20.08 0.27
N GLY A 256 -36.52 -21.19 1.01
CA GLY A 256 -37.72 -21.99 1.11
C GLY A 256 -38.81 -21.38 1.98
N LEU A 257 -38.51 -21.19 3.26
CA LEU A 257 -39.47 -20.62 4.20
C LEU A 257 -40.15 -19.37 3.66
N HIS A 258 -39.36 -18.37 3.27
CA HIS A 258 -39.92 -17.12 2.77
C HIS A 258 -40.65 -17.23 1.47
N SER A 259 -40.28 -18.21 0.65
CA SER A 259 -41.00 -18.40 -0.58
C SER A 259 -42.42 -18.81 -0.20
N MET A 260 -42.51 -19.76 0.73
CA MET A 260 -43.78 -20.25 1.22
C MET A 260 -44.58 -19.11 1.85
N ARG A 261 -43.89 -18.30 2.63
CA ARG A 261 -44.51 -17.17 3.29
C ARG A 261 -45.23 -16.24 2.34
N TYR A 262 -44.53 -15.75 1.33
CA TYR A 262 -45.15 -14.82 0.42
C TYR A 262 -46.26 -15.41 -0.43
N LEU A 263 -46.07 -16.61 -0.94
CA LEU A 263 -47.12 -17.19 -1.76
C LEU A 263 -48.41 -17.33 -0.95
N HIS A 264 -48.27 -17.84 0.27
CA HIS A 264 -49.40 -18.03 1.18
C HIS A 264 -50.08 -16.69 1.40
N ARG A 265 -49.29 -15.63 1.52
CA ARG A 265 -49.82 -14.29 1.73
C ARG A 265 -50.75 -13.89 0.61
N PHE A 266 -50.50 -14.42 -0.59
CA PHE A 266 -51.33 -14.08 -1.73
C PHE A 266 -52.30 -15.18 -2.17
N GLY A 267 -52.91 -15.83 -1.17
CA GLY A 267 -53.90 -16.87 -1.41
C GLY A 267 -53.46 -18.15 -2.10
N ALA A 268 -52.18 -18.49 -2.00
CA ALA A 268 -51.69 -19.73 -2.58
C ALA A 268 -51.68 -20.68 -1.40
N LYS A 269 -51.82 -21.96 -1.67
CA LYS A 269 -51.86 -22.94 -0.60
C LYS A 269 -50.68 -23.90 -0.58
N CYS A 270 -49.95 -23.93 0.54
CA CYS A 270 -48.81 -24.83 0.65
C CYS A 270 -49.32 -26.19 1.09
N VAL A 271 -49.22 -27.17 0.19
CA VAL A 271 -49.69 -28.51 0.48
C VAL A 271 -48.57 -29.43 0.90
N ALA A 272 -47.32 -29.03 0.69
CA ALA A 272 -46.20 -29.88 1.07
C ALA A 272 -44.95 -29.09 1.36
N VAL A 273 -44.18 -29.58 2.33
CA VAL A 273 -42.93 -28.95 2.70
C VAL A 273 -41.96 -30.09 2.95
N GLY A 274 -40.74 -29.96 2.46
CA GLY A 274 -39.75 -31.00 2.66
C GLY A 274 -38.42 -30.57 3.24
N GLU A 275 -37.61 -31.58 3.59
CA GLU A 275 -36.30 -31.38 4.15
C GLU A 275 -35.45 -32.61 3.85
N SER A 276 -34.33 -32.77 4.55
CA SER A 276 -33.46 -33.91 4.31
C SER A 276 -33.98 -35.12 5.06
N ASP A 277 -34.53 -34.90 6.26
CA ASP A 277 -35.07 -36.00 7.03
C ASP A 277 -36.37 -36.54 6.41
N GLY A 278 -37.21 -35.67 5.85
CA GLY A 278 -38.44 -36.13 5.24
C GLY A 278 -39.37 -35.02 4.77
N SER A 279 -40.54 -35.39 4.28
CA SER A 279 -41.50 -34.37 3.80
C SER A 279 -42.79 -34.47 4.61
N ILE A 280 -43.57 -33.39 4.64
CA ILE A 280 -44.86 -33.43 5.34
C ILE A 280 -45.88 -33.00 4.30
N TRP A 281 -47.15 -33.24 4.60
CA TRP A 281 -48.19 -32.94 3.64
C TRP A 281 -49.52 -32.62 4.29
N ASN A 282 -50.42 -32.05 3.48
CA ASN A 282 -51.75 -31.67 3.90
C ASN A 282 -52.45 -31.04 2.72
N PRO A 283 -53.46 -31.73 2.16
CA PRO A 283 -54.17 -31.18 1.01
C PRO A 283 -54.92 -29.89 1.32
N ASP A 284 -55.29 -29.71 2.58
CA ASP A 284 -56.02 -28.52 2.99
C ASP A 284 -55.09 -27.33 3.20
N GLY A 285 -53.79 -27.60 3.11
CA GLY A 285 -52.79 -26.54 3.28
C GLY A 285 -52.09 -26.45 4.64
N ILE A 286 -50.80 -26.10 4.59
CA ILE A 286 -49.99 -25.95 5.78
C ILE A 286 -49.69 -24.44 5.96
N ASP A 287 -49.68 -23.98 7.21
CA ASP A 287 -49.42 -22.57 7.50
C ASP A 287 -47.95 -22.30 7.79
N PRO A 288 -47.36 -21.27 7.13
CA PRO A 288 -45.97 -20.86 7.25
C PRO A 288 -45.52 -20.49 8.65
N LYS A 289 -46.37 -19.79 9.39
CA LYS A 289 -46.01 -19.37 10.74
C LYS A 289 -45.97 -20.48 11.80
N GLU A 290 -46.97 -21.35 11.85
CA GLU A 290 -46.95 -22.43 12.84
C GLU A 290 -45.90 -23.51 12.51
N LEU A 291 -45.65 -23.73 11.22
CA LEU A 291 -44.66 -24.72 10.79
C LEU A 291 -43.26 -24.23 11.21
N GLU A 292 -43.06 -22.92 11.04
CA GLU A 292 -41.79 -22.31 11.38
C GLU A 292 -41.52 -22.38 12.87
N ASP A 293 -42.54 -22.12 13.68
CA ASP A 293 -42.37 -22.18 15.12
C ASP A 293 -42.14 -23.61 15.61
N PHE A 294 -42.82 -24.55 14.97
CA PHE A 294 -42.66 -25.97 15.30
C PHE A 294 -41.20 -26.31 14.99
N LYS A 295 -40.77 -25.93 13.78
CA LYS A 295 -39.41 -26.17 13.31
C LYS A 295 -38.35 -25.55 14.21
N LEU A 296 -38.62 -24.36 14.75
CA LEU A 296 -37.67 -23.70 15.64
C LEU A 296 -37.61 -24.40 17.00
N GLN A 297 -38.79 -24.70 17.54
CA GLN A 297 -38.90 -25.37 18.83
C GLN A 297 -38.38 -26.82 18.83
N HIS A 298 -38.68 -27.56 17.76
CA HIS A 298 -38.32 -28.96 17.62
C HIS A 298 -37.18 -29.32 16.66
N GLY A 299 -36.67 -28.33 15.96
CA GLY A 299 -35.56 -28.57 15.05
C GLY A 299 -35.83 -29.48 13.86
N THR A 300 -37.08 -29.58 13.44
CA THR A 300 -37.47 -30.43 12.30
C THR A 300 -38.95 -30.19 11.99
N ILE A 301 -39.34 -30.46 10.75
CA ILE A 301 -40.72 -30.26 10.33
C ILE A 301 -41.52 -31.55 10.55
N LEU A 302 -40.79 -32.67 10.64
CA LEU A 302 -41.40 -33.98 10.85
C LEU A 302 -42.01 -34.01 12.26
N GLY A 303 -43.30 -34.31 12.32
CA GLY A 303 -44.01 -34.34 13.60
C GLY A 303 -45.02 -33.21 13.74
N PHE A 304 -44.98 -32.26 12.80
CA PHE A 304 -45.88 -31.12 12.83
C PHE A 304 -47.33 -31.58 12.96
N PRO A 305 -48.00 -31.21 14.07
CA PRO A 305 -49.38 -31.61 14.30
C PRO A 305 -50.40 -31.43 13.15
N LYS A 306 -50.51 -30.24 12.57
CA LYS A 306 -51.50 -30.02 11.51
C LYS A 306 -51.07 -30.52 10.12
N ALA A 307 -50.46 -31.69 10.09
CA ALA A 307 -50.02 -32.31 8.84
C ALA A 307 -49.46 -33.70 9.09
N LYS A 308 -49.65 -34.58 8.10
CA LYS A 308 -49.18 -35.98 8.14
C LYS A 308 -47.76 -36.07 7.59
N ILE A 309 -47.06 -37.14 7.94
CA ILE A 309 -45.68 -37.35 7.48
C ILE A 309 -45.68 -38.03 6.10
N TYR A 310 -45.91 -37.26 5.03
CA TYR A 310 -45.96 -37.77 3.65
C TYR A 310 -44.83 -38.70 3.29
N GLU A 311 -45.18 -39.93 2.88
CA GLU A 311 -44.19 -40.89 2.48
C GLU A 311 -44.11 -40.80 0.97
N GLY A 312 -42.94 -40.45 0.46
CA GLY A 312 -42.77 -40.31 -0.97
C GLY A 312 -42.17 -38.96 -1.34
N SER A 313 -41.56 -38.92 -2.52
CA SER A 313 -40.90 -37.74 -3.08
C SER A 313 -41.73 -36.45 -3.05
N ILE A 314 -41.14 -35.41 -2.44
CA ILE A 314 -41.75 -34.08 -2.31
C ILE A 314 -41.80 -33.46 -3.71
N LEU A 315 -40.90 -33.91 -4.57
CA LEU A 315 -40.79 -33.42 -5.95
C LEU A 315 -41.88 -34.05 -6.82
N GLU A 316 -42.64 -35.00 -6.26
CA GLU A 316 -43.67 -35.66 -7.05
C GLU A 316 -45.09 -35.41 -6.57
N VAL A 317 -45.22 -34.84 -5.39
CA VAL A 317 -46.54 -34.55 -4.83
C VAL A 317 -47.45 -33.79 -5.79
N ASP A 318 -48.76 -33.95 -5.60
CA ASP A 318 -49.73 -33.29 -6.47
C ASP A 318 -49.94 -31.87 -6.04
N CYS A 319 -49.65 -30.96 -6.96
CA CYS A 319 -49.77 -29.53 -6.74
C CYS A 319 -49.66 -28.78 -8.06
N ASP A 320 -49.84 -27.47 -7.99
CA ASP A 320 -49.77 -26.60 -9.16
C ASP A 320 -48.33 -26.16 -9.44
N ILE A 321 -47.66 -25.70 -8.40
CA ILE A 321 -46.29 -25.21 -8.51
C ILE A 321 -45.32 -25.93 -7.57
N LEU A 322 -44.21 -26.40 -8.13
CA LEU A 322 -43.19 -27.09 -7.35
C LEU A 322 -41.97 -26.16 -7.17
N ILE A 323 -41.64 -25.89 -5.90
CA ILE A 323 -40.54 -24.99 -5.57
C ILE A 323 -39.28 -25.68 -5.00
N PRO A 324 -38.26 -25.90 -5.84
CA PRO A 324 -37.05 -26.55 -5.31
C PRO A 324 -36.17 -25.49 -4.65
N ALA A 325 -36.01 -25.63 -3.34
CA ALA A 325 -35.19 -24.70 -2.58
C ALA A 325 -34.10 -25.44 -1.80
N ALA A 326 -33.70 -26.60 -2.31
CA ALA A 326 -32.67 -27.40 -1.66
C ALA A 326 -31.41 -27.29 -2.51
N SER A 327 -30.64 -28.36 -2.58
CA SER A 327 -29.41 -28.37 -3.38
C SER A 327 -29.70 -28.58 -4.88
N GLU A 328 -28.64 -28.70 -5.69
CA GLU A 328 -28.79 -28.89 -7.13
C GLU A 328 -29.26 -30.26 -7.58
N LYS A 329 -29.45 -30.40 -8.89
CA LYS A 329 -29.89 -31.62 -9.52
C LYS A 329 -30.86 -32.50 -8.72
N GLN A 330 -32.00 -31.92 -8.34
CA GLN A 330 -33.00 -32.67 -7.60
C GLN A 330 -33.95 -33.30 -8.62
N LEU A 331 -34.27 -32.55 -9.66
CA LEU A 331 -35.15 -33.01 -10.74
C LEU A 331 -34.24 -33.53 -11.86
N THR A 332 -34.20 -34.85 -11.98
CA THR A 332 -33.37 -35.52 -12.99
C THR A 332 -34.25 -36.19 -14.05
N LYS A 333 -33.60 -36.87 -15.01
CA LYS A 333 -34.30 -37.55 -16.09
C LYS A 333 -35.25 -38.64 -15.57
N SER A 334 -34.87 -39.27 -14.46
CA SER A 334 -35.64 -40.33 -13.82
C SER A 334 -37.03 -39.85 -13.40
N ASN A 335 -37.07 -39.16 -12.26
CA ASN A 335 -38.31 -38.65 -11.70
C ASN A 335 -39.03 -37.57 -12.49
N ALA A 336 -38.33 -36.96 -13.46
CA ALA A 336 -38.92 -35.89 -14.26
C ALA A 336 -40.37 -36.13 -14.72
N PRO A 337 -40.62 -37.28 -15.37
CA PRO A 337 -41.98 -37.57 -15.83
C PRO A 337 -43.06 -37.70 -14.76
N ARG A 338 -42.68 -37.90 -13.50
CA ARG A 338 -43.67 -38.05 -12.43
C ARG A 338 -43.82 -36.84 -11.50
N VAL A 339 -43.92 -35.63 -12.05
CA VAL A 339 -43.99 -34.44 -11.21
C VAL A 339 -45.36 -33.81 -10.87
N LYS A 340 -46.38 -34.11 -11.67
CA LYS A 340 -47.70 -33.55 -11.40
C LYS A 340 -47.83 -32.02 -11.56
N ALA A 341 -46.96 -31.25 -10.91
CA ALA A 341 -47.02 -29.79 -11.02
C ALA A 341 -46.90 -29.29 -12.47
N LYS A 342 -47.58 -28.17 -12.77
CA LYS A 342 -47.53 -27.57 -14.10
C LYS A 342 -46.40 -26.54 -14.14
N ILE A 343 -46.14 -25.89 -13.00
CA ILE A 343 -45.09 -24.88 -12.93
C ILE A 343 -43.93 -25.29 -12.02
N ILE A 344 -42.71 -25.05 -12.53
CA ILE A 344 -41.48 -25.34 -11.81
C ILE A 344 -40.74 -24.01 -11.62
N ALA A 345 -40.78 -23.49 -10.39
CA ALA A 345 -40.12 -22.23 -10.07
C ALA A 345 -38.79 -22.61 -9.43
N GLU A 346 -37.72 -22.56 -10.22
CA GLU A 346 -36.42 -22.91 -9.70
C GLU A 346 -35.91 -21.96 -8.63
N GLY A 347 -36.13 -22.34 -7.37
CA GLY A 347 -35.68 -21.51 -6.26
C GLY A 347 -34.19 -21.64 -6.04
N ALA A 348 -33.69 -22.87 -6.01
CA ALA A 348 -32.26 -23.11 -5.82
C ALA A 348 -31.51 -22.97 -7.13
N ASN A 349 -30.19 -23.04 -7.06
CA ASN A 349 -29.38 -22.92 -8.25
C ASN A 349 -29.24 -24.27 -8.90
N GLY A 350 -29.66 -24.33 -10.17
CA GLY A 350 -29.59 -25.57 -10.95
C GLY A 350 -30.22 -26.77 -10.28
N PRO A 351 -31.49 -26.69 -9.87
CA PRO A 351 -32.12 -27.84 -9.21
C PRO A 351 -32.52 -28.92 -10.22
N THR A 352 -32.55 -28.60 -11.51
CA THR A 352 -32.92 -29.60 -12.52
C THR A 352 -31.89 -29.78 -13.63
N THR A 353 -31.62 -31.05 -13.96
CA THR A 353 -30.66 -31.46 -14.99
C THR A 353 -31.08 -31.04 -16.39
N PRO A 354 -30.15 -31.08 -17.36
CA PRO A 354 -30.53 -30.67 -18.70
C PRO A 354 -31.64 -31.53 -19.30
N GLU A 355 -31.64 -32.81 -18.94
CA GLU A 355 -32.66 -33.71 -19.48
C GLU A 355 -34.04 -33.49 -18.87
N ALA A 356 -34.10 -33.18 -17.58
CA ALA A 356 -35.38 -32.93 -16.93
C ALA A 356 -36.05 -31.77 -17.67
N ASP A 357 -35.22 -30.81 -18.09
CA ASP A 357 -35.69 -29.65 -18.84
C ASP A 357 -36.42 -30.26 -20.03
N LYS A 358 -35.63 -30.90 -20.88
CA LYS A 358 -36.11 -31.58 -22.09
C LYS A 358 -37.48 -32.23 -21.87
N ILE A 359 -37.57 -33.07 -20.85
CA ILE A 359 -38.83 -33.76 -20.51
C ILE A 359 -39.94 -32.77 -20.17
N PHE A 360 -39.63 -31.82 -19.28
CA PHE A 360 -40.59 -30.79 -18.89
C PHE A 360 -41.07 -29.98 -20.09
N LEU A 361 -40.19 -29.78 -21.08
CA LEU A 361 -40.58 -29.02 -22.27
C LEU A 361 -41.67 -29.83 -22.97
N GLU A 362 -41.34 -31.08 -23.23
CA GLU A 362 -42.25 -32.00 -23.88
C GLU A 362 -43.50 -32.16 -23.03
N ARG A 363 -43.34 -32.56 -21.78
CA ARG A 363 -44.47 -32.72 -20.86
C ARG A 363 -45.33 -31.44 -20.73
N ASN A 364 -44.83 -30.33 -21.30
CA ASN A 364 -45.47 -29.02 -21.27
C ASN A 364 -45.71 -28.49 -19.87
N ILE A 365 -44.60 -28.45 -19.14
CA ILE A 365 -44.53 -27.97 -17.78
C ILE A 365 -43.52 -26.82 -17.83
N MET A 366 -43.99 -25.64 -17.43
CA MET A 366 -43.16 -24.44 -17.46
C MET A 366 -42.15 -24.39 -16.33
N VAL A 367 -40.89 -24.15 -16.70
CA VAL A 367 -39.80 -24.04 -15.74
C VAL A 367 -39.22 -22.64 -15.74
N ILE A 368 -39.49 -21.88 -14.67
CA ILE A 368 -38.98 -20.52 -14.53
C ILE A 368 -37.55 -20.71 -14.05
N PRO A 369 -36.57 -20.44 -14.93
CA PRO A 369 -35.14 -20.59 -14.64
C PRO A 369 -34.59 -19.92 -13.39
N ASP A 370 -33.69 -20.62 -12.72
CA ASP A 370 -33.04 -20.16 -11.50
C ASP A 370 -32.35 -18.82 -11.65
N LEU A 371 -31.63 -18.67 -12.75
CA LEU A 371 -30.88 -17.44 -13.00
C LEU A 371 -31.72 -16.20 -13.22
N TYR A 372 -33.01 -16.31 -12.94
CA TYR A 372 -33.90 -15.16 -13.03
C TYR A 372 -34.75 -15.18 -11.77
N LEU A 373 -35.42 -16.30 -11.56
CA LEU A 373 -36.32 -16.51 -10.45
C LEU A 373 -35.69 -16.29 -9.08
N ASN A 374 -34.43 -16.69 -8.89
CA ASN A 374 -33.83 -16.47 -7.58
C ASN A 374 -32.85 -15.28 -7.52
N ALA A 375 -32.91 -14.40 -8.52
CA ALA A 375 -32.02 -13.24 -8.59
C ALA A 375 -32.39 -12.14 -7.60
N GLY A 376 -33.47 -12.33 -6.85
CA GLY A 376 -33.88 -11.33 -5.89
C GLY A 376 -32.91 -11.17 -4.75
N GLY A 377 -32.12 -12.20 -4.51
CA GLY A 377 -31.15 -12.14 -3.43
C GLY A 377 -30.04 -11.15 -3.71
N VAL A 378 -29.42 -11.21 -4.88
CA VAL A 378 -28.32 -10.31 -5.24
C VAL A 378 -28.82 -8.93 -5.50
N THR A 379 -30.05 -8.85 -6.00
CA THR A 379 -30.60 -7.56 -6.27
C THR A 379 -30.64 -6.79 -4.95
N VAL A 380 -31.05 -7.46 -3.90
CA VAL A 380 -31.13 -6.84 -2.58
C VAL A 380 -29.73 -6.73 -1.97
N SER A 381 -28.85 -7.68 -2.28
CA SER A 381 -27.48 -7.64 -1.76
C SER A 381 -26.81 -6.41 -2.35
N TYR A 382 -27.08 -6.16 -3.63
CA TYR A 382 -26.53 -5.01 -4.34
C TYR A 382 -27.02 -3.72 -3.68
N PHE A 383 -28.28 -3.69 -3.26
CA PHE A 383 -28.83 -2.52 -2.56
C PHE A 383 -28.09 -2.32 -1.22
N GLU A 384 -27.74 -3.43 -0.55
CA GLU A 384 -27.02 -3.37 0.74
C GLU A 384 -25.63 -2.77 0.49
N TRP A 385 -25.00 -3.23 -0.58
CA TRP A 385 -23.67 -2.78 -0.96
C TRP A 385 -23.66 -1.29 -1.25
N LEU A 386 -24.68 -0.82 -1.96
CA LEU A 386 -24.80 0.59 -2.28
C LEU A 386 -25.01 1.36 -0.98
N LYS A 387 -25.76 0.76 -0.05
CA LYS A 387 -26.02 1.40 1.22
C LYS A 387 -24.72 1.61 1.96
N ASN A 388 -23.90 0.57 1.97
CA ASN A 388 -22.62 0.63 2.64
C ASN A 388 -21.73 1.69 2.08
N LEU A 389 -21.70 1.81 0.76
CA LEU A 389 -20.88 2.84 0.12
C LEU A 389 -21.38 4.25 0.47
N ASN A 390 -22.70 4.44 0.46
CA ASN A 390 -23.33 5.71 0.76
C ASN A 390 -23.16 6.23 2.18
N HIS A 391 -23.05 5.31 3.13
CA HIS A 391 -22.91 5.66 4.54
C HIS A 391 -24.04 6.51 5.08
N VAL A 392 -25.22 6.33 4.50
CA VAL A 392 -26.41 7.04 4.96
C VAL A 392 -27.58 6.12 4.68
N SER A 393 -28.52 6.02 5.66
CA SER A 393 -29.72 5.20 5.49
C SER A 393 -30.73 6.05 4.72
N TYR A 394 -31.29 5.45 3.69
CA TYR A 394 -32.23 6.09 2.79
C TYR A 394 -33.28 6.95 3.46
N GLY A 395 -33.39 8.22 3.04
CA GLY A 395 -34.39 9.10 3.61
C GLY A 395 -34.00 10.09 4.70
N ARG A 396 -32.99 9.75 5.49
CA ARG A 396 -32.52 10.61 6.57
C ARG A 396 -32.36 12.08 6.22
N LEU A 397 -31.51 12.38 5.25
CA LEU A 397 -31.28 13.76 4.85
C LEU A 397 -32.48 14.51 4.29
N THR A 398 -33.47 13.77 3.78
CA THR A 398 -34.62 14.41 3.13
C THR A 398 -36.04 14.23 3.68
N PHE A 399 -36.20 13.37 4.66
CA PHE A 399 -37.50 13.13 5.24
C PHE A 399 -38.27 14.40 5.54
N LYS A 400 -37.68 15.34 6.28
CA LYS A 400 -38.39 16.57 6.62
C LYS A 400 -38.59 17.50 5.43
N TYR A 401 -37.57 17.66 4.60
CA TYR A 401 -37.68 18.55 3.44
C TYR A 401 -38.81 18.18 2.51
N GLU A 402 -38.92 16.88 2.20
CA GLU A 402 -39.97 16.41 1.30
C GLU A 402 -41.34 16.60 1.89
N ARG A 403 -41.46 16.22 3.15
CA ARG A 403 -42.73 16.36 3.83
C ARG A 403 -43.18 17.82 3.71
N ASP A 404 -42.35 18.78 4.12
CA ASP A 404 -42.75 20.19 3.99
C ASP A 404 -43.04 20.54 2.54
N SER A 405 -42.11 20.18 1.67
CA SER A 405 -42.21 20.46 0.26
C SER A 405 -43.53 19.93 -0.32
N ASN A 406 -43.93 18.75 0.12
CA ASN A 406 -45.17 18.12 -0.37
C ASN A 406 -46.42 18.81 0.11
N TYR A 407 -46.41 19.28 1.35
CA TYR A 407 -47.59 19.95 1.88
C TYR A 407 -47.79 21.28 1.16
N HIS A 408 -46.68 21.89 0.73
CA HIS A 408 -46.74 23.16 0.00
C HIS A 408 -47.19 22.93 -1.44
N LEU A 409 -46.80 21.80 -2.03
CA LEU A 409 -47.19 21.49 -3.39
C LEU A 409 -48.71 21.39 -3.34
N LEU A 410 -49.20 20.56 -2.44
CA LEU A 410 -50.62 20.40 -2.26
C LEU A 410 -51.27 21.74 -1.91
N MET A 411 -50.60 22.55 -1.09
CA MET A 411 -51.16 23.85 -0.73
C MET A 411 -51.18 24.79 -1.91
N SER A 412 -50.35 24.54 -2.91
CA SER A 412 -50.28 25.41 -4.09
C SER A 412 -51.50 25.28 -4.98
N VAL A 413 -52.10 24.09 -5.01
CA VAL A 413 -53.28 23.90 -5.84
C VAL A 413 -54.46 24.43 -5.04
N GLN A 414 -54.42 24.21 -3.72
CA GLN A 414 -55.48 24.68 -2.85
C GLN A 414 -55.65 26.19 -2.93
N GLU A 415 -54.61 26.93 -2.57
CA GLU A 415 -54.68 28.38 -2.63
C GLU A 415 -55.00 28.95 -4.00
N SER A 416 -54.64 28.21 -5.05
CA SER A 416 -54.90 28.63 -6.42
C SER A 416 -56.38 28.47 -6.78
N LEU A 417 -56.95 27.36 -6.35
CA LEU A 417 -58.34 27.10 -6.63
C LEU A 417 -59.22 28.00 -5.80
N GLU A 418 -58.80 28.31 -4.59
CA GLU A 418 -59.58 29.19 -3.72
C GLU A 418 -59.55 30.60 -4.30
N ARG A 419 -58.48 30.88 -5.04
CA ARG A 419 -58.32 32.19 -5.67
C ARG A 419 -59.26 32.35 -6.87
N LYS A 420 -59.33 31.33 -7.72
CA LYS A 420 -60.17 31.36 -8.92
C LYS A 420 -61.67 31.20 -8.61
N PHE A 421 -62.00 30.35 -7.65
CA PHE A 421 -63.40 30.12 -7.28
C PHE A 421 -63.80 31.00 -6.08
N GLY A 422 -62.94 31.96 -5.75
CA GLY A 422 -63.17 32.86 -4.63
C GLY A 422 -63.90 32.34 -3.39
N LYS A 423 -64.68 33.21 -2.78
CA LYS A 423 -65.47 32.89 -1.58
C LYS A 423 -66.65 32.01 -1.99
N HIS A 424 -66.96 32.04 -3.29
CA HIS A 424 -68.04 31.25 -3.85
C HIS A 424 -67.84 29.73 -3.57
N GLY A 425 -66.58 29.26 -3.63
CA GLY A 425 -66.29 27.86 -3.35
C GLY A 425 -65.85 27.64 -1.90
N GLY A 426 -65.63 28.75 -1.18
CA GLY A 426 -65.18 28.68 0.21
C GLY A 426 -63.80 28.07 0.23
N THR A 427 -63.46 27.29 1.27
CA THR A 427 -62.16 26.64 1.25
C THR A 427 -62.28 25.31 0.51
N ILE A 428 -61.24 24.99 -0.23
CA ILE A 428 -61.15 23.78 -1.02
C ILE A 428 -59.97 23.06 -0.42
N PRO A 429 -60.17 22.34 0.70
CA PRO A 429 -59.03 21.63 1.29
C PRO A 429 -58.47 20.48 0.44
N ILE A 430 -57.16 20.52 0.20
CA ILE A 430 -56.44 19.51 -0.56
C ILE A 430 -55.52 18.75 0.37
N VAL A 431 -56.03 17.63 0.86
CA VAL A 431 -55.35 16.75 1.80
C VAL A 431 -54.87 15.48 1.06
N PRO A 432 -53.86 14.79 1.60
CA PRO A 432 -53.37 13.57 0.92
C PRO A 432 -54.32 12.39 1.14
N THR A 433 -54.23 11.36 0.30
CA THR A 433 -55.05 10.17 0.49
C THR A 433 -54.30 9.36 1.53
N ALA A 434 -54.87 8.25 1.98
CA ALA A 434 -54.19 7.44 2.96
C ALA A 434 -52.87 6.93 2.38
N GLU A 435 -52.89 6.57 1.08
CA GLU A 435 -51.70 6.07 0.38
C GLU A 435 -50.60 7.14 0.24
N PHE A 436 -50.95 8.31 -0.26
CA PHE A 436 -49.96 9.38 -0.42
C PHE A 436 -49.48 9.89 0.93
N GLN A 437 -50.28 9.67 1.98
CA GLN A 437 -49.87 10.08 3.30
C GLN A 437 -48.70 9.23 3.74
N ASP A 438 -48.81 7.92 3.47
CA ASP A 438 -47.77 6.96 3.81
C ASP A 438 -46.46 7.23 3.07
N ARG A 439 -46.52 8.08 2.05
CA ARG A 439 -45.37 8.45 1.23
C ARG A 439 -44.97 9.91 1.37
N ILE A 440 -45.79 10.69 2.07
CA ILE A 440 -45.57 12.13 2.24
C ILE A 440 -44.12 12.58 2.44
N SER A 441 -43.29 11.75 3.08
CA SER A 441 -41.90 12.11 3.33
C SER A 441 -40.95 11.58 2.28
N GLY A 442 -41.37 10.57 1.55
CA GLY A 442 -40.49 10.03 0.54
C GLY A 442 -40.15 8.60 0.90
N ALA A 443 -39.31 7.98 0.10
CA ALA A 443 -38.95 6.60 0.33
C ALA A 443 -38.00 6.42 1.51
N SER A 444 -38.23 5.36 2.26
CA SER A 444 -37.42 4.96 3.41
C SER A 444 -36.61 3.74 2.91
N GLU A 445 -35.67 3.21 3.72
CA GLU A 445 -34.86 2.05 3.31
C GLU A 445 -35.78 0.88 2.94
N LYS A 446 -36.80 0.64 3.76
CA LYS A 446 -37.72 -0.45 3.50
C LYS A 446 -38.42 -0.27 2.16
N ASP A 447 -38.79 0.97 1.86
CA ASP A 447 -39.49 1.27 0.61
C ASP A 447 -38.71 0.99 -0.66
N ILE A 448 -37.42 1.28 -0.64
CA ILE A 448 -36.55 1.09 -1.80
C ILE A 448 -36.30 -0.37 -2.10
N VAL A 449 -36.03 -1.15 -1.06
CA VAL A 449 -35.80 -2.58 -1.24
C VAL A 449 -37.01 -3.22 -1.88
N HIS A 450 -38.16 -3.02 -1.26
CA HIS A 450 -39.39 -3.60 -1.74
C HIS A 450 -39.73 -3.21 -3.18
N SER A 451 -39.63 -1.94 -3.54
CA SER A 451 -39.97 -1.52 -4.89
C SER A 451 -38.82 -1.71 -5.85
N GLY A 452 -37.61 -1.62 -5.35
CA GLY A 452 -36.46 -1.83 -6.19
C GLY A 452 -36.44 -3.28 -6.67
N LEU A 453 -36.74 -4.19 -5.76
CA LEU A 453 -36.77 -5.62 -6.07
C LEU A 453 -37.83 -5.88 -7.13
N ALA A 454 -39.02 -5.35 -6.86
CA ALA A 454 -40.20 -5.49 -7.73
C ALA A 454 -39.94 -4.94 -9.13
N TYR A 455 -39.34 -3.76 -9.19
CA TYR A 455 -39.04 -3.14 -10.46
C TYR A 455 -38.14 -4.08 -11.23
N THR A 456 -37.17 -4.65 -10.53
CA THR A 456 -36.20 -5.53 -11.15
C THR A 456 -36.76 -6.88 -11.59
N MET A 457 -37.56 -7.51 -10.74
CA MET A 457 -38.09 -8.82 -11.07
C MET A 457 -39.01 -8.71 -12.27
N GLU A 458 -39.87 -7.70 -12.23
CA GLU A 458 -40.83 -7.44 -13.28
C GLU A 458 -40.09 -7.12 -14.58
N ARG A 459 -39.23 -6.11 -14.54
CA ARG A 459 -38.48 -5.68 -15.70
C ARG A 459 -37.69 -6.79 -16.39
N SER A 460 -37.13 -7.69 -15.60
CA SER A 460 -36.36 -8.80 -16.14
C SER A 460 -37.26 -9.87 -16.73
N ALA A 461 -38.44 -10.01 -16.15
CA ALA A 461 -39.42 -10.99 -16.63
C ALA A 461 -39.79 -10.62 -18.07
N ARG A 462 -40.10 -9.34 -18.28
CA ARG A 462 -40.47 -8.86 -19.59
C ARG A 462 -39.32 -9.07 -20.56
N GLN A 463 -38.11 -8.82 -20.09
CA GLN A 463 -36.95 -8.98 -20.95
C GLN A 463 -36.84 -10.41 -21.46
N ILE A 464 -37.17 -11.36 -20.60
CA ILE A 464 -37.12 -12.77 -20.96
C ILE A 464 -38.29 -13.14 -21.86
N MET A 465 -39.51 -12.81 -21.44
CA MET A 465 -40.69 -13.11 -22.24
C MET A 465 -40.46 -12.59 -23.66
N ARG A 466 -40.09 -11.31 -23.74
CA ARG A 466 -39.82 -10.64 -24.99
C ARG A 466 -38.88 -11.45 -25.87
N THR A 467 -37.90 -12.10 -25.24
CA THR A 467 -36.93 -12.92 -25.94
C THR A 467 -37.50 -14.28 -26.36
N ALA A 468 -38.21 -14.94 -25.43
CA ALA A 468 -38.85 -16.24 -25.67
C ALA A 468 -39.73 -16.16 -26.91
N MET A 469 -40.22 -14.96 -27.21
CA MET A 469 -41.07 -14.72 -28.37
C MET A 469 -40.24 -14.56 -29.64
N LYS A 470 -39.23 -13.69 -29.57
CA LYS A 470 -38.37 -13.44 -30.72
C LYS A 470 -37.68 -14.70 -31.22
N TYR A 471 -37.69 -15.76 -30.42
CA TYR A 471 -37.04 -17.00 -30.81
C TYR A 471 -37.89 -18.25 -30.57
N ASN A 472 -39.21 -18.06 -30.45
CA ASN A 472 -40.15 -19.16 -30.24
C ASN A 472 -39.68 -20.28 -29.31
N LEU A 473 -39.08 -19.92 -28.18
CA LEU A 473 -38.64 -20.92 -27.23
C LEU A 473 -39.85 -21.35 -26.42
N GLY A 474 -40.96 -20.64 -26.62
CA GLY A 474 -42.18 -20.97 -25.92
C GLY A 474 -42.08 -21.14 -24.42
N LEU A 475 -41.82 -22.35 -23.93
CA LEU A 475 -41.69 -22.55 -22.50
C LEU A 475 -40.25 -22.79 -22.05
N ASP A 476 -39.31 -22.67 -22.99
CA ASP A 476 -37.89 -22.82 -22.69
C ASP A 476 -37.40 -21.43 -22.26
N LEU A 477 -37.81 -20.99 -21.06
CA LEU A 477 -37.45 -19.69 -20.53
C LEU A 477 -35.99 -19.67 -20.13
N ARG A 478 -35.47 -20.82 -19.74
CA ARG A 478 -34.08 -20.91 -19.35
C ARG A 478 -33.18 -20.46 -20.50
N THR A 479 -33.45 -20.95 -21.70
CA THR A 479 -32.64 -20.57 -22.82
C THR A 479 -32.86 -19.08 -23.10
N ALA A 480 -34.09 -18.62 -22.91
CA ALA A 480 -34.38 -17.22 -23.15
C ALA A 480 -33.52 -16.38 -22.20
N ALA A 481 -33.50 -16.78 -20.93
CA ALA A 481 -32.75 -16.09 -19.89
C ALA A 481 -31.26 -16.00 -20.26
N TYR A 482 -30.65 -17.14 -20.63
CA TYR A 482 -29.23 -17.16 -20.98
C TYR A 482 -28.93 -16.29 -22.18
N VAL A 483 -29.89 -16.16 -23.08
CA VAL A 483 -29.65 -15.34 -24.27
C VAL A 483 -29.33 -13.90 -23.84
N ASN A 484 -30.11 -13.39 -22.88
CA ASN A 484 -29.92 -12.04 -22.39
C ASN A 484 -28.59 -11.88 -21.66
N ALA A 485 -28.31 -12.85 -20.77
CA ALA A 485 -27.09 -12.86 -19.99
C ALA A 485 -25.92 -12.77 -20.95
N ILE A 486 -25.89 -13.68 -21.91
CA ILE A 486 -24.81 -13.73 -22.90
C ILE A 486 -24.78 -12.42 -23.69
N GLU A 487 -25.95 -12.05 -24.17
CA GLU A 487 -26.07 -10.83 -24.96
C GLU A 487 -25.50 -9.60 -24.24
N LYS A 488 -25.65 -9.56 -22.92
CA LYS A 488 -25.16 -8.45 -22.12
C LYS A 488 -23.66 -8.59 -21.81
N VAL A 489 -23.30 -9.74 -21.23
CA VAL A 489 -21.91 -10.00 -20.89
C VAL A 489 -21.03 -9.87 -22.12
N PHE A 490 -21.50 -10.36 -23.26
CA PHE A 490 -20.74 -10.27 -24.51
C PHE A 490 -20.46 -8.81 -24.86
N ARG A 491 -21.54 -8.02 -24.89
CA ARG A 491 -21.52 -6.58 -25.18
C ARG A 491 -20.34 -5.92 -24.47
N VAL A 492 -20.07 -6.33 -23.23
CA VAL A 492 -18.96 -5.76 -22.49
C VAL A 492 -17.68 -6.29 -23.07
N TYR A 493 -17.47 -7.61 -23.02
CA TYR A 493 -16.22 -8.17 -23.54
C TYR A 493 -15.93 -7.75 -24.97
N ASN A 494 -16.92 -7.34 -25.74
CA ASN A 494 -16.57 -6.94 -27.10
C ASN A 494 -15.69 -5.71 -27.02
N GLU A 495 -16.30 -4.54 -26.91
CA GLU A 495 -15.53 -3.28 -26.87
C GLU A 495 -14.55 -3.05 -25.68
N ALA A 496 -14.63 -3.90 -24.67
CA ALA A 496 -13.77 -3.81 -23.48
C ALA A 496 -12.25 -3.92 -23.66
N GLY A 497 -11.75 -3.81 -24.89
CA GLY A 497 -10.31 -3.87 -25.09
C GLY A 497 -9.66 -5.24 -25.19
N VAL A 498 -10.27 -6.23 -24.52
CA VAL A 498 -9.80 -7.61 -24.54
C VAL A 498 -11.07 -8.32 -24.95
N GLU B 4 -13.19 21.81 45.47
CA GLU B 4 -14.25 20.97 46.11
C GLU B 4 -15.22 20.53 45.03
N ASP B 5 -15.29 19.21 44.86
CA ASP B 5 -16.12 18.56 43.85
C ASP B 5 -15.72 19.05 42.46
N ASP B 6 -14.89 18.21 41.87
CA ASP B 6 -14.29 18.41 40.57
C ASP B 6 -13.67 17.04 40.37
N PRO B 7 -14.52 16.04 40.21
CA PRO B 7 -14.00 14.69 40.01
C PRO B 7 -13.20 14.49 38.73
N ASN B 8 -12.61 13.32 38.62
CA ASN B 8 -11.84 12.92 37.45
C ASN B 8 -12.89 12.72 36.36
N PHE B 9 -12.77 13.56 35.33
CA PHE B 9 -13.64 13.63 34.17
C PHE B 9 -14.06 12.31 33.50
N PHE B 10 -13.11 11.42 33.25
CA PHE B 10 -13.41 10.16 32.58
C PHE B 10 -14.38 9.29 33.38
N LYS B 11 -14.10 9.13 34.67
CA LYS B 11 -14.94 8.33 35.53
C LYS B 11 -16.29 9.04 35.73
N MET B 12 -16.25 10.36 35.69
CA MET B 12 -17.45 11.16 35.84
C MET B 12 -18.46 10.75 34.77
N VAL B 13 -17.98 10.55 33.57
CA VAL B 13 -18.81 10.15 32.45
C VAL B 13 -19.14 8.68 32.60
N GLU B 14 -18.18 7.89 33.10
CA GLU B 14 -18.42 6.47 33.33
C GLU B 14 -19.58 6.38 34.32
N GLY B 15 -19.63 7.35 35.23
CA GLY B 15 -20.67 7.38 36.23
C GLY B 15 -22.03 7.42 35.57
N PHE B 16 -22.19 8.34 34.64
CA PHE B 16 -23.44 8.48 33.91
C PHE B 16 -23.74 7.18 33.15
N PHE B 17 -22.71 6.58 32.57
CA PHE B 17 -22.88 5.33 31.81
C PHE B 17 -23.36 4.20 32.68
N ASP B 18 -22.71 3.97 33.82
CA ASP B 18 -23.12 2.90 34.73
C ASP B 18 -24.56 3.09 35.19
N ARG B 19 -24.87 4.31 35.61
CA ARG B 19 -26.20 4.63 36.07
C ARG B 19 -27.23 4.21 35.02
N GLY B 20 -26.96 4.58 33.77
CA GLY B 20 -27.87 4.25 32.70
C GLY B 20 -27.78 2.78 32.32
N ALA B 21 -26.61 2.19 32.53
CA ALA B 21 -26.41 0.77 32.24
C ALA B 21 -27.41 -0.03 33.07
N SER B 22 -27.44 0.21 34.37
CA SER B 22 -28.35 -0.51 35.27
C SER B 22 -29.80 -0.43 34.77
N ILE B 23 -30.31 0.79 34.68
CA ILE B 23 -31.70 1.03 34.23
C ILE B 23 -32.14 0.07 33.11
N VAL B 24 -31.28 -0.14 32.11
CA VAL B 24 -31.63 -1.01 30.98
C VAL B 24 -31.17 -2.47 31.06
N GLU B 25 -30.18 -2.74 31.91
CA GLU B 25 -29.67 -4.09 32.03
C GLU B 25 -30.75 -5.18 31.85
N ASP B 26 -31.89 -4.97 32.51
CA ASP B 26 -32.98 -5.93 32.44
C ASP B 26 -33.50 -6.19 31.03
N LYS B 27 -33.78 -5.10 30.32
CA LYS B 27 -34.28 -5.17 28.95
C LYS B 27 -33.29 -5.91 28.04
N LEU B 28 -32.02 -5.52 28.15
CA LEU B 28 -30.97 -6.13 27.36
C LEU B 28 -30.87 -7.64 27.59
N VAL B 29 -31.39 -8.12 28.71
CA VAL B 29 -31.35 -9.54 28.99
C VAL B 29 -32.60 -10.24 28.47
N GLU B 30 -33.73 -9.52 28.52
CA GLU B 30 -34.99 -10.05 28.04
C GLU B 30 -35.02 -10.25 26.52
N ASP B 31 -34.56 -9.23 25.80
CA ASP B 31 -34.51 -9.26 24.32
C ASP B 31 -33.60 -10.37 23.85
N LEU B 32 -32.51 -10.57 24.59
CA LEU B 32 -31.55 -11.63 24.29
C LEU B 32 -32.30 -12.95 24.22
N LYS B 33 -32.06 -13.75 23.17
CA LYS B 33 -32.76 -15.02 23.00
C LYS B 33 -31.85 -16.24 22.91
N THR B 34 -30.67 -16.20 23.53
CA THR B 34 -29.72 -17.32 23.47
C THR B 34 -30.14 -18.65 24.10
N ARG B 35 -29.32 -19.68 23.85
CA ARG B 35 -29.54 -21.04 24.34
C ARG B 35 -29.44 -21.09 25.88
N GLU B 36 -28.27 -20.75 26.43
CA GLU B 36 -28.11 -20.76 27.88
C GLU B 36 -28.88 -19.58 28.44
N THR B 37 -30.20 -19.61 28.26
CA THR B 37 -31.11 -18.55 28.73
C THR B 37 -30.92 -18.18 30.22
N GLU B 38 -30.23 -19.04 30.99
CA GLU B 38 -30.02 -18.76 32.42
C GLU B 38 -29.27 -17.44 32.53
N GLU B 39 -29.32 -16.79 33.70
CA GLU B 39 -28.67 -15.50 33.84
C GLU B 39 -27.14 -15.42 33.67
N GLN B 40 -26.60 -16.26 32.79
CA GLN B 40 -25.17 -16.19 32.47
C GLN B 40 -25.27 -15.11 31.38
N LYS B 41 -26.50 -14.96 30.89
CA LYS B 41 -26.94 -13.97 29.89
C LYS B 41 -26.67 -12.60 30.49
N ARG B 42 -27.00 -12.49 31.77
CA ARG B 42 -26.84 -11.26 32.53
C ARG B 42 -25.36 -10.94 32.73
N ASN B 43 -24.50 -11.96 32.71
CA ASN B 43 -23.06 -11.72 32.89
C ASN B 43 -22.51 -11.28 31.54
N ARG B 44 -22.92 -11.97 30.49
CA ARG B 44 -22.48 -11.68 29.13
C ARG B 44 -22.87 -10.25 28.72
N VAL B 45 -23.97 -9.75 29.27
CA VAL B 45 -24.38 -8.40 28.94
C VAL B 45 -23.46 -7.48 29.72
N ARG B 46 -23.19 -7.82 30.96
CA ARG B 46 -22.30 -7.00 31.76
C ARG B 46 -20.89 -7.08 31.20
N GLY B 47 -20.59 -8.17 30.52
CA GLY B 47 -19.27 -8.35 29.95
C GLY B 47 -19.10 -7.39 28.79
N ILE B 48 -20.12 -7.36 27.94
CA ILE B 48 -20.12 -6.49 26.79
C ILE B 48 -20.06 -5.02 27.22
N LEU B 49 -20.72 -4.70 28.32
CA LEU B 49 -20.71 -3.36 28.85
C LEU B 49 -19.34 -2.99 29.41
N ARG B 50 -18.65 -3.95 30.01
CA ARG B 50 -17.33 -3.67 30.55
C ARG B 50 -16.38 -3.39 29.39
N ILE B 51 -16.74 -3.90 28.22
CA ILE B 51 -15.92 -3.71 27.02
C ILE B 51 -16.17 -2.35 26.36
N ILE B 52 -17.41 -1.90 26.36
CA ILE B 52 -17.76 -0.61 25.78
C ILE B 52 -17.08 0.56 26.52
N LYS B 53 -17.32 0.68 27.81
CA LYS B 53 -16.76 1.76 28.64
C LYS B 53 -15.37 2.32 28.40
N PRO B 54 -14.36 1.46 28.17
CA PRO B 54 -13.00 1.98 27.95
C PRO B 54 -12.61 2.32 26.51
N CYS B 55 -11.62 3.21 26.36
CA CYS B 55 -11.13 3.60 25.05
C CYS B 55 -10.35 2.45 24.45
N ASN B 56 -10.34 2.34 23.12
CA ASN B 56 -9.61 1.24 22.50
C ASN B 56 -8.17 1.57 22.20
N HIS B 57 -7.95 2.77 21.68
CA HIS B 57 -6.63 3.26 21.35
C HIS B 57 -6.45 4.71 21.84
N VAL B 58 -5.33 5.00 22.46
CA VAL B 58 -5.06 6.36 22.87
C VAL B 58 -3.62 6.67 22.52
N LEU B 59 -3.44 7.62 21.59
CA LEU B 59 -2.11 8.03 21.17
C LEU B 59 -1.67 9.28 21.91
N SER B 60 -0.45 9.23 22.44
CA SER B 60 0.11 10.35 23.17
C SER B 60 1.31 10.84 22.39
N LEU B 61 1.28 12.10 22.01
CA LEU B 61 2.33 12.71 21.22
C LEU B 61 3.11 13.72 21.98
N SER B 62 4.37 13.84 21.56
CA SER B 62 5.32 14.77 22.14
C SER B 62 6.24 15.03 20.95
N PHE B 63 6.19 16.24 20.41
CA PHE B 63 7.02 16.56 19.26
C PHE B 63 7.52 17.99 19.29
N PRO B 64 8.63 18.28 18.60
CA PRO B 64 9.17 19.63 18.57
C PRO B 64 8.74 20.59 17.47
N ILE B 65 8.65 21.85 17.82
CA ILE B 65 8.31 22.89 16.86
C ILE B 65 9.35 23.99 17.06
N ARG B 66 9.55 24.82 16.04
CA ARG B 66 10.53 25.91 16.13
C ARG B 66 9.81 27.26 16.31
N ARG B 67 9.92 27.84 17.50
CA ARG B 67 9.32 29.13 17.84
C ARG B 67 9.87 30.22 16.93
N ASP B 68 9.04 31.24 16.66
CA ASP B 68 9.45 32.34 15.78
C ASP B 68 10.77 32.99 16.18
N ASP B 69 11.05 32.99 17.47
CA ASP B 69 12.25 33.60 17.99
C ASP B 69 13.43 32.64 17.89
N GLY B 70 13.26 31.61 17.07
CA GLY B 70 14.33 30.66 16.85
C GLY B 70 14.57 29.56 17.88
N SER B 71 13.81 29.54 18.96
CA SER B 71 14.05 28.51 19.99
C SER B 71 13.28 27.20 19.85
N TRP B 72 13.72 26.19 20.61
CA TRP B 72 13.07 24.89 20.57
C TRP B 72 12.15 24.61 21.74
N GLU B 73 10.92 24.25 21.40
CA GLU B 73 9.88 23.93 22.37
C GLU B 73 9.19 22.61 22.03
N VAL B 74 9.00 21.78 23.05
CA VAL B 74 8.34 20.49 22.91
C VAL B 74 6.86 20.68 23.23
N ILE B 75 5.99 20.23 22.35
CA ILE B 75 4.56 20.38 22.59
C ILE B 75 3.91 18.99 22.72
N GLU B 76 2.95 18.87 23.63
CA GLU B 76 2.26 17.60 23.88
C GLU B 76 0.86 17.60 23.29
N GLY B 77 0.44 16.42 22.82
CA GLY B 77 -0.87 16.28 22.24
C GLY B 77 -1.35 14.86 22.39
N TYR B 78 -2.68 14.68 22.37
CA TYR B 78 -3.26 13.37 22.50
C TYR B 78 -4.46 13.21 21.56
N ARG B 79 -4.75 11.97 21.19
CA ARG B 79 -5.89 11.65 20.34
C ARG B 79 -6.34 10.28 20.81
N ALA B 80 -7.60 10.19 21.22
CA ALA B 80 -8.12 8.93 21.71
C ALA B 80 -9.26 8.46 20.86
N GLN B 81 -9.30 7.15 20.65
CA GLN B 81 -10.35 6.51 19.89
C GLN B 81 -11.07 5.62 20.88
N HIS B 82 -12.26 6.06 21.31
CA HIS B 82 -13.02 5.30 22.28
C HIS B 82 -13.58 4.01 21.75
N SER B 83 -14.45 4.11 20.75
CA SER B 83 -15.09 2.95 20.16
C SER B 83 -14.97 2.88 18.65
N GLN B 84 -15.15 1.68 18.10
CA GLN B 84 -15.09 1.48 16.67
C GLN B 84 -16.13 0.50 16.18
N HIS B 85 -17.28 0.51 16.85
CA HIS B 85 -18.41 -0.35 16.50
C HIS B 85 -19.03 0.29 15.27
N ARG B 86 -18.52 1.48 14.98
CA ARG B 86 -18.93 2.29 13.84
C ARG B 86 -17.62 2.90 13.36
N THR B 87 -17.42 2.90 12.05
CA THR B 87 -16.22 3.42 11.43
C THR B 87 -16.64 4.51 10.46
N PRO B 88 -15.90 5.62 10.41
CA PRO B 88 -14.72 5.94 11.18
C PRO B 88 -15.08 6.57 12.53
N CYS B 89 -14.07 6.97 13.29
CA CYS B 89 -14.28 7.63 14.58
C CYS B 89 -14.43 9.11 14.27
N LYS B 90 -15.09 9.82 15.17
CA LYS B 90 -15.33 11.24 14.99
C LYS B 90 -15.16 11.96 16.33
N GLY B 91 -14.77 13.22 16.25
CA GLY B 91 -14.55 13.99 17.46
C GLY B 91 -13.50 15.06 17.23
N GLY B 92 -13.75 16.24 17.78
CA GLY B 92 -12.85 17.37 17.58
C GLY B 92 -11.49 17.45 18.25
N ILE B 93 -10.82 18.59 18.01
CA ILE B 93 -9.50 18.85 18.57
C ILE B 93 -9.57 20.12 19.42
N ARG B 94 -9.21 19.97 20.69
CA ARG B 94 -9.20 21.08 21.63
C ARG B 94 -7.77 21.56 21.88
N TYR B 95 -7.55 22.87 21.77
CA TYR B 95 -6.24 23.48 22.01
C TYR B 95 -6.31 24.20 23.35
N SER B 96 -5.72 23.58 24.37
CA SER B 96 -5.75 24.13 25.70
C SER B 96 -4.64 23.58 26.58
N THR B 97 -4.34 24.28 27.65
CA THR B 97 -3.30 23.86 28.58
C THR B 97 -3.88 22.91 29.63
N ASP B 98 -5.19 22.70 29.56
CA ASP B 98 -5.87 21.83 30.50
C ASP B 98 -6.09 20.45 29.92
N VAL B 99 -5.59 20.20 28.72
CA VAL B 99 -5.79 18.90 28.12
C VAL B 99 -4.85 17.91 28.75
N SER B 100 -5.40 16.78 29.16
CA SER B 100 -4.65 15.69 29.74
C SER B 100 -5.29 14.48 29.11
N VAL B 101 -4.64 13.32 29.20
CA VAL B 101 -5.20 12.13 28.59
C VAL B 101 -6.59 11.85 29.16
N ASP B 102 -6.73 11.99 30.47
CA ASP B 102 -8.00 11.77 31.13
C ASP B 102 -9.14 12.59 30.55
N GLU B 103 -8.83 13.81 30.16
CA GLU B 103 -9.83 14.68 29.59
C GLU B 103 -10.16 14.22 28.19
N VAL B 104 -9.13 14.04 27.38
CA VAL B 104 -9.30 13.58 26.02
C VAL B 104 -10.01 12.23 26.01
N LYS B 105 -9.67 11.33 26.94
CA LYS B 105 -10.32 10.02 27.00
C LYS B 105 -11.82 10.15 27.30
N ALA B 106 -12.15 11.16 28.10
CA ALA B 106 -13.52 11.46 28.49
C ALA B 106 -14.33 12.04 27.36
N LEU B 107 -13.84 13.14 26.79
CA LEU B 107 -14.51 13.77 25.66
C LEU B 107 -14.67 12.75 24.54
N ALA B 108 -13.68 11.89 24.35
CA ALA B 108 -13.80 10.89 23.29
C ALA B 108 -15.01 10.01 23.53
N SER B 109 -15.14 9.50 24.75
CA SER B 109 -16.28 8.65 25.10
C SER B 109 -17.62 9.39 25.00
N LEU B 110 -17.63 10.69 25.27
CA LEU B 110 -18.86 11.44 25.16
C LEU B 110 -19.25 11.52 23.68
N MET B 111 -18.26 11.56 22.79
CA MET B 111 -18.54 11.64 21.36
C MET B 111 -19.30 10.44 20.84
N THR B 112 -18.92 9.25 21.30
CA THR B 112 -19.58 8.04 20.81
C THR B 112 -21.02 7.92 21.27
N TYR B 113 -21.28 8.17 22.54
CA TYR B 113 -22.64 8.08 23.06
C TYR B 113 -23.44 9.24 22.44
N LYS B 114 -22.78 10.37 22.28
CA LYS B 114 -23.40 11.54 21.66
C LYS B 114 -23.95 11.08 20.31
N CYS B 115 -23.10 10.43 19.51
CA CYS B 115 -23.50 9.95 18.19
C CYS B 115 -24.61 8.91 18.24
N ALA B 116 -24.61 8.06 19.25
CA ALA B 116 -25.64 7.04 19.38
C ALA B 116 -27.00 7.68 19.60
N VAL B 117 -27.04 8.73 20.42
CA VAL B 117 -28.28 9.43 20.70
C VAL B 117 -28.85 10.00 19.42
N VAL B 118 -27.98 10.68 18.68
CA VAL B 118 -28.37 11.35 17.45
C VAL B 118 -28.30 10.54 16.14
N ASP B 119 -27.87 9.28 16.21
CA ASP B 119 -27.82 8.42 15.03
C ASP B 119 -26.88 8.81 13.90
N VAL B 120 -25.64 9.11 14.28
CA VAL B 120 -24.60 9.46 13.33
C VAL B 120 -23.71 8.23 13.45
N PRO B 121 -23.46 7.51 12.33
CA PRO B 121 -22.65 6.30 12.28
C PRO B 121 -21.15 6.43 12.51
N PHE B 122 -20.77 7.03 13.64
CA PHE B 122 -19.38 7.22 13.97
C PHE B 122 -19.07 6.77 15.40
N GLY B 123 -17.89 6.21 15.59
CA GLY B 123 -17.46 5.82 16.91
C GLY B 123 -16.86 7.09 17.48
N GLY B 124 -16.77 7.18 18.80
CA GLY B 124 -16.22 8.38 19.42
C GLY B 124 -14.73 8.54 19.47
N ALA B 125 -14.28 9.80 19.32
CA ALA B 125 -12.86 10.14 19.36
C ALA B 125 -12.69 11.59 19.77
N LYS B 126 -11.47 11.96 20.17
CA LYS B 126 -11.21 13.33 20.57
C LYS B 126 -9.73 13.62 20.70
N ALA B 127 -9.33 14.86 20.39
CA ALA B 127 -7.92 15.23 20.46
C ALA B 127 -7.68 16.46 21.32
N GLY B 128 -6.44 16.59 21.79
CA GLY B 128 -6.05 17.74 22.58
C GLY B 128 -4.57 18.05 22.43
N VAL B 129 -4.24 19.32 22.26
CA VAL B 129 -2.85 19.76 22.14
C VAL B 129 -2.62 20.76 23.27
N LYS B 130 -1.80 20.37 24.23
CA LYS B 130 -1.54 21.22 25.39
C LYS B 130 -0.83 22.56 25.18
N ILE B 131 -1.55 23.54 24.62
CA ILE B 131 -0.97 24.86 24.41
C ILE B 131 -2.06 25.89 24.65
N ASN B 132 -1.65 27.13 24.85
CA ASN B 132 -2.58 28.23 25.01
C ASN B 132 -2.38 28.99 23.71
N PRO B 133 -3.30 28.83 22.77
CA PRO B 133 -3.19 29.50 21.48
C PRO B 133 -2.92 30.99 21.59
N LYS B 134 -3.42 31.58 22.67
CA LYS B 134 -3.27 33.01 22.91
C LYS B 134 -1.83 33.46 23.05
N ASN B 135 -0.93 32.49 23.18
CA ASN B 135 0.49 32.78 23.32
C ASN B 135 1.31 32.34 22.11
N TYR B 136 0.64 32.07 20.99
CA TYR B 136 1.36 31.66 19.81
C TYR B 136 0.91 32.49 18.62
N THR B 137 1.84 32.82 17.74
CA THR B 137 1.53 33.59 16.55
C THR B 137 0.80 32.69 15.59
N ASP B 138 0.14 33.28 14.62
CA ASP B 138 -0.57 32.50 13.63
C ASP B 138 0.39 31.54 12.96
N ASN B 139 1.59 32.03 12.66
CA ASN B 139 2.56 31.20 11.99
C ASN B 139 2.97 29.98 12.81
N GLU B 140 3.09 30.15 14.12
CA GLU B 140 3.48 29.06 15.01
C GLU B 140 2.36 28.05 15.15
N LEU B 141 1.13 28.55 15.22
CA LEU B 141 -0.01 27.66 15.35
C LEU B 141 -0.07 26.73 14.16
N GLU B 142 -0.08 27.30 12.96
CA GLU B 142 -0.12 26.51 11.74
C GLU B 142 0.96 25.44 11.74
N LYS B 143 2.20 25.79 12.10
CA LYS B 143 3.25 24.78 12.14
C LYS B 143 2.82 23.68 13.08
N ILE B 144 2.24 24.06 14.21
CA ILE B 144 1.80 23.07 15.17
C ILE B 144 0.68 22.18 14.64
N THR B 145 -0.41 22.78 14.21
CA THR B 145 -1.49 21.96 13.73
C THR B 145 -1.11 21.11 12.52
N ARG B 146 -0.21 21.58 11.67
CA ARG B 146 0.19 20.77 10.52
C ARG B 146 1.02 19.58 10.97
N ARG B 147 2.06 19.84 11.73
CA ARG B 147 2.92 18.78 12.22
C ARG B 147 2.13 17.80 13.05
N PHE B 148 1.06 18.28 13.68
CA PHE B 148 0.26 17.43 14.54
C PHE B 148 -0.55 16.46 13.68
N THR B 149 -1.01 16.95 12.53
CA THR B 149 -1.76 16.14 11.60
C THR B 149 -0.83 15.02 11.12
N MET B 150 0.42 15.34 10.84
CA MET B 150 1.36 14.33 10.37
C MET B 150 1.58 13.21 11.36
N GLU B 151 1.94 13.55 12.60
CA GLU B 151 2.20 12.55 13.62
C GLU B 151 0.97 11.73 13.92
N LEU B 152 -0.21 12.25 13.57
CA LEU B 152 -1.43 11.51 13.78
C LEU B 152 -1.57 10.55 12.63
N ALA B 153 -1.37 11.06 11.43
CA ALA B 153 -1.44 10.27 10.20
C ALA B 153 -0.53 9.04 10.28
N LYS B 154 0.75 9.27 10.51
CA LYS B 154 1.73 8.20 10.63
C LYS B 154 1.30 7.04 11.51
N LYS B 155 0.43 7.27 12.48
CA LYS B 155 0.02 6.18 13.38
C LYS B 155 -1.42 5.72 13.29
N GLY B 156 -2.10 6.14 12.22
CA GLY B 156 -3.48 5.75 12.00
C GLY B 156 -4.48 6.46 12.90
N PHE B 157 -4.21 7.71 13.22
CA PHE B 157 -5.11 8.48 14.08
C PHE B 157 -5.79 9.66 13.41
N ILE B 158 -5.97 9.54 12.10
CA ILE B 158 -6.63 10.51 11.25
C ILE B 158 -6.68 9.87 9.86
N GLY B 159 -7.84 9.92 9.24
CA GLY B 159 -8.03 9.34 7.92
C GLY B 159 -9.52 9.31 7.63
N PRO B 160 -9.94 9.43 6.36
CA PRO B 160 -11.35 9.42 5.93
C PRO B 160 -12.18 8.27 6.49
N GLY B 161 -11.60 7.08 6.60
CA GLY B 161 -12.36 5.96 7.11
C GLY B 161 -11.83 5.43 8.42
N VAL B 162 -11.07 6.24 9.13
CA VAL B 162 -10.49 5.80 10.40
C VAL B 162 -10.91 6.66 11.56
N ASP B 163 -10.53 7.91 11.47
CA ASP B 163 -10.75 8.90 12.51
C ASP B 163 -10.85 10.26 11.82
N VAL B 164 -11.98 10.90 11.98
CA VAL B 164 -12.21 12.19 11.34
C VAL B 164 -12.37 13.30 12.38
N PRO B 165 -11.35 14.16 12.52
CA PRO B 165 -11.37 15.29 13.47
C PRO B 165 -12.37 16.38 13.12
N ALA B 166 -12.41 17.43 13.95
CA ALA B 166 -13.32 18.55 13.78
C ALA B 166 -12.92 19.62 14.78
N PRO B 167 -13.64 20.75 14.79
CA PRO B 167 -13.23 21.75 15.76
C PRO B 167 -13.72 21.54 17.20
N ASP B 168 -13.05 22.18 18.14
CA ASP B 168 -13.45 22.17 19.54
C ASP B 168 -12.92 23.46 20.17
N MET B 169 -12.38 23.42 21.38
CA MET B 169 -11.91 24.66 21.98
C MET B 169 -10.66 25.26 21.38
N SER B 170 -10.78 26.52 20.97
CA SER B 170 -9.70 27.30 20.37
C SER B 170 -9.24 26.79 19.02
N THR B 171 -10.13 26.11 18.32
CA THR B 171 -9.83 25.61 17.00
C THR B 171 -11.04 25.89 16.14
N GLY B 172 -10.82 26.52 14.99
CA GLY B 172 -11.91 26.83 14.11
C GLY B 172 -11.67 26.24 12.75
N GLU B 173 -12.35 26.79 11.76
CA GLU B 173 -12.19 26.29 10.42
C GLU B 173 -10.78 26.57 9.92
N ARG B 174 -10.09 27.50 10.54
CA ARG B 174 -8.74 27.82 10.12
C ARG B 174 -7.82 26.62 10.36
N GLU B 175 -8.03 25.97 11.49
CA GLU B 175 -7.23 24.83 11.87
C GLU B 175 -7.60 23.61 11.06
N MET B 176 -8.89 23.49 10.78
CA MET B 176 -9.40 22.38 10.02
C MET B 176 -8.86 22.48 8.63
N SER B 177 -8.81 23.70 8.13
CA SER B 177 -8.32 23.99 6.80
C SER B 177 -6.86 23.56 6.62
N TRP B 178 -6.03 23.77 7.64
CA TRP B 178 -4.63 23.38 7.56
C TRP B 178 -4.54 21.86 7.67
N ILE B 179 -5.35 21.25 8.52
CA ILE B 179 -5.35 19.79 8.71
C ILE B 179 -5.64 19.13 7.39
N ALA B 180 -6.75 19.50 6.76
CA ALA B 180 -7.10 18.93 5.49
C ALA B 180 -5.94 19.08 4.52
N ASP B 181 -5.47 20.31 4.35
CA ASP B 181 -4.37 20.58 3.43
C ASP B 181 -3.16 19.68 3.62
N THR B 182 -2.69 19.53 4.85
CA THR B 182 -1.55 18.69 5.12
C THR B 182 -1.81 17.24 4.71
N TYR B 183 -2.99 16.74 5.06
CA TYR B 183 -3.35 15.36 4.75
C TYR B 183 -3.47 15.12 3.25
N ALA B 184 -4.32 15.89 2.58
CA ALA B 184 -4.54 15.72 1.15
C ALA B 184 -3.32 15.98 0.28
N SER B 185 -2.33 16.65 0.86
CA SER B 185 -1.12 16.98 0.13
C SER B 185 -0.04 15.95 0.36
N THR B 186 -0.20 15.10 1.36
CA THR B 186 0.80 14.09 1.64
C THR B 186 0.18 12.69 1.64
N ILE B 187 -0.19 12.17 2.81
CA ILE B 187 -0.79 10.81 2.94
C ILE B 187 -1.93 10.57 1.97
N GLY B 188 -2.84 11.51 1.87
CA GLY B 188 -3.98 11.35 0.98
C GLY B 188 -3.87 11.85 -0.44
N HIS B 189 -2.65 11.97 -0.97
CA HIS B 189 -2.52 12.47 -2.34
C HIS B 189 -3.28 11.63 -3.36
N TYR B 190 -3.43 10.34 -3.10
CA TYR B 190 -4.16 9.46 -4.03
C TYR B 190 -5.55 9.12 -3.55
N ASP B 191 -5.88 9.50 -2.32
CA ASP B 191 -7.19 9.20 -1.76
C ASP B 191 -8.29 10.05 -2.41
N ILE B 192 -9.27 9.39 -2.99
CA ILE B 192 -10.34 10.12 -3.63
C ILE B 192 -11.23 10.81 -2.61
N ASN B 193 -11.07 10.42 -1.34
CA ASN B 193 -11.85 10.98 -0.24
C ASN B 193 -10.97 11.74 0.74
N ALA B 194 -9.79 12.15 0.29
CA ALA B 194 -8.83 12.88 1.11
C ALA B 194 -9.40 14.02 1.94
N HIS B 195 -10.24 14.85 1.34
CA HIS B 195 -10.78 15.99 2.07
C HIS B 195 -11.85 15.62 3.06
N ALA B 196 -12.13 14.33 3.19
CA ALA B 196 -13.16 13.89 4.12
C ALA B 196 -12.45 13.39 5.37
N CYS B 197 -11.21 13.83 5.54
CA CYS B 197 -10.41 13.41 6.68
C CYS B 197 -10.66 14.29 7.89
N VAL B 198 -11.51 15.31 7.73
CA VAL B 198 -11.83 16.22 8.81
C VAL B 198 -13.00 17.09 8.42
N THR B 199 -13.78 17.51 9.42
CA THR B 199 -14.97 18.33 9.17
C THR B 199 -14.82 19.73 9.80
N GLY B 200 -15.78 20.60 9.55
CA GLY B 200 -15.68 21.95 10.10
C GLY B 200 -14.67 22.76 9.29
N LYS B 201 -14.50 22.40 8.02
CA LYS B 201 -13.56 23.07 7.11
C LYS B 201 -14.24 24.30 6.52
N PRO B 202 -13.44 25.21 5.94
CA PRO B 202 -13.99 26.42 5.32
C PRO B 202 -14.83 25.93 4.17
N ILE B 203 -15.90 26.62 3.82
CA ILE B 203 -16.69 26.14 2.71
C ILE B 203 -15.91 25.99 1.40
N SER B 204 -14.94 26.87 1.17
CA SER B 204 -14.13 26.81 -0.03
C SER B 204 -13.23 25.58 -0.01
N GLN B 205 -13.04 25.03 1.18
CA GLN B 205 -12.20 23.85 1.37
C GLN B 205 -13.01 22.57 1.39
N GLY B 206 -14.30 22.68 1.09
CA GLY B 206 -15.15 21.51 1.07
C GLY B 206 -16.00 21.44 2.32
N GLY B 207 -16.13 22.57 3.01
CA GLY B 207 -16.95 22.61 4.19
C GLY B 207 -18.39 22.64 3.71
N ILE B 208 -19.34 22.60 4.64
CA ILE B 208 -20.74 22.62 4.27
C ILE B 208 -21.39 23.81 4.93
N HIS B 209 -22.45 24.32 4.34
CA HIS B 209 -23.16 25.48 4.84
C HIS B 209 -23.72 25.38 6.25
N GLY B 210 -23.34 26.34 7.08
CA GLY B 210 -23.84 26.37 8.45
C GLY B 210 -23.17 25.46 9.45
N ARG B 211 -21.96 24.98 9.17
CA ARG B 211 -21.34 24.13 10.16
C ARG B 211 -20.83 24.99 11.29
N ILE B 212 -20.55 26.26 11.01
CA ILE B 212 -20.03 27.08 12.08
C ILE B 212 -21.11 27.35 13.13
N SER B 213 -22.28 27.78 12.68
CA SER B 213 -23.38 28.06 13.57
C SER B 213 -24.16 26.78 13.90
N ALA B 214 -23.69 25.66 13.37
CA ALA B 214 -24.36 24.39 13.57
C ALA B 214 -24.76 24.06 15.01
N THR B 215 -23.81 24.11 15.92
CA THR B 215 -24.10 23.79 17.31
C THR B 215 -25.11 24.74 17.96
N GLY B 216 -24.99 26.03 17.66
CA GLY B 216 -25.93 26.98 18.22
C GLY B 216 -27.33 26.65 17.74
N ARG B 217 -27.46 26.46 16.42
CA ARG B 217 -28.74 26.13 15.82
C ARG B 217 -29.29 24.86 16.44
N GLY B 218 -28.37 23.95 16.76
CA GLY B 218 -28.75 22.68 17.37
C GLY B 218 -29.26 22.90 18.77
N VAL B 219 -28.50 23.67 19.56
CA VAL B 219 -28.88 23.98 20.94
C VAL B 219 -30.28 24.58 20.94
N PHE B 220 -30.53 25.45 19.97
CA PHE B 220 -31.84 26.07 19.84
C PHE B 220 -32.91 25.01 19.73
N HIS B 221 -32.76 24.12 18.74
CA HIS B 221 -33.73 23.05 18.53
C HIS B 221 -33.87 22.16 19.73
N GLY B 222 -32.76 21.92 20.43
CA GLY B 222 -32.82 21.08 21.60
C GLY B 222 -33.79 21.68 22.60
N ILE B 223 -33.56 22.95 22.95
CA ILE B 223 -34.42 23.65 23.89
C ILE B 223 -35.85 23.71 23.35
N GLU B 224 -36.01 24.20 22.12
CA GLU B 224 -37.32 24.32 21.50
C GLU B 224 -38.20 23.07 21.67
N ASN B 225 -37.59 21.90 21.51
CA ASN B 225 -38.31 20.64 21.63
C ASN B 225 -38.80 20.41 23.06
N PHE B 226 -38.10 20.99 24.02
CA PHE B 226 -38.49 20.79 25.41
C PHE B 226 -39.30 21.94 25.97
N ILE B 227 -38.97 23.16 25.58
CA ILE B 227 -39.70 24.31 26.08
C ILE B 227 -41.09 24.42 25.44
N ASN B 228 -41.48 23.40 24.69
CA ASN B 228 -42.79 23.34 24.06
C ASN B 228 -43.44 21.98 24.32
N GLU B 229 -43.38 21.50 25.57
CA GLU B 229 -44.01 20.21 25.89
C GLU B 229 -45.14 20.30 26.92
N ALA B 230 -45.07 21.28 27.81
CA ALA B 230 -46.09 21.43 28.83
C ALA B 230 -45.93 20.31 29.86
N SER B 231 -45.81 19.08 29.37
CA SER B 231 -45.63 17.92 30.22
C SER B 231 -44.42 18.22 31.11
N TYR B 232 -43.40 18.81 30.47
CA TYR B 232 -42.16 19.17 31.14
C TYR B 232 -42.26 20.63 31.62
N MET B 233 -42.91 21.49 30.87
CA MET B 233 -43.04 22.89 31.27
C MET B 233 -43.89 23.10 32.52
N SER B 234 -44.89 22.25 32.73
CA SER B 234 -45.76 22.34 33.90
C SER B 234 -44.92 22.08 35.16
N ILE B 235 -44.24 20.94 35.16
CA ILE B 235 -43.39 20.53 36.26
C ILE B 235 -42.40 21.63 36.66
N LEU B 236 -42.19 22.60 35.77
CA LEU B 236 -41.26 23.69 36.03
C LEU B 236 -41.97 25.00 36.34
N GLY B 237 -43.30 24.99 36.27
CA GLY B 237 -44.03 26.21 36.52
C GLY B 237 -43.58 27.23 35.49
N MET B 238 -43.67 26.84 34.22
CA MET B 238 -43.28 27.69 33.11
C MET B 238 -44.24 27.57 31.93
N THR B 239 -44.50 28.71 31.29
CA THR B 239 -45.37 28.74 30.13
C THR B 239 -44.58 28.27 28.93
N PRO B 240 -45.20 27.47 28.05
CA PRO B 240 -44.43 27.04 26.89
C PRO B 240 -44.06 28.22 25.98
N GLY B 241 -43.03 28.04 25.16
CA GLY B 241 -42.61 29.09 24.25
C GLY B 241 -41.41 29.91 24.67
N PHE B 242 -40.69 30.47 23.69
CA PHE B 242 -39.51 31.29 23.96
C PHE B 242 -39.86 32.76 24.23
N GLY B 243 -40.93 33.22 23.60
CA GLY B 243 -41.38 34.60 23.72
C GLY B 243 -41.22 35.33 25.05
N ASP B 244 -41.37 34.62 26.15
CA ASP B 244 -41.27 35.26 27.45
C ASP B 244 -40.17 34.67 28.32
N LYS B 245 -39.04 34.35 27.70
CA LYS B 245 -37.95 33.77 28.46
C LYS B 245 -36.71 34.63 28.38
N THR B 246 -35.91 34.59 29.44
CA THR B 246 -34.66 35.31 29.50
C THR B 246 -33.60 34.26 29.78
N PHE B 247 -32.49 34.35 29.06
CA PHE B 247 -31.41 33.40 29.26
C PHE B 247 -30.10 34.13 29.44
N ALA B 248 -29.13 33.38 29.95
CA ALA B 248 -27.78 33.85 30.19
C ALA B 248 -26.86 32.74 29.71
N VAL B 249 -25.80 33.10 29.01
CA VAL B 249 -24.87 32.09 28.50
C VAL B 249 -23.40 32.34 28.89
N GLN B 250 -22.74 31.27 29.34
CA GLN B 250 -21.33 31.30 29.75
C GLN B 250 -20.46 30.90 28.56
N GLY B 251 -19.79 31.87 27.97
CA GLY B 251 -18.95 31.61 26.82
C GLY B 251 -19.55 32.24 25.58
N PHE B 252 -18.87 33.23 25.02
CA PHE B 252 -19.32 33.91 23.81
C PHE B 252 -18.40 33.43 22.69
N GLY B 253 -18.49 32.13 22.39
CA GLY B 253 -17.68 31.52 21.35
C GLY B 253 -18.50 30.89 20.24
N ASN B 254 -17.97 29.82 19.62
CA ASN B 254 -18.70 29.21 18.53
C ASN B 254 -20.06 28.68 18.96
N VAL B 255 -20.09 27.95 20.06
CA VAL B 255 -21.33 27.39 20.55
C VAL B 255 -22.11 28.43 21.35
N GLY B 256 -21.39 29.34 22.00
CA GLY B 256 -22.05 30.37 22.77
C GLY B 256 -22.73 31.44 21.93
N LEU B 257 -21.93 32.16 21.12
CA LEU B 257 -22.43 33.23 20.28
C LEU B 257 -23.67 32.81 19.52
N HIS B 258 -23.56 31.73 18.75
CA HIS B 258 -24.68 31.28 17.94
C HIS B 258 -25.87 30.80 18.72
N SER B 259 -25.63 30.30 19.93
CA SER B 259 -26.73 29.87 20.77
C SER B 259 -27.55 31.12 21.08
N MET B 260 -26.85 32.17 21.49
CA MET B 260 -27.48 33.43 21.82
C MET B 260 -28.22 33.99 20.61
N ARG B 261 -27.57 33.90 19.45
CA ARG B 261 -28.14 34.39 18.21
C ARG B 261 -29.50 33.81 17.92
N TYR B 262 -29.58 32.49 17.87
CA TYR B 262 -30.84 31.84 17.54
C TYR B 262 -31.93 32.04 18.58
N LEU B 263 -31.60 31.94 19.87
CA LEU B 263 -32.64 32.16 20.88
C LEU B 263 -33.25 33.56 20.76
N HIS B 264 -32.38 34.56 20.62
CA HIS B 264 -32.80 35.95 20.46
C HIS B 264 -33.71 36.08 19.24
N ARG B 265 -33.38 35.36 18.19
CA ARG B 265 -34.16 35.38 16.96
C ARG B 265 -35.58 34.95 17.22
N PHE B 266 -35.79 34.11 18.22
CA PHE B 266 -37.13 33.62 18.53
C PHE B 266 -37.72 34.23 19.80
N GLY B 267 -37.51 35.54 19.97
CA GLY B 267 -38.05 36.26 21.11
C GLY B 267 -37.57 35.92 22.51
N ALA B 268 -36.37 35.37 22.62
CA ALA B 268 -35.82 35.06 23.92
C ALA B 268 -34.92 36.25 24.20
N LYS B 269 -34.67 36.52 25.48
CA LYS B 269 -33.87 37.69 25.83
C LYS B 269 -32.60 37.34 26.56
N CYS B 270 -31.47 37.77 26.00
CA CYS B 270 -30.18 37.50 26.60
C CYS B 270 -29.89 38.55 27.65
N VAL B 271 -29.91 38.13 28.90
CA VAL B 271 -29.67 39.08 29.99
C VAL B 271 -28.23 39.04 30.51
N ALA B 272 -27.46 38.03 30.11
CA ALA B 272 -26.09 37.92 30.58
C ALA B 272 -25.22 37.13 29.61
N VAL B 273 -23.97 37.56 29.51
CA VAL B 273 -23.01 36.90 28.65
C VAL B 273 -21.72 36.90 29.44
N GLY B 274 -21.02 35.78 29.41
CA GLY B 274 -19.77 35.68 30.14
C GLY B 274 -18.56 35.23 29.35
N GLU B 275 -17.40 35.34 29.98
CA GLU B 275 -16.12 34.92 29.41
C GLU B 275 -15.16 34.62 30.54
N SER B 276 -13.86 34.55 30.23
CA SER B 276 -12.89 34.22 31.26
C SER B 276 -12.53 35.48 32.02
N ASP B 277 -12.49 36.60 31.32
CA ASP B 277 -12.17 37.85 31.98
C ASP B 277 -13.32 38.33 32.87
N GLY B 278 -14.56 38.12 32.45
CA GLY B 278 -15.68 38.54 33.27
C GLY B 278 -17.04 38.36 32.62
N SER B 279 -18.09 38.81 33.28
CA SER B 279 -19.45 38.69 32.73
C SER B 279 -20.07 40.06 32.59
N ILE B 280 -21.05 40.18 31.71
CA ILE B 280 -21.75 41.45 31.54
C ILE B 280 -23.21 41.15 31.75
N TRP B 281 -24.02 42.19 31.95
CA TRP B 281 -25.43 41.97 32.24
C TRP B 281 -26.30 43.12 31.80
N ASN B 282 -27.60 42.86 31.78
CA ASN B 282 -28.60 43.85 31.39
C ASN B 282 -29.95 43.16 31.45
N PRO B 283 -30.78 43.56 32.41
CA PRO B 283 -32.10 42.94 32.54
C PRO B 283 -33.00 43.19 31.33
N ASP B 284 -32.75 44.28 30.62
CA ASP B 284 -33.56 44.62 29.45
C ASP B 284 -33.13 43.83 28.24
N GLY B 285 -32.03 43.08 28.37
CA GLY B 285 -31.53 42.27 27.27
C GLY B 285 -30.37 42.83 26.50
N ILE B 286 -29.46 41.96 26.06
CA ILE B 286 -28.29 42.36 25.29
C ILE B 286 -28.49 41.82 23.88
N ASP B 287 -28.04 42.57 22.86
CA ASP B 287 -28.19 42.14 21.47
C ASP B 287 -26.95 41.41 20.95
N PRO B 288 -27.16 40.25 20.30
CA PRO B 288 -26.13 39.39 19.74
C PRO B 288 -25.23 40.04 18.70
N LYS B 289 -25.80 40.86 17.84
CA LYS B 289 -25.01 41.52 16.80
C LYS B 289 -24.08 42.63 17.26
N GLU B 290 -24.56 43.53 18.12
CA GLU B 290 -23.69 44.61 18.58
C GLU B 290 -22.63 44.12 19.57
N LEU B 291 -22.97 43.10 20.35
CA LEU B 291 -22.03 42.51 21.32
C LEU B 291 -20.90 41.87 20.55
N GLU B 292 -21.25 41.18 19.46
CA GLU B 292 -20.27 40.49 18.63
C GLU B 292 -19.32 41.45 17.96
N ASP B 293 -19.84 42.57 17.46
CA ASP B 293 -18.99 43.56 16.81
C ASP B 293 -18.08 44.27 17.82
N PHE B 294 -18.59 44.47 19.03
CA PHE B 294 -17.82 45.10 20.08
C PHE B 294 -16.67 44.15 20.38
N LYS B 295 -17.03 42.89 20.58
CA LYS B 295 -16.08 41.83 20.87
C LYS B 295 -15.00 41.68 19.77
N LEU B 296 -15.40 41.84 18.52
CA LEU B 296 -14.44 41.71 17.42
C LEU B 296 -13.50 42.91 17.41
N GLN B 297 -14.08 44.09 17.54
CA GLN B 297 -13.32 45.33 17.54
C GLN B 297 -12.38 45.52 18.74
N HIS B 298 -12.88 45.15 19.92
CA HIS B 298 -12.16 45.31 21.19
C HIS B 298 -11.58 44.05 21.83
N GLY B 299 -11.85 42.89 21.23
CA GLY B 299 -11.32 41.65 21.77
C GLY B 299 -11.78 41.23 23.16
N THR B 300 -12.97 41.69 23.56
CA THR B 300 -13.51 41.34 24.87
C THR B 300 -14.94 41.89 24.96
N ILE B 301 -15.74 41.29 25.83
CA ILE B 301 -17.13 41.72 25.99
C ILE B 301 -17.22 42.76 27.10
N LEU B 302 -16.20 42.77 27.97
CA LEU B 302 -16.14 43.72 29.07
C LEU B 302 -15.97 45.14 28.50
N GLY B 303 -16.88 46.03 28.86
CA GLY B 303 -16.81 47.40 28.38
C GLY B 303 -17.94 47.72 27.42
N PHE B 304 -18.69 46.69 27.03
CA PHE B 304 -19.81 46.87 26.11
C PHE B 304 -20.74 47.98 26.59
N PRO B 305 -20.88 49.05 25.79
CA PRO B 305 -21.76 50.16 26.19
C PRO B 305 -23.17 49.84 26.68
N LYS B 306 -23.96 49.11 25.91
CA LYS B 306 -25.34 48.80 26.32
C LYS B 306 -25.49 47.70 27.36
N ALA B 307 -24.60 47.71 28.35
CA ALA B 307 -24.62 46.73 29.42
C ALA B 307 -23.56 47.04 30.47
N LYS B 308 -23.88 46.70 31.73
CA LYS B 308 -22.99 46.91 32.89
C LYS B 308 -22.07 45.70 33.08
N ILE B 309 -20.97 45.91 33.79
CA ILE B 309 -20.02 44.83 34.04
C ILE B 309 -20.43 44.04 35.31
N TYR B 310 -21.39 43.13 35.15
CA TYR B 310 -21.92 42.31 36.25
C TYR B 310 -20.86 41.68 37.12
N GLU B 311 -20.90 42.00 38.41
CA GLU B 311 -19.97 41.42 39.35
C GLU B 311 -20.68 40.22 39.99
N GLY B 312 -20.09 39.03 39.79
CA GLY B 312 -20.69 37.83 40.33
C GLY B 312 -20.85 36.77 39.25
N SER B 313 -20.94 35.53 39.71
CA SER B 313 -21.08 34.35 38.87
C SER B 313 -22.16 34.43 37.78
N ILE B 314 -21.76 34.19 36.54
CA ILE B 314 -22.65 34.20 35.39
C ILE B 314 -23.59 32.99 35.51
N LEU B 315 -23.12 31.97 36.21
CA LEU B 315 -23.87 30.73 36.43
C LEU B 315 -24.94 30.91 37.50
N GLU B 316 -24.96 32.08 38.13
CA GLU B 316 -25.93 32.31 39.19
C GLU B 316 -26.93 33.42 38.89
N VAL B 317 -26.67 34.19 37.84
CA VAL B 317 -27.56 35.29 37.46
C VAL B 317 -29.03 34.85 37.36
N ASP B 318 -29.94 35.80 37.55
CA ASP B 318 -31.36 35.50 37.48
C ASP B 318 -31.82 35.48 36.02
N CYS B 319 -32.32 34.33 35.61
CA CYS B 319 -32.82 34.09 34.26
C CYS B 319 -33.63 32.79 34.24
N ASP B 320 -34.22 32.52 33.08
CA ASP B 320 -35.03 31.32 32.85
C ASP B 320 -34.15 30.13 32.44
N ILE B 321 -33.27 30.36 31.47
CA ILE B 321 -32.39 29.31 30.98
C ILE B 321 -30.91 29.67 31.06
N LEU B 322 -30.11 28.76 31.62
CA LEU B 322 -28.68 28.96 31.77
C LEU B 322 -27.95 28.10 30.73
N ILE B 323 -27.17 28.74 29.86
CA ILE B 323 -26.44 28.02 28.82
C ILE B 323 -24.93 27.95 29.02
N PRO B 324 -24.43 26.81 29.53
CA PRO B 324 -22.98 26.74 29.72
C PRO B 324 -22.30 26.38 28.38
N ALA B 325 -21.48 27.29 27.86
CA ALA B 325 -20.79 27.06 26.60
C ALA B 325 -19.28 27.26 26.78
N ALA B 326 -18.80 27.04 28.00
CA ALA B 326 -17.39 27.17 28.31
C ALA B 326 -16.81 25.78 28.47
N SER B 327 -15.85 25.62 29.37
CA SER B 327 -15.24 24.29 29.61
C SER B 327 -16.10 23.43 30.52
N GLU B 328 -15.59 22.26 30.91
CA GLU B 328 -16.34 21.33 31.76
C GLU B 328 -16.46 21.73 33.24
N LYS B 329 -17.21 20.92 33.99
CA LYS B 329 -17.44 21.10 35.43
C LYS B 329 -17.51 22.56 35.91
N GLN B 330 -18.45 23.32 35.35
CA GLN B 330 -18.65 24.70 35.75
C GLN B 330 -19.67 24.72 36.88
N LEU B 331 -20.70 23.90 36.72
CA LEU B 331 -21.76 23.74 37.72
C LEU B 331 -21.38 22.56 38.63
N THR B 332 -20.94 22.88 39.85
CA THR B 332 -20.53 21.87 40.81
C THR B 332 -21.49 21.81 41.99
N LYS B 333 -21.21 20.93 42.94
CA LYS B 333 -22.03 20.78 44.14
C LYS B 333 -22.16 22.09 44.94
N SER B 334 -21.10 22.89 44.93
CA SER B 334 -21.07 24.18 45.62
C SER B 334 -22.14 25.13 45.17
N ASN B 335 -21.88 25.77 44.04
CA ASN B 335 -22.79 26.74 43.44
C ASN B 335 -24.13 26.18 42.93
N ALA B 336 -24.22 24.86 42.78
CA ALA B 336 -25.47 24.27 42.28
C ALA B 336 -26.76 24.85 42.85
N PRO B 337 -26.88 24.91 44.20
CA PRO B 337 -28.09 25.47 44.82
C PRO B 337 -28.42 26.93 44.53
N ARG B 338 -27.44 27.71 44.09
CA ARG B 338 -27.68 29.12 43.81
C ARG B 338 -27.76 29.48 42.33
N VAL B 339 -28.53 28.73 41.55
CA VAL B 339 -28.59 29.00 40.11
C VAL B 339 -29.75 29.85 39.55
N LYS B 340 -30.86 29.97 40.28
CA LYS B 340 -31.99 30.77 39.80
C LYS B 340 -32.71 30.21 38.55
N ALA B 341 -31.98 29.94 37.48
CA ALA B 341 -32.60 29.41 36.26
C ALA B 341 -33.36 28.07 36.47
N LYS B 342 -34.43 27.88 35.70
CA LYS B 342 -35.23 26.67 35.80
C LYS B 342 -34.70 25.64 34.82
N ILE B 343 -34.19 26.12 33.69
CA ILE B 343 -33.66 25.24 32.65
C ILE B 343 -32.14 25.36 32.46
N ILE B 344 -31.49 24.20 32.39
CA ILE B 344 -30.05 24.10 32.17
C ILE B 344 -29.84 23.38 30.83
N ALA B 345 -29.47 24.14 29.80
CA ALA B 345 -29.20 23.59 28.47
C ALA B 345 -27.69 23.42 28.37
N GLU B 346 -27.22 22.21 28.61
CA GLU B 346 -25.79 21.94 28.54
C GLU B 346 -25.23 22.11 27.14
N GLY B 347 -24.64 23.28 26.89
CA GLY B 347 -24.06 23.59 25.60
C GLY B 347 -22.70 22.92 25.45
N ALA B 348 -21.86 23.06 26.48
CA ALA B 348 -20.55 22.43 26.45
C ALA B 348 -20.62 20.97 26.86
N ASN B 349 -19.48 20.29 26.76
CA ASN B 349 -19.46 18.89 27.14
C ASN B 349 -19.18 18.77 28.60
N GLY B 350 -20.09 18.10 29.29
CA GLY B 350 -19.97 17.91 30.72
C GLY B 350 -19.74 19.15 31.53
N PRO B 351 -20.61 20.16 31.40
CA PRO B 351 -20.42 21.39 32.18
C PRO B 351 -20.84 21.24 33.65
N THR B 352 -21.59 20.18 33.96
CA THR B 352 -22.02 19.98 35.34
C THR B 352 -21.65 18.61 35.92
N THR B 353 -21.13 18.63 37.15
CA THR B 353 -20.70 17.45 37.92
C THR B 353 -21.86 16.51 38.24
N PRO B 354 -21.57 15.27 38.64
CA PRO B 354 -22.67 14.35 38.96
C PRO B 354 -23.55 14.85 40.11
N GLU B 355 -22.93 15.53 41.06
CA GLU B 355 -23.68 16.03 42.20
C GLU B 355 -24.56 17.22 41.88
N ALA B 356 -24.13 18.09 40.97
CA ALA B 356 -24.92 19.26 40.57
C ALA B 356 -26.23 18.71 39.98
N ASP B 357 -26.11 17.60 39.27
CA ASP B 357 -27.24 16.92 38.66
C ASP B 357 -28.16 16.66 39.82
N LYS B 358 -27.71 15.78 40.70
CA LYS B 358 -28.45 15.41 41.90
C LYS B 358 -29.23 16.58 42.53
N ILE B 359 -28.53 17.68 42.79
CA ILE B 359 -29.13 18.88 43.36
C ILE B 359 -30.19 19.44 42.45
N PHE B 360 -29.86 19.61 41.16
CA PHE B 360 -30.80 20.13 40.17
C PHE B 360 -32.05 19.25 40.07
N LEU B 361 -31.90 17.94 40.27
CA LEU B 361 -33.04 17.02 40.21
C LEU B 361 -33.98 17.42 41.34
N GLU B 362 -33.42 17.42 42.55
CA GLU B 362 -34.14 17.79 43.75
C GLU B 362 -34.69 19.21 43.60
N ARG B 363 -33.80 20.17 43.35
CA ARG B 363 -34.22 21.57 43.19
C ARG B 363 -35.28 21.74 42.08
N ASN B 364 -35.54 20.66 41.35
CA ASN B 364 -36.51 20.63 40.25
C ASN B 364 -36.22 21.62 39.14
N ILE B 365 -34.99 21.51 38.64
CA ILE B 365 -34.46 22.33 37.58
C ILE B 365 -34.07 21.34 36.50
N MET B 366 -34.66 21.51 35.31
CA MET B 366 -34.42 20.61 34.19
C MET B 366 -33.08 20.84 33.52
N VAL B 367 -32.35 19.75 33.33
CA VAL B 367 -31.04 19.77 32.69
C VAL B 367 -31.05 18.96 31.41
N ILE B 368 -31.03 19.68 30.27
CA ILE B 368 -31.02 19.04 28.96
C ILE B 368 -29.57 18.63 28.75
N PRO B 369 -29.29 17.30 28.83
CA PRO B 369 -27.96 16.74 28.68
C PRO B 369 -27.15 17.11 27.45
N ASP B 370 -25.87 17.32 27.67
CA ASP B 370 -24.93 17.70 26.63
C ASP B 370 -24.93 16.73 25.46
N LEU B 371 -24.90 15.44 25.75
CA LEU B 371 -24.83 14.43 24.72
C LEU B 371 -26.06 14.35 23.83
N TYR B 372 -26.91 15.36 23.89
CA TYR B 372 -28.08 15.43 23.02
C TYR B 372 -28.16 16.86 22.54
N LEU B 373 -28.22 17.77 23.52
CA LEU B 373 -28.34 19.18 23.25
C LEU B 373 -27.24 19.74 22.34
N ASN B 374 -26.00 19.29 22.48
CA ASN B 374 -24.96 19.84 21.61
C ASN B 374 -24.56 18.92 20.46
N ALA B 375 -25.38 17.93 20.16
CA ALA B 375 -25.10 16.99 19.09
C ALA B 375 -25.32 17.57 17.68
N GLY B 376 -25.78 18.80 17.61
CA GLY B 376 -26.00 19.44 16.32
C GLY B 376 -24.73 19.65 15.53
N GLY B 377 -23.62 19.72 16.26
CA GLY B 377 -22.33 19.92 15.62
C GLY B 377 -21.91 18.75 14.75
N VAL B 378 -21.95 17.53 15.31
CA VAL B 378 -21.57 16.33 14.54
C VAL B 378 -22.58 15.95 13.52
N THR B 379 -23.83 16.27 13.79
CA THR B 379 -24.87 15.96 12.83
C THR B 379 -24.53 16.71 11.56
N VAL B 380 -24.12 17.97 11.72
CA VAL B 380 -23.77 18.78 10.57
C VAL B 380 -22.41 18.39 10.04
N SER B 381 -21.50 17.99 10.92
CA SER B 381 -20.17 17.55 10.49
C SER B 381 -20.34 16.31 9.61
N TYR B 382 -21.25 15.43 10.02
CA TYR B 382 -21.54 14.22 9.30
C TYR B 382 -22.06 14.57 7.91
N PHE B 383 -22.86 15.63 7.82
CA PHE B 383 -23.40 16.05 6.52
C PHE B 383 -22.24 16.54 5.62
N GLU B 384 -21.25 17.17 6.24
CA GLU B 384 -20.09 17.69 5.52
C GLU B 384 -19.29 16.52 4.95
N TRP B 385 -19.14 15.50 5.80
CA TRP B 385 -18.40 14.30 5.47
C TRP B 385 -19.06 13.59 4.30
N LEU B 386 -20.38 13.52 4.34
CA LEU B 386 -21.12 12.90 3.25
C LEU B 386 -20.94 13.73 1.98
N LYS B 387 -20.91 15.05 2.14
CA LYS B 387 -20.74 15.94 1.01
C LYS B 387 -19.38 15.66 0.35
N ASN B 388 -18.35 15.52 1.17
CA ASN B 388 -17.02 15.25 0.67
C ASN B 388 -16.95 13.95 -0.10
N LEU B 389 -17.60 12.92 0.41
CA LEU B 389 -17.60 11.63 -0.27
C LEU B 389 -18.35 11.72 -1.62
N ASN B 390 -19.48 12.42 -1.62
CA ASN B 390 -20.29 12.57 -2.82
C ASN B 390 -19.64 13.36 -3.95
N HIS B 391 -18.78 14.31 -3.61
CA HIS B 391 -18.13 15.14 -4.59
C HIS B 391 -19.07 15.92 -5.47
N VAL B 392 -20.24 16.24 -4.92
CA VAL B 392 -21.24 17.04 -5.62
C VAL B 392 -22.01 17.73 -4.52
N SER B 393 -22.30 18.99 -4.68
CA SER B 393 -23.06 19.70 -3.68
C SER B 393 -24.54 19.43 -3.93
N TYR B 394 -25.28 19.19 -2.86
CA TYR B 394 -26.70 18.90 -2.93
C TYR B 394 -27.49 19.75 -3.91
N GLY B 395 -28.21 19.12 -4.82
CA GLY B 395 -29.05 19.86 -5.74
C GLY B 395 -28.56 20.09 -7.16
N ARG B 396 -27.25 20.15 -7.33
CA ARG B 396 -26.65 20.39 -8.63
C ARG B 396 -27.22 19.54 -9.75
N LEU B 397 -27.12 18.24 -9.64
CA LEU B 397 -27.60 17.35 -10.69
C LEU B 397 -29.11 17.41 -10.98
N THR B 398 -29.89 17.86 -9.99
CA THR B 398 -31.34 17.88 -10.16
C THR B 398 -32.12 19.18 -10.12
N PHE B 399 -31.45 20.29 -9.84
CA PHE B 399 -32.12 21.57 -9.77
C PHE B 399 -33.06 21.84 -10.95
N LYS B 400 -32.54 21.72 -12.17
CA LYS B 400 -33.37 21.99 -13.34
C LYS B 400 -34.42 20.95 -13.58
N TYR B 401 -34.08 19.68 -13.43
CA TYR B 401 -35.06 18.61 -13.66
C TYR B 401 -36.29 18.72 -12.78
N GLU B 402 -36.08 18.97 -11.49
CA GLU B 402 -37.20 19.09 -10.55
C GLU B 402 -38.07 20.30 -10.85
N ARG B 403 -37.41 21.42 -11.11
CA ARG B 403 -38.12 22.63 -11.44
C ARG B 403 -39.05 22.32 -12.61
N ASP B 404 -38.50 21.81 -13.72
CA ASP B 404 -39.37 21.49 -14.86
C ASP B 404 -40.45 20.49 -14.46
N SER B 405 -40.01 19.40 -13.86
CA SER B 405 -40.90 18.35 -13.42
C SER B 405 -42.04 18.90 -12.55
N ASN B 406 -41.72 19.83 -11.67
CA ASN B 406 -42.72 20.42 -10.79
C ASN B 406 -43.74 21.29 -11.52
N TYR B 407 -43.28 22.06 -12.51
CA TYR B 407 -44.19 22.93 -13.23
C TYR B 407 -45.18 22.09 -14.04
N HIS B 408 -44.72 20.91 -14.47
CA HIS B 408 -45.57 19.98 -15.22
C HIS B 408 -46.57 19.28 -14.32
N LEU B 409 -46.15 18.99 -13.09
CA LEU B 409 -47.02 18.33 -12.13
C LEU B 409 -48.18 19.31 -11.92
N LEU B 410 -47.84 20.54 -11.57
CA LEU B 410 -48.84 21.60 -11.39
C LEU B 410 -49.64 21.79 -12.67
N MET B 411 -48.98 21.74 -13.82
CA MET B 411 -49.69 21.92 -15.09
C MET B 411 -50.63 20.74 -15.39
N SER B 412 -50.36 19.59 -14.79
CA SER B 412 -51.21 18.41 -14.99
C SER B 412 -52.56 18.56 -14.32
N VAL B 413 -52.62 19.28 -13.20
CA VAL B 413 -53.92 19.43 -12.54
C VAL B 413 -54.65 20.56 -13.27
N GLN B 414 -53.88 21.56 -13.70
CA GLN B 414 -54.46 22.68 -14.43
C GLN B 414 -55.17 22.23 -15.69
N GLU B 415 -54.42 21.63 -16.61
CA GLU B 415 -55.00 21.16 -17.87
C GLU B 415 -56.14 20.14 -17.67
N SER B 416 -56.11 19.40 -16.58
CA SER B 416 -57.15 18.42 -16.28
C SER B 416 -58.45 19.11 -15.84
N LEU B 417 -58.32 20.10 -14.97
CA LEU B 417 -59.47 20.85 -14.49
C LEU B 417 -60.06 21.68 -15.62
N GLU B 418 -59.21 22.20 -16.50
CA GLU B 418 -59.71 23.01 -17.62
C GLU B 418 -60.47 22.11 -18.60
N ARG B 419 -60.13 20.84 -18.58
CA ARG B 419 -60.76 19.87 -19.44
C ARG B 419 -62.14 19.49 -18.94
N LYS B 420 -62.27 19.27 -17.64
CA LYS B 420 -63.55 18.88 -17.03
C LYS B 420 -64.53 20.04 -16.91
N PHE B 421 -64.02 21.23 -16.55
CA PHE B 421 -64.84 22.42 -16.39
C PHE B 421 -64.87 23.26 -17.67
N GLY B 422 -64.38 22.66 -18.75
CA GLY B 422 -64.35 23.32 -20.06
C GLY B 422 -64.11 24.83 -20.09
N LYS B 423 -64.73 25.47 -21.08
CA LYS B 423 -64.65 26.92 -21.28
C LYS B 423 -65.48 27.61 -20.22
N HIS B 424 -66.37 26.83 -19.61
CA HIS B 424 -67.24 27.35 -18.56
C HIS B 424 -66.42 27.93 -17.38
N GLY B 425 -65.28 27.31 -17.07
CA GLY B 425 -64.44 27.80 -15.98
C GLY B 425 -63.27 28.63 -16.51
N GLY B 426 -63.13 28.69 -17.84
CA GLY B 426 -62.05 29.45 -18.45
C GLY B 426 -60.73 28.83 -18.05
N THR B 427 -59.70 29.65 -17.87
CA THR B 427 -58.44 29.07 -17.44
C THR B 427 -58.44 29.01 -15.92
N ILE B 428 -57.84 27.95 -15.40
CA ILE B 428 -57.74 27.72 -13.98
C ILE B 428 -56.26 27.68 -13.72
N PRO B 429 -55.62 28.83 -13.59
CA PRO B 429 -54.18 28.81 -13.35
C PRO B 429 -53.76 28.23 -11.99
N ILE B 430 -52.83 27.27 -12.05
CA ILE B 430 -52.29 26.61 -10.87
C ILE B 430 -50.83 26.99 -10.71
N VAL B 431 -50.59 28.02 -9.91
CA VAL B 431 -49.28 28.59 -9.65
C VAL B 431 -48.83 28.18 -8.24
N PRO B 432 -47.51 28.18 -7.98
CA PRO B 432 -47.04 27.81 -6.64
C PRO B 432 -47.27 28.92 -5.62
N THR B 433 -47.27 28.59 -4.33
CA THR B 433 -47.42 29.60 -3.30
C THR B 433 -46.02 30.19 -3.15
N ALA B 434 -45.86 31.19 -2.31
CA ALA B 434 -44.55 31.77 -2.13
C ALA B 434 -43.60 30.71 -1.54
N GLU B 435 -44.14 29.90 -0.63
CA GLU B 435 -43.36 28.85 0.03
C GLU B 435 -42.92 27.75 -0.91
N PHE B 436 -43.85 27.21 -1.69
CA PHE B 436 -43.52 26.15 -2.63
C PHE B 436 -42.64 26.69 -3.76
N GLN B 437 -42.67 28.00 -3.98
CA GLN B 437 -41.87 28.58 -5.03
C GLN B 437 -40.41 28.49 -4.58
N ASP B 438 -40.18 28.75 -3.29
CA ASP B 438 -38.84 28.70 -2.71
C ASP B 438 -38.25 27.30 -2.73
N ARG B 439 -39.11 26.31 -3.00
CA ARG B 439 -38.75 24.90 -3.04
C ARG B 439 -38.88 24.28 -4.43
N ILE B 440 -39.46 25.02 -5.36
CA ILE B 440 -39.70 24.53 -6.72
C ILE B 440 -38.60 23.68 -7.34
N SER B 441 -37.33 23.93 -6.99
CA SER B 441 -36.22 23.15 -7.54
C SER B 441 -35.79 21.99 -6.68
N GLY B 442 -36.15 22.03 -5.41
CA GLY B 442 -35.75 20.95 -4.53
C GLY B 442 -34.82 21.48 -3.48
N ALA B 443 -34.35 20.60 -2.62
CA ALA B 443 -33.46 20.99 -1.56
C ALA B 443 -32.06 21.34 -2.05
N SER B 444 -31.49 22.38 -1.43
CA SER B 444 -30.16 22.86 -1.73
C SER B 444 -29.28 22.44 -0.55
N GLU B 445 -27.97 22.70 -0.63
CA GLU B 445 -27.08 22.32 0.47
C GLU B 445 -27.58 22.98 1.75
N LYS B 446 -27.93 24.26 1.66
CA LYS B 446 -28.41 24.98 2.83
C LYS B 446 -29.68 24.35 3.38
N ASP B 447 -30.57 23.95 2.48
CA ASP B 447 -31.83 23.33 2.87
C ASP B 447 -31.70 22.02 3.63
N ILE B 448 -30.77 21.17 3.22
CA ILE B 448 -30.58 19.86 3.85
C ILE B 448 -30.01 19.97 5.24
N VAL B 449 -29.04 20.86 5.42
CA VAL B 449 -28.41 21.03 6.72
C VAL B 449 -29.45 21.47 7.74
N HIS B 450 -30.17 22.53 7.38
CA HIS B 450 -31.19 23.09 8.23
C HIS B 450 -32.29 22.11 8.60
N SER B 451 -32.83 21.38 7.63
CA SER B 451 -33.91 20.45 7.95
C SER B 451 -33.38 19.12 8.46
N GLY B 452 -32.19 18.74 8.01
CA GLY B 452 -31.62 17.50 8.47
C GLY B 452 -31.33 17.61 9.95
N LEU B 453 -30.80 18.76 10.35
CA LEU B 453 -30.47 19.01 11.75
C LEU B 453 -31.74 18.94 12.59
N ALA B 454 -32.75 19.67 12.11
CA ALA B 454 -34.05 19.77 12.75
C ALA B 454 -34.71 18.41 12.91
N TYR B 455 -34.67 17.61 11.85
CA TYR B 455 -35.25 16.28 11.86
C TYR B 455 -34.57 15.48 12.95
N THR B 456 -33.25 15.59 13.01
CA THR B 456 -32.47 14.86 13.98
C THR B 456 -32.65 15.32 15.42
N MET B 457 -32.64 16.63 15.66
CA MET B 457 -32.80 17.15 17.03
C MET B 457 -34.14 16.76 17.60
N GLU B 458 -35.18 16.96 16.79
CA GLU B 458 -36.55 16.65 17.15
C GLU B 458 -36.69 15.14 17.38
N ARG B 459 -36.35 14.34 16.38
CA ARG B 459 -36.47 12.90 16.48
C ARG B 459 -35.76 12.29 17.68
N SER B 460 -34.63 12.86 18.07
CA SER B 460 -33.86 12.35 19.21
C SER B 460 -34.48 12.80 20.54
N ALA B 461 -35.15 13.94 20.50
CA ALA B 461 -35.81 14.49 21.69
C ALA B 461 -36.91 13.53 22.07
N ARG B 462 -37.72 13.17 21.09
CA ARG B 462 -38.81 12.25 21.31
C ARG B 462 -38.29 10.92 21.82
N GLN B 463 -37.20 10.44 21.24
CA GLN B 463 -36.61 9.18 21.68
C GLN B 463 -36.24 9.21 23.16
N ILE B 464 -35.78 10.37 23.63
CA ILE B 464 -35.41 10.52 25.02
C ILE B 464 -36.65 10.66 25.89
N MET B 465 -37.54 11.58 25.54
CA MET B 465 -38.77 11.78 26.29
C MET B 465 -39.47 10.43 26.47
N ARG B 466 -39.68 9.75 25.36
CA ARG B 466 -40.29 8.44 25.31
C ARG B 466 -39.66 7.50 26.35
N THR B 467 -38.34 7.62 26.51
CA THR B 467 -37.59 6.79 27.47
C THR B 467 -37.76 7.27 28.92
N ALA B 468 -37.67 8.57 29.14
CA ALA B 468 -37.84 9.18 30.45
C ALA B 468 -39.18 8.74 31.06
N MET B 469 -40.15 8.46 30.19
CA MET B 469 -41.47 8.01 30.60
C MET B 469 -41.46 6.52 30.97
N LYS B 470 -40.96 5.68 30.05
CA LYS B 470 -40.90 4.25 30.29
C LYS B 470 -40.13 3.89 31.57
N TYR B 471 -39.36 4.83 32.11
CA TYR B 471 -38.58 4.55 33.32
C TYR B 471 -38.72 5.64 34.41
N ASN B 472 -39.78 6.44 34.31
CA ASN B 472 -40.06 7.51 35.28
C ASN B 472 -38.86 8.29 35.77
N LEU B 473 -37.95 8.66 34.86
CA LEU B 473 -36.78 9.43 35.23
C LEU B 473 -37.19 10.88 35.37
N GLY B 474 -38.43 11.16 34.95
CA GLY B 474 -38.98 12.51 35.05
C GLY B 474 -38.10 13.60 34.49
N LEU B 475 -37.22 14.19 35.30
CA LEU B 475 -36.35 15.25 34.80
C LEU B 475 -34.90 14.80 34.66
N ASP B 476 -34.65 13.52 34.88
CA ASP B 476 -33.31 12.97 34.73
C ASP B 476 -33.19 12.52 33.28
N LEU B 477 -33.12 13.51 32.37
CA LEU B 477 -33.02 13.26 30.93
C LEU B 477 -31.65 12.69 30.56
N ARG B 478 -30.65 13.06 31.35
CA ARG B 478 -29.31 12.56 31.09
C ARG B 478 -29.33 11.06 31.14
N THR B 479 -29.95 10.50 32.17
CA THR B 479 -29.98 9.06 32.28
C THR B 479 -30.81 8.47 31.14
N ALA B 480 -31.87 9.18 30.76
CA ALA B 480 -32.70 8.72 29.67
C ALA B 480 -31.85 8.66 28.40
N ALA B 481 -31.08 9.73 28.16
CA ALA B 481 -30.21 9.82 26.99
C ALA B 481 -29.22 8.65 26.93
N TYR B 482 -28.51 8.40 28.03
CA TYR B 482 -27.55 7.30 28.06
C TYR B 482 -28.18 5.94 27.83
N VAL B 483 -29.43 5.79 28.24
CA VAL B 483 -30.09 4.51 28.04
C VAL B 483 -30.15 4.18 26.55
N ASN B 484 -30.50 5.17 25.75
CA ASN B 484 -30.58 4.99 24.30
C ASN B 484 -29.23 4.71 23.69
N ALA B 485 -28.23 5.48 24.10
CA ALA B 485 -26.87 5.34 23.62
C ALA B 485 -26.42 3.91 23.86
N ILE B 486 -26.52 3.48 25.11
CA ILE B 486 -26.13 2.13 25.47
C ILE B 486 -26.94 1.13 24.69
N GLU B 487 -28.24 1.32 24.72
CA GLU B 487 -29.14 0.42 24.04
C GLU B 487 -28.78 0.21 22.57
N LYS B 488 -28.26 1.27 21.94
CA LYS B 488 -27.88 1.22 20.53
C LYS B 488 -26.49 0.64 20.35
N VAL B 489 -25.51 1.22 21.04
CA VAL B 489 -24.16 0.72 20.95
C VAL B 489 -24.13 -0.76 21.27
N PHE B 490 -25.04 -1.19 22.14
CA PHE B 490 -25.10 -2.60 22.51
C PHE B 490 -25.37 -3.56 21.32
N ARG B 491 -26.54 -3.41 20.72
CA ARG B 491 -26.93 -4.29 19.61
C ARG B 491 -25.79 -4.57 18.66
N VAL B 492 -25.05 -3.54 18.28
CA VAL B 492 -23.95 -3.75 17.36
C VAL B 492 -23.05 -4.85 17.93
N TYR B 493 -22.42 -4.58 19.07
CA TYR B 493 -21.52 -5.55 19.68
C TYR B 493 -22.07 -6.96 19.90
N ASN B 494 -23.28 -7.03 20.46
CA ASN B 494 -23.95 -8.30 20.73
C ASN B 494 -23.76 -9.17 19.50
N GLU B 495 -24.47 -8.82 18.42
CA GLU B 495 -24.41 -9.60 17.19
C GLU B 495 -23.30 -9.22 16.21
N ALA B 496 -22.11 -9.01 16.73
CA ALA B 496 -20.98 -8.65 15.88
C ALA B 496 -19.76 -9.54 16.09
N GLY B 497 -19.80 -10.37 17.13
CA GLY B 497 -18.69 -11.25 17.47
C GLY B 497 -17.81 -10.69 18.58
N VAL B 498 -18.30 -9.63 19.23
CA VAL B 498 -17.59 -8.95 20.30
C VAL B 498 -16.08 -8.96 20.08
N GLU C 4 30.29 31.39 -28.54
CA GLU C 4 29.76 30.24 -29.30
C GLU C 4 30.27 28.90 -28.74
N ASP C 5 30.01 27.81 -29.48
CA ASP C 5 30.29 26.42 -29.07
C ASP C 5 29.44 26.19 -27.81
N ASP C 6 28.14 26.44 -27.91
CA ASP C 6 27.29 26.20 -26.78
C ASP C 6 26.23 25.26 -27.30
N PRO C 7 26.57 23.96 -27.41
CA PRO C 7 25.56 23.05 -27.92
C PRO C 7 24.52 22.65 -26.86
N ASN C 8 23.59 21.80 -27.26
CA ASN C 8 22.54 21.30 -26.38
C ASN C 8 23.28 20.19 -25.60
N PHE C 9 23.51 20.41 -24.29
CA PHE C 9 24.21 19.46 -23.40
C PHE C 9 23.73 18.04 -23.58
N PHE C 10 22.46 17.86 -23.91
CA PHE C 10 21.93 16.52 -24.07
C PHE C 10 22.44 15.84 -25.34
N LYS C 11 22.33 16.55 -26.45
CA LYS C 11 22.77 16.03 -27.74
C LYS C 11 24.30 15.90 -27.74
N MET C 12 24.96 16.78 -27.01
CA MET C 12 26.40 16.76 -26.91
C MET C 12 26.84 15.41 -26.40
N VAL C 13 26.12 14.90 -25.42
CA VAL C 13 26.41 13.59 -24.83
C VAL C 13 25.94 12.52 -25.79
N GLU C 14 24.82 12.78 -26.45
CA GLU C 14 24.31 11.82 -27.42
C GLU C 14 25.39 11.67 -28.48
N GLY C 15 26.11 12.76 -28.74
CA GLY C 15 27.15 12.73 -29.74
C GLY C 15 28.21 11.70 -29.40
N PHE C 16 28.65 11.74 -28.15
CA PHE C 16 29.64 10.80 -27.66
C PHE C 16 29.06 9.38 -27.77
N PHE C 17 27.80 9.22 -27.42
CA PHE C 17 27.15 7.90 -27.48
C PHE C 17 27.12 7.32 -28.89
N ASP C 18 26.65 8.12 -29.86
CA ASP C 18 26.56 7.68 -31.25
C ASP C 18 27.94 7.28 -31.79
N ARG C 19 28.92 8.13 -31.54
CA ARG C 19 30.28 7.89 -31.97
C ARG C 19 30.75 6.52 -31.46
N GLY C 20 30.51 6.25 -30.18
CA GLY C 20 30.91 4.96 -29.61
C GLY C 20 29.98 3.86 -30.07
N ALA C 21 28.73 4.20 -30.36
CA ALA C 21 27.78 3.21 -30.83
C ALA C 21 28.31 2.56 -32.11
N SER C 22 28.69 3.39 -33.06
CA SER C 22 29.21 2.89 -34.32
C SER C 22 30.37 1.90 -34.11
N ILE C 23 31.44 2.40 -33.49
CA ILE C 23 32.62 1.60 -33.22
C ILE C 23 32.32 0.15 -32.84
N VAL C 24 31.31 -0.07 -31.99
CA VAL C 24 30.96 -1.43 -31.56
C VAL C 24 29.82 -2.09 -32.31
N GLU C 25 28.98 -1.30 -32.99
CA GLU C 25 27.86 -1.87 -33.71
C GLU C 25 28.16 -3.26 -34.31
N ASP C 26 29.32 -3.40 -34.96
CA ASP C 26 29.71 -4.66 -35.59
C ASP C 26 29.78 -5.85 -34.64
N LYS C 27 30.45 -5.65 -33.52
CA LYS C 27 30.59 -6.68 -32.49
C LYS C 27 29.23 -7.11 -31.95
N LEU C 28 28.40 -6.13 -31.63
CA LEU C 28 27.07 -6.38 -31.10
C LEU C 28 26.24 -7.22 -32.07
N VAL C 29 26.62 -7.22 -33.35
CA VAL C 29 25.88 -8.00 -34.34
C VAL C 29 26.46 -9.40 -34.48
N GLU C 30 27.77 -9.51 -34.31
CA GLU C 30 28.46 -10.78 -34.40
C GLU C 30 28.11 -11.70 -33.24
N ASP C 31 28.14 -11.16 -32.02
CA ASP C 31 27.84 -11.92 -30.81
C ASP C 31 26.41 -12.43 -30.85
N LEU C 32 25.53 -11.60 -31.40
CA LEU C 32 24.12 -11.95 -31.54
C LEU C 32 24.06 -13.27 -32.30
N LYS C 33 23.26 -14.23 -31.80
CA LYS C 33 23.14 -15.54 -32.45
C LYS C 33 21.72 -15.92 -32.88
N THR C 34 20.87 -14.94 -33.17
CA THR C 34 19.47 -15.21 -33.56
C THR C 34 19.20 -15.98 -34.85
N ARG C 35 17.94 -16.37 -35.03
CA ARG C 35 17.49 -17.11 -36.21
C ARG C 35 17.64 -16.30 -37.48
N GLU C 36 16.94 -15.17 -37.58
CA GLU C 36 17.05 -14.33 -38.79
C GLU C 36 18.42 -13.66 -38.74
N THR C 37 19.46 -14.47 -38.87
CA THR C 37 20.85 -14.02 -38.84
C THR C 37 21.15 -12.90 -39.86
N GLU C 38 20.28 -12.72 -40.84
CA GLU C 38 20.49 -11.66 -41.82
C GLU C 38 20.59 -10.31 -41.09
N GLU C 39 21.18 -9.30 -41.73
CA GLU C 39 21.33 -8.02 -41.05
C GLU C 39 20.08 -7.25 -40.63
N GLN C 40 19.03 -7.98 -40.23
CA GLN C 40 17.82 -7.34 -39.72
C GLN C 40 18.27 -7.24 -38.24
N LYS C 41 19.31 -8.03 -37.97
CA LYS C 41 20.03 -8.14 -36.71
C LYS C 41 20.62 -6.78 -36.44
N ARG C 42 21.19 -6.21 -37.50
CA ARG C 42 21.82 -4.90 -37.47
C ARG C 42 20.78 -3.77 -37.23
N ASN C 43 19.53 -4.00 -37.62
CA ASN C 43 18.47 -3.01 -37.39
C ASN C 43 18.02 -3.12 -35.94
N ARG C 44 17.82 -4.37 -35.50
CA ARG C 44 17.38 -4.65 -34.14
C ARG C 44 18.39 -4.14 -33.11
N VAL C 45 19.67 -4.07 -33.48
CA VAL C 45 20.67 -3.57 -32.58
C VAL C 45 20.51 -2.06 -32.58
N ARG C 46 20.34 -1.49 -33.76
CA ARG C 46 20.14 -0.05 -33.85
C ARG C 46 18.83 0.36 -33.19
N GLY C 47 17.88 -0.56 -33.15
CA GLY C 47 16.59 -0.26 -32.54
C GLY C 47 16.77 -0.15 -31.04
N ILE C 48 17.49 -1.11 -30.47
CA ILE C 48 17.77 -1.14 -29.05
C ILE C 48 18.55 0.10 -28.65
N LEU C 49 19.46 0.53 -29.51
CA LEU C 49 20.25 1.70 -29.24
C LEU C 49 19.40 2.96 -29.29
N ARG C 50 18.41 2.99 -30.19
CA ARG C 50 17.56 4.16 -30.28
C ARG C 50 16.71 4.24 -29.00
N ILE C 51 16.56 3.10 -28.34
CA ILE C 51 15.78 3.04 -27.13
C ILE C 51 16.59 3.49 -25.90
N ILE C 52 17.86 3.13 -25.85
CA ILE C 52 18.72 3.50 -24.74
C ILE C 52 18.89 5.03 -24.62
N LYS C 53 19.40 5.66 -25.67
CA LYS C 53 19.65 7.10 -25.70
C LYS C 53 18.74 8.09 -24.98
N PRO C 54 17.41 7.92 -25.08
CA PRO C 54 16.51 8.87 -24.40
C PRO C 54 16.12 8.57 -22.97
N CYS C 55 15.75 9.60 -22.23
CA CYS C 55 15.32 9.44 -20.84
C CYS C 55 13.96 8.76 -20.81
N ASN C 56 13.66 8.03 -19.75
CA ASN C 56 12.37 7.33 -19.70
C ASN C 56 11.31 8.17 -19.04
N HIS C 57 11.68 8.83 -17.94
CA HIS C 57 10.77 9.67 -17.20
C HIS C 57 11.45 10.97 -16.81
N VAL C 58 10.79 12.09 -17.00
CA VAL C 58 11.37 13.36 -16.58
C VAL C 58 10.27 14.16 -15.90
N LEU C 59 10.47 14.40 -14.60
CA LEU C 59 9.49 15.15 -13.82
C LEU C 59 9.90 16.62 -13.71
N SER C 60 8.96 17.50 -14.00
CA SER C 60 9.22 18.93 -13.92
C SER C 60 8.35 19.47 -12.79
N LEU C 61 8.99 20.10 -11.81
CA LEU C 61 8.30 20.66 -10.66
C LEU C 61 8.30 22.17 -10.62
N SER C 62 7.23 22.69 -10.04
CA SER C 62 7.04 24.10 -9.88
C SER C 62 6.20 24.16 -8.61
N PHE C 63 6.80 24.61 -7.51
CA PHE C 63 6.08 24.69 -6.25
C PHE C 63 6.43 25.94 -5.41
N PRO C 64 5.52 26.35 -4.52
CA PRO C 64 5.77 27.54 -3.71
C PRO C 64 6.45 27.37 -2.35
N ILE C 65 7.29 28.33 -2.01
CA ILE C 65 7.96 28.36 -0.70
C ILE C 65 7.71 29.75 -0.12
N ARG C 66 7.82 29.87 1.20
CA ARG C 66 7.59 31.16 1.85
C ARG C 66 8.91 31.78 2.30
N ARG C 67 9.30 32.85 1.61
CA ARG C 67 10.55 33.54 1.93
C ARG C 67 10.53 34.08 3.35
N ASP C 68 11.69 34.16 3.98
CA ASP C 68 11.78 34.67 5.35
C ASP C 68 11.10 36.03 5.57
N ASP C 69 11.12 36.87 4.55
CA ASP C 69 10.51 38.18 4.64
C ASP C 69 9.01 38.12 4.42
N GLY C 70 8.45 36.92 4.53
CA GLY C 70 7.02 36.73 4.37
C GLY C 70 6.41 36.67 2.97
N SER C 71 7.23 36.82 1.93
CA SER C 71 6.69 36.79 0.58
C SER C 71 6.60 35.43 -0.13
N TRP C 72 5.84 35.37 -1.22
CA TRP C 72 5.66 34.14 -1.97
C TRP C 72 6.49 34.08 -3.24
N GLU C 73 7.26 33.00 -3.35
CA GLU C 73 8.12 32.74 -4.49
C GLU C 73 7.94 31.33 -5.02
N VAL C 74 7.83 31.20 -6.33
CA VAL C 74 7.68 29.91 -7.00
C VAL C 74 9.06 29.42 -7.42
N ILE C 75 9.39 28.19 -7.07
CA ILE C 75 10.70 27.67 -7.43
C ILE C 75 10.53 26.48 -8.36
N GLU C 76 11.42 26.37 -9.36
CA GLU C 76 11.35 25.28 -10.33
C GLU C 76 12.41 24.21 -10.08
N GLY C 77 12.06 22.96 -10.37
CA GLY C 77 12.99 21.88 -10.16
C GLY C 77 12.68 20.73 -11.10
N TYR C 78 13.67 19.91 -11.39
CA TYR C 78 13.49 18.79 -12.29
C TYR C 78 14.23 17.56 -11.78
N ARG C 79 13.75 16.39 -12.18
CA ARG C 79 14.38 15.13 -11.82
C ARG C 79 14.14 14.24 -13.02
N ALA C 80 15.21 13.71 -13.59
CA ALA C 80 15.08 12.86 -14.74
C ALA C 80 15.61 11.49 -14.48
N GLN C 81 14.90 10.49 -15.00
CA GLN C 81 15.31 9.11 -14.87
C GLN C 81 15.60 8.66 -16.29
N HIS C 82 16.89 8.51 -16.61
CA HIS C 82 17.30 8.10 -17.95
C HIS C 82 17.00 6.66 -18.27
N SER C 83 17.61 5.76 -17.51
CA SER C 83 17.41 4.35 -17.76
C SER C 83 17.03 3.57 -16.52
N GLN C 84 16.46 2.38 -16.72
CA GLN C 84 16.05 1.55 -15.61
C GLN C 84 16.33 0.09 -15.89
N HIS C 85 17.40 -0.16 -16.63
CA HIS C 85 17.82 -1.53 -16.96
C HIS C 85 18.47 -2.09 -15.70
N ARG C 86 18.61 -1.20 -14.74
CA ARG C 86 19.18 -1.47 -13.43
C ARG C 86 18.35 -0.61 -12.49
N THR C 87 17.96 -1.21 -11.38
CA THR C 87 17.13 -0.55 -10.40
C THR C 87 17.89 -0.53 -9.07
N PRO C 88 17.86 0.60 -8.34
CA PRO C 88 17.18 1.87 -8.63
C PRO C 88 18.06 2.79 -9.48
N CYS C 89 17.55 3.98 -9.73
CA CYS C 89 18.27 4.99 -10.49
C CYS C 89 19.13 5.72 -9.49
N LYS C 90 20.23 6.29 -9.95
CA LYS C 90 21.14 7.02 -9.10
C LYS C 90 21.57 8.30 -9.83
N GLY C 91 21.91 9.33 -9.05
CA GLY C 91 22.32 10.60 -9.62
C GLY C 91 21.97 11.73 -8.67
N GLY C 92 22.90 12.68 -8.52
CA GLY C 92 22.72 13.82 -7.61
C GLY C 92 21.76 14.94 -7.91
N ILE C 93 21.76 15.93 -7.03
CA ILE C 93 20.90 17.10 -7.16
C ILE C 93 21.76 18.35 -7.22
N ARG C 94 21.61 19.10 -8.30
CA ARG C 94 22.36 20.32 -8.49
C ARG C 94 21.46 21.53 -8.23
N TYR C 95 21.95 22.44 -7.39
CA TYR C 95 21.24 23.69 -7.06
C TYR C 95 21.89 24.85 -7.83
N SER C 96 21.26 25.26 -8.91
CA SER C 96 21.80 26.32 -9.74
C SER C 96 20.73 26.98 -10.58
N THR C 97 21.03 28.18 -11.06
CA THR C 97 20.09 28.96 -11.88
C THR C 97 20.25 28.56 -13.35
N ASP C 98 21.22 27.70 -13.61
CA ASP C 98 21.51 27.23 -14.96
C ASP C 98 20.88 25.88 -15.23
N VAL C 99 20.11 25.37 -14.28
CA VAL C 99 19.47 24.09 -14.50
C VAL C 99 18.27 24.24 -15.39
N SER C 100 18.21 23.42 -16.42
CA SER C 100 17.10 23.41 -17.35
C SER C 100 16.90 21.92 -17.55
N VAL C 101 15.77 21.53 -18.13
CA VAL C 101 15.50 20.12 -18.35
C VAL C 101 16.62 19.50 -19.19
N ASP C 102 17.02 20.21 -20.24
CA ASP C 102 18.08 19.72 -21.13
C ASP C 102 19.35 19.36 -20.39
N GLU C 103 19.67 20.13 -19.37
CA GLU C 103 20.86 19.90 -18.60
C GLU C 103 20.66 18.67 -17.75
N VAL C 104 19.57 18.68 -16.99
CA VAL C 104 19.25 17.57 -16.12
C VAL C 104 19.12 16.28 -16.94
N LYS C 105 18.51 16.35 -18.12
CA LYS C 105 18.37 15.15 -18.96
C LYS C 105 19.73 14.61 -19.37
N ALA C 106 20.66 15.53 -19.57
CA ALA C 106 22.02 15.22 -19.97
C ALA C 106 22.81 14.55 -18.86
N LEU C 107 22.88 15.25 -17.71
CA LEU C 107 23.60 14.74 -16.56
C LEU C 107 23.02 13.38 -16.18
N ALA C 108 21.72 13.22 -16.33
CA ALA C 108 21.09 11.96 -15.97
C ALA C 108 21.68 10.85 -16.83
N SER C 109 21.72 11.07 -18.14
CA SER C 109 22.27 10.08 -19.06
C SER C 109 23.75 9.82 -18.82
N LEU C 110 24.48 10.82 -18.35
CA LEU C 110 25.88 10.60 -18.07
C LEU C 110 26.00 9.68 -16.88
N MET C 111 25.04 9.78 -15.95
CA MET C 111 25.07 8.94 -14.76
C MET C 111 25.00 7.46 -15.09
N THR C 112 24.12 7.09 -16.01
CA THR C 112 23.97 5.69 -16.35
C THR C 112 25.19 5.07 -17.04
N TYR C 113 25.74 5.76 -18.01
CA TYR C 113 26.91 5.25 -18.71
C TYR C 113 28.07 5.28 -17.71
N LYS C 114 28.07 6.30 -16.85
CA LYS C 114 29.11 6.43 -15.82
C LYS C 114 29.09 5.14 -15.02
N CYS C 115 27.91 4.74 -14.57
CA CYS C 115 27.78 3.52 -13.79
C CYS C 115 28.17 2.26 -14.55
N ALA C 116 27.89 2.23 -15.84
CA ALA C 116 28.21 1.06 -16.68
C ALA C 116 29.73 0.86 -16.76
N VAL C 117 30.45 1.96 -16.89
CA VAL C 117 31.90 1.92 -16.96
C VAL C 117 32.47 1.32 -15.67
N VAL C 118 31.98 1.85 -14.56
CA VAL C 118 32.44 1.47 -13.24
C VAL C 118 31.74 0.29 -12.53
N ASP C 119 30.74 -0.29 -13.18
CA ASP C 119 30.03 -1.46 -12.64
C ASP C 119 29.26 -1.29 -11.34
N VAL C 120 28.44 -0.25 -11.30
CA VAL C 120 27.60 0.05 -10.16
C VAL C 120 26.23 -0.24 -10.77
N PRO C 121 25.48 -1.16 -10.19
CA PRO C 121 24.13 -1.56 -10.64
C PRO C 121 22.99 -0.55 -10.52
N PHE C 122 23.20 0.63 -11.08
CA PHE C 122 22.19 1.69 -11.04
C PHE C 122 21.94 2.29 -12.42
N GLY C 123 20.69 2.63 -12.69
CA GLY C 123 20.36 3.29 -13.93
C GLY C 123 20.61 4.77 -13.65
N GLY C 124 20.80 5.57 -14.68
CA GLY C 124 21.10 6.97 -14.47
C GLY C 124 19.95 7.91 -14.16
N ALA C 125 20.23 8.89 -13.30
CA ALA C 125 19.24 9.91 -12.93
C ALA C 125 19.93 11.19 -12.47
N LYS C 126 19.17 12.27 -12.42
CA LYS C 126 19.75 13.54 -12.01
C LYS C 126 18.68 14.58 -11.71
N ALA C 127 18.97 15.46 -10.74
CA ALA C 127 18.01 16.49 -10.38
C ALA C 127 18.60 17.89 -10.41
N GLY C 128 17.72 18.88 -10.52
CA GLY C 128 18.13 20.27 -10.52
C GLY C 128 17.04 21.18 -9.98
N VAL C 129 17.43 22.11 -9.12
CA VAL C 129 16.48 23.09 -8.56
C VAL C 129 17.02 24.46 -8.95
N LYS C 130 16.29 25.16 -9.82
CA LYS C 130 16.72 26.46 -10.32
C LYS C 130 16.79 27.61 -9.32
N ILE C 131 17.80 27.59 -8.45
CA ILE C 131 17.99 28.66 -7.48
C ILE C 131 19.49 28.90 -7.30
N ASN C 132 19.81 30.07 -6.78
CA ASN C 132 21.20 30.39 -6.49
C ASN C 132 21.21 30.32 -4.96
N PRO C 133 21.74 29.23 -4.42
CA PRO C 133 21.78 29.07 -2.96
C PRO C 133 22.37 30.26 -2.22
N LYS C 134 23.28 30.96 -2.90
CA LYS C 134 23.95 32.10 -2.32
C LYS C 134 23.03 33.23 -1.97
N ASN C 135 21.78 33.16 -2.42
CA ASN C 135 20.78 34.18 -2.16
C ASN C 135 19.66 33.70 -1.24
N TYR C 136 19.87 32.57 -0.56
CA TYR C 136 18.84 32.04 0.33
C TYR C 136 19.46 31.72 1.68
N THR C 137 18.71 31.98 2.73
CA THR C 137 19.17 31.72 4.08
C THR C 137 19.14 30.22 4.27
N ASP C 138 19.81 29.75 5.30
CA ASP C 138 19.84 28.33 5.60
C ASP C 138 18.41 27.86 5.81
N ASN C 139 17.64 28.67 6.52
CA ASN C 139 16.27 28.30 6.78
C ASN C 139 15.43 28.14 5.52
N GLU C 140 15.64 29.00 4.54
CA GLU C 140 14.88 28.95 3.29
C GLU C 140 15.32 27.75 2.45
N LEU C 141 16.61 27.45 2.49
CA LEU C 141 17.12 26.32 1.72
C LEU C 141 16.47 25.05 2.21
N GLU C 142 16.57 24.82 3.52
CA GLU C 142 15.98 23.63 4.12
C GLU C 142 14.52 23.47 3.71
N LYS C 143 13.73 24.55 3.81
CA LYS C 143 12.34 24.46 3.41
C LYS C 143 12.28 23.99 1.97
N ILE C 144 13.15 24.52 1.14
CA ILE C 144 13.14 24.14 -0.26
C ILE C 144 13.53 22.68 -0.46
N THR C 145 14.68 22.25 0.05
CA THR C 145 15.07 20.87 -0.16
C THR C 145 14.08 19.86 0.46
N ARG C 146 13.44 20.22 1.56
CA ARG C 146 12.48 19.30 2.15
C ARG C 146 11.25 19.18 1.28
N ARG C 147 10.66 20.31 0.96
CA ARG C 147 9.46 20.32 0.12
C ARG C 147 9.75 19.68 -1.22
N PHE C 148 10.99 19.77 -1.65
CA PHE C 148 11.37 19.21 -2.94
C PHE C 148 11.38 17.70 -2.84
N THR C 149 11.84 17.18 -1.70
CA THR C 149 11.85 15.75 -1.47
C THR C 149 10.41 15.24 -1.50
N MET C 150 9.47 15.99 -0.92
CA MET C 150 8.09 15.55 -0.91
C MET C 150 7.48 15.45 -2.30
N GLU C 151 7.59 16.52 -3.08
CA GLU C 151 7.02 16.53 -4.42
C GLU C 151 7.66 15.47 -5.33
N LEU C 152 8.85 15.01 -4.95
CA LEU C 152 9.51 13.96 -5.71
C LEU C 152 8.91 12.65 -5.27
N ALA C 153 8.80 12.48 -3.96
CA ALA C 153 8.24 11.31 -3.35
C ALA C 153 6.87 11.02 -3.93
N LYS C 154 5.96 11.97 -3.77
CA LYS C 154 4.61 11.82 -4.27
C LYS C 154 4.51 11.26 -5.69
N LYS C 155 5.53 11.45 -6.53
CA LYS C 155 5.43 10.99 -7.92
C LYS C 155 6.35 9.85 -8.33
N GLY C 156 6.98 9.24 -7.34
CA GLY C 156 7.87 8.12 -7.59
C GLY C 156 9.23 8.55 -8.10
N PHE C 157 9.68 9.72 -7.67
CA PHE C 157 10.98 10.20 -8.11
C PHE C 157 12.06 10.27 -7.05
N ILE C 158 11.94 9.39 -6.06
CA ILE C 158 12.87 9.22 -4.95
C ILE C 158 12.33 8.05 -4.12
N GLY C 159 13.21 7.13 -3.77
CA GLY C 159 12.84 5.96 -3.00
C GLY C 159 14.01 5.00 -3.04
N PRO C 160 14.21 4.19 -2.01
CA PRO C 160 15.29 3.21 -1.89
C PRO C 160 15.48 2.29 -3.08
N GLY C 161 14.40 1.84 -3.69
CA GLY C 161 14.53 0.96 -4.82
C GLY C 161 14.02 1.58 -6.12
N VAL C 162 13.92 2.90 -6.15
CA VAL C 162 13.42 3.59 -7.34
C VAL C 162 14.44 4.54 -7.92
N ASP C 163 14.74 5.55 -7.12
CA ASP C 163 15.64 6.62 -7.52
C ASP C 163 16.30 7.12 -6.24
N VAL C 164 17.63 7.03 -6.20
CA VAL C 164 18.41 7.43 -5.04
C VAL C 164 19.32 8.64 -5.33
N PRO C 165 18.93 9.83 -4.86
CA PRO C 165 19.70 11.06 -5.07
C PRO C 165 21.05 11.07 -4.37
N ALA C 166 21.78 12.17 -4.50
CA ALA C 166 23.10 12.35 -3.90
C ALA C 166 23.52 13.80 -4.12
N PRO C 167 24.72 14.19 -3.65
CA PRO C 167 25.07 15.60 -3.87
C PRO C 167 25.61 15.92 -5.26
N ASP C 168 25.54 17.20 -5.63
CA ASP C 168 26.11 17.70 -6.87
C ASP C 168 26.47 19.18 -6.62
N MET C 169 26.20 20.07 -7.56
CA MET C 169 26.54 21.46 -7.34
C MET C 169 25.73 22.21 -6.31
N SER C 170 26.44 22.76 -5.32
CA SER C 170 25.85 23.55 -4.24
C SER C 170 24.97 22.76 -3.28
N THR C 171 25.20 21.45 -3.21
CA THR C 171 24.45 20.58 -2.32
C THR C 171 25.47 19.67 -1.67
N GLY C 172 25.44 19.62 -0.35
CA GLY C 172 26.38 18.78 0.35
C GLY C 172 25.63 17.81 1.21
N GLU C 173 26.30 17.27 2.23
CA GLU C 173 25.68 16.31 3.12
C GLU C 173 24.58 17.01 3.94
N ARG C 174 24.61 18.34 4.02
CA ARG C 174 23.58 19.04 4.76
C ARG C 174 22.23 18.87 4.06
N GLU C 175 22.23 18.93 2.75
CA GLU C 175 21.02 18.80 1.94
C GLU C 175 20.53 17.36 1.93
N MET C 176 21.49 16.44 1.87
CA MET C 176 21.21 15.02 1.85
C MET C 176 20.57 14.66 3.18
N SER C 177 21.11 15.23 4.24
CA SER C 177 20.63 15.00 5.58
C SER C 177 19.17 15.40 5.74
N TRP C 178 18.77 16.51 5.12
CA TRP C 178 17.38 16.95 5.21
C TRP C 178 16.51 16.04 4.33
N ILE C 179 17.03 15.64 3.18
CA ILE C 179 16.28 14.76 2.26
C ILE C 179 15.94 13.46 2.96
N ALA C 180 16.95 12.79 3.48
CA ALA C 180 16.73 11.54 4.19
C ALA C 180 15.68 11.75 5.29
N ASP C 181 15.90 12.74 6.16
CA ASP C 181 14.98 13.04 7.25
C ASP C 181 13.51 13.19 6.83
N THR C 182 13.25 13.99 5.80
CA THR C 182 11.90 14.18 5.30
C THR C 182 11.31 12.86 4.83
N TYR C 183 12.08 12.10 4.05
CA TYR C 183 11.61 10.80 3.54
C TYR C 183 11.32 9.79 4.66
N ALA C 184 12.32 9.51 5.49
CA ALA C 184 12.17 8.53 6.55
C ALA C 184 11.13 8.91 7.62
N SER C 185 10.75 10.17 7.62
CA SER C 185 9.81 10.65 8.61
C SER C 185 8.40 10.66 8.07
N THR C 186 8.27 10.53 6.76
CA THR C 186 6.96 10.53 6.16
C THR C 186 6.72 9.27 5.31
N ILE C 187 6.95 9.33 4.00
CA ILE C 187 6.74 8.19 3.10
C ILE C 187 7.40 6.90 3.59
N GLY C 188 8.64 7.00 4.04
CA GLY C 188 9.34 5.82 4.49
C GLY C 188 9.28 5.48 5.96
N HIS C 189 8.25 5.92 6.68
CA HIS C 189 8.17 5.62 8.10
C HIS C 189 8.19 4.12 8.40
N TYR C 190 7.66 3.31 7.47
CA TYR C 190 7.65 1.86 7.66
C TYR C 190 8.73 1.13 6.85
N ASP C 191 9.41 1.84 5.95
CA ASP C 191 10.44 1.24 5.14
C ASP C 191 11.68 0.91 5.96
N ILE C 192 12.05 -0.37 5.94
CA ILE C 192 13.21 -0.80 6.69
C ILE C 192 14.48 -0.27 6.03
N ASN C 193 14.35 0.19 4.79
CA ASN C 193 15.49 0.74 4.03
C ASN C 193 15.34 2.24 3.76
N ALA C 194 14.50 2.90 4.55
CA ALA C 194 14.22 4.33 4.41
C ALA C 194 15.43 5.24 4.23
N HIS C 195 16.48 5.04 5.00
CA HIS C 195 17.64 5.88 4.91
C HIS C 195 18.52 5.57 3.73
N ALA C 196 18.10 4.64 2.89
CA ALA C 196 18.88 4.28 1.72
C ALA C 196 18.24 4.96 0.52
N CYS C 197 17.47 6.01 0.80
CA CYS C 197 16.77 6.76 -0.23
C CYS C 197 17.67 7.85 -0.83
N VAL C 198 18.87 7.99 -0.28
CA VAL C 198 19.79 9.00 -0.76
C VAL C 198 21.18 8.74 -0.17
N THR C 199 22.21 9.13 -0.90
CA THR C 199 23.59 8.93 -0.45
C THR C 199 24.30 10.25 -0.24
N GLY C 200 25.52 10.20 0.29
CA GLY C 200 26.24 11.43 0.55
C GLY C 200 25.69 12.09 1.81
N LYS C 201 25.14 11.28 2.71
CA LYS C 201 24.56 11.75 3.98
C LYS C 201 25.65 11.89 5.03
N PRO C 202 25.37 12.64 6.11
CA PRO C 202 26.37 12.82 7.17
C PRO C 202 26.60 11.44 7.73
N ILE C 203 27.79 11.16 8.23
CA ILE C 203 28.03 9.84 8.76
C ILE C 203 27.08 9.47 9.91
N SER C 204 26.70 10.45 10.73
CA SER C 204 25.80 10.20 11.84
C SER C 204 24.39 9.88 11.32
N GLN C 205 24.13 10.23 10.06
CA GLN C 205 22.85 10.00 9.40
C GLN C 205 22.86 8.70 8.59
N GLY C 206 23.93 7.93 8.70
CA GLY C 206 24.01 6.70 7.95
C GLY C 206 24.90 6.88 6.73
N GLY C 207 25.73 7.90 6.73
CA GLY C 207 26.65 8.12 5.63
C GLY C 207 27.79 7.12 5.81
N ILE C 208 28.69 7.05 4.84
CA ILE C 208 29.79 6.13 4.94
C ILE C 208 31.09 6.91 4.89
N HIS C 209 32.17 6.30 5.37
CA HIS C 209 33.44 6.95 5.43
C HIS C 209 34.06 7.32 4.09
N GLY C 210 34.41 8.59 3.97
CA GLY C 210 35.05 9.07 2.76
C GLY C 210 34.18 9.33 1.56
N ARG C 211 32.88 9.51 1.75
CA ARG C 211 32.07 9.78 0.59
C ARG C 211 32.29 11.21 0.20
N ILE C 212 32.66 12.06 1.14
CA ILE C 212 32.84 13.45 0.74
C ILE C 212 34.03 13.62 -0.16
N SER C 213 35.16 13.03 0.22
CA SER C 213 36.37 13.12 -0.56
C SER C 213 36.43 12.02 -1.62
N ALA C 214 35.36 11.25 -1.70
CA ALA C 214 35.28 10.14 -2.64
C ALA C 214 35.68 10.47 -4.06
N THR C 215 35.06 11.48 -4.65
CA THR C 215 35.36 11.84 -6.03
C THR C 215 36.81 12.29 -6.24
N GLY C 216 37.35 13.09 -5.32
CA GLY C 216 38.72 13.52 -5.45
C GLY C 216 39.60 12.30 -5.44
N ARG C 217 39.41 11.43 -4.46
CA ARG C 217 40.20 10.20 -4.33
C ARG C 217 40.10 9.41 -5.62
N GLY C 218 38.90 9.41 -6.20
CA GLY C 218 38.67 8.70 -7.43
C GLY C 218 39.44 9.34 -8.57
N VAL C 219 39.33 10.67 -8.70
CA VAL C 219 40.02 11.39 -9.76
C VAL C 219 41.50 11.05 -9.69
N PHE C 220 42.02 11.00 -8.48
CA PHE C 220 43.42 10.66 -8.25
C PHE C 220 43.73 9.29 -8.87
N HIS C 221 42.99 8.27 -8.49
CA HIS C 221 43.21 6.94 -9.04
C HIS C 221 43.08 6.90 -10.55
N GLY C 222 42.13 7.67 -11.06
CA GLY C 222 41.93 7.72 -12.49
C GLY C 222 43.21 8.13 -13.18
N ILE C 223 43.73 9.28 -12.78
CA ILE C 223 44.96 9.81 -13.35
C ILE C 223 46.11 8.82 -13.09
N GLU C 224 46.28 8.41 -11.83
CA GLU C 224 47.34 7.48 -11.47
C GLU C 224 47.44 6.28 -12.42
N ASN C 225 46.30 5.71 -12.76
CA ASN C 225 46.27 4.57 -13.66
C ASN C 225 46.78 4.89 -15.05
N PHE C 226 46.64 6.15 -15.46
CA PHE C 226 47.11 6.52 -16.78
C PHE C 226 48.49 7.18 -16.78
N ILE C 227 48.78 7.97 -15.76
CA ILE C 227 50.07 8.63 -15.70
C ILE C 227 51.19 7.64 -15.35
N ASN C 228 50.84 6.36 -15.30
CA ASN C 228 51.81 5.30 -15.03
C ASN C 228 51.69 4.18 -16.06
N GLU C 229 51.59 4.53 -17.34
CA GLU C 229 51.49 3.50 -18.38
C GLU C 229 52.65 3.52 -19.39
N ALA C 230 53.24 4.69 -19.63
CA ALA C 230 54.34 4.81 -20.59
C ALA C 230 53.80 4.70 -22.01
N SER C 231 52.99 3.67 -22.22
CA SER C 231 52.35 3.43 -23.49
C SER C 231 51.65 4.72 -23.88
N TYR C 232 51.00 5.31 -22.87
CA TYR C 232 50.27 6.55 -23.04
C TYR C 232 51.18 7.73 -22.71
N MET C 233 52.06 7.57 -21.71
CA MET C 233 52.98 8.66 -21.33
C MET C 233 54.00 9.03 -22.41
N SER C 234 54.42 8.04 -23.19
CA SER C 234 55.38 8.26 -24.28
C SER C 234 54.73 9.17 -25.31
N ILE C 235 53.57 8.75 -25.79
CA ILE C 235 52.82 9.50 -26.78
C ILE C 235 52.63 10.97 -26.39
N LEU C 236 52.82 11.27 -25.11
CA LEU C 236 52.65 12.64 -24.60
C LEU C 236 53.99 13.30 -24.31
N GLY C 237 55.08 12.55 -24.45
CA GLY C 237 56.37 13.12 -24.13
C GLY C 237 56.38 13.50 -22.66
N MET C 238 56.04 12.52 -21.82
CA MET C 238 55.98 12.73 -20.39
C MET C 238 56.53 11.53 -19.64
N THR C 239 57.24 11.82 -18.56
CA THR C 239 57.79 10.76 -17.72
C THR C 239 56.70 10.23 -16.83
N PRO C 240 56.66 8.90 -16.61
CA PRO C 240 55.60 8.40 -15.74
C PRO C 240 55.76 8.91 -14.30
N GLY C 241 54.67 8.90 -13.53
CA GLY C 241 54.72 9.35 -12.15
C GLY C 241 54.22 10.77 -11.86
N PHE C 242 53.73 10.99 -10.64
CA PHE C 242 53.24 12.30 -10.25
C PHE C 242 54.35 13.24 -9.76
N GLY C 243 55.38 12.65 -9.16
CA GLY C 243 56.49 13.43 -8.61
C GLY C 243 56.97 14.70 -9.29
N ASP C 244 56.89 14.73 -10.62
CA ASP C 244 57.35 15.89 -11.36
C ASP C 244 56.26 16.54 -12.21
N LYS C 245 55.04 16.56 -11.69
CA LYS C 245 53.95 17.15 -12.45
C LYS C 245 53.36 18.34 -11.72
N THR C 246 52.83 19.27 -12.50
CA THR C 246 52.20 20.44 -11.95
C THR C 246 50.81 20.45 -12.54
N PHE C 247 49.80 20.67 -11.71
CA PHE C 247 48.43 20.72 -12.21
C PHE C 247 47.73 22.01 -11.76
N ALA C 248 46.62 22.28 -12.41
CA ALA C 248 45.78 23.45 -12.13
C ALA C 248 44.36 22.91 -12.18
N VAL C 249 43.54 23.36 -11.24
CA VAL C 249 42.15 22.91 -11.17
C VAL C 249 41.13 24.04 -11.13
N GLN C 250 40.08 23.90 -11.94
CA GLN C 250 39.00 24.87 -12.04
C GLN C 250 37.87 24.43 -11.11
N GLY C 251 37.72 25.13 -9.99
CA GLY C 251 36.70 24.79 -9.03
C GLY C 251 37.32 24.24 -7.76
N PHE C 252 37.18 24.96 -6.66
CA PHE C 252 37.72 24.54 -5.38
C PHE C 252 36.52 24.10 -4.53
N GLY C 253 35.85 23.05 -4.98
CA GLY C 253 34.68 22.52 -4.28
C GLY C 253 34.86 21.09 -3.81
N ASN C 254 33.76 20.32 -3.78
CA ASN C 254 33.87 18.95 -3.31
C ASN C 254 34.80 18.12 -4.16
N VAL C 255 34.61 18.19 -5.48
CA VAL C 255 35.42 17.43 -6.41
C VAL C 255 36.76 18.13 -6.69
N GLY C 256 36.76 19.46 -6.62
CA GLY C 256 37.97 20.25 -6.82
C GLY C 256 38.97 20.18 -5.67
N LEU C 257 38.56 20.66 -4.49
CA LEU C 257 39.40 20.63 -3.29
C LEU C 257 40.09 19.29 -3.07
N HIS C 258 39.31 18.21 -2.98
CA HIS C 258 39.87 16.90 -2.74
C HIS C 258 40.74 16.35 -3.85
N SER C 259 40.47 16.79 -5.08
CA SER C 259 41.29 16.36 -6.18
C SER C 259 42.67 16.93 -5.93
N MET C 260 42.71 18.21 -5.61
CA MET C 260 43.95 18.92 -5.33
C MET C 260 44.66 18.27 -4.14
N ARG C 261 43.89 17.95 -3.10
CA ARG C 261 44.42 17.33 -1.92
C ARG C 261 45.20 16.06 -2.20
N TYR C 262 44.57 15.11 -2.88
CA TYR C 262 45.23 13.85 -3.16
C TYR C 262 46.42 13.96 -4.09
N LEU C 263 46.31 14.72 -5.16
CA LEU C 263 47.46 14.87 -6.07
C LEU C 263 48.68 15.42 -5.32
N HIS C 264 48.46 16.47 -4.53
CA HIS C 264 49.50 17.11 -3.74
C HIS C 264 50.13 16.08 -2.82
N ARG C 265 49.31 15.21 -2.25
CA ARG C 265 49.78 14.16 -1.36
C ARG C 265 50.80 13.26 -2.03
N PHE C 266 50.68 13.11 -3.35
CA PHE C 266 51.59 12.27 -4.09
C PHE C 266 52.60 13.05 -4.93
N GLY C 267 53.14 14.11 -4.34
CA GLY C 267 54.16 14.92 -5.00
C GLY C 267 53.82 15.68 -6.26
N ALA C 268 52.54 15.99 -6.46
CA ALA C 268 52.13 16.75 -7.63
C ALA C 268 52.04 18.16 -7.08
N LYS C 269 52.20 19.15 -7.95
CA LYS C 269 52.19 20.54 -7.51
C LYS C 269 51.05 21.34 -8.09
N CYS C 270 50.23 21.91 -7.22
CA CYS C 270 49.11 22.72 -7.65
C CYS C 270 49.61 24.13 -7.92
N VAL C 271 49.61 24.52 -9.19
CA VAL C 271 50.08 25.84 -9.56
C VAL C 271 48.95 26.84 -9.78
N ALA C 272 47.72 26.35 -9.86
CA ALA C 272 46.59 27.23 -10.05
C ALA C 272 45.29 26.67 -9.51
N VAL C 273 44.45 27.55 -8.97
CA VAL C 273 43.15 27.17 -8.45
C VAL C 273 42.18 28.25 -8.88
N GLY C 274 41.01 27.85 -9.34
CA GLY C 274 40.06 28.86 -9.79
C GLY C 274 38.67 28.76 -9.19
N GLU C 275 37.87 29.77 -9.46
CA GLU C 275 36.50 29.87 -8.98
C GLU C 275 35.70 30.74 -9.92
N SER C 276 34.52 31.20 -9.50
CA SER C 276 33.70 32.03 -10.34
C SER C 276 34.18 33.47 -10.27
N ASP C 277 34.63 33.88 -9.10
CA ASP C 277 35.12 35.23 -8.94
C ASP C 277 36.47 35.44 -9.63
N GLY C 278 37.33 34.42 -9.61
CA GLY C 278 38.62 34.53 -10.26
C GLY C 278 39.56 33.35 -10.04
N SER C 279 40.80 33.45 -10.54
CA SER C 279 41.77 32.38 -10.35
C SER C 279 42.99 32.89 -9.61
N ILE C 280 43.73 31.99 -8.97
CA ILE C 280 44.94 32.38 -8.29
C ILE C 280 46.05 31.52 -8.86
N TRP C 281 47.29 31.90 -8.62
CA TRP C 281 48.41 31.18 -9.20
C TRP C 281 49.67 31.29 -8.37
N ASN C 282 50.62 30.42 -8.71
CA ASN C 282 51.90 30.35 -8.04
C ASN C 282 52.69 29.23 -8.68
N PRO C 283 53.76 29.57 -9.42
CA PRO C 283 54.56 28.53 -10.07
C PRO C 283 55.25 27.57 -9.09
N ASP C 284 55.52 28.05 -7.88
CA ASP C 284 56.17 27.24 -6.86
C ASP C 284 55.19 26.31 -6.16
N GLY C 285 53.91 26.43 -6.50
CA GLY C 285 52.89 25.58 -5.90
C GLY C 285 52.07 26.18 -4.76
N ILE C 286 50.78 25.83 -4.72
CA ILE C 286 49.87 26.29 -3.68
C ILE C 286 49.52 25.09 -2.80
N ASP C 287 49.37 25.30 -1.50
CA ASP C 287 49.06 24.20 -0.59
C ASP C 287 47.55 24.08 -0.34
N PRO C 288 47.02 22.86 -0.42
CA PRO C 288 45.61 22.53 -0.23
C PRO C 288 45.04 22.90 1.14
N LYS C 289 45.81 22.69 2.19
CA LYS C 289 45.32 22.99 3.52
C LYS C 289 45.20 24.47 3.87
N GLU C 290 46.21 25.28 3.55
CA GLU C 290 46.13 26.71 3.88
C GLU C 290 45.16 27.45 2.96
N LEU C 291 45.02 26.98 1.73
CA LEU C 291 44.10 27.60 0.78
C LEU C 291 42.68 27.34 1.28
N GLU C 292 42.46 26.13 1.76
CA GLU C 292 41.14 25.76 2.26
C GLU C 292 40.73 26.56 3.48
N ASP C 293 41.67 26.77 4.39
CA ASP C 293 41.38 27.53 5.59
C ASP C 293 41.17 29.00 5.26
N PHE C 294 41.90 29.50 4.27
CA PHE C 294 41.74 30.90 3.86
C PHE C 294 40.32 31.01 3.30
N LYS C 295 39.99 30.08 2.41
CA LYS C 295 38.68 30.02 1.77
C LYS C 295 37.54 29.90 2.78
N LEU C 296 37.73 29.14 3.86
CA LEU C 296 36.69 28.99 4.87
C LEU C 296 36.53 30.28 5.67
N GLN C 297 37.65 30.84 6.09
CA GLN C 297 37.68 32.07 6.87
C GLN C 297 37.20 33.31 6.11
N HIS C 298 37.60 33.42 4.85
CA HIS C 298 37.28 34.57 3.99
C HIS C 298 36.23 34.36 2.89
N GLY C 299 35.76 33.13 2.74
CA GLY C 299 34.76 32.86 1.73
C GLY C 299 35.15 33.06 0.28
N THR C 300 36.45 32.97 -0.03
CA THR C 300 36.94 33.14 -1.40
C THR C 300 38.42 32.80 -1.43
N ILE C 301 38.92 32.45 -2.61
CA ILE C 301 40.34 32.10 -2.75
C ILE C 301 41.13 33.33 -3.13
N LEU C 302 40.43 34.31 -3.69
CA LEU C 302 41.05 35.57 -4.09
C LEU C 302 41.54 36.30 -2.86
N GLY C 303 42.84 36.61 -2.83
CA GLY C 303 43.42 37.31 -1.70
C GLY C 303 44.38 36.43 -0.93
N PHE C 304 44.40 35.13 -1.25
CA PHE C 304 45.29 34.19 -0.57
C PHE C 304 46.73 34.70 -0.56
N PRO C 305 47.28 34.93 0.64
CA PRO C 305 48.65 35.43 0.73
C PRO C 305 49.75 34.73 -0.07
N LYS C 306 49.89 33.41 0.06
CA LYS C 306 50.95 32.71 -0.67
C LYS C 306 50.66 32.45 -2.14
N ALA C 307 50.09 33.44 -2.83
CA ALA C 307 49.78 33.32 -4.25
C ALA C 307 49.23 34.63 -4.79
N LYS C 308 49.52 34.90 -6.07
CA LYS C 308 49.08 36.11 -6.75
C LYS C 308 47.73 35.89 -7.40
N ILE C 309 47.00 36.97 -7.68
CA ILE C 309 45.69 36.88 -8.31
C ILE C 309 45.82 36.79 -9.85
N TYR C 310 46.12 35.59 -10.36
CA TYR C 310 46.31 35.35 -11.79
C TYR C 310 45.23 35.96 -12.66
N GLU C 311 45.66 36.81 -13.60
CA GLU C 311 44.71 37.42 -14.51
C GLU C 311 44.76 36.58 -15.78
N GLY C 312 43.62 36.00 -16.14
CA GLY C 312 43.56 35.16 -17.32
C GLY C 312 42.98 33.79 -17.02
N SER C 313 42.47 33.15 -18.06
CA SER C 313 41.84 31.83 -18.00
C SER C 313 42.63 30.75 -17.25
N ILE C 314 41.96 30.15 -16.27
CA ILE C 314 42.53 29.08 -15.45
C ILE C 314 42.69 27.84 -16.33
N LEU C 315 41.89 27.78 -17.40
CA LEU C 315 41.90 26.67 -18.33
C LEU C 315 43.06 26.79 -19.30
N GLU C 316 43.78 27.90 -19.23
CA GLU C 316 44.90 28.11 -20.16
C GLU C 316 46.26 28.16 -19.50
N VAL C 317 46.29 28.26 -18.18
CA VAL C 317 47.53 28.33 -17.43
C VAL C 317 48.51 27.21 -17.82
N ASP C 318 49.79 27.47 -17.63
CA ASP C 318 50.82 26.48 -17.95
C ASP C 318 50.97 25.47 -16.84
N CYS C 319 50.71 24.21 -17.19
CA CYS C 319 50.79 23.10 -16.25
C CYS C 319 50.78 21.81 -17.05
N ASP C 320 50.92 20.69 -16.32
CA ASP C 320 50.94 19.35 -16.91
C ASP C 320 49.53 18.79 -17.05
N ILE C 321 48.75 18.91 -15.97
CA ILE C 321 47.38 18.40 -15.95
C ILE C 321 46.35 19.46 -15.57
N LEU C 322 45.30 19.56 -16.39
CA LEU C 322 44.23 20.52 -16.15
C LEU C 322 42.99 19.79 -15.63
N ILE C 323 42.55 20.17 -14.44
CA ILE C 323 41.40 19.54 -13.81
C ILE C 323 40.13 20.38 -13.79
N PRO C 324 39.20 20.14 -14.72
CA PRO C 324 37.96 20.95 -14.68
C PRO C 324 37.00 20.37 -13.63
N ALA C 325 36.72 21.12 -12.58
CA ALA C 325 35.82 20.66 -11.53
C ALA C 325 34.67 21.67 -11.33
N ALA C 326 34.36 22.42 -12.38
CA ALA C 326 33.28 23.40 -12.34
C ALA C 326 32.10 22.83 -13.11
N SER C 327 31.36 23.71 -13.79
CA SER C 327 30.21 23.27 -14.57
C SER C 327 30.63 22.72 -15.93
N GLU C 328 29.65 22.41 -16.77
CA GLU C 328 29.92 21.84 -18.10
C GLU C 328 30.46 22.83 -19.15
N LYS C 329 30.79 22.29 -20.32
CA LYS C 329 31.30 23.06 -21.46
C LYS C 329 32.20 24.24 -21.11
N GLN C 330 33.28 23.97 -20.40
CA GLN C 330 34.23 24.99 -20.04
C GLN C 330 35.30 25.06 -21.15
N LEU C 331 35.70 23.88 -21.63
CA LEU C 331 36.67 23.77 -22.72
C LEU C 331 35.87 23.65 -24.01
N THR C 332 35.86 24.73 -24.79
CA THR C 332 35.16 24.77 -26.08
C THR C 332 36.13 24.85 -27.25
N LYS C 333 35.58 24.92 -28.47
CA LYS C 333 36.40 25.00 -29.68
C LYS C 333 37.32 26.21 -29.69
N SER C 334 36.85 27.30 -29.08
CA SER C 334 37.60 28.55 -28.98
C SER C 334 38.93 28.37 -28.28
N ASN C 335 38.86 28.38 -26.96
CA ASN C 335 40.03 28.24 -26.10
C ASN C 335 40.76 26.90 -26.18
N ALA C 336 40.14 25.88 -26.77
CA ALA C 336 40.78 24.56 -26.85
C ALA C 336 42.27 24.59 -27.26
N PRO C 337 42.61 25.25 -28.36
CA PRO C 337 44.00 25.32 -28.80
C PRO C 337 45.02 25.98 -27.84
N ARG C 338 44.52 26.79 -26.91
CA ARG C 338 45.42 27.48 -25.97
C ARG C 338 45.45 26.90 -24.57
N VAL C 339 45.58 25.58 -24.43
CA VAL C 339 45.55 24.97 -23.10
C VAL C 339 46.86 24.64 -22.37
N LYS C 340 47.96 24.51 -23.11
CA LYS C 340 49.25 24.20 -22.49
C LYS C 340 49.34 22.80 -21.86
N ALA C 341 48.42 22.43 -20.98
CA ALA C 341 48.46 21.11 -20.34
C ALA C 341 48.43 19.94 -21.34
N LYS C 342 49.10 18.85 -20.97
CA LYS C 342 49.15 17.66 -21.82
C LYS C 342 48.01 16.73 -21.45
N ILE C 343 47.65 16.73 -20.17
CA ILE C 343 46.58 15.88 -19.68
C ILE C 343 45.34 16.64 -19.20
N ILE C 344 44.18 16.17 -19.65
CA ILE C 344 42.89 16.75 -19.27
C ILE C 344 42.11 15.67 -18.50
N ALA C 345 42.04 15.82 -17.18
CA ALA C 345 41.31 14.88 -16.31
C ALA C 345 39.95 15.50 -16.06
N GLU C 346 38.95 15.05 -16.81
CA GLU C 346 37.61 15.59 -16.66
C GLU C 346 36.99 15.28 -15.31
N GLY C 347 37.11 16.24 -14.40
CA GLY C 347 36.53 16.07 -13.08
C GLY C 347 35.03 16.25 -13.09
N ALA C 348 34.57 17.32 -13.71
CA ALA C 348 33.15 17.59 -13.79
C ALA C 348 32.52 16.78 -14.90
N ASN C 349 31.19 16.87 -15.00
CA ASN C 349 30.47 16.14 -16.03
C ASN C 349 30.40 16.99 -17.28
N GLY C 350 30.94 16.43 -18.37
CA GLY C 350 30.96 17.09 -19.67
C GLY C 350 31.57 18.49 -19.63
N PRO C 351 32.81 18.63 -19.13
CA PRO C 351 33.41 19.96 -19.10
C PRO C 351 33.93 20.43 -20.46
N THR C 352 34.06 19.50 -21.42
CA THR C 352 34.53 19.86 -22.75
C THR C 352 33.58 19.41 -23.89
N THR C 353 33.37 20.35 -24.81
CA THR C 353 32.50 20.19 -25.99
C THR C 353 33.04 19.12 -26.95
N PRO C 354 32.20 18.65 -27.89
CA PRO C 354 32.70 17.62 -28.83
C PRO C 354 33.88 18.09 -29.66
N GLU C 355 33.88 19.38 -30.03
CA GLU C 355 34.96 19.93 -30.83
C GLU C 355 36.28 20.11 -30.08
N ALA C 356 36.21 20.43 -28.78
CA ALA C 356 37.42 20.59 -27.98
C ALA C 356 38.12 19.24 -27.98
N ASP C 357 37.31 18.18 -27.94
CA ASP C 357 37.82 16.82 -27.99
C ASP C 357 38.67 16.75 -29.26
N LYS C 358 37.97 16.85 -30.38
CA LYS C 358 38.56 16.84 -31.71
C LYS C 358 39.93 17.56 -31.73
N ILE C 359 39.96 18.82 -31.28
CA ILE C 359 41.18 19.60 -31.23
C ILE C 359 42.23 18.92 -30.34
N PHE C 360 41.82 18.55 -29.12
CA PHE C 360 42.72 17.89 -28.17
C PHE C 360 43.29 16.59 -28.75
N LEU C 361 42.51 15.91 -29.59
CA LEU C 361 42.97 14.67 -30.20
C LEU C 361 44.13 15.04 -31.11
N GLU C 362 43.86 15.98 -32.02
CA GLU C 362 44.86 16.45 -32.95
C GLU C 362 46.04 17.04 -32.17
N ARG C 363 45.77 18.01 -31.30
CA ARG C 363 46.82 18.64 -30.49
C ARG C 363 47.62 17.63 -29.68
N ASN C 364 47.16 16.37 -29.67
CA ASN C 364 47.77 15.27 -28.93
C ASN C 364 47.85 15.51 -27.45
N ILE C 365 46.68 15.81 -26.89
CA ILE C 365 46.50 16.08 -25.47
C ILE C 365 45.49 15.05 -25.03
N MET C 366 45.89 14.23 -24.05
CA MET C 366 45.04 13.18 -23.53
C MET C 366 43.92 13.66 -22.61
N VAL C 367 42.70 13.22 -22.92
CA VAL C 367 41.52 13.60 -22.14
C VAL C 367 40.91 12.37 -21.49
N ILE C 368 41.09 12.26 -20.17
CA ILE C 368 40.52 11.15 -19.41
C ILE C 368 39.05 11.52 -19.21
N PRO C 369 38.16 10.83 -19.92
CA PRO C 369 36.71 11.06 -19.86
C PRO C 369 36.03 11.09 -18.50
N ASP C 370 35.09 12.01 -18.37
CA ASP C 370 34.34 12.23 -17.14
C ASP C 370 33.64 10.96 -16.69
N LEU C 371 33.01 10.27 -17.62
CA LEU C 371 32.26 9.07 -17.27
C LEU C 371 33.08 7.91 -16.75
N TYR C 372 34.35 8.16 -16.44
CA TYR C 372 35.22 7.14 -15.86
C TYR C 372 35.96 7.81 -14.71
N LEU C 373 36.65 8.89 -15.06
CA LEU C 373 37.44 9.65 -14.11
C LEU C 373 36.69 10.12 -12.87
N ASN C 374 35.44 10.56 -13.01
CA ASN C 374 34.69 11.02 -11.83
C ASN C 374 33.68 9.99 -11.29
N ALA C 375 33.83 8.73 -11.69
CA ALA C 375 32.93 7.67 -11.25
C ALA C 375 33.17 7.23 -9.82
N GLY C 376 34.19 7.78 -9.18
CA GLY C 376 34.49 7.41 -7.81
C GLY C 376 33.39 7.80 -6.85
N GLY C 377 32.62 8.82 -7.21
CA GLY C 377 31.54 9.28 -6.37
C GLY C 377 30.46 8.25 -6.17
N VAL C 378 29.95 7.71 -7.27
CA VAL C 378 28.88 6.71 -7.20
C VAL C 378 29.38 5.39 -6.71
N THR C 379 30.64 5.10 -6.98
CA THR C 379 31.17 3.85 -6.53
C THR C 379 31.06 3.87 -5.02
N VAL C 380 31.41 5.00 -4.41
CA VAL C 380 31.34 5.12 -2.97
C VAL C 380 29.91 5.30 -2.49
N SER C 381 29.07 5.96 -3.30
CA SER C 381 27.67 6.15 -2.95
C SER C 381 27.04 4.77 -2.91
N TYR C 382 27.41 3.92 -3.86
CA TYR C 382 26.90 2.56 -3.94
C TYR C 382 27.29 1.77 -2.67
N PHE C 383 28.49 2.02 -2.16
CA PHE C 383 28.93 1.35 -0.94
C PHE C 383 28.09 1.82 0.25
N GLU C 384 27.69 3.09 0.23
CA GLU C 384 26.89 3.67 1.30
C GLU C 384 25.53 3.00 1.28
N TRP C 385 25.00 2.83 0.08
CA TRP C 385 23.70 2.24 -0.15
C TRP C 385 23.68 0.80 0.35
N LEU C 386 24.76 0.07 0.08
CA LEU C 386 24.87 -1.30 0.52
C LEU C 386 24.93 -1.31 2.04
N LYS C 387 25.62 -0.31 2.59
CA LYS C 387 25.76 -0.21 4.02
C LYS C 387 24.39 -0.05 4.64
N ASN C 388 23.59 0.84 4.06
CA ASN C 388 22.27 1.08 4.57
C ASN C 388 21.41 -0.15 4.56
N LEU C 389 21.50 -0.93 3.48
CA LEU C 389 20.72 -2.15 3.37
C LEU C 389 21.15 -3.14 4.41
N ASN C 390 22.46 -3.28 4.59
CA ASN C 390 23.02 -4.22 5.54
C ASN C 390 22.70 -3.98 7.01
N HIS C 391 22.55 -2.71 7.37
CA HIS C 391 22.26 -2.31 8.74
C HIS C 391 23.32 -2.75 9.71
N VAL C 392 24.54 -2.87 9.23
CA VAL C 392 25.68 -3.22 10.07
C VAL C 392 26.83 -2.55 9.43
N SER C 393 27.69 -1.94 10.23
CA SER C 393 28.87 -1.30 9.68
C SER C 393 29.92 -2.39 9.49
N TYR C 394 30.57 -2.38 8.34
CA TYR C 394 31.58 -3.36 7.99
C TYR C 394 32.55 -3.72 9.12
N GLY C 395 32.68 -5.01 9.40
CA GLY C 395 33.62 -5.45 10.43
C GLY C 395 33.11 -5.79 11.83
N ARG C 396 32.04 -5.14 12.24
CA ARG C 396 31.46 -5.36 13.56
C ARG C 396 31.34 -6.82 13.95
N LEU C 397 30.56 -7.59 13.17
CA LEU C 397 30.35 -8.99 13.50
C LEU C 397 31.62 -9.86 13.51
N THR C 398 32.64 -9.46 12.77
CA THR C 398 33.84 -10.28 12.66
C THR C 398 35.20 -9.79 13.19
N PHE C 399 35.26 -8.57 13.66
CA PHE C 399 36.52 -8.03 14.14
C PHE C 399 37.27 -8.94 15.10
N LYS C 400 36.58 -9.40 16.15
CA LYS C 400 37.22 -10.26 17.12
C LYS C 400 37.52 -11.65 16.58
N TYR C 401 36.59 -12.25 15.84
CA TYR C 401 36.81 -13.59 15.31
C TYR C 401 38.03 -13.68 14.42
N GLU C 402 38.19 -12.71 13.52
CA GLU C 402 39.33 -12.71 12.60
C GLU C 402 40.62 -12.50 13.33
N ARG C 403 40.63 -11.55 14.24
CA ARG C 403 41.81 -11.28 15.02
C ARG C 403 42.26 -12.59 15.67
N ASP C 404 41.38 -13.25 16.44
CA ASP C 404 41.76 -14.51 17.07
C ASP C 404 42.20 -15.54 16.03
N SER C 405 41.36 -15.70 15.00
CA SER C 405 41.62 -16.64 13.94
C SER C 405 42.99 -16.41 13.31
N ASN C 406 43.36 -15.16 13.13
CA ASN C 406 44.63 -14.81 12.52
C ASN C 406 45.83 -15.14 13.41
N TYR C 407 45.70 -14.90 14.69
CA TYR C 407 46.81 -15.17 15.59
C TYR C 407 47.05 -16.68 15.65
N HIS C 408 45.99 -17.46 15.48
CA HIS C 408 46.11 -18.90 15.49
C HIS C 408 46.72 -19.41 14.19
N LEU C 409 46.40 -18.72 13.10
CA LEU C 409 46.92 -19.13 11.81
C LEU C 409 48.44 -18.97 11.94
N LEU C 410 48.84 -17.79 12.37
CA LEU C 410 50.25 -17.49 12.56
C LEU C 410 50.85 -18.45 13.59
N MET C 411 50.09 -18.77 14.63
CA MET C 411 50.59 -19.68 15.65
C MET C 411 50.71 -21.12 15.10
N SER C 412 49.98 -21.43 14.04
CA SER C 412 50.04 -22.77 13.45
C SER C 412 51.35 -23.03 12.75
N VAL C 413 51.96 -22.00 12.18
CA VAL C 413 53.21 -22.20 11.49
C VAL C 413 54.31 -22.21 12.55
N GLN C 414 54.15 -21.36 13.56
CA GLN C 414 55.11 -21.29 14.64
C GLN C 414 55.25 -22.64 15.32
N GLU C 415 54.17 -23.14 15.91
CA GLU C 415 54.21 -24.42 16.61
C GLU C 415 54.67 -25.59 15.74
N SER C 416 54.45 -25.48 14.44
CA SER C 416 54.84 -26.53 13.49
C SER C 416 56.34 -26.49 13.26
N LEU C 417 56.88 -25.29 13.10
CA LEU C 417 58.29 -25.14 12.88
C LEU C 417 59.08 -25.49 14.13
N GLU C 418 58.52 -25.17 15.29
CA GLU C 418 59.20 -25.46 16.53
C GLU C 418 59.24 -26.97 16.74
N ARG C 419 58.26 -27.64 16.14
CA ARG C 419 58.14 -29.09 16.24
C ARG C 419 59.19 -29.79 15.37
N LYS C 420 59.36 -29.30 14.15
CA LYS C 420 60.32 -29.88 13.21
C LYS C 420 61.77 -29.56 13.54
N PHE C 421 62.02 -28.31 13.96
CA PHE C 421 63.37 -27.87 14.31
C PHE C 421 63.64 -27.99 15.81
N GLY C 422 62.75 -28.71 16.50
CA GLY C 422 62.87 -28.92 17.93
C GLY C 422 63.45 -27.81 18.79
N LYS C 423 64.16 -28.24 19.84
CA LYS C 423 64.80 -27.33 20.79
C LYS C 423 66.01 -26.72 20.10
N HIS C 424 66.46 -27.39 19.03
CA HIS C 424 67.60 -26.93 18.25
C HIS C 424 67.38 -25.50 17.72
N GLY C 425 66.16 -25.17 17.32
CA GLY C 425 65.86 -23.84 16.83
C GLY C 425 65.28 -22.95 17.92
N GLY C 426 64.98 -23.54 19.08
CA GLY C 426 64.38 -22.82 20.19
C GLY C 426 63.00 -22.34 19.77
N THR C 427 62.58 -21.15 20.22
CA THR C 427 61.29 -20.66 19.78
C THR C 427 61.51 -19.86 18.50
N ILE C 428 60.56 -20.00 17.59
CA ILE C 428 60.58 -19.33 16.31
C ILE C 428 59.34 -18.47 16.34
N PRO C 429 59.43 -17.28 16.95
CA PRO C 429 58.24 -16.42 17.02
C PRO C 429 57.78 -15.86 15.67
N ILE C 430 56.49 -16.08 15.36
CA ILE C 430 55.87 -15.63 14.12
C ILE C 430 54.86 -14.56 14.46
N VAL C 431 55.32 -13.31 14.34
CA VAL C 431 54.56 -12.11 14.66
C VAL C 431 54.19 -11.40 13.36
N PRO C 432 53.12 -10.58 13.37
CA PRO C 432 52.73 -9.87 12.14
C PRO C 432 53.67 -8.70 11.82
N THR C 433 53.67 -8.24 10.57
CA THR C 433 54.49 -7.09 10.21
C THR C 433 53.65 -5.90 10.66
N ALA C 434 54.17 -4.69 10.52
CA ALA C 434 53.40 -3.51 10.90
C ALA C 434 52.15 -3.43 10.01
N GLU C 435 52.32 -3.77 8.73
CA GLU C 435 51.21 -3.73 7.77
C GLU C 435 50.13 -4.78 8.07
N PHE C 436 50.51 -6.04 8.26
CA PHE C 436 49.51 -7.06 8.54
C PHE C 436 48.88 -6.86 9.93
N GLN C 437 49.57 -6.12 10.79
CA GLN C 437 49.04 -5.82 12.12
C GLN C 437 47.83 -4.90 11.97
N ASP C 438 47.96 -3.91 11.08
CA ASP C 438 46.91 -2.95 10.80
C ASP C 438 45.69 -3.61 10.16
N ARG C 439 45.86 -4.87 9.73
CA ARG C 439 44.79 -5.64 9.09
C ARG C 439 44.36 -6.84 9.91
N ILE C 440 45.11 -7.15 10.96
CA ILE C 440 44.85 -8.30 11.79
C ILE C 440 43.38 -8.64 12.07
N SER C 441 42.51 -7.64 12.12
CA SER C 441 41.09 -7.89 12.38
C SER C 441 40.25 -8.00 11.12
N GLY C 442 40.77 -7.49 10.02
CA GLY C 442 40.01 -7.55 8.79
C GLY C 442 39.67 -6.17 8.35
N ALA C 443 38.90 -6.06 7.28
CA ALA C 443 38.53 -4.74 6.76
C ALA C 443 37.48 -4.06 7.61
N SER C 444 37.65 -2.75 7.73
CA SER C 444 36.75 -1.89 8.48
C SER C 444 36.05 -1.13 7.39
N GLU C 445 35.14 -0.26 7.75
CA GLU C 445 34.44 0.51 6.74
C GLU C 445 35.41 1.32 5.91
N LYS C 446 36.35 1.99 6.58
CA LYS C 446 37.33 2.81 5.89
C LYS C 446 38.14 2.02 4.88
N ASP C 447 38.53 0.80 5.27
CA ASP C 447 39.32 -0.08 4.43
C ASP C 447 38.66 -0.51 3.12
N ILE C 448 37.38 -0.82 3.18
CA ILE C 448 36.61 -1.24 2.02
C ILE C 448 36.39 -0.13 1.01
N VAL C 449 36.08 1.06 1.49
CA VAL C 449 35.87 2.18 0.60
C VAL C 449 37.14 2.47 -0.19
N HIS C 450 38.22 2.62 0.56
CA HIS C 450 39.50 2.92 -0.05
C HIS C 450 40.00 1.92 -1.09
N SER C 451 39.92 0.62 -0.77
CA SER C 451 40.37 -0.42 -1.69
C SER C 451 39.31 -0.78 -2.72
N GLY C 452 38.05 -0.67 -2.34
CA GLY C 452 36.98 -0.95 -3.28
C GLY C 452 37.04 0.07 -4.40
N LEU C 453 37.26 1.33 -4.04
CA LEU C 453 37.33 2.40 -5.02
C LEU C 453 38.48 2.15 -5.97
N ALA C 454 39.64 1.84 -5.38
CA ALA C 454 40.88 1.58 -6.10
C ALA C 454 40.75 0.39 -7.04
N TYR C 455 40.13 -0.67 -6.56
CA TYR C 455 39.92 -1.86 -7.35
C TYR C 455 39.11 -1.48 -8.57
N THR C 456 38.08 -0.68 -8.33
CA THR C 456 37.18 -0.26 -9.37
C THR C 456 37.80 0.70 -10.38
N MET C 457 38.49 1.73 -9.90
CA MET C 457 39.10 2.69 -10.80
C MET C 457 40.13 2.02 -11.71
N GLU C 458 40.97 1.20 -11.09
CA GLU C 458 42.02 0.48 -11.80
C GLU C 458 41.39 -0.49 -12.80
N ARG C 459 40.55 -1.38 -12.31
CA ARG C 459 39.92 -2.36 -13.18
C ARG C 459 39.19 -1.78 -14.41
N SER C 460 38.58 -0.61 -14.23
CA SER C 460 37.86 0.05 -15.32
C SER C 460 38.81 0.73 -16.29
N ALA C 461 39.96 1.14 -15.78
CA ALA C 461 40.99 1.80 -16.59
C ALA C 461 41.48 0.77 -17.59
N ARG C 462 41.81 -0.41 -17.09
CA ARG C 462 42.28 -1.47 -17.95
C ARG C 462 41.22 -1.82 -18.98
N GLN C 463 39.96 -1.89 -18.56
CA GLN C 463 38.89 -2.21 -19.49
C GLN C 463 38.84 -1.24 -20.66
N ILE C 464 39.12 0.03 -20.37
CA ILE C 464 39.12 1.06 -21.40
C ILE C 464 40.35 0.98 -22.26
N MET C 465 41.53 0.94 -21.63
CA MET C 465 42.77 0.84 -22.38
C MET C 465 42.67 -0.34 -23.36
N ARG C 466 42.32 -1.49 -22.81
CA ARG C 466 42.16 -2.72 -23.57
C ARG C 466 41.30 -2.47 -24.81
N THR C 467 40.28 -1.63 -24.67
CA THR C 467 39.36 -1.32 -25.76
C THR C 467 40.00 -0.31 -26.75
N ALA C 468 40.62 0.74 -26.23
CA ALA C 468 41.29 1.76 -27.05
C ALA C 468 42.28 1.09 -28.02
N MET C 469 42.80 -0.08 -27.61
CA MET C 469 43.75 -0.85 -28.41
C MET C 469 43.02 -1.65 -29.48
N LYS C 470 42.03 -2.44 -29.07
CA LYS C 470 41.27 -3.24 -30.01
C LYS C 470 40.63 -2.41 -31.12
N TYR C 471 40.58 -1.09 -30.98
CA TYR C 471 39.96 -0.25 -31.99
C TYR C 471 40.80 0.98 -32.36
N ASN C 472 42.10 0.92 -32.04
CA ASN C 472 43.03 2.01 -32.33
C ASN C 472 42.48 3.43 -32.13
N LEU C 473 41.78 3.65 -31.04
CA LEU C 473 41.25 4.99 -30.76
C LEU C 473 42.39 5.83 -30.18
N GLY C 474 43.51 5.16 -29.89
CA GLY C 474 44.69 5.84 -29.37
C GLY C 474 44.44 6.72 -28.16
N LEU C 475 44.15 7.99 -28.39
CA LEU C 475 43.87 8.92 -27.28
C LEU C 475 42.41 9.29 -27.14
N ASP C 476 41.55 8.67 -27.95
CA ASP C 476 40.12 8.91 -27.87
C ASP C 476 39.58 7.90 -26.87
N LEU C 477 39.89 8.12 -25.58
CA LEU C 477 39.45 7.26 -24.49
C LEU C 477 37.95 7.39 -24.25
N ARG C 478 37.41 8.57 -24.56
CA ARG C 478 36.00 8.80 -24.37
C ARG C 478 35.23 7.79 -25.20
N THR C 479 35.61 7.63 -26.46
CA THR C 479 34.90 6.69 -27.31
C THR C 479 35.13 5.29 -26.79
N ALA C 480 36.33 5.03 -26.28
CA ALA C 480 36.61 3.71 -25.75
C ALA C 480 35.67 3.42 -24.58
N ALA C 481 35.54 4.41 -23.69
CA ALA C 481 34.66 4.31 -22.52
C ALA C 481 33.23 4.00 -22.91
N TYR C 482 32.67 4.77 -23.84
CA TYR C 482 31.30 4.56 -24.28
C TYR C 482 31.08 3.19 -24.90
N VAL C 483 32.12 2.65 -25.54
CA VAL C 483 31.98 1.34 -26.15
C VAL C 483 31.61 0.30 -25.09
N ASN C 484 32.29 0.37 -23.95
CA ASN C 484 32.05 -0.56 -22.84
C ASN C 484 30.67 -0.37 -22.24
N ALA C 485 30.30 0.89 -22.03
CA ALA C 485 29.01 1.25 -21.48
C ALA C 485 27.93 0.64 -22.35
N ILE C 486 27.98 0.96 -23.63
CA ILE C 486 27.01 0.45 -24.57
C ILE C 486 27.05 -1.05 -24.58
N GLU C 487 28.26 -1.58 -24.72
CA GLU C 487 28.45 -3.03 -24.77
C GLU C 487 27.81 -3.76 -23.58
N LYS C 488 27.82 -3.09 -22.42
CA LYS C 488 27.24 -3.68 -21.20
C LYS C 488 25.75 -3.45 -21.12
N VAL C 489 25.33 -2.20 -21.25
CA VAL C 489 23.92 -1.88 -21.21
C VAL C 489 23.14 -2.63 -22.29
N PHE C 490 23.65 -2.65 -23.52
CA PHE C 490 22.99 -3.32 -24.63
C PHE C 490 22.65 -4.76 -24.26
N ARG C 491 23.69 -5.49 -23.87
CA ARG C 491 23.54 -6.87 -23.47
C ARG C 491 22.31 -7.05 -22.61
N VAL C 492 22.12 -6.11 -21.68
CA VAL C 492 20.99 -6.19 -20.76
C VAL C 492 19.65 -5.99 -21.43
N TYR C 493 19.52 -4.95 -22.25
CA TYR C 493 18.26 -4.73 -22.95
C TYR C 493 18.03 -5.87 -23.93
N ASN C 494 19.13 -6.50 -24.35
CA ASN C 494 19.10 -7.64 -25.27
C ASN C 494 18.30 -8.72 -24.58
N GLU C 495 19.00 -9.54 -23.77
CA GLU C 495 18.44 -10.66 -23.01
C GLU C 495 17.14 -10.40 -22.27
N ALA C 496 16.86 -9.14 -21.92
CA ALA C 496 15.61 -8.78 -21.26
C ALA C 496 14.56 -9.11 -22.33
N GLY C 497 13.28 -8.90 -22.04
CA GLY C 497 12.29 -9.17 -23.08
C GLY C 497 11.92 -7.81 -23.67
N VAL C 498 12.80 -6.83 -23.37
CA VAL C 498 12.75 -5.39 -23.71
C VAL C 498 11.51 -4.65 -23.19
N GLU D 4 -1.48 -48.81 -17.33
CA GLU D 4 -1.08 -49.79 -16.27
C GLU D 4 -0.03 -49.15 -15.32
N ASP D 5 -0.19 -49.36 -14.01
CA ASP D 5 0.68 -48.79 -12.96
C ASP D 5 1.04 -47.34 -13.23
N ASP D 6 0.02 -46.50 -13.12
CA ASP D 6 0.13 -45.07 -13.35
C ASP D 6 -0.64 -44.45 -12.20
N PRO D 7 0.04 -44.25 -11.07
CA PRO D 7 -0.64 -43.66 -9.91
C PRO D 7 -0.81 -42.15 -9.96
N ASN D 8 -1.82 -41.65 -9.25
CA ASN D 8 -2.04 -40.22 -9.23
C ASN D 8 -0.82 -39.62 -8.52
N PHE D 9 -0.08 -38.79 -9.25
CA PHE D 9 1.16 -38.18 -8.76
C PHE D 9 1.14 -37.66 -7.32
N PHE D 10 0.11 -36.89 -6.96
CA PHE D 10 0.03 -36.30 -5.62
C PHE D 10 0.03 -37.29 -4.48
N LYS D 11 -0.83 -38.29 -4.58
CA LYS D 11 -0.91 -39.32 -3.56
C LYS D 11 0.35 -40.18 -3.61
N MET D 12 0.91 -40.31 -4.80
CA MET D 12 2.12 -41.09 -4.99
C MET D 12 3.23 -40.55 -4.09
N VAL D 13 3.31 -39.23 -4.01
CA VAL D 13 4.29 -38.53 -3.18
C VAL D 13 3.83 -38.61 -1.73
N GLU D 14 2.52 -38.55 -1.51
CA GLU D 14 1.98 -38.64 -0.16
C GLU D 14 2.39 -40.02 0.35
N GLY D 15 2.45 -40.97 -0.57
CA GLY D 15 2.82 -42.33 -0.21
C GLY D 15 4.19 -42.37 0.42
N PHE D 16 5.14 -41.73 -0.25
CA PHE D 16 6.49 -41.66 0.24
C PHE D 16 6.49 -40.96 1.59
N PHE D 17 5.71 -39.89 1.71
CA PHE D 17 5.63 -39.12 2.96
C PHE D 17 5.13 -39.94 4.12
N ASP D 18 4.02 -40.64 3.93
CA ASP D 18 3.44 -41.47 5.00
C ASP D 18 4.41 -42.55 5.44
N ARG D 19 5.02 -43.20 4.46
CA ARG D 19 5.97 -44.25 4.73
C ARG D 19 7.07 -43.73 5.64
N GLY D 20 7.59 -42.56 5.29
CA GLY D 20 8.64 -41.95 6.09
C GLY D 20 8.10 -41.40 7.39
N ALA D 21 6.83 -40.99 7.38
CA ALA D 21 6.21 -40.44 8.58
C ALA D 21 6.24 -41.49 9.68
N SER D 22 5.79 -42.69 9.35
CA SER D 22 5.76 -43.77 10.32
C SER D 22 7.14 -43.99 10.95
N ILE D 23 8.12 -44.31 10.11
CA ILE D 23 9.50 -44.54 10.55
C ILE D 23 9.96 -43.62 11.69
N VAL D 24 9.67 -42.32 11.58
CA VAL D 24 10.08 -41.35 12.62
C VAL D 24 9.04 -41.04 13.69
N GLU D 25 7.76 -41.28 13.42
CA GLU D 25 6.71 -40.98 14.39
C GLU D 25 7.15 -41.17 15.84
N ASP D 26 7.80 -42.29 16.13
CA ASP D 26 8.28 -42.58 17.49
C ASP D 26 9.22 -41.52 18.07
N LYS D 27 10.22 -41.13 17.27
CA LYS D 27 11.20 -40.14 17.68
C LYS D 27 10.55 -38.80 17.97
N LEU D 28 9.66 -38.40 17.06
CA LEU D 28 8.95 -37.13 17.18
C LEU D 28 8.12 -37.08 18.46
N VAL D 29 7.82 -38.24 19.02
CA VAL D 29 7.02 -38.28 20.25
C VAL D 29 7.93 -38.27 21.48
N GLU D 30 9.09 -38.91 21.34
CA GLU D 30 10.06 -38.98 22.42
C GLU D 30 10.67 -37.61 22.73
N ASP D 31 11.11 -36.91 21.68
CA ASP D 31 11.72 -35.58 21.82
C ASP D 31 10.74 -34.61 22.44
N LEU D 32 9.47 -34.76 22.06
CA LEU D 32 8.42 -33.91 22.59
C LEU D 32 8.46 -34.01 24.12
N LYS D 33 8.39 -32.86 24.81
CA LYS D 33 8.46 -32.84 26.28
C LYS D 33 7.25 -32.19 26.97
N THR D 34 6.08 -32.22 26.34
CA THR D 34 4.88 -31.58 26.90
C THR D 34 4.34 -32.14 28.23
N ARG D 35 3.38 -31.40 28.79
CA ARG D 35 2.73 -31.76 30.05
C ARG D 35 1.92 -33.07 29.92
N GLU D 36 0.91 -33.09 29.05
CA GLU D 36 0.11 -34.33 28.86
C GLU D 36 0.99 -35.33 28.10
N THR D 37 2.05 -35.77 28.75
CA THR D 37 3.02 -36.72 28.18
C THR D 37 2.36 -38.00 27.66
N GLU D 38 1.11 -38.25 28.04
CA GLU D 38 0.41 -39.44 27.57
C GLU D 38 0.36 -39.42 26.03
N GLU D 39 0.17 -40.57 25.39
CA GLU D 39 0.16 -40.57 23.93
C GLU D 39 -0.92 -39.76 23.21
N GLN D 40 -1.30 -38.62 23.77
CA GLN D 40 -2.25 -37.71 23.10
C GLN D 40 -1.22 -36.92 22.26
N LYS D 41 0.04 -37.06 22.72
CA LYS D 41 1.25 -36.50 22.14
C LYS D 41 1.36 -37.11 20.73
N ARG D 42 1.09 -38.41 20.67
CA ARG D 42 1.16 -39.20 19.44
C ARG D 42 0.05 -38.76 18.47
N ASN D 43 -1.06 -38.24 19.01
CA ASN D 43 -2.15 -37.77 18.14
C ASN D 43 -1.76 -36.40 17.61
N ARG D 44 -1.25 -35.56 18.51
CA ARG D 44 -0.84 -34.20 18.17
C ARG D 44 0.27 -34.19 17.12
N VAL D 45 1.08 -35.24 17.10
CA VAL D 45 2.14 -35.34 16.10
C VAL D 45 1.48 -35.74 14.80
N ARG D 46 0.55 -36.68 14.87
CA ARG D 46 -0.15 -37.11 13.68
C ARG D 46 -1.03 -35.97 13.15
N GLY D 47 -1.43 -35.08 14.05
CA GLY D 47 -2.28 -33.97 13.68
C GLY D 47 -1.46 -33.00 12.85
N ILE D 48 -0.27 -32.70 13.35
CA ILE D 48 0.63 -31.81 12.67
C ILE D 48 1.01 -32.35 11.30
N LEU D 49 1.16 -33.67 11.22
CA LEU D 49 1.51 -34.33 9.98
C LEU D 49 0.36 -34.27 8.99
N ARG D 50 -0.86 -34.34 9.49
CA ARG D 50 -2.02 -34.28 8.59
C ARG D 50 -2.10 -32.87 8.01
N ILE D 51 -1.51 -31.92 8.74
CA ILE D 51 -1.50 -30.54 8.31
C ILE D 51 -0.44 -30.26 7.26
N ILE D 52 0.74 -30.86 7.41
CA ILE D 52 1.83 -30.68 6.46
C ILE D 52 1.47 -31.18 5.04
N LYS D 53 1.13 -32.46 4.94
CA LYS D 53 0.80 -33.10 3.67
C LYS D 53 0.05 -32.34 2.56
N PRO D 54 -1.00 -31.56 2.90
CA PRO D 54 -1.74 -30.83 1.85
C PRO D 54 -1.23 -29.44 1.50
N CYS D 55 -1.53 -29.01 0.29
CA CYS D 55 -1.14 -27.68 -0.18
C CYS D 55 -1.98 -26.65 0.56
N ASN D 56 -1.45 -25.44 0.74
CA ASN D 56 -2.20 -24.41 1.45
C ASN D 56 -3.02 -23.57 0.51
N HIS D 57 -2.43 -23.20 -0.61
CA HIS D 57 -3.09 -22.38 -1.60
C HIS D 57 -2.83 -22.93 -3.00
N VAL D 58 -3.86 -23.03 -3.83
CA VAL D 58 -3.68 -23.47 -5.21
C VAL D 58 -4.50 -22.58 -6.10
N LEU D 59 -3.80 -21.81 -6.93
CA LEU D 59 -4.47 -20.91 -7.84
C LEU D 59 -4.62 -21.54 -9.22
N SER D 60 -5.82 -21.46 -9.77
CA SER D 60 -6.09 -22.00 -11.09
C SER D 60 -6.45 -20.83 -11.99
N LEU D 61 -5.70 -20.70 -13.08
CA LEU D 61 -5.89 -19.63 -14.03
C LEU D 61 -6.41 -20.09 -15.37
N SER D 62 -7.14 -19.19 -15.98
CA SER D 62 -7.74 -19.40 -17.27
C SER D 62 -7.79 -17.98 -17.82
N PHE D 63 -6.98 -17.67 -18.83
CA PHE D 63 -6.97 -16.32 -19.38
C PHE D 63 -6.75 -16.33 -20.89
N PRO D 64 -7.16 -15.27 -21.58
CA PRO D 64 -6.99 -15.22 -23.03
C PRO D 64 -5.74 -14.57 -23.58
N ILE D 65 -5.24 -15.11 -24.71
CA ILE D 65 -4.08 -14.54 -25.40
C ILE D 65 -4.50 -14.42 -26.87
N ARG D 66 -3.83 -13.55 -27.61
CA ARG D 66 -4.17 -13.34 -29.02
C ARG D 66 -3.12 -14.00 -29.91
N ARG D 67 -3.52 -15.06 -30.59
CA ARG D 67 -2.64 -15.79 -31.49
C ARG D 67 -2.17 -14.89 -32.62
N ASP D 68 -0.97 -15.16 -33.12
CA ASP D 68 -0.40 -14.36 -34.21
C ASP D 68 -1.32 -14.25 -35.43
N ASP D 69 -2.11 -15.28 -35.68
CA ASP D 69 -3.02 -15.28 -36.80
C ASP D 69 -4.30 -14.51 -36.48
N GLY D 70 -4.26 -13.72 -35.41
CA GLY D 70 -5.40 -12.92 -35.01
C GLY D 70 -6.53 -13.57 -34.23
N SER D 71 -6.45 -14.88 -33.96
CA SER D 71 -7.54 -15.54 -33.25
C SER D 71 -7.46 -15.57 -31.71
N TRP D 72 -8.59 -15.90 -31.08
CA TRP D 72 -8.64 -15.96 -29.62
C TRP D 72 -8.56 -17.38 -29.05
N GLU D 73 -7.61 -17.55 -28.15
CA GLU D 73 -7.39 -18.83 -27.49
C GLU D 73 -7.26 -18.66 -25.98
N VAL D 74 -7.95 -19.54 -25.24
CA VAL D 74 -7.93 -19.54 -23.78
C VAL D 74 -6.86 -20.52 -23.31
N ILE D 75 -5.96 -20.07 -22.45
CA ILE D 75 -4.90 -20.93 -21.96
C ILE D 75 -5.06 -21.13 -20.44
N GLU D 76 -4.79 -22.34 -19.96
CA GLU D 76 -4.94 -22.67 -18.56
C GLU D 76 -3.59 -22.76 -17.89
N GLY D 77 -3.54 -22.37 -16.61
CA GLY D 77 -2.31 -22.40 -15.85
C GLY D 77 -2.61 -22.55 -14.38
N TYR D 78 -1.66 -23.09 -13.64
CA TYR D 78 -1.84 -23.29 -12.21
C TYR D 78 -0.55 -22.97 -11.44
N ARG D 79 -0.70 -22.61 -10.18
CA ARG D 79 0.43 -22.31 -9.29
C ARG D 79 -0.02 -22.76 -7.91
N ALA D 80 0.73 -23.67 -7.30
CA ALA D 80 0.36 -24.16 -6.01
C ALA D 80 1.43 -23.86 -5.00
N GLN D 81 0.98 -23.48 -3.82
CA GLN D 81 1.86 -23.18 -2.69
C GLN D 81 1.57 -24.24 -1.65
N HIS D 82 2.49 -25.20 -1.52
CA HIS D 82 2.32 -26.31 -0.60
C HIS D 82 2.43 -25.91 0.85
N SER D 83 3.60 -25.39 1.21
CA SER D 83 3.84 -24.99 2.58
C SER D 83 4.40 -23.60 2.70
N GLN D 84 4.29 -23.04 3.91
CA GLN D 84 4.80 -21.71 4.18
C GLN D 84 5.41 -21.60 5.58
N HIS D 85 6.02 -22.70 6.01
CA HIS D 85 6.67 -22.76 7.32
C HIS D 85 7.99 -22.03 7.15
N ARG D 86 8.26 -21.70 5.89
CA ARG D 86 9.43 -20.98 5.45
C ARG D 86 8.92 -20.07 4.34
N THR D 87 9.34 -18.82 4.38
CA THR D 87 8.92 -17.81 3.42
C THR D 87 10.15 -17.30 2.71
N PRO D 88 10.09 -17.10 1.40
CA PRO D 88 8.96 -17.31 0.49
C PRO D 88 8.92 -18.76 0.00
N CYS D 89 7.98 -19.04 -0.89
CA CYS D 89 7.82 -20.35 -1.48
C CYS D 89 8.72 -20.36 -2.71
N LYS D 90 9.14 -21.55 -3.11
CA LYS D 90 10.03 -21.69 -4.25
C LYS D 90 9.58 -22.90 -5.08
N GLY D 91 9.85 -22.83 -6.36
CA GLY D 91 9.45 -23.93 -7.24
C GLY D 91 9.24 -23.40 -8.65
N GLY D 92 9.69 -24.15 -9.64
CA GLY D 92 9.57 -23.70 -11.02
C GLY D 92 8.24 -23.72 -11.77
N ILE D 93 8.33 -23.38 -13.06
CA ILE D 93 7.17 -23.35 -13.94
C ILE D 93 7.38 -24.30 -15.11
N ARG D 94 6.46 -25.24 -15.26
CA ARG D 94 6.52 -26.24 -16.31
C ARG D 94 5.49 -25.91 -17.39
N TYR D 95 5.95 -25.89 -18.65
CA TYR D 95 5.11 -25.60 -19.81
C TYR D 95 4.85 -26.94 -20.53
N SER D 96 3.67 -27.48 -20.32
CA SER D 96 3.31 -28.75 -20.92
C SER D 96 1.80 -28.94 -20.99
N THR D 97 1.38 -29.88 -21.84
CA THR D 97 -0.03 -30.18 -22.02
C THR D 97 -0.47 -31.23 -21.01
N ASP D 98 0.50 -31.71 -20.23
CA ASP D 98 0.23 -32.73 -19.23
C ASP D 98 0.06 -32.12 -17.84
N VAL D 99 0.12 -30.80 -17.77
CA VAL D 99 -0.03 -30.18 -16.47
C VAL D 99 -1.49 -30.19 -16.05
N SER D 100 -1.73 -30.65 -14.84
CA SER D 100 -3.07 -30.67 -14.27
C SER D 100 -2.79 -30.22 -12.84
N VAL D 101 -3.83 -29.83 -12.12
CA VAL D 101 -3.64 -29.40 -10.75
C VAL D 101 -2.94 -30.48 -9.92
N ASP D 102 -3.38 -31.72 -10.11
CA ASP D 102 -2.80 -32.84 -9.38
C ASP D 102 -1.30 -32.95 -9.55
N GLU D 103 -0.82 -32.62 -10.74
CA GLU D 103 0.60 -32.69 -11.01
C GLU D 103 1.30 -31.53 -10.33
N VAL D 104 0.79 -30.33 -10.58
CA VAL D 104 1.34 -29.14 -9.98
C VAL D 104 1.30 -29.25 -8.44
N LYS D 105 0.21 -29.79 -7.88
CA LYS D 105 0.13 -29.95 -6.42
C LYS D 105 1.20 -30.89 -5.90
N ALA D 106 1.54 -31.87 -6.72
CA ALA D 106 2.55 -32.87 -6.38
C ALA D 106 3.96 -32.29 -6.45
N LEU D 107 4.32 -31.73 -7.59
CA LEU D 107 5.62 -31.13 -7.76
C LEU D 107 5.83 -30.07 -6.68
N ALA D 108 4.78 -29.33 -6.36
CA ALA D 108 4.92 -28.30 -5.35
C ALA D 108 5.36 -28.96 -4.03
N SER D 109 4.68 -30.01 -3.62
CA SER D 109 5.02 -30.69 -2.38
C SER D 109 6.40 -31.29 -2.43
N LEU D 110 6.85 -31.71 -3.61
CA LEU D 110 8.19 -32.26 -3.70
C LEU D 110 9.22 -31.16 -3.47
N MET D 111 8.88 -29.93 -3.88
CA MET D 111 9.78 -28.79 -3.70
C MET D 111 10.09 -28.51 -2.25
N THR D 112 9.07 -28.58 -1.40
CA THR D 112 9.28 -28.29 0.02
C THR D 112 10.14 -29.31 0.74
N TYR D 113 9.84 -30.59 0.52
CA TYR D 113 10.62 -31.63 1.16
C TYR D 113 12.03 -31.60 0.55
N LYS D 114 12.09 -31.31 -0.74
CA LYS D 114 13.36 -31.21 -1.46
C LYS D 114 14.21 -30.19 -0.70
N CYS D 115 13.64 -29.02 -0.43
CA CYS D 115 14.34 -27.94 0.30
C CYS D 115 14.73 -28.34 1.73
N ALA D 116 13.88 -29.11 2.40
CA ALA D 116 14.18 -29.52 3.76
C ALA D 116 15.42 -30.42 3.80
N VAL D 117 15.52 -31.32 2.82
CA VAL D 117 16.67 -32.22 2.73
C VAL D 117 17.95 -31.40 2.59
N VAL D 118 17.92 -30.46 1.65
CA VAL D 118 19.06 -29.64 1.31
C VAL D 118 19.27 -28.34 2.10
N ASP D 119 18.35 -28.02 3.01
CA ASP D 119 18.47 -26.84 3.88
C ASP D 119 18.42 -25.48 3.20
N VAL D 120 17.41 -25.31 2.35
CA VAL D 120 17.18 -24.06 1.65
C VAL D 120 15.91 -23.60 2.34
N PRO D 121 15.92 -22.41 2.95
CA PRO D 121 14.78 -21.84 3.66
C PRO D 121 13.57 -21.39 2.85
N PHE D 122 13.03 -22.28 2.04
CA PHE D 122 11.86 -22.02 1.20
C PHE D 122 10.77 -23.08 1.36
N GLY D 123 9.53 -22.64 1.30
CA GLY D 123 8.42 -23.57 1.37
C GLY D 123 8.23 -24.01 -0.07
N GLY D 124 7.58 -25.15 -0.30
CA GLY D 124 7.43 -25.62 -1.66
C GLY D 124 6.32 -25.02 -2.50
N ALA D 125 6.60 -24.88 -3.80
CA ALA D 125 5.63 -24.32 -4.75
C ALA D 125 5.95 -24.81 -6.17
N LYS D 126 4.99 -24.67 -7.07
CA LYS D 126 5.18 -25.11 -8.45
C LYS D 126 4.09 -24.59 -9.36
N ALA D 127 4.46 -24.32 -10.61
CA ALA D 127 3.51 -23.81 -11.59
C ALA D 127 3.47 -24.63 -12.86
N GLY D 128 2.34 -24.54 -13.56
CA GLY D 128 2.15 -25.23 -14.81
C GLY D 128 1.22 -24.49 -15.76
N VAL D 129 1.61 -24.37 -17.03
CA VAL D 129 0.78 -23.71 -18.04
C VAL D 129 0.54 -24.74 -19.13
N LYS D 130 -0.71 -25.19 -19.24
CA LYS D 130 -1.08 -26.24 -20.21
C LYS D 130 -0.94 -25.91 -21.69
N ILE D 131 0.28 -25.85 -22.19
CA ILE D 131 0.52 -25.59 -23.61
C ILE D 131 1.70 -26.43 -24.06
N ASN D 132 1.83 -26.59 -25.37
CA ASN D 132 2.95 -27.31 -25.95
C ASN D 132 3.72 -26.17 -26.60
N PRO D 133 4.79 -25.73 -25.96
CA PRO D 133 5.58 -24.62 -26.50
C PRO D 133 5.98 -24.81 -27.96
N LYS D 134 6.11 -26.07 -28.34
CA LYS D 134 6.53 -26.42 -29.69
C LYS D 134 5.56 -25.97 -30.74
N ASN D 135 4.37 -25.54 -30.32
CA ASN D 135 3.34 -25.08 -31.24
C ASN D 135 3.06 -23.59 -31.11
N TYR D 136 3.97 -22.85 -30.48
CA TYR D 136 3.78 -21.42 -30.32
C TYR D 136 5.03 -20.69 -30.74
N THR D 137 4.83 -19.55 -31.40
CA THR D 137 5.95 -18.73 -31.84
C THR D 137 6.56 -18.07 -30.63
N ASP D 138 7.78 -17.58 -30.78
CA ASP D 138 8.43 -16.92 -29.68
C ASP D 138 7.56 -15.77 -29.19
N ASN D 139 7.01 -15.05 -30.14
CA ASN D 139 6.18 -13.91 -29.80
C ASN D 139 4.96 -14.29 -28.97
N GLU D 140 4.36 -15.42 -29.28
CA GLU D 140 3.18 -15.87 -28.57
C GLU D 140 3.53 -16.37 -27.17
N LEU D 141 4.68 -17.03 -27.05
CA LEU D 141 5.13 -17.53 -25.75
C LEU D 141 5.30 -16.38 -24.80
N GLU D 142 6.09 -15.38 -25.22
CA GLU D 142 6.35 -14.22 -24.40
C GLU D 142 5.04 -13.60 -23.90
N LYS D 143 4.07 -13.38 -24.81
CA LYS D 143 2.79 -12.83 -24.40
C LYS D 143 2.23 -13.71 -23.32
N ILE D 144 2.34 -15.02 -23.50
CA ILE D 144 1.79 -15.91 -22.51
C ILE D 144 2.50 -15.83 -21.16
N THR D 145 3.82 -16.00 -21.16
CA THR D 145 4.53 -15.95 -19.89
C THR D 145 4.40 -14.58 -19.19
N ARG D 146 4.32 -13.50 -19.95
CA ARG D 146 4.17 -12.19 -19.32
C ARG D 146 2.80 -12.07 -18.66
N ARG D 147 1.76 -12.31 -19.45
CA ARG D 147 0.39 -12.23 -18.93
C ARG D 147 0.19 -13.19 -17.76
N PHE D 148 0.93 -14.29 -17.77
CA PHE D 148 0.81 -15.27 -16.72
C PHE D 148 1.42 -14.71 -15.45
N THR D 149 2.50 -13.96 -15.59
CA THR D 149 3.16 -13.36 -14.45
C THR D 149 2.17 -12.39 -13.79
N MET D 150 1.44 -11.63 -14.63
CA MET D 150 0.49 -10.65 -14.11
C MET D 150 -0.62 -11.28 -13.30
N GLU D 151 -1.30 -12.26 -13.89
CA GLU D 151 -2.39 -12.93 -13.20
C GLU D 151 -1.94 -13.61 -11.94
N LEU D 152 -0.64 -13.89 -11.84
CA LEU D 152 -0.11 -14.52 -10.64
C LEU D 152 0.10 -13.40 -9.62
N ALA D 153 0.72 -12.34 -10.07
CA ALA D 153 0.99 -11.18 -9.24
C ALA D 153 -0.30 -10.71 -8.56
N LYS D 154 -1.29 -10.35 -9.37
CA LYS D 154 -2.57 -9.89 -8.86
C LYS D 154 -3.16 -10.70 -7.70
N LYS D 155 -2.81 -11.97 -7.59
CA LYS D 155 -3.38 -12.78 -6.51
C LYS D 155 -2.41 -13.24 -5.43
N GLY D 156 -1.21 -12.66 -5.43
CA GLY D 156 -0.21 -13.03 -4.46
C GLY D 156 0.45 -14.38 -4.71
N PHE D 157 0.64 -14.72 -5.97
CA PHE D 157 1.28 -15.99 -6.32
C PHE D 157 2.64 -15.86 -7.00
N ILE D 158 3.30 -14.75 -6.70
CA ILE D 158 4.63 -14.43 -7.19
C ILE D 158 5.05 -13.12 -6.50
N GLY D 159 6.25 -13.10 -5.96
CA GLY D 159 6.75 -11.93 -5.26
C GLY D 159 8.01 -12.33 -4.53
N PRO D 160 8.96 -11.42 -4.33
CA PRO D 160 10.22 -11.66 -3.64
C PRO D 160 10.13 -12.36 -2.30
N GLY D 161 9.13 -12.01 -1.51
CA GLY D 161 8.98 -12.64 -0.22
C GLY D 161 7.73 -13.49 -0.09
N VAL D 162 7.18 -13.92 -1.22
CA VAL D 162 5.96 -14.72 -1.19
C VAL D 162 6.14 -16.05 -1.86
N ASP D 163 6.40 -15.97 -3.16
CA ASP D 163 6.55 -17.14 -4.01
C ASP D 163 7.53 -16.77 -5.10
N VAL D 164 8.63 -17.50 -5.18
CA VAL D 164 9.67 -17.22 -6.18
C VAL D 164 9.81 -18.36 -7.20
N PRO D 165 9.33 -18.15 -8.44
CA PRO D 165 9.39 -19.15 -9.50
C PRO D 165 10.81 -19.44 -9.99
N ALA D 166 10.93 -20.33 -10.98
CA ALA D 166 12.20 -20.73 -11.55
C ALA D 166 11.89 -21.60 -12.77
N PRO D 167 12.93 -22.10 -13.46
CA PRO D 167 12.62 -22.93 -14.63
C PRO D 167 12.27 -24.38 -14.33
N ASP D 168 11.56 -24.99 -15.26
CA ASP D 168 11.23 -26.41 -15.19
C ASP D 168 11.11 -26.90 -16.64
N MET D 169 10.12 -27.73 -16.96
CA MET D 169 10.02 -28.24 -18.33
C MET D 169 9.59 -27.25 -19.38
N SER D 170 10.43 -27.12 -20.42
CA SER D 170 10.18 -26.21 -21.53
C SER D 170 10.22 -24.73 -21.17
N THR D 171 10.94 -24.40 -20.10
CA THR D 171 11.08 -23.01 -19.67
C THR D 171 12.54 -22.83 -19.30
N GLY D 172 13.16 -21.81 -19.85
CA GLY D 172 14.55 -21.59 -19.55
C GLY D 172 14.71 -20.20 -19.03
N GLU D 173 15.94 -19.68 -19.12
CA GLU D 173 16.20 -18.34 -18.65
C GLU D 173 15.46 -17.31 -19.49
N ARG D 174 15.06 -17.69 -20.69
CA ARG D 174 14.35 -16.76 -21.55
C ARG D 174 13.00 -16.42 -20.92
N GLU D 175 12.36 -17.43 -20.34
CA GLU D 175 11.05 -17.26 -19.71
C GLU D 175 11.17 -16.51 -18.39
N MET D 176 12.22 -16.84 -17.66
CA MET D 176 12.50 -16.22 -16.37
C MET D 176 12.77 -14.74 -16.63
N SER D 177 13.49 -14.47 -17.69
CA SER D 177 13.86 -13.11 -18.05
C SER D 177 12.63 -12.26 -18.30
N TRP D 178 11.63 -12.83 -18.95
CA TRP D 178 10.40 -12.09 -19.22
C TRP D 178 9.62 -11.91 -17.91
N ILE D 179 9.61 -12.96 -17.09
CA ILE D 179 8.87 -12.92 -15.82
C ILE D 179 9.39 -11.77 -14.99
N ALA D 180 10.69 -11.75 -14.75
CA ALA D 180 11.28 -10.69 -13.96
C ALA D 180 10.91 -9.34 -14.55
N ASP D 181 11.16 -9.15 -15.84
CA ASP D 181 10.87 -7.89 -16.51
C ASP D 181 9.43 -7.40 -16.26
N THR D 182 8.44 -8.26 -16.46
CA THR D 182 7.05 -7.88 -16.24
C THR D 182 6.81 -7.44 -14.79
N TYR D 183 7.35 -8.21 -13.84
CA TYR D 183 7.19 -7.91 -12.42
C TYR D 183 7.86 -6.59 -12.03
N ALA D 184 9.15 -6.47 -12.25
CA ALA D 184 9.89 -5.27 -11.88
C ALA D 184 9.45 -4.01 -12.61
N SER D 185 8.70 -4.19 -13.69
CA SER D 185 8.25 -3.04 -14.48
C SER D 185 6.86 -2.60 -14.07
N THR D 186 6.17 -3.46 -13.35
CA THR D 186 4.83 -3.14 -12.90
C THR D 186 4.68 -3.22 -11.37
N ILE D 187 4.21 -4.35 -10.85
CA ILE D 187 4.02 -4.52 -9.40
C ILE D 187 5.24 -4.12 -8.57
N GLY D 188 6.42 -4.56 -9.02
CA GLY D 188 7.62 -4.27 -8.27
C GLY D 188 8.40 -3.04 -8.65
N HIS D 189 7.74 -2.03 -9.22
CA HIS D 189 8.47 -0.84 -9.63
C HIS D 189 9.17 -0.14 -8.46
N TYR D 190 8.62 -0.28 -7.26
CA TYR D 190 9.23 0.35 -6.09
C TYR D 190 9.95 -0.65 -5.18
N ASP D 191 9.80 -1.93 -5.47
CA ASP D 191 10.44 -2.97 -4.66
C ASP D 191 11.95 -2.99 -4.90
N ILE D 192 12.70 -2.81 -3.83
CA ILE D 192 14.14 -2.81 -3.93
C ILE D 192 14.64 -4.21 -4.22
N ASN D 193 13.77 -5.21 -4.04
CA ASN D 193 14.12 -6.61 -4.29
C ASN D 193 13.32 -7.20 -5.45
N ALA D 194 12.80 -6.33 -6.29
CA ALA D 194 12.01 -6.74 -7.45
C ALA D 194 12.56 -7.91 -8.28
N HIS D 195 13.85 -7.86 -8.61
CA HIS D 195 14.44 -8.91 -9.42
C HIS D 195 14.68 -10.19 -8.69
N ALA D 196 14.25 -10.24 -7.44
CA ALA D 196 14.42 -11.45 -6.65
C ALA D 196 13.11 -12.19 -6.62
N CYS D 197 12.25 -11.86 -7.57
CA CYS D 197 10.93 -12.45 -7.68
C CYS D 197 10.98 -13.78 -8.44
N VAL D 198 12.14 -14.13 -8.97
CA VAL D 198 12.29 -15.36 -9.73
C VAL D 198 13.77 -15.67 -9.92
N THR D 199 14.10 -16.95 -10.02
CA THR D 199 15.48 -17.37 -10.21
C THR D 199 15.69 -18.05 -11.57
N GLY D 200 16.93 -18.39 -11.90
CA GLY D 200 17.19 -19.00 -13.20
C GLY D 200 17.13 -17.95 -14.30
N LYS D 201 17.43 -16.70 -13.94
CA LYS D 201 17.39 -15.59 -14.90
C LYS D 201 18.72 -15.51 -15.63
N PRO D 202 18.76 -14.79 -16.77
CA PRO D 202 20.00 -14.63 -17.55
C PRO D 202 20.94 -13.89 -16.64
N ILE D 203 22.24 -14.15 -16.76
CA ILE D 203 23.16 -13.47 -15.86
C ILE D 203 23.08 -11.95 -15.96
N SER D 204 22.80 -11.45 -17.15
CA SER D 204 22.70 -10.01 -17.36
C SER D 204 21.45 -9.46 -16.68
N GLN D 205 20.53 -10.36 -16.36
CA GLN D 205 19.27 -9.99 -15.72
C GLN D 205 19.35 -10.19 -14.22
N GLY D 206 20.54 -10.52 -13.73
CA GLY D 206 20.69 -10.72 -12.30
C GLY D 206 20.74 -12.19 -11.95
N GLY D 207 21.03 -13.01 -12.96
CA GLY D 207 21.14 -14.44 -12.75
C GLY D 207 22.49 -14.64 -12.09
N ILE D 208 22.79 -15.87 -11.69
CA ILE D 208 24.06 -16.15 -11.04
C ILE D 208 24.79 -17.19 -11.87
N HIS D 209 26.11 -17.25 -11.72
CA HIS D 209 26.92 -18.19 -12.47
C HIS D 209 26.63 -19.68 -12.26
N GLY D 210 26.39 -20.38 -13.37
CA GLY D 210 26.15 -21.80 -13.33
C GLY D 210 24.79 -22.27 -12.89
N ARG D 211 23.78 -21.42 -12.98
CA ARG D 211 22.47 -21.89 -12.57
C ARG D 211 21.92 -22.77 -13.67
N ILE D 212 22.39 -22.56 -14.89
CA ILE D 212 21.85 -23.37 -15.96
C ILE D 212 22.31 -24.82 -15.83
N SER D 213 23.61 -25.02 -15.64
CA SER D 213 24.18 -26.35 -15.50
C SER D 213 24.09 -26.82 -14.05
N ALA D 214 23.51 -26.00 -13.18
CA ALA D 214 23.38 -26.31 -11.77
C ALA D 214 22.90 -27.72 -11.45
N THR D 215 21.74 -28.10 -11.98
CA THR D 215 21.17 -29.41 -11.71
C THR D 215 22.08 -30.55 -12.17
N GLY D 216 22.65 -30.43 -13.37
CA GLY D 216 23.55 -31.46 -13.86
C GLY D 216 24.72 -31.62 -12.89
N ARG D 217 25.36 -30.50 -12.57
CA ARG D 217 26.48 -30.50 -11.64
C ARG D 217 26.04 -31.12 -10.31
N GLY D 218 24.79 -30.86 -9.92
CA GLY D 218 24.26 -31.40 -8.69
C GLY D 218 24.10 -32.90 -8.79
N VAL D 219 23.47 -33.36 -9.87
CA VAL D 219 23.26 -34.79 -10.12
C VAL D 219 24.60 -35.50 -10.03
N PHE D 220 25.63 -34.87 -10.59
CA PHE D 220 26.98 -35.44 -10.57
C PHE D 220 27.42 -35.67 -9.12
N HIS D 221 27.37 -34.62 -8.30
CA HIS D 221 27.76 -34.73 -6.91
C HIS D 221 26.95 -35.76 -6.16
N GLY D 222 25.67 -35.84 -6.51
CA GLY D 222 24.79 -36.78 -5.86
C GLY D 222 25.32 -38.20 -6.04
N ILE D 223 25.54 -38.57 -7.30
CA ILE D 223 26.06 -39.88 -7.64
C ILE D 223 27.45 -40.06 -7.02
N GLU D 224 28.34 -39.09 -7.27
CA GLU D 224 29.70 -39.16 -6.75
C GLU D 224 29.76 -39.54 -5.28
N ASN D 225 28.88 -38.95 -4.47
CA ASN D 225 28.84 -39.22 -3.05
C ASN D 225 28.46 -40.65 -2.77
N PHE D 226 27.72 -41.27 -3.67
CA PHE D 226 27.32 -42.64 -3.45
C PHE D 226 28.18 -43.67 -4.18
N ILE D 227 28.64 -43.33 -5.37
CA ILE D 227 29.44 -44.27 -6.13
C ILE D 227 30.86 -44.37 -5.54
N ASN D 228 31.05 -43.73 -4.39
CA ASN D 228 32.34 -43.75 -3.70
C ASN D 228 32.14 -44.09 -2.23
N GLU D 229 31.31 -45.10 -1.93
CA GLU D 229 31.11 -45.49 -0.53
C GLU D 229 31.56 -46.93 -0.21
N ALA D 230 31.50 -47.83 -1.19
CA ALA D 230 31.88 -49.22 -0.99
C ALA D 230 30.81 -49.93 -0.15
N SER D 231 30.39 -49.27 0.93
CA SER D 231 29.37 -49.78 1.81
C SER D 231 28.15 -50.03 0.93
N TYR D 232 27.91 -49.10 0.00
CA TYR D 232 26.79 -49.18 -0.93
C TYR D 232 27.26 -49.85 -2.23
N MET D 233 28.50 -49.57 -2.64
CA MET D 233 29.03 -50.17 -3.87
C MET D 233 29.19 -51.70 -3.83
N SER D 234 29.52 -52.23 -2.65
CA SER D 234 29.68 -53.67 -2.44
C SER D 234 28.34 -54.35 -2.69
N ILE D 235 27.33 -53.91 -1.96
CA ILE D 235 25.98 -54.43 -2.07
C ILE D 235 25.52 -54.48 -3.54
N LEU D 236 26.17 -53.70 -4.40
CA LEU D 236 25.79 -53.65 -5.80
C LEU D 236 26.76 -54.43 -6.69
N GLY D 237 27.83 -54.96 -6.09
CA GLY D 237 28.81 -55.68 -6.89
C GLY D 237 29.37 -54.71 -7.91
N MET D 238 29.86 -53.57 -7.40
CA MET D 238 30.44 -52.53 -8.23
C MET D 238 31.66 -51.91 -7.60
N THR D 239 32.64 -51.62 -8.44
CA THR D 239 33.86 -50.99 -7.96
C THR D 239 33.60 -49.49 -7.77
N PRO D 240 34.16 -48.91 -6.69
CA PRO D 240 33.91 -47.47 -6.54
C PRO D 240 34.55 -46.67 -7.67
N GLY D 241 34.05 -45.45 -7.90
CA GLY D 241 34.60 -44.59 -8.93
C GLY D 241 33.83 -44.53 -10.24
N PHE D 242 33.95 -43.42 -10.94
CA PHE D 242 33.27 -43.22 -12.23
C PHE D 242 34.05 -43.80 -13.43
N GLY D 243 35.37 -43.79 -13.33
CA GLY D 243 36.25 -44.27 -14.39
C GLY D 243 35.84 -45.46 -15.23
N ASP D 244 35.15 -46.42 -14.63
CA ASP D 244 34.73 -47.62 -15.34
C ASP D 244 33.22 -47.80 -15.39
N LYS D 245 32.48 -46.70 -15.53
CA LYS D 245 31.04 -46.79 -15.56
C LYS D 245 30.48 -46.29 -16.87
N THR D 246 29.35 -46.84 -17.27
CA THR D 246 28.69 -46.44 -18.48
C THR D 246 27.28 -46.07 -18.03
N PHE D 247 26.79 -44.95 -18.54
CA PHE D 247 25.45 -44.52 -18.19
C PHE D 247 24.66 -44.19 -19.44
N ALA D 248 23.36 -44.09 -19.23
CA ALA D 248 22.40 -43.74 -20.28
C ALA D 248 21.43 -42.77 -19.63
N VAL D 249 21.07 -41.72 -20.37
CA VAL D 249 20.16 -40.72 -19.84
C VAL D 249 18.95 -40.43 -20.73
N GLN D 250 17.77 -40.39 -20.11
CA GLN D 250 16.51 -40.12 -20.79
C GLN D 250 16.22 -38.62 -20.72
N GLY D 251 16.39 -37.92 -21.84
CA GLY D 251 16.16 -36.47 -21.85
C GLY D 251 17.46 -35.73 -22.03
N PHE D 252 17.62 -35.08 -23.17
CA PHE D 252 18.82 -34.31 -23.45
C PHE D 252 18.43 -32.83 -23.34
N GLY D 253 18.06 -32.42 -22.11
CA GLY D 253 17.66 -31.05 -21.83
C GLY D 253 18.53 -30.37 -20.80
N ASN D 254 17.96 -29.45 -20.03
CA ASN D 254 18.75 -28.73 -19.04
C ASN D 254 19.37 -29.66 -18.02
N VAL D 255 18.56 -30.55 -17.46
CA VAL D 255 19.05 -31.48 -16.45
C VAL D 255 19.75 -32.68 -17.11
N GLY D 256 19.28 -33.05 -18.29
CA GLY D 256 19.85 -34.18 -19.02
C GLY D 256 21.23 -33.90 -19.61
N LEU D 257 21.31 -32.94 -20.54
CA LEU D 257 22.58 -32.54 -21.17
C LEU D 257 23.71 -32.36 -20.16
N HIS D 258 23.51 -31.48 -19.18
CA HIS D 258 24.55 -31.21 -18.19
C HIS D 258 24.90 -32.36 -17.31
N SER D 259 23.94 -33.25 -17.07
CA SER D 259 24.23 -34.44 -16.28
C SER D 259 25.26 -35.26 -17.07
N MET D 260 24.99 -35.45 -18.35
CA MET D 260 25.85 -36.20 -19.24
C MET D 260 27.22 -35.54 -19.31
N ARG D 261 27.22 -34.21 -19.43
CA ARG D 261 28.44 -33.43 -19.48
C ARG D 261 29.38 -33.69 -18.33
N TYR D 262 28.88 -33.54 -17.11
CA TYR D 262 29.73 -33.74 -15.96
C TYR D 262 30.20 -35.16 -15.75
N LEU D 263 29.31 -36.13 -15.92
CA LEU D 263 29.74 -37.52 -15.76
C LEU D 263 30.89 -37.87 -16.73
N HIS D 264 30.71 -37.49 -17.99
CA HIS D 264 31.70 -37.71 -19.04
C HIS D 264 33.01 -37.06 -18.64
N ARG D 265 32.92 -35.90 -18.02
CA ARG D 265 34.11 -35.17 -17.59
C ARG D 265 34.91 -35.99 -16.61
N PHE D 266 34.23 -36.84 -15.84
CA PHE D 266 34.92 -37.66 -14.86
C PHE D 266 35.06 -39.13 -15.27
N GLY D 267 35.40 -39.34 -16.54
CA GLY D 267 35.61 -40.70 -17.08
C GLY D 267 34.44 -41.68 -17.12
N ALA D 268 33.23 -41.16 -17.16
CA ALA D 268 32.06 -42.02 -17.23
C ALA D 268 31.74 -42.03 -18.71
N LYS D 269 31.09 -43.08 -19.19
CA LYS D 269 30.78 -43.18 -20.60
C LYS D 269 29.31 -43.20 -20.94
N CYS D 270 28.88 -42.22 -21.74
CA CYS D 270 27.48 -42.14 -22.12
C CYS D 270 27.25 -43.06 -23.29
N VAL D 271 26.50 -44.13 -23.03
CA VAL D 271 26.20 -45.11 -24.07
C VAL D 271 24.84 -44.91 -24.72
N ALA D 272 23.98 -44.09 -24.12
CA ALA D 272 22.66 -43.86 -24.69
C ALA D 272 22.10 -42.51 -24.27
N VAL D 273 21.38 -41.90 -25.21
CA VAL D 273 20.75 -40.62 -24.97
C VAL D 273 19.36 -40.72 -25.60
N GLY D 274 18.36 -40.24 -24.91
CA GLY D 274 17.00 -40.32 -25.42
C GLY D 274 16.23 -39.02 -25.48
N GLU D 275 15.08 -39.07 -26.15
CA GLU D 275 14.18 -37.93 -26.29
C GLU D 275 12.78 -38.44 -26.53
N SER D 276 11.90 -37.58 -27.02
CA SER D 276 10.52 -38.00 -27.27
C SER D 276 10.41 -38.69 -28.61
N ASP D 277 11.19 -38.20 -29.57
CA ASP D 277 11.17 -38.79 -30.89
C ASP D 277 11.86 -40.17 -30.88
N GLY D 278 12.94 -40.32 -30.11
CA GLY D 278 13.60 -41.62 -30.07
C GLY D 278 14.87 -41.63 -29.25
N SER D 279 15.58 -42.76 -29.24
CA SER D 279 16.84 -42.86 -28.50
C SER D 279 17.99 -43.18 -29.45
N ILE D 280 19.20 -42.87 -29.04
CA ILE D 280 20.37 -43.20 -29.85
C ILE D 280 21.28 -44.00 -28.94
N TRP D 281 22.25 -44.69 -29.54
CA TRP D 281 23.12 -45.55 -28.77
C TRP D 281 24.50 -45.71 -29.39
N ASN D 282 25.40 -46.25 -28.58
CA ASN D 282 26.79 -46.49 -28.97
C ASN D 282 27.51 -47.09 -27.76
N PRO D 283 27.88 -48.36 -27.85
CA PRO D 283 28.58 -49.00 -26.72
C PRO D 283 29.95 -48.38 -26.42
N ASP D 284 30.55 -47.77 -27.43
CA ASP D 284 31.87 -47.14 -27.27
C ASP D 284 31.75 -45.74 -26.66
N GLY D 285 30.51 -45.27 -26.48
CA GLY D 285 30.30 -43.98 -25.88
C GLY D 285 29.98 -42.83 -26.84
N ILE D 286 29.10 -41.94 -26.38
CA ILE D 286 28.70 -40.76 -27.16
C ILE D 286 29.28 -39.52 -26.46
N ASP D 287 29.73 -38.54 -27.24
CA ASP D 287 30.31 -37.32 -26.67
C ASP D 287 29.28 -36.23 -26.52
N PRO D 288 29.25 -35.58 -25.34
CA PRO D 288 28.32 -34.50 -24.98
C PRO D 288 28.39 -33.26 -25.87
N LYS D 289 29.59 -32.87 -26.27
CA LYS D 289 29.74 -31.67 -27.09
C LYS D 289 29.28 -31.82 -28.54
N GLU D 290 29.65 -32.90 -29.22
CA GLU D 290 29.21 -33.07 -30.61
C GLU D 290 27.72 -33.42 -30.74
N LEU D 291 27.17 -34.10 -29.73
CA LEU D 291 25.76 -34.47 -29.72
C LEU D 291 24.97 -33.17 -29.56
N GLU D 292 25.47 -32.28 -28.69
CA GLU D 292 24.79 -31.04 -28.45
C GLU D 292 24.76 -30.14 -29.66
N ASP D 293 25.88 -30.08 -30.38
CA ASP D 293 25.95 -29.23 -31.57
C ASP D 293 25.07 -29.81 -32.70
N PHE D 294 25.00 -31.14 -32.77
CA PHE D 294 24.18 -31.79 -33.77
C PHE D 294 22.75 -31.42 -33.44
N LYS D 295 22.39 -31.60 -32.17
CA LYS D 295 21.07 -31.27 -31.67
C LYS D 295 20.67 -29.81 -31.89
N LEU D 296 21.62 -28.89 -31.76
CA LEU D 296 21.35 -27.46 -31.98
C LEU D 296 21.15 -27.18 -33.46
N GLN D 297 22.04 -27.71 -34.28
CA GLN D 297 21.98 -27.52 -35.73
C GLN D 297 20.77 -28.20 -36.40
N HIS D 298 20.46 -29.41 -35.96
CA HIS D 298 19.38 -30.22 -36.54
C HIS D 298 18.09 -30.35 -35.72
N GLY D 299 18.10 -29.81 -34.52
CA GLY D 299 16.91 -29.88 -33.67
C GLY D 299 16.44 -31.25 -33.22
N THR D 300 17.36 -32.23 -33.17
CA THR D 300 17.02 -33.58 -32.75
C THR D 300 18.32 -34.37 -32.62
N ILE D 301 18.29 -35.43 -31.81
CA ILE D 301 19.47 -36.25 -31.60
C ILE D 301 19.47 -37.40 -32.60
N LEU D 302 18.29 -37.70 -33.14
CA LEU D 302 18.12 -38.76 -34.13
C LEU D 302 18.84 -38.36 -35.42
N GLY D 303 19.78 -39.21 -35.84
CA GLY D 303 20.56 -38.91 -37.04
C GLY D 303 22.02 -38.63 -36.74
N PHE D 304 22.35 -38.48 -35.47
CA PHE D 304 23.71 -38.21 -35.04
C PHE D 304 24.67 -39.22 -35.66
N PRO D 305 25.62 -38.72 -36.48
CA PRO D 305 26.58 -39.62 -37.12
C PRO D 305 27.32 -40.66 -36.25
N LYS D 306 27.98 -40.24 -35.18
CA LYS D 306 28.72 -41.18 -34.34
C LYS D 306 27.88 -42.03 -33.38
N ALA D 307 26.74 -42.50 -33.86
CA ALA D 307 25.85 -43.34 -33.07
C ALA D 307 24.67 -43.82 -33.91
N LYS D 308 24.20 -45.03 -33.59
CA LYS D 308 23.06 -45.67 -34.28
C LYS D 308 21.75 -45.27 -33.63
N ILE D 309 20.65 -45.41 -34.36
CA ILE D 309 19.33 -45.07 -33.85
C ILE D 309 18.72 -46.27 -33.08
N TYR D 310 19.15 -46.44 -31.83
CA TYR D 310 18.70 -47.55 -30.97
C TYR D 310 17.20 -47.76 -30.97
N GLU D 311 16.79 -48.96 -31.34
CA GLU D 311 15.38 -49.29 -31.32
C GLU D 311 15.12 -50.00 -30.01
N GLY D 312 14.26 -49.40 -29.20
CA GLY D 312 13.95 -49.98 -27.91
C GLY D 312 14.10 -48.98 -26.79
N SER D 313 13.41 -49.26 -25.69
CA SER D 313 13.41 -48.44 -24.48
C SER D 313 14.81 -48.00 -23.97
N ILE D 314 14.97 -46.68 -23.82
CA ILE D 314 16.19 -46.06 -23.32
C ILE D 314 16.34 -46.43 -21.84
N LEU D 315 15.20 -46.70 -21.20
CA LEU D 315 15.15 -47.08 -19.79
C LEU D 315 15.57 -48.53 -19.58
N GLU D 316 15.80 -49.25 -20.67
CA GLU D 316 16.15 -50.67 -20.55
C GLU D 316 17.54 -51.00 -21.06
N VAL D 317 18.16 -50.04 -21.76
CA VAL D 317 19.48 -50.26 -22.33
C VAL D 317 20.48 -50.77 -21.28
N ASP D 318 21.51 -51.47 -21.75
CA ASP D 318 22.52 -52.01 -20.85
C ASP D 318 23.56 -50.95 -20.49
N CYS D 319 23.63 -50.66 -19.19
CA CYS D 319 24.53 -49.67 -18.64
C CYS D 319 24.62 -49.85 -17.12
N ASP D 320 25.49 -49.05 -16.51
CA ASP D 320 25.70 -49.06 -15.07
C ASP D 320 24.70 -48.14 -14.35
N ILE D 321 24.56 -46.90 -14.85
CA ILE D 321 23.66 -45.93 -14.25
C ILE D 321 22.63 -45.39 -15.25
N LEU D 322 21.36 -45.40 -14.82
CA LEU D 322 20.28 -44.89 -15.67
C LEU D 322 19.81 -43.54 -15.13
N ILE D 323 19.87 -42.52 -15.96
CA ILE D 323 19.49 -41.17 -15.57
C ILE D 323 18.18 -40.67 -16.18
N PRO D 324 17.07 -40.73 -15.42
CA PRO D 324 15.83 -40.23 -16.00
C PRO D 324 15.77 -38.71 -15.84
N ALA D 325 15.78 -38.00 -16.97
CA ALA D 325 15.73 -36.54 -16.95
C ALA D 325 14.54 -36.02 -17.80
N ALA D 326 13.52 -36.85 -17.94
CA ALA D 326 12.33 -36.50 -18.71
C ALA D 326 11.22 -36.21 -17.72
N SER D 327 9.98 -36.54 -18.10
CA SER D 327 8.83 -36.31 -17.21
C SER D 327 8.72 -37.40 -16.13
N GLU D 328 7.65 -37.36 -15.34
CA GLU D 328 7.43 -38.32 -14.26
C GLU D 328 7.00 -39.71 -14.72
N LYS D 329 6.87 -40.62 -13.74
CA LYS D 329 6.48 -42.01 -13.95
C LYS D 329 6.93 -42.67 -15.25
N GLN D 330 8.24 -42.69 -15.46
CA GLN D 330 8.81 -43.31 -16.65
C GLN D 330 9.10 -44.78 -16.31
N LEU D 331 9.61 -45.00 -15.10
CA LEU D 331 9.91 -46.35 -14.58
C LEU D 331 8.69 -46.82 -13.79
N THR D 332 7.93 -47.74 -14.38
CA THR D 332 6.72 -48.28 -13.75
C THR D 332 6.90 -49.75 -13.39
N LYS D 333 5.85 -50.34 -12.83
CA LYS D 333 5.87 -51.75 -12.44
C LYS D 333 6.18 -52.69 -13.61
N SER D 334 5.71 -52.30 -14.80
CA SER D 334 5.89 -53.09 -16.03
C SER D 334 7.36 -53.28 -16.35
N ASN D 335 7.95 -52.24 -16.95
CA ASN D 335 9.35 -52.25 -17.36
C ASN D 335 10.38 -52.32 -16.24
N ALA D 336 9.96 -52.07 -15.00
CA ALA D 336 10.90 -52.11 -13.87
C ALA D 336 11.89 -53.29 -13.86
N PRO D 337 11.39 -54.54 -14.01
CA PRO D 337 12.27 -55.70 -14.01
C PRO D 337 13.31 -55.78 -15.15
N ARG D 338 13.08 -55.06 -16.24
CA ARG D 338 13.99 -55.10 -17.38
C ARG D 338 14.89 -53.86 -17.51
N VAL D 339 15.54 -53.43 -16.42
CA VAL D 339 16.37 -52.23 -16.52
C VAL D 339 17.88 -52.37 -16.71
N LYS D 340 18.45 -53.53 -16.39
CA LYS D 340 19.89 -53.73 -16.56
C LYS D 340 20.80 -52.89 -15.62
N ALA D 341 20.62 -51.56 -15.60
CA ALA D 341 21.43 -50.69 -14.74
C ALA D 341 21.36 -51.04 -13.25
N LYS D 342 22.46 -50.83 -12.54
CA LYS D 342 22.53 -51.11 -11.10
C LYS D 342 22.13 -49.85 -10.32
N ILE D 343 22.43 -48.69 -10.87
CA ILE D 343 22.11 -47.43 -10.23
C ILE D 343 21.09 -46.60 -10.98
N ILE D 344 20.11 -46.09 -10.23
CA ILE D 344 19.06 -45.25 -10.76
C ILE D 344 19.20 -43.88 -10.08
N ALA D 345 19.73 -42.91 -10.83
CA ALA D 345 19.89 -41.54 -10.32
C ALA D 345 18.70 -40.74 -10.81
N GLU D 346 17.70 -40.57 -9.95
CA GLU D 346 16.51 -39.83 -10.33
C GLU D 346 16.77 -38.35 -10.62
N GLY D 347 16.97 -38.04 -11.90
CA GLY D 347 17.22 -36.68 -12.30
C GLY D 347 15.94 -35.85 -12.28
N ALA D 348 14.88 -36.39 -12.88
CA ALA D 348 13.60 -35.69 -12.91
C ALA D 348 12.83 -35.90 -11.61
N ASN D 349 11.71 -35.21 -11.50
CA ASN D 349 10.92 -35.33 -10.30
C ASN D 349 9.97 -36.48 -10.45
N GLY D 350 10.06 -37.42 -9.51
CA GLY D 350 9.21 -38.60 -9.50
C GLY D 350 9.21 -39.38 -10.81
N PRO D 351 10.40 -39.78 -11.33
CA PRO D 351 10.42 -40.53 -12.58
C PRO D 351 9.99 -41.99 -12.40
N THR D 352 9.97 -42.48 -11.15
CA THR D 352 9.57 -43.88 -10.91
C THR D 352 8.43 -44.04 -9.92
N THR D 353 7.48 -44.90 -10.28
CA THR D 353 6.29 -45.20 -9.47
C THR D 353 6.64 -45.91 -8.14
N PRO D 354 5.69 -45.95 -7.19
CA PRO D 354 6.01 -46.61 -5.92
C PRO D 354 6.37 -48.08 -6.10
N GLU D 355 5.74 -48.73 -7.07
CA GLU D 355 6.01 -50.16 -7.29
C GLU D 355 7.36 -50.44 -7.95
N ALA D 356 7.81 -49.55 -8.81
CA ALA D 356 9.11 -49.71 -9.46
C ALA D 356 10.16 -49.70 -8.34
N ASP D 357 9.91 -48.86 -7.34
CA ASP D 357 10.79 -48.76 -6.18
C ASP D 357 10.89 -50.17 -5.64
N LYS D 358 9.74 -50.64 -5.14
CA LYS D 358 9.58 -51.97 -4.58
C LYS D 358 10.40 -53.02 -5.36
N ILE D 359 10.21 -53.07 -6.68
CA ILE D 359 10.92 -54.01 -7.54
C ILE D 359 12.43 -53.76 -7.49
N PHE D 360 12.83 -52.51 -7.66
CA PHE D 360 14.24 -52.13 -7.62
C PHE D 360 14.87 -52.48 -6.28
N LEU D 361 14.09 -52.42 -5.20
CA LEU D 361 14.62 -52.75 -3.87
C LEU D 361 14.98 -54.23 -3.92
N GLU D 362 13.98 -55.04 -4.28
CA GLU D 362 14.16 -56.49 -4.39
C GLU D 362 15.25 -56.79 -5.42
N ARG D 363 15.10 -56.28 -6.64
CA ARG D 363 16.11 -56.50 -7.69
C ARG D 363 17.51 -56.04 -7.26
N ASN D 364 17.58 -55.37 -6.12
CA ASN D 364 18.84 -54.84 -5.56
C ASN D 364 19.55 -53.84 -6.48
N ILE D 365 18.77 -52.84 -6.86
CA ILE D 365 19.21 -51.78 -7.73
C ILE D 365 18.98 -50.51 -6.90
N MET D 366 20.06 -49.77 -6.70
CA MET D 366 20.00 -48.55 -5.89
C MET D 366 19.38 -47.37 -6.62
N VAL D 367 18.43 -46.73 -5.95
CA VAL D 367 17.73 -45.58 -6.50
C VAL D 367 17.99 -44.36 -5.66
N ILE D 368 18.79 -43.44 -6.21
CA ILE D 368 19.10 -42.18 -5.52
C ILE D 368 17.90 -41.30 -5.75
N PRO D 369 17.08 -41.09 -4.70
CA PRO D 369 15.87 -40.26 -4.77
C PRO D 369 15.98 -38.86 -5.35
N ASP D 370 14.96 -38.49 -6.13
CA ASP D 370 14.87 -37.19 -6.79
C ASP D 370 15.00 -36.03 -5.82
N LEU D 371 14.29 -36.12 -4.69
CA LEU D 371 14.28 -35.04 -3.73
C LEU D 371 15.61 -34.77 -3.04
N TYR D 372 16.68 -35.36 -3.54
CA TYR D 372 18.02 -35.14 -3.01
C TYR D 372 18.92 -34.93 -4.21
N LEU D 373 18.92 -35.93 -5.08
CA LEU D 373 19.75 -35.94 -6.27
C LEU D 373 19.57 -34.72 -7.19
N ASN D 374 18.34 -34.23 -7.35
CA ASN D 374 18.16 -33.06 -8.22
C ASN D 374 17.98 -31.75 -7.47
N ALA D 375 18.34 -31.73 -6.18
CA ALA D 375 18.21 -30.54 -5.33
C ALA D 375 19.26 -29.47 -5.64
N GLY D 376 20.21 -29.78 -6.53
CA GLY D 376 21.24 -28.82 -6.89
C GLY D 376 20.69 -27.57 -7.57
N GLY D 377 19.53 -27.71 -8.20
CA GLY D 377 18.90 -26.60 -8.87
C GLY D 377 18.46 -25.49 -7.94
N VAL D 378 17.72 -25.83 -6.89
CA VAL D 378 17.27 -24.83 -5.91
C VAL D 378 18.38 -24.32 -5.04
N THR D 379 19.34 -25.19 -4.77
CA THR D 379 20.43 -24.77 -3.96
C THR D 379 21.07 -23.60 -4.68
N VAL D 380 21.26 -23.72 -5.99
CA VAL D 380 21.87 -22.65 -6.75
C VAL D 380 20.88 -21.51 -6.97
N SER D 381 19.59 -21.82 -7.07
CA SER D 381 18.56 -20.79 -7.23
C SER D 381 18.58 -19.92 -5.97
N TYR D 382 18.69 -20.59 -4.82
CA TYR D 382 18.76 -19.92 -3.53
C TYR D 382 19.96 -18.97 -3.48
N PHE D 383 21.09 -19.39 -4.04
CA PHE D 383 22.27 -18.54 -4.08
C PHE D 383 22.01 -17.32 -4.97
N GLU D 384 21.22 -17.50 -6.04
CA GLU D 384 20.86 -16.40 -6.94
C GLU D 384 20.01 -15.39 -6.19
N TRP D 385 19.07 -15.92 -5.42
CA TRP D 385 18.13 -15.13 -4.64
C TRP D 385 18.87 -14.29 -3.60
N LEU D 386 19.86 -14.91 -2.97
CA LEU D 386 20.64 -14.22 -1.97
C LEU D 386 21.44 -13.13 -2.67
N LYS D 387 21.91 -13.41 -3.89
CA LYS D 387 22.69 -12.46 -4.66
C LYS D 387 21.83 -11.25 -4.94
N ASN D 388 20.60 -11.49 -5.34
CA ASN D 388 19.68 -10.40 -5.63
C ASN D 388 19.44 -9.52 -4.45
N LEU D 389 19.24 -10.13 -3.28
CA LEU D 389 19.00 -9.36 -2.06
C LEU D 389 20.23 -8.52 -1.70
N ASN D 390 21.40 -9.13 -1.81
CA ASN D 390 22.66 -8.45 -1.49
C ASN D 390 23.01 -7.26 -2.38
N HIS D 391 22.61 -7.31 -3.64
CA HIS D 391 22.91 -6.25 -4.59
C HIS D 391 24.39 -6.01 -4.78
N VAL D 392 25.18 -7.06 -4.61
CA VAL D 392 26.62 -6.99 -4.82
C VAL D 392 27.00 -8.39 -5.25
N SER D 393 27.79 -8.50 -6.30
CA SER D 393 28.21 -9.81 -6.74
C SER D 393 29.36 -10.19 -5.80
N TYR D 394 29.33 -11.42 -5.30
CA TYR D 394 30.34 -11.94 -4.38
C TYR D 394 31.78 -11.56 -4.72
N GLY D 395 32.48 -10.97 -3.73
CA GLY D 395 33.87 -10.61 -3.92
C GLY D 395 34.24 -9.18 -4.27
N ARG D 396 33.32 -8.47 -4.91
CA ARG D 396 33.57 -7.10 -5.32
C ARG D 396 34.18 -6.22 -4.25
N LEU D 397 33.46 -6.07 -3.13
CA LEU D 397 33.93 -5.23 -2.04
C LEU D 397 35.25 -5.65 -1.39
N THR D 398 35.60 -6.93 -1.47
CA THR D 398 36.80 -7.43 -0.81
C THR D 398 37.96 -8.00 -1.62
N PHE D 399 37.81 -8.13 -2.93
CA PHE D 399 38.86 -8.68 -3.74
C PHE D 399 40.24 -8.09 -3.48
N LYS D 400 40.34 -6.77 -3.52
CA LYS D 400 41.62 -6.14 -3.31
C LYS D 400 42.10 -6.24 -1.87
N TYR D 401 41.20 -6.02 -0.91
CA TYR D 401 41.61 -6.06 0.50
C TYR D 401 42.18 -7.41 0.91
N GLU D 402 41.55 -8.49 0.47
CA GLU D 402 42.02 -9.82 0.82
C GLU D 402 43.36 -10.11 0.19
N ARG D 403 43.46 -9.76 -1.08
CA ARG D 403 44.70 -9.98 -1.81
C ARG D 403 45.83 -9.32 -1.02
N ASP D 404 45.72 -8.01 -0.76
CA ASP D 404 46.77 -7.34 0.01
C ASP D 404 46.97 -8.01 1.36
N SER D 405 45.86 -8.20 2.07
CA SER D 405 45.90 -8.82 3.39
C SER D 405 46.60 -10.17 3.38
N ASN D 406 46.37 -10.95 2.33
CA ASN D 406 46.99 -12.27 2.20
C ASN D 406 48.48 -12.20 1.97
N TYR D 407 48.92 -11.26 1.14
CA TYR D 407 50.35 -11.13 0.86
C TYR D 407 51.11 -10.71 2.11
N HIS D 408 50.46 -9.94 2.98
CA HIS D 408 51.04 -9.50 4.24
C HIS D 408 51.07 -10.64 5.27
N LEU D 409 50.06 -11.51 5.21
CA LEU D 409 50.00 -12.64 6.11
C LEU D 409 51.23 -13.48 5.79
N LEU D 410 51.37 -13.80 4.52
CA LEU D 410 52.49 -14.58 4.05
C LEU D 410 53.80 -13.85 4.34
N MET D 411 53.79 -12.53 4.18
CA MET D 411 55.00 -11.73 4.44
C MET D 411 55.33 -11.71 5.94
N SER D 412 54.35 -11.95 6.79
CA SER D 412 54.58 -11.95 8.24
C SER D 412 55.38 -13.15 8.67
N VAL D 413 55.23 -14.28 7.99
CA VAL D 413 56.00 -15.45 8.38
C VAL D 413 57.39 -15.31 7.79
N GLN D 414 57.43 -14.73 6.59
CA GLN D 414 58.70 -14.54 5.91
C GLN D 414 59.63 -13.67 6.73
N GLU D 415 59.21 -12.44 7.00
CA GLU D 415 60.04 -11.51 7.78
C GLU D 415 60.40 -12.00 9.16
N SER D 416 59.55 -12.85 9.72
CA SER D 416 59.77 -13.42 11.06
C SER D 416 60.86 -14.49 11.00
N LEU D 417 60.81 -15.33 9.98
CA LEU D 417 61.79 -16.39 9.83
C LEU D 417 63.14 -15.80 9.45
N GLU D 418 63.12 -14.73 8.67
CA GLU D 418 64.37 -14.09 8.26
C GLU D 418 65.01 -13.40 9.47
N ARG D 419 64.18 -13.04 10.44
CA ARG D 419 64.64 -12.40 11.65
C ARG D 419 65.34 -13.41 12.58
N LYS D 420 64.73 -14.58 12.75
CA LYS D 420 65.25 -15.63 13.64
C LYS D 420 66.44 -16.36 13.06
N PHE D 421 66.40 -16.64 11.76
CA PHE D 421 67.50 -17.32 11.06
C PHE D 421 68.46 -16.32 10.42
N GLY D 422 68.33 -15.06 10.79
CA GLY D 422 69.19 -14.00 10.28
C GLY D 422 69.69 -14.11 8.85
N LYS D 423 70.91 -13.60 8.65
CA LYS D 423 71.58 -13.60 7.35
C LYS D 423 72.04 -15.03 7.04
N HIS D 424 72.12 -15.84 8.10
CA HIS D 424 72.49 -17.24 7.97
C HIS D 424 71.58 -18.01 6.99
N GLY D 425 70.28 -17.69 7.00
CA GLY D 425 69.35 -18.35 6.10
C GLY D 425 69.07 -17.51 4.86
N GLY D 426 69.59 -16.28 4.85
CA GLY D 426 69.39 -15.39 3.72
C GLY D 426 67.91 -15.05 3.62
N THR D 427 67.38 -14.90 2.41
CA THR D 427 65.96 -14.64 2.31
C THR D 427 65.24 -15.97 2.24
N ILE D 428 64.09 -16.01 2.89
CA ILE D 428 63.26 -17.19 2.93
C ILE D 428 61.97 -16.76 2.27
N PRO D 429 61.93 -16.77 0.93
CA PRO D 429 60.69 -16.34 0.27
C PRO D 429 59.48 -17.25 0.47
N ILE D 430 58.39 -16.65 0.92
CA ILE D 430 57.12 -17.33 1.17
C ILE D 430 56.09 -16.88 0.15
N VAL D 431 55.99 -17.67 -0.93
CA VAL D 431 55.11 -17.41 -2.05
C VAL D 431 53.92 -18.41 -2.01
N PRO D 432 52.79 -18.05 -2.64
CA PRO D 432 51.63 -18.97 -2.62
C PRO D 432 51.84 -20.16 -3.58
N THR D 433 51.11 -21.25 -3.37
CA THR D 433 51.20 -22.41 -4.28
C THR D 433 50.30 -22.00 -5.44
N ALA D 434 50.22 -22.84 -6.47
CA ALA D 434 49.38 -22.50 -7.62
C ALA D 434 47.92 -22.45 -7.16
N GLU D 435 47.56 -23.35 -6.24
CA GLU D 435 46.20 -23.43 -5.71
C GLU D 435 45.82 -22.22 -4.87
N PHE D 436 46.66 -21.88 -3.89
CA PHE D 436 46.37 -20.73 -3.04
C PHE D 436 46.46 -19.43 -3.83
N GLN D 437 47.15 -19.45 -4.96
CA GLN D 437 47.24 -18.26 -5.80
C GLN D 437 45.87 -17.98 -6.43
N ASP D 438 45.22 -19.07 -6.85
CA ASP D 438 43.91 -19.00 -7.47
C ASP D 438 42.85 -18.51 -6.48
N ARG D 439 43.21 -18.49 -5.19
CA ARG D 439 42.31 -18.08 -4.12
C ARG D 439 42.78 -16.80 -3.42
N ILE D 440 43.99 -16.36 -3.74
CA ILE D 440 44.59 -15.18 -3.09
C ILE D 440 43.64 -14.01 -2.81
N SER D 441 42.62 -13.81 -3.65
CA SER D 441 41.68 -12.71 -3.43
C SER D 441 40.44 -13.09 -2.66
N GLY D 442 40.15 -14.38 -2.62
CA GLY D 442 38.99 -14.83 -1.91
C GLY D 442 38.01 -15.42 -2.87
N ALA D 443 36.85 -15.82 -2.37
CA ALA D 443 35.84 -16.41 -3.22
C ALA D 443 35.17 -15.42 -4.15
N SER D 444 34.89 -15.88 -5.36
CA SER D 444 34.23 -15.11 -6.38
C SER D 444 32.83 -15.67 -6.49
N GLU D 445 32.02 -15.03 -7.34
CA GLU D 445 30.67 -15.52 -7.53
C GLU D 445 30.78 -16.97 -8.02
N LYS D 446 31.64 -17.21 -9.00
CA LYS D 446 31.82 -18.56 -9.54
C LYS D 446 32.27 -19.53 -8.46
N ASP D 447 33.20 -19.09 -7.63
CA ASP D 447 33.74 -19.89 -6.54
C ASP D 447 32.72 -20.33 -5.49
N ILE D 448 31.82 -19.44 -5.09
CA ILE D 448 30.78 -19.73 -4.09
C ILE D 448 29.73 -20.73 -4.57
N VAL D 449 29.28 -20.56 -5.80
CA VAL D 449 28.29 -21.47 -6.37
C VAL D 449 28.85 -22.89 -6.39
N HIS D 450 30.02 -23.03 -7.01
CA HIS D 450 30.67 -24.33 -7.11
C HIS D 450 30.92 -25.02 -5.78
N SER D 451 31.46 -24.32 -4.80
CA SER D 451 31.74 -24.93 -3.50
C SER D 451 30.52 -24.97 -2.60
N GLY D 452 29.64 -23.99 -2.75
CA GLY D 452 28.44 -23.95 -1.94
C GLY D 452 27.59 -25.15 -2.31
N LEU D 453 27.50 -25.43 -3.61
CA LEU D 453 26.72 -26.57 -4.11
C LEU D 453 27.29 -27.86 -3.57
N ALA D 454 28.60 -28.00 -3.71
CA ALA D 454 29.34 -29.18 -3.27
C ALA D 454 29.21 -29.43 -1.77
N TYR D 455 29.31 -28.36 -1.01
CA TYR D 455 29.20 -28.44 0.43
C TYR D 455 27.83 -29.00 0.76
N THR D 456 26.83 -28.48 0.05
CA THR D 456 25.44 -28.88 0.26
C THR D 456 25.11 -30.29 -0.19
N MET D 457 25.57 -30.68 -1.37
CA MET D 457 25.28 -32.02 -1.87
C MET D 457 25.92 -33.08 -0.99
N GLU D 458 27.18 -32.85 -0.63
CA GLU D 458 27.94 -33.76 0.21
C GLU D 458 27.29 -33.84 1.61
N ARG D 459 27.13 -32.69 2.26
CA ARG D 459 26.54 -32.61 3.59
C ARG D 459 25.18 -33.28 3.72
N SER D 460 24.37 -33.18 2.67
CA SER D 460 23.03 -33.77 2.66
C SER D 460 23.10 -35.28 2.40
N ALA D 461 24.13 -35.70 1.68
CA ALA D 461 24.33 -37.11 1.37
C ALA D 461 24.59 -37.83 2.69
N ARG D 462 25.50 -37.26 3.48
CA ARG D 462 25.86 -37.82 4.78
C ARG D 462 24.63 -37.85 5.70
N GLN D 463 23.84 -36.79 5.67
CA GLN D 463 22.65 -36.75 6.49
C GLN D 463 21.69 -37.90 6.17
N ILE D 464 21.59 -38.27 4.89
CA ILE D 464 20.74 -39.36 4.47
C ILE D 464 21.37 -40.72 4.82
N MET D 465 22.62 -40.93 4.43
CA MET D 465 23.34 -42.18 4.73
C MET D 465 23.21 -42.47 6.22
N ARG D 466 23.58 -41.48 7.02
CA ARG D 466 23.50 -41.54 8.48
C ARG D 466 22.12 -42.04 8.93
N THR D 467 21.08 -41.62 8.21
CA THR D 467 19.71 -42.00 8.54
C THR D 467 19.40 -43.42 8.07
N ALA D 468 19.79 -43.74 6.83
CA ALA D 468 19.56 -45.06 6.25
C ALA D 468 20.13 -46.16 7.18
N MET D 469 21.15 -45.78 7.95
CA MET D 469 21.80 -46.68 8.90
C MET D 469 20.98 -46.79 10.19
N LYS D 470 20.63 -45.65 10.77
CA LYS D 470 19.87 -45.64 12.01
C LYS D 470 18.53 -46.37 11.88
N TYR D 471 18.10 -46.65 10.66
CA TYR D 471 16.82 -47.34 10.44
C TYR D 471 16.90 -48.49 9.43
N ASN D 472 18.11 -48.99 9.20
CA ASN D 472 18.37 -50.10 8.28
C ASN D 472 17.54 -50.09 7.02
N LEU D 473 17.42 -48.94 6.37
CA LEU D 473 16.65 -48.86 5.13
C LEU D 473 17.54 -49.37 3.99
N GLY D 474 18.81 -49.62 4.33
CA GLY D 474 19.78 -50.13 3.37
C GLY D 474 19.85 -49.36 2.06
N LEU D 475 19.06 -49.78 1.06
CA LEU D 475 19.06 -49.08 -0.22
C LEU D 475 17.81 -48.25 -0.47
N ASP D 476 16.95 -48.15 0.54
CA ASP D 476 15.74 -47.34 0.45
C ASP D 476 16.14 -45.93 0.92
N LEU D 477 16.93 -45.23 0.08
CA LEU D 477 17.42 -43.89 0.40
C LEU D 477 16.28 -42.88 0.33
N ARG D 478 15.28 -43.17 -0.50
CA ARG D 478 14.15 -42.28 -0.64
C ARG D 478 13.47 -42.11 0.71
N THR D 479 13.23 -43.23 1.40
CA THR D 479 12.58 -43.14 2.69
C THR D 479 13.51 -42.44 3.67
N ALA D 480 14.80 -42.70 3.54
CA ALA D 480 15.74 -42.04 4.43
C ALA D 480 15.62 -40.52 4.22
N ALA D 481 15.62 -40.10 2.95
CA ALA D 481 15.52 -38.69 2.59
C ALA D 481 14.28 -38.03 3.19
N TYR D 482 13.11 -38.65 2.99
CA TYR D 482 11.87 -38.11 3.54
C TYR D 482 11.87 -38.01 5.06
N VAL D 483 12.60 -38.89 5.71
CA VAL D 483 12.65 -38.85 7.16
C VAL D 483 13.23 -37.52 7.62
N ASN D 484 14.29 -37.07 6.94
CA ASN D 484 14.95 -35.81 7.27
C ASN D 484 14.07 -34.62 6.98
N ALA D 485 13.43 -34.65 5.82
CA ALA D 485 12.53 -33.60 5.38
C ALA D 485 11.45 -33.40 6.42
N ILE D 486 10.78 -34.49 6.74
CA ILE D 486 9.71 -34.47 7.73
C ILE D 486 10.26 -34.02 9.07
N GLU D 487 11.34 -34.64 9.47
CA GLU D 487 11.96 -34.34 10.75
C GLU D 487 12.25 -32.84 10.90
N LYS D 488 12.62 -32.20 9.78
CA LYS D 488 12.94 -30.78 9.78
C LYS D 488 11.69 -29.93 9.70
N VAL D 489 10.88 -30.17 8.68
CA VAL D 489 9.64 -29.43 8.53
C VAL D 489 8.82 -29.56 9.80
N PHE D 490 8.88 -30.72 10.48
CA PHE D 490 8.09 -30.93 11.70
C PHE D 490 8.41 -29.82 12.72
N ARG D 491 9.66 -29.74 13.18
CA ARG D 491 10.06 -28.72 14.15
C ARG D 491 9.31 -27.37 14.08
N VAL D 492 9.33 -26.76 12.89
CA VAL D 492 8.68 -25.47 12.70
C VAL D 492 7.27 -25.44 13.25
N TYR D 493 6.43 -26.37 12.80
CA TYR D 493 5.04 -26.40 13.23
C TYR D 493 4.85 -26.68 14.71
N ASN D 494 5.77 -27.46 15.28
CA ASN D 494 5.74 -27.82 16.68
C ASN D 494 6.06 -26.54 17.48
N GLU D 495 7.00 -25.73 16.99
CA GLU D 495 7.38 -24.50 17.69
C GLU D 495 6.71 -23.24 17.18
N ALA D 496 5.39 -23.31 16.99
CA ALA D 496 4.56 -22.21 16.49
C ALA D 496 4.71 -22.10 14.99
N GLY D 497 3.59 -21.87 14.30
CA GLY D 497 3.60 -21.78 12.86
C GLY D 497 2.63 -22.84 12.37
N VAL D 498 1.92 -23.41 13.36
CA VAL D 498 0.90 -24.44 13.19
C VAL D 498 -0.45 -23.74 12.92
N GLU E 4 8.61 3.86 50.89
CA GLU E 4 9.47 5.00 51.32
C GLU E 4 10.57 4.92 50.27
N ASP E 5 10.88 6.07 49.64
CA ASP E 5 11.85 6.16 48.53
C ASP E 5 11.24 5.45 47.33
N ASP E 6 10.24 6.09 46.74
CA ASP E 6 9.57 5.55 45.57
C ASP E 6 9.44 6.71 44.57
N PRO E 7 10.41 6.84 43.65
CA PRO E 7 10.34 7.92 42.67
C PRO E 7 9.76 7.52 41.33
N ASN E 8 9.16 8.49 40.65
CA ASN E 8 8.58 8.30 39.32
C ASN E 8 9.68 7.75 38.41
N PHE E 9 9.63 6.44 38.20
CA PHE E 9 10.59 5.78 37.37
C PHE E 9 10.99 6.60 36.14
N PHE E 10 10.00 7.14 35.40
CA PHE E 10 10.32 7.93 34.21
C PHE E 10 11.22 9.12 34.54
N LYS E 11 10.83 9.89 35.55
CA LYS E 11 11.59 11.04 35.96
C LYS E 11 12.88 10.54 36.61
N MET E 12 12.82 9.37 37.23
CA MET E 12 13.98 8.79 37.87
C MET E 12 15.10 8.64 36.84
N VAL E 13 14.71 8.20 35.65
CA VAL E 13 15.66 8.01 34.56
C VAL E 13 16.02 9.35 33.98
N GLU E 14 15.05 10.25 33.93
CA GLU E 14 15.29 11.60 33.44
C GLU E 14 16.35 12.22 34.35
N GLY E 15 16.31 11.84 35.62
CA GLY E 15 17.27 12.36 36.59
C GLY E 15 18.68 12.01 36.17
N PHE E 16 18.89 10.74 35.86
CA PHE E 16 20.18 10.27 35.41
C PHE E 16 20.56 11.02 34.14
N PHE E 17 19.61 11.20 33.23
CA PHE E 17 19.87 11.92 31.98
C PHE E 17 20.33 13.37 32.20
N ASP E 18 19.58 14.11 33.02
CA ASP E 18 19.93 15.51 33.29
C ASP E 18 21.31 15.62 33.92
N ARG E 19 21.57 14.76 34.89
CA ARG E 19 22.86 14.76 35.58
C ARG E 19 23.98 14.61 34.56
N GLY E 20 23.80 13.66 33.65
CA GLY E 20 24.80 13.43 32.63
C GLY E 20 24.78 14.52 31.59
N ALA E 21 23.62 15.12 31.36
CA ALA E 21 23.50 16.19 30.38
C ALA E 21 24.43 17.33 30.77
N SER E 22 24.33 17.76 32.02
CA SER E 22 25.18 18.86 32.50
C SER E 22 26.65 18.58 32.24
N ILE E 23 27.14 17.47 32.81
CA ILE E 23 28.55 17.09 32.67
C ILE E 23 29.13 17.35 31.27
N VAL E 24 28.37 17.02 30.23
CA VAL E 24 28.84 17.22 28.86
C VAL E 24 28.40 18.50 28.16
N GLU E 25 27.35 19.14 28.67
CA GLU E 25 26.86 20.35 28.02
C GLU E 25 27.97 21.23 27.45
N ASP E 26 29.04 21.41 28.21
CA ASP E 26 30.16 22.25 27.77
C ASP E 26 30.80 21.77 26.47
N LYS E 27 31.12 20.47 26.42
CA LYS E 27 31.75 19.87 25.25
C LYS E 27 30.86 20.02 24.02
N LEU E 28 29.57 19.73 24.20
CA LEU E 28 28.61 19.82 23.10
C LEU E 28 28.53 21.23 22.54
N VAL E 29 28.97 22.21 23.32
CA VAL E 29 28.94 23.59 22.84
C VAL E 29 30.25 23.96 22.13
N GLU E 30 31.35 23.40 22.63
CA GLU E 30 32.67 23.65 22.07
C GLU E 30 32.82 23.04 20.68
N ASP E 31 32.41 21.78 20.53
CA ASP E 31 32.48 21.07 19.25
C ASP E 31 31.63 21.79 18.20
N LEU E 32 30.49 22.31 18.65
CA LEU E 32 29.60 23.02 17.74
C LEU E 32 30.40 24.16 17.10
N LYS E 33 30.26 24.32 15.78
CA LYS E 33 31.00 25.35 15.06
C LYS E 33 30.15 26.34 14.26
N THR E 34 28.91 26.59 14.72
CA THR E 34 28.00 27.50 14.04
C THR E 34 28.38 28.98 13.94
N ARG E 35 27.63 29.71 13.13
CA ARG E 35 27.82 31.14 12.92
C ARG E 35 27.58 31.94 14.20
N GLU E 36 26.36 31.92 14.74
CA GLU E 36 26.08 32.66 15.97
C GLU E 36 26.77 31.92 17.12
N THR E 37 28.11 31.93 17.07
CA THR E 37 28.94 31.27 18.07
C THR E 37 28.62 31.69 19.52
N GLU E 38 27.88 32.78 19.68
CA GLU E 38 27.53 33.23 21.03
C GLU E 38 26.74 32.12 21.74
N GLU E 39 26.68 32.16 23.07
CA GLU E 39 25.98 31.10 23.78
C GLU E 39 24.49 30.92 23.54
N GLN E 40 24.05 31.17 22.31
CA GLN E 40 22.66 30.92 21.94
C GLN E 40 22.80 29.44 21.56
N LYS E 41 24.08 29.08 21.34
CA LYS E 41 24.59 27.75 21.00
C LYS E 41 24.22 26.87 22.19
N ARG E 42 24.44 27.43 23.37
CA ARG E 42 24.18 26.76 24.63
C ARG E 42 22.66 26.54 24.82
N ASN E 43 21.84 27.41 24.23
CA ASN E 43 20.39 27.24 24.36
C ASN E 43 19.95 26.18 23.38
N ARG E 44 20.49 26.25 22.16
CA ARG E 44 20.17 25.30 21.10
C ARG E 44 20.57 23.87 21.49
N VAL E 45 21.60 23.75 22.32
CA VAL E 45 22.00 22.42 22.76
C VAL E 45 20.97 21.99 23.79
N ARG E 46 20.59 22.91 24.67
CA ARG E 46 19.62 22.58 25.69
C ARG E 46 18.26 22.34 25.06
N GLY E 47 18.05 22.93 23.89
CA GLY E 47 16.79 22.74 23.20
C GLY E 47 16.71 21.33 22.65
N ILE E 48 17.79 20.89 22.02
CA ILE E 48 17.87 19.55 21.47
C ILE E 48 17.74 18.53 22.59
N LEU E 49 18.29 18.84 23.75
CA LEU E 49 18.20 17.94 24.88
C LEU E 49 16.78 17.86 25.41
N ARG E 50 16.07 18.99 25.39
CA ARG E 50 14.70 18.97 25.87
C ARG E 50 13.85 18.13 24.92
N ILE E 51 14.33 17.95 23.70
CA ILE E 51 13.61 17.17 22.70
C ILE E 51 13.87 15.69 22.84
N ILE E 52 15.10 15.33 23.17
CA ILE E 52 15.47 13.93 23.35
C ILE E 52 14.69 13.26 24.48
N LYS E 53 14.81 13.82 25.70
CA LYS E 53 14.16 13.30 26.91
C LYS E 53 12.77 12.65 26.86
N PRO E 54 11.81 13.26 26.15
CA PRO E 54 10.47 12.68 26.09
C PRO E 54 10.21 11.64 24.97
N CYS E 55 9.23 10.78 25.20
CA CYS E 55 8.85 9.76 24.22
C CYS E 55 8.16 10.45 23.07
N ASN E 56 8.23 9.87 21.88
CA ASN E 56 7.59 10.48 20.72
C ASN E 56 6.17 10.01 20.50
N HIS E 57 5.97 8.71 20.67
CA HIS E 57 4.68 8.11 20.50
C HIS E 57 4.42 7.09 21.60
N VAL E 58 3.25 7.14 22.21
CA VAL E 58 2.91 6.15 23.22
C VAL E 58 1.50 5.67 22.96
N LEU E 59 1.38 4.39 22.63
CA LEU E 59 0.09 3.80 22.34
C LEU E 59 -0.45 3.07 23.56
N SER E 60 -1.70 3.35 23.89
CA SER E 60 -2.35 2.72 25.02
C SER E 60 -3.48 1.87 24.47
N LEU E 61 -3.44 0.59 24.80
CA LEU E 61 -4.44 -0.35 24.34
C LEU E 61 -5.32 -0.88 25.44
N SER E 62 -6.55 -1.19 25.04
CA SER E 62 -7.57 -1.74 25.89
C SER E 62 -8.38 -2.59 24.92
N PHE E 63 -8.29 -3.90 25.04
CA PHE E 63 -9.05 -4.77 24.14
C PHE E 63 -9.59 -6.01 24.84
N PRO E 64 -10.63 -6.62 24.29
CA PRO E 64 -11.20 -7.82 24.91
C PRO E 64 -10.69 -9.19 24.47
N ILE E 65 -10.64 -10.11 25.44
CA ILE E 65 -10.25 -11.49 25.16
C ILE E 65 -11.33 -12.37 25.80
N ARG E 66 -11.46 -13.61 25.31
CA ARG E 66 -12.47 -14.52 25.84
C ARG E 66 -11.82 -15.59 26.71
N ARG E 67 -12.05 -15.48 28.02
CA ARG E 67 -11.51 -16.42 29.01
C ARG E 67 -12.01 -17.83 28.71
N ASP E 68 -11.19 -18.83 29.05
CA ASP E 68 -11.53 -20.23 28.82
C ASP E 68 -12.89 -20.63 29.41
N ASP E 69 -13.27 -19.99 30.50
CA ASP E 69 -14.55 -20.28 31.15
C ASP E 69 -15.70 -19.53 30.46
N GLY E 70 -15.44 -19.06 29.24
CA GLY E 70 -16.47 -18.36 28.47
C GLY E 70 -16.77 -16.91 28.79
N SER E 71 -16.09 -16.32 29.77
CA SER E 71 -16.38 -14.93 30.14
C SER E 71 -15.58 -13.85 29.42
N TRP E 72 -16.05 -12.60 29.52
CA TRP E 72 -15.38 -11.46 28.89
C TRP E 72 -14.57 -10.60 29.85
N GLU E 73 -13.30 -10.44 29.48
CA GLU E 73 -12.32 -9.66 30.25
C GLU E 73 -11.58 -8.67 29.35
N VAL E 74 -11.46 -7.44 29.83
CA VAL E 74 -10.76 -6.38 29.13
C VAL E 74 -9.34 -6.34 29.64
N ILE E 75 -8.39 -6.38 28.73
CA ILE E 75 -6.99 -6.34 29.14
C ILE E 75 -6.33 -5.05 28.62
N GLU E 76 -5.46 -4.46 29.44
CA GLU E 76 -4.75 -3.24 29.07
C GLU E 76 -3.29 -3.49 28.68
N GLY E 77 -2.81 -2.72 27.71
CA GLY E 77 -1.44 -2.87 27.25
C GLY E 77 -0.93 -1.55 26.70
N TYR E 78 0.38 -1.37 26.73
CA TYR E 78 0.99 -0.14 26.23
C TYR E 78 2.26 -0.46 25.46
N ARG E 79 2.60 0.43 24.54
CA ARG E 79 3.82 0.32 23.74
C ARG E 79 4.29 1.75 23.54
N ALA E 80 5.50 2.06 23.96
CA ALA E 80 6.00 3.42 23.82
C ALA E 80 7.23 3.44 22.94
N GLN E 81 7.32 4.46 22.08
CA GLN E 81 8.46 4.65 21.19
C GLN E 81 9.10 5.93 21.66
N HIS E 82 10.24 5.80 22.33
CA HIS E 82 10.94 6.96 22.86
C HIS E 82 11.57 7.83 21.81
N SER E 83 12.50 7.25 21.06
CA SER E 83 13.20 8.00 20.04
C SER E 83 13.22 7.28 18.72
N GLN E 84 13.50 8.05 17.67
CA GLN E 84 13.56 7.51 16.33
C GLN E 84 14.68 8.14 15.51
N HIS E 85 15.77 8.48 16.19
CA HIS E 85 16.92 9.06 15.55
C HIS E 85 17.65 7.90 14.85
N ARG E 86 17.15 6.71 15.15
CA ARG E 86 17.63 5.45 14.61
C ARG E 86 16.35 4.64 14.39
N THR E 87 16.28 3.97 13.24
CA THR E 87 15.13 3.20 12.86
C THR E 87 15.60 1.78 12.62
N PRO E 88 14.84 0.78 13.09
CA PRO E 88 13.59 0.84 13.82
C PRO E 88 13.83 0.99 15.32
N CYS E 89 12.73 1.01 16.08
CA CYS E 89 12.79 1.10 17.52
C CYS E 89 12.94 -0.34 18.01
N LYS E 90 13.53 -0.50 19.19
CA LYS E 90 13.76 -1.81 19.77
C LYS E 90 13.41 -1.75 21.24
N GLY E 91 13.00 -2.88 21.81
CA GLY E 91 12.63 -2.93 23.21
C GLY E 91 11.60 -4.02 23.45
N GLY E 92 11.75 -4.77 24.54
CA GLY E 92 10.84 -5.88 24.82
C GLY E 92 9.42 -5.65 25.32
N ILE E 93 8.76 -6.75 25.64
CA ILE E 93 7.40 -6.72 26.16
C ILE E 93 7.37 -7.38 27.53
N ARG E 94 6.92 -6.63 28.52
CA ARG E 94 6.82 -7.11 29.89
C ARG E 94 5.35 -7.42 30.22
N TYR E 95 5.09 -8.62 30.76
CA TYR E 95 3.74 -9.07 31.15
C TYR E 95 3.68 -9.00 32.68
N SER E 96 3.03 -7.96 33.18
CA SER E 96 2.94 -7.78 34.62
C SER E 96 1.77 -6.89 34.98
N THR E 97 1.36 -6.95 36.24
CA THR E 97 0.24 -6.16 36.73
C THR E 97 0.75 -4.81 37.22
N ASP E 98 2.06 -4.63 37.16
CA ASP E 98 2.68 -3.39 37.60
C ASP E 98 2.99 -2.48 36.43
N VAL E 99 2.61 -2.89 35.24
CA VAL E 99 2.87 -2.06 34.09
C VAL E 99 1.90 -0.89 34.03
N SER E 100 2.46 0.30 33.88
CA SER E 100 1.68 1.51 33.77
C SER E 100 2.41 2.24 32.67
N VAL E 101 1.79 3.25 32.11
CA VAL E 101 2.43 4.02 31.04
C VAL E 101 3.76 4.57 31.51
N ASP E 102 3.77 5.11 32.72
CA ASP E 102 4.99 5.67 33.29
C ASP E 102 6.13 4.71 33.33
N GLU E 103 5.84 3.44 33.56
CA GLU E 103 6.88 2.43 33.61
C GLU E 103 7.34 2.15 32.19
N VAL E 104 6.38 1.86 31.32
CA VAL E 104 6.70 1.59 29.93
C VAL E 104 7.46 2.76 29.30
N LYS E 105 7.04 4.00 29.60
CA LYS E 105 7.72 5.18 29.06
C LYS E 105 9.16 5.25 29.52
N ALA E 106 9.40 4.79 30.74
CA ALA E 106 10.73 4.79 31.33
C ALA E 106 11.61 3.72 30.71
N LEU E 107 11.14 2.47 30.74
CA LEU E 107 11.90 1.37 30.17
C LEU E 107 12.20 1.70 28.70
N ALA E 108 11.26 2.32 28.02
CA ALA E 108 11.48 2.64 26.62
C ALA E 108 12.68 3.55 26.50
N SER E 109 12.70 4.62 27.29
CA SER E 109 13.83 5.55 27.25
C SER E 109 15.15 4.89 27.66
N LEU E 110 15.10 3.89 28.53
CA LEU E 110 16.32 3.23 28.92
C LEU E 110 16.84 2.44 27.73
N MET E 111 15.93 1.93 26.91
CA MET E 111 16.34 1.14 25.75
C MET E 111 17.18 1.93 24.77
N THR E 112 16.78 3.17 24.51
CA THR E 112 17.52 4.00 23.57
C THR E 112 18.92 4.38 24.02
N TYR E 113 19.06 4.84 25.26
CA TYR E 113 20.38 5.19 25.80
C TYR E 113 21.19 3.89 25.92
N LYS E 114 20.50 2.80 26.24
CA LYS E 114 21.12 1.48 26.36
C LYS E 114 21.81 1.21 25.03
N CYS E 115 21.06 1.32 23.94
CA CYS E 115 21.60 1.11 22.60
C CYS E 115 22.72 2.07 22.24
N ALA E 116 22.65 3.32 22.69
CA ALA E 116 23.68 4.29 22.36
C ALA E 116 25.01 3.90 22.97
N VAL E 117 24.96 3.40 24.20
CA VAL E 117 26.18 2.97 24.91
C VAL E 117 26.83 1.84 24.13
N VAL E 118 26.02 0.87 23.76
CA VAL E 118 26.48 -0.33 23.10
C VAL E 118 26.55 -0.31 21.57
N ASP E 119 26.15 0.81 20.96
CA ASP E 119 26.22 0.98 19.50
C ASP E 119 25.36 0.04 18.65
N VAL E 120 24.09 -0.04 19.00
CA VAL E 120 23.13 -0.85 18.28
C VAL E 120 22.27 0.25 17.67
N PRO E 121 22.14 0.27 16.34
CA PRO E 121 21.36 1.28 15.62
C PRO E 121 19.84 1.24 15.76
N PHE E 122 19.37 1.27 16.99
CA PHE E 122 17.93 1.25 17.27
C PHE E 122 17.51 2.35 18.24
N GLY E 123 16.33 2.91 18.01
CA GLY E 123 15.78 3.91 18.90
C GLY E 123 15.09 3.10 20.00
N GLY E 124 14.89 3.69 21.16
CA GLY E 124 14.28 2.93 22.23
C GLY E 124 12.78 2.77 22.24
N ALA E 125 12.33 1.60 22.68
CA ALA E 125 10.91 1.29 22.76
C ALA E 125 10.66 0.24 23.85
N LYS E 126 9.40 0.08 24.25
CA LYS E 126 9.06 -0.90 25.29
C LYS E 126 7.56 -1.12 25.40
N ALA E 127 7.18 -2.36 25.73
CA ALA E 127 5.78 -2.68 25.84
C ALA E 127 5.43 -3.31 27.18
N GLY E 128 4.14 -3.23 27.52
CA GLY E 128 3.64 -3.81 28.75
C GLY E 128 2.17 -4.20 28.64
N VAL E 129 1.83 -5.39 29.11
CA VAL E 129 0.45 -5.85 29.10
C VAL E 129 0.10 -6.16 30.54
N LYS E 130 -0.79 -5.36 31.11
CA LYS E 130 -1.17 -5.53 32.52
C LYS E 130 -1.90 -6.81 32.93
N ILE E 131 -1.16 -7.92 33.00
CA ILE E 131 -1.73 -9.18 33.42
C ILE E 131 -0.70 -9.95 34.24
N ASN E 132 -1.18 -10.93 35.00
CA ASN E 132 -0.30 -11.76 35.78
C ASN E 132 -0.39 -13.07 35.03
N PRO E 133 0.64 -13.38 34.24
CA PRO E 133 0.62 -14.62 33.46
C PRO E 133 0.32 -15.86 34.27
N LYS E 134 0.71 -15.82 35.54
CA LYS E 134 0.51 -16.94 36.44
C LYS E 134 -0.95 -17.29 36.65
N ASN E 135 -1.86 -16.41 36.22
CA ASN E 135 -3.30 -16.63 36.36
C ASN E 135 -4.00 -16.87 35.02
N TYR E 136 -3.23 -17.19 33.99
CA TYR E 136 -3.81 -17.45 32.67
C TYR E 136 -3.28 -18.74 32.11
N THR E 137 -4.16 -19.48 31.44
CA THR E 137 -3.76 -20.74 30.84
C THR E 137 -2.92 -20.41 29.63
N ASP E 138 -2.19 -21.41 29.13
CA ASP E 138 -1.36 -21.20 27.96
C ASP E 138 -2.25 -20.72 26.83
N ASN E 139 -3.41 -21.33 26.70
CA ASN E 139 -4.30 -20.98 25.63
C ASN E 139 -4.75 -19.53 25.68
N GLU E 140 -4.98 -19.02 26.89
CA GLU E 140 -5.44 -17.66 27.06
C GLU E 140 -4.32 -16.67 26.78
N LEU E 141 -3.10 -17.03 27.19
CA LEU E 141 -1.96 -16.17 26.97
C LEU E 141 -1.78 -15.98 25.49
N GLU E 142 -1.68 -17.09 24.75
CA GLU E 142 -1.51 -17.01 23.30
C GLU E 142 -2.56 -16.07 22.67
N LYS E 143 -3.84 -16.25 23.02
CA LYS E 143 -4.87 -15.38 22.46
C LYS E 143 -4.49 -13.94 22.77
N ILE E 144 -4.02 -13.70 23.98
CA ILE E 144 -3.64 -12.34 24.35
C ILE E 144 -2.48 -11.80 23.56
N THR E 145 -1.35 -12.49 23.57
CA THR E 145 -0.19 -11.99 22.84
C THR E 145 -0.46 -11.88 21.33
N ARG E 146 -1.31 -12.75 20.77
CA ARG E 146 -1.58 -12.65 19.35
C ARG E 146 -2.40 -11.42 19.06
N ARG E 147 -3.52 -11.28 19.74
CA ARG E 147 -4.39 -10.13 19.56
C ARG E 147 -3.66 -8.83 19.86
N PHE E 148 -2.68 -8.90 20.75
CA PHE E 148 -1.91 -7.74 21.12
C PHE E 148 -1.00 -7.33 19.98
N THR E 149 -0.47 -8.32 19.27
CA THR E 149 0.37 -8.08 18.12
C THR E 149 -0.46 -7.35 17.06
N MET E 150 -1.69 -7.80 16.84
CA MET E 150 -2.56 -7.15 15.87
C MET E 150 -2.87 -5.69 16.16
N GLU E 151 -3.33 -5.41 17.37
CA GLU E 151 -3.66 -4.04 17.72
C GLU E 151 -2.44 -3.13 17.67
N LEU E 152 -1.25 -3.73 17.74
CA LEU E 152 -0.02 -2.95 17.66
C LEU E 152 0.24 -2.70 16.17
N ALA E 153 0.14 -3.77 15.41
CA ALA E 153 0.33 -3.70 13.97
C ALA E 153 -0.55 -2.60 13.36
N LYS E 154 -1.86 -2.73 13.54
CA LYS E 154 -2.81 -1.77 13.01
C LYS E 154 -2.43 -0.29 13.23
N LYS E 155 -1.65 0.02 14.25
CA LYS E 155 -1.30 1.42 14.51
C LYS E 155 0.17 1.79 14.32
N GLY E 156 0.92 0.91 13.67
CA GLY E 156 2.31 1.18 13.41
C GLY E 156 3.20 1.04 14.63
N PHE E 157 2.86 0.11 15.51
CA PHE E 157 3.66 -0.12 16.72
C PHE E 157 4.35 -1.46 16.81
N ILE E 158 4.66 -1.99 15.63
CA ILE E 158 5.39 -3.23 15.43
C ILE E 158 5.60 -3.40 13.92
N GLY E 159 6.82 -3.73 13.51
CA GLY E 159 7.13 -3.90 12.10
C GLY E 159 8.63 -3.96 11.99
N PRO E 160 9.18 -4.68 11.00
CA PRO E 160 10.62 -4.85 10.75
C PRO E 160 11.43 -3.55 10.71
N GLY E 161 10.86 -2.50 10.14
CA GLY E 161 11.57 -1.24 10.08
C GLY E 161 10.95 -0.13 10.90
N VAL E 162 10.12 -0.51 11.87
CA VAL E 162 9.42 0.49 12.68
C VAL E 162 9.72 0.33 14.13
N ASP E 163 9.30 -0.81 14.65
CA ASP E 163 9.41 -1.13 16.06
C ASP E 163 9.53 -2.64 16.16
N VAL E 164 10.63 -3.11 16.73
CA VAL E 164 10.92 -4.54 16.85
C VAL E 164 10.96 -4.99 18.31
N PRO E 165 9.89 -5.66 18.78
CA PRO E 165 9.80 -6.14 20.15
C PRO E 165 10.81 -7.24 20.49
N ALA E 166 10.76 -7.72 21.73
CA ALA E 166 11.66 -8.78 22.22
C ALA E 166 11.15 -9.20 23.58
N PRO E 167 11.82 -10.16 24.23
CA PRO E 167 11.31 -10.56 25.55
C PRO E 167 11.70 -9.64 26.71
N ASP E 168 10.91 -9.71 27.79
CA ASP E 168 11.20 -8.98 29.02
C ASP E 168 10.58 -9.82 30.15
N MET E 169 9.92 -9.18 31.12
CA MET E 169 9.36 -9.96 32.21
C MET E 169 8.16 -10.82 31.88
N SER E 170 8.30 -12.11 32.17
CA SER E 170 7.25 -13.11 31.95
C SER E 170 6.92 -13.36 30.50
N THR E 171 7.88 -13.13 29.62
CA THR E 171 7.68 -13.37 28.20
C THR E 171 8.97 -13.99 27.72
N GLY E 172 8.85 -15.12 27.03
CA GLY E 172 10.03 -15.80 26.55
C GLY E 172 9.91 -15.97 25.06
N GLU E 173 10.67 -16.92 24.52
CA GLU E 173 10.63 -17.15 23.10
C GLU E 173 9.28 -17.68 22.69
N ARG E 174 8.51 -18.19 23.64
CA ARG E 174 7.19 -18.72 23.29
C ARG E 174 6.29 -17.58 22.84
N GLU E 175 6.41 -16.45 23.52
CA GLU E 175 5.60 -15.28 23.21
C GLU E 175 6.06 -14.63 21.92
N MET E 176 7.37 -14.58 21.74
CA MET E 176 8.00 -14.02 20.56
C MET E 176 7.56 -14.85 19.37
N SER E 177 7.54 -16.17 19.55
CA SER E 177 7.15 -17.10 18.51
C SER E 177 5.74 -16.88 18.00
N TRP E 178 4.81 -16.55 18.91
CA TRP E 178 3.43 -16.27 18.54
C TRP E 178 3.35 -14.90 17.86
N ILE E 179 4.11 -13.93 18.37
CA ILE E 179 4.14 -12.57 17.81
C ILE E 179 4.56 -12.66 16.35
N ALA E 180 5.73 -13.22 16.10
CA ALA E 180 6.19 -13.38 14.74
C ALA E 180 5.11 -14.03 13.86
N ASP E 181 4.61 -15.19 14.29
CA ASP E 181 3.61 -15.93 13.54
C ASP E 181 2.39 -15.08 13.12
N THR E 182 1.81 -14.38 14.08
CA THR E 182 0.66 -13.53 13.79
C THR E 182 1.02 -12.47 12.73
N TYR E 183 2.16 -11.80 12.91
CA TYR E 183 2.60 -10.77 11.99
C TYR E 183 2.86 -11.32 10.58
N ALA E 184 3.76 -12.30 10.47
CA ALA E 184 4.11 -12.88 9.17
C ALA E 184 2.97 -13.58 8.45
N SER E 185 1.91 -13.87 9.18
CA SER E 185 0.77 -14.55 8.61
C SER E 185 -0.32 -13.58 8.16
N THR E 186 -0.23 -12.34 8.64
CA THR E 186 -1.21 -11.34 8.29
C THR E 186 -0.57 -10.10 7.63
N ILE E 187 -0.29 -9.05 8.42
CA ILE E 187 0.31 -7.82 7.90
C ILE E 187 1.54 -8.07 7.05
N GLY E 188 2.42 -8.93 7.50
CA GLY E 188 3.64 -9.18 6.77
C GLY E 188 3.66 -10.34 5.81
N HIS E 189 2.49 -10.73 5.29
CA HIS E 189 2.45 -11.85 4.37
C HIS E 189 3.33 -11.63 3.11
N TYR E 190 3.50 -10.37 2.70
CA TYR E 190 4.32 -10.09 1.52
C TYR E 190 5.69 -9.52 1.90
N ASP E 191 5.89 -9.22 3.17
CA ASP E 191 7.15 -8.64 3.63
C ASP E 191 8.28 -9.68 3.59
N ILE E 192 9.32 -9.39 2.85
CA ILE E 192 10.42 -10.31 2.75
C ILE E 192 11.20 -10.36 4.06
N ASN E 193 10.93 -9.39 4.92
CA ASN E 193 11.60 -9.29 6.23
C ASN E 193 10.63 -9.47 7.38
N ALA E 194 9.49 -10.09 7.10
CA ALA E 194 8.45 -10.32 8.08
C ALA E 194 8.90 -10.88 9.42
N HIS E 195 9.78 -11.88 9.40
CA HIS E 195 10.23 -12.49 10.64
C HIS E 195 11.21 -11.65 11.40
N ALA E 196 11.51 -10.47 10.89
CA ALA E 196 12.45 -9.59 11.56
C ALA E 196 11.67 -8.55 12.33
N CYS E 197 10.40 -8.86 12.56
CA CYS E 197 9.50 -7.96 13.28
C CYS E 197 9.63 -8.11 14.80
N VAL E 198 10.45 -9.07 15.23
CA VAL E 198 10.65 -9.30 16.65
C VAL E 198 11.86 -10.21 16.85
N THR E 199 12.53 -10.05 18.00
CA THR E 199 13.71 -10.84 18.31
C THR E 199 13.47 -11.72 19.52
N GLY E 200 14.43 -12.60 19.83
CA GLY E 200 14.24 -13.48 20.95
C GLY E 200 13.29 -14.63 20.58
N LYS E 201 13.23 -14.96 19.29
CA LYS E 201 12.37 -16.02 18.77
C LYS E 201 13.06 -17.37 18.93
N PRO E 202 12.29 -18.47 18.83
CA PRO E 202 12.87 -19.82 18.96
C PRO E 202 13.81 -19.91 17.77
N ILE E 203 14.89 -20.68 17.90
CA ILE E 203 15.82 -20.80 16.79
C ILE E 203 15.16 -21.36 15.52
N SER E 204 14.20 -22.28 15.68
CA SER E 204 13.50 -22.85 14.53
C SER E 204 12.62 -21.79 13.85
N GLN E 205 12.33 -20.71 14.58
CA GLN E 205 11.50 -19.60 14.09
C GLN E 205 12.35 -18.47 13.53
N GLY E 206 13.65 -18.70 13.46
CA GLY E 206 14.51 -17.68 12.94
C GLY E 206 15.26 -16.99 14.05
N GLY E 207 15.30 -17.62 15.22
CA GLY E 207 16.02 -17.05 16.34
C GLY E 207 17.49 -17.28 16.06
N ILE E 208 18.36 -16.72 16.91
CA ILE E 208 19.78 -16.88 16.70
C ILE E 208 20.38 -17.57 17.90
N HIS E 209 21.51 -18.20 17.65
CA HIS E 209 22.17 -18.93 18.71
C HIS E 209 22.58 -18.10 19.91
N GLY E 210 22.12 -18.53 21.08
CA GLY E 210 22.48 -17.87 22.30
C GLY E 210 21.74 -16.60 22.64
N ARG E 211 20.59 -16.35 22.03
CA ARG E 211 19.89 -15.13 22.39
C ARG E 211 19.26 -15.32 23.76
N ILE E 212 18.98 -16.56 24.13
CA ILE E 212 18.35 -16.74 25.42
C ILE E 212 19.32 -16.44 26.55
N SER E 213 20.51 -17.00 26.48
CA SER E 213 21.51 -16.77 27.50
C SER E 213 22.30 -15.48 27.23
N ALA E 214 21.92 -14.78 26.17
CA ALA E 214 22.59 -13.56 25.77
C ALA E 214 22.87 -12.57 26.90
N THR E 215 21.83 -12.17 27.63
CA THR E 215 21.99 -11.20 28.69
C THR E 215 22.91 -11.68 29.79
N GLY E 216 22.76 -12.93 30.19
CA GLY E 216 23.63 -13.46 31.22
C GLY E 216 25.08 -13.35 30.78
N ARG E 217 25.35 -13.86 29.57
CA ARG E 217 26.69 -13.85 28.99
C ARG E 217 27.18 -12.41 28.95
N GLY E 218 26.26 -11.50 28.65
CA GLY E 218 26.62 -10.10 28.60
C GLY E 218 26.98 -9.57 29.98
N VAL E 219 26.13 -9.87 30.97
CA VAL E 219 26.37 -9.43 32.34
C VAL E 219 27.76 -9.90 32.78
N PHE E 220 28.09 -11.12 32.40
CA PHE E 220 29.38 -11.70 32.71
C PHE E 220 30.51 -10.82 32.17
N HIS E 221 30.47 -10.53 30.87
CA HIS E 221 31.48 -9.69 30.26
C HIS E 221 31.54 -8.31 30.88
N GLY E 222 30.37 -7.79 31.24
CA GLY E 222 30.32 -6.48 31.85
C GLY E 222 31.18 -6.47 33.10
N ILE E 223 30.88 -7.39 34.01
CA ILE E 223 31.61 -7.51 35.26
C ILE E 223 33.08 -7.81 34.96
N GLU E 224 33.34 -8.83 34.14
CA GLU E 224 34.71 -9.21 33.80
C GLU E 224 35.59 -8.02 33.39
N ASN E 225 35.04 -7.10 32.62
CA ASN E 225 35.78 -5.94 32.16
C ASN E 225 36.14 -5.02 33.31
N PHE E 226 35.34 -5.04 34.36
CA PHE E 226 35.61 -4.18 35.50
C PHE E 226 36.34 -4.88 36.63
N ILE E 227 36.02 -6.14 36.88
CA ILE E 227 36.66 -6.87 37.97
C ILE E 227 38.11 -7.24 37.62
N ASN E 228 38.59 -6.74 36.49
CA ASN E 228 39.95 -6.97 36.04
C ASN E 228 40.60 -5.64 35.65
N GLU E 229 40.44 -4.59 36.46
CA GLU E 229 41.07 -3.30 36.15
C GLU E 229 42.10 -2.83 37.20
N ALA E 230 41.90 -3.23 38.45
CA ALA E 230 42.82 -2.84 39.52
C ALA E 230 42.60 -1.35 39.84
N SER E 231 42.55 -0.53 38.80
CA SER E 231 42.32 0.89 38.92
C SER E 231 41.02 1.03 39.71
N TYR E 232 40.05 0.19 39.36
CA TYR E 232 38.75 0.16 40.01
C TYR E 232 38.76 -0.86 41.18
N MET E 233 39.46 -1.98 41.00
CA MET E 233 39.54 -2.99 42.05
C MET E 233 40.27 -2.55 43.33
N SER E 234 41.25 -1.66 43.17
CA SER E 234 42.00 -1.12 44.31
C SER E 234 41.04 -0.30 45.17
N ILE E 235 40.40 0.67 44.53
CA ILE E 235 39.46 1.56 45.20
C ILE E 235 38.42 0.78 45.99
N LEU E 236 38.25 -0.50 45.68
CA LEU E 236 37.27 -1.35 46.38
C LEU E 236 37.94 -2.31 47.38
N GLY E 237 39.27 -2.31 47.43
CA GLY E 237 39.94 -3.22 48.33
C GLY E 237 39.57 -4.62 47.90
N MET E 238 39.79 -4.92 46.63
CA MET E 238 39.49 -6.21 46.05
C MET E 238 40.55 -6.68 45.09
N THR E 239 40.82 -7.97 45.10
CA THR E 239 41.81 -8.55 44.21
C THR E 239 41.14 -8.76 42.86
N PRO E 240 41.86 -8.49 41.77
CA PRO E 240 41.22 -8.69 40.46
C PRO E 240 40.91 -10.19 40.23
N GLY E 241 39.96 -10.47 39.34
CA GLY E 241 39.60 -11.84 39.02
C GLY E 241 38.35 -12.39 39.69
N PHE E 242 37.72 -13.36 39.05
CA PHE E 242 36.50 -13.98 39.58
C PHE E 242 36.78 -15.14 40.58
N GLY E 243 37.90 -15.83 40.37
CA GLY E 243 38.27 -16.96 41.20
C GLY E 243 37.98 -16.93 42.70
N ASP E 244 38.05 -15.76 43.31
CA ASP E 244 37.82 -15.63 44.74
C ASP E 244 36.64 -14.73 45.08
N LYS E 245 35.60 -14.76 44.26
CA LYS E 245 34.44 -13.93 44.54
C LYS E 245 33.18 -14.74 44.79
N THR E 246 32.31 -14.18 45.60
CA THR E 246 31.05 -14.84 45.89
C THR E 246 29.99 -13.83 45.50
N PHE E 247 28.95 -14.29 44.83
CA PHE E 247 27.89 -13.37 44.44
C PHE E 247 26.52 -13.96 44.83
N ALA E 248 25.53 -13.09 44.78
CA ALA E 248 24.16 -13.43 45.12
C ALA E 248 23.34 -12.70 44.06
N VAL E 249 22.30 -13.36 43.56
CA VAL E 249 21.46 -12.80 42.52
C VAL E 249 19.97 -12.85 42.83
N GLN E 250 19.30 -11.72 42.65
CA GLN E 250 17.86 -11.59 42.87
C GLN E 250 17.13 -11.86 41.57
N GLY E 251 16.48 -13.01 41.47
CA GLY E 251 15.75 -13.38 40.27
C GLY E 251 16.45 -14.52 39.57
N PHE E 252 15.79 -15.68 39.51
CA PHE E 252 16.36 -16.84 38.85
C PHE E 252 15.56 -17.02 37.55
N GLY E 253 15.70 -16.03 36.66
CA GLY E 253 15.01 -16.06 35.38
C GLY E 253 15.94 -16.04 34.19
N ASN E 254 15.51 -15.44 33.09
CA ASN E 254 16.35 -15.42 31.90
C ASN E 254 17.66 -14.73 32.14
N VAL E 255 17.59 -13.53 32.72
CA VAL E 255 18.80 -12.77 32.99
C VAL E 255 19.49 -13.25 34.28
N GLY E 256 18.69 -13.74 35.23
CA GLY E 256 19.24 -14.24 36.47
C GLY E 256 19.97 -15.58 36.35
N LEU E 257 19.24 -16.60 35.94
CA LEU E 257 19.81 -17.95 35.77
C LEU E 257 21.12 -17.93 35.02
N HIS E 258 21.11 -17.41 33.79
CA HIS E 258 22.33 -17.38 32.99
C HIS E 258 23.44 -16.50 33.54
N SER E 259 23.09 -15.48 34.31
CA SER E 259 24.12 -14.66 34.90
C SER E 259 24.87 -15.56 35.87
N MET E 260 24.11 -16.29 36.69
CA MET E 260 24.67 -17.21 37.67
C MET E 260 25.50 -18.28 36.97
N ARG E 261 24.96 -18.81 35.88
CA ARG E 261 25.65 -19.83 35.12
C ARG E 261 27.05 -19.44 34.69
N TYR E 262 27.17 -18.30 34.01
CA TYR E 262 28.48 -17.87 33.51
C TYR E 262 29.47 -17.52 34.61
N LEU E 263 29.01 -16.82 35.65
CA LEU E 263 29.94 -16.46 36.73
C LEU E 263 30.53 -17.73 37.35
N HIS E 264 29.63 -18.67 37.65
CA HIS E 264 30.03 -19.94 38.24
C HIS E 264 31.04 -20.63 37.34
N ARG E 265 30.82 -20.54 36.03
CA ARG E 265 31.72 -21.15 35.08
C ARG E 265 33.14 -20.59 35.23
N PHE E 266 33.24 -19.35 35.69
CA PHE E 266 34.56 -18.74 35.84
C PHE E 266 35.01 -18.62 37.30
N GLY E 267 34.75 -19.68 38.07
CA GLY E 267 35.16 -19.75 39.47
C GLY E 267 34.59 -18.77 40.47
N ALA E 268 33.40 -18.28 40.18
CA ALA E 268 32.72 -17.36 41.10
C ALA E 268 31.76 -18.28 41.84
N LYS E 269 31.44 -17.91 43.07
CA LYS E 269 30.56 -18.75 43.86
C LYS E 269 29.22 -18.11 44.20
N CYS E 270 28.14 -18.77 43.78
CA CYS E 270 26.78 -18.28 44.05
C CYS E 270 26.39 -18.69 45.46
N VAL E 271 26.29 -17.70 46.35
CA VAL E 271 25.95 -17.98 47.73
C VAL E 271 24.48 -17.72 48.00
N ALA E 272 23.79 -17.05 47.09
CA ALA E 272 22.37 -16.78 47.32
C ALA E 272 21.59 -16.62 46.02
N VAL E 273 20.35 -17.06 46.04
CA VAL E 273 19.49 -16.94 44.86
C VAL E 273 18.12 -16.58 45.42
N GLY E 274 17.44 -15.64 44.77
CA GLY E 274 16.13 -15.24 45.24
C GLY E 274 15.03 -15.27 44.21
N GLU E 275 13.81 -15.05 44.70
CA GLU E 275 12.62 -15.03 43.89
C GLU E 275 11.56 -14.22 44.61
N SER E 276 10.31 -14.33 44.18
CA SER E 276 9.23 -13.58 44.82
C SER E 276 8.76 -14.29 46.07
N ASP E 277 8.76 -15.62 46.02
CA ASP E 277 8.35 -16.40 47.19
C ASP E 277 9.39 -16.32 48.30
N GLY E 278 10.69 -16.33 47.94
CA GLY E 278 11.71 -16.24 48.99
C GLY E 278 13.14 -16.38 48.45
N SER E 279 14.11 -16.41 49.34
CA SER E 279 15.52 -16.54 48.94
C SER E 279 16.10 -17.80 49.56
N ILE E 280 17.17 -18.32 48.95
CA ILE E 280 17.84 -19.50 49.50
C ILE E 280 19.29 -19.10 49.67
N TRP E 281 20.04 -19.89 50.43
CA TRP E 281 21.42 -19.51 50.70
C TRP E 281 22.29 -20.73 50.97
N ASN E 282 23.59 -20.47 50.96
CA ASN E 282 24.60 -21.47 51.21
C ASN E 282 25.97 -20.81 51.05
N PRO E 283 26.70 -20.66 52.16
CA PRO E 283 28.01 -20.02 52.09
C PRO E 283 29.03 -20.80 51.25
N ASP E 284 28.82 -22.11 51.16
CA ASP E 284 29.73 -22.98 50.40
C ASP E 284 29.43 -22.90 48.91
N GLY E 285 28.35 -22.22 48.55
CA GLY E 285 27.99 -22.07 47.16
C GLY E 285 26.88 -22.98 46.66
N ILE E 286 26.04 -22.44 45.77
CA ILE E 286 24.92 -23.17 45.16
C ILE E 286 25.27 -23.43 43.68
N ASP E 287 24.90 -24.60 43.15
CA ASP E 287 25.19 -24.94 41.77
C ASP E 287 24.01 -24.59 40.84
N PRO E 288 24.32 -23.90 39.71
CA PRO E 288 23.36 -23.45 38.69
C PRO E 288 22.53 -24.56 38.04
N LYS E 289 23.18 -25.69 37.78
CA LYS E 289 22.48 -26.78 37.12
C LYS E 289 21.48 -27.55 38.00
N GLU E 290 21.86 -27.89 39.23
CA GLU E 290 20.92 -28.62 40.07
C GLU E 290 19.79 -27.74 40.58
N LEU E 291 20.08 -26.44 40.77
CA LEU E 291 19.09 -25.49 41.24
C LEU E 291 18.03 -25.33 40.14
N GLU E 292 18.50 -25.26 38.89
CA GLU E 292 17.63 -25.11 37.75
C GLU E 292 16.71 -26.31 37.55
N ASP E 293 17.25 -27.51 37.72
CA ASP E 293 16.44 -28.72 37.57
C ASP E 293 15.43 -28.84 38.72
N PHE E 294 15.84 -28.42 39.91
CA PHE E 294 14.94 -28.46 41.06
C PHE E 294 13.79 -27.51 40.72
N LYS E 295 14.17 -26.31 40.29
CA LYS E 295 13.21 -25.26 39.93
C LYS E 295 12.25 -25.70 38.82
N LEU E 296 12.75 -26.47 37.85
CA LEU E 296 11.91 -26.94 36.75
C LEU E 296 10.95 -27.99 37.24
N GLN E 297 11.47 -28.97 37.99
CA GLN E 297 10.67 -30.06 38.53
C GLN E 297 9.62 -29.62 39.57
N HIS E 298 10.03 -28.70 40.45
CA HIS E 298 9.19 -28.22 41.55
C HIS E 298 8.58 -26.83 41.41
N GLY E 299 8.93 -26.12 40.35
CA GLY E 299 8.38 -24.78 40.14
C GLY E 299 8.73 -23.71 41.19
N THR E 300 9.86 -23.87 41.88
CA THR E 300 10.30 -22.92 42.90
C THR E 300 11.70 -23.30 43.38
N ILE E 301 12.41 -22.34 43.93
CA ILE E 301 13.77 -22.60 44.41
C ILE E 301 13.72 -22.96 45.89
N LEU E 302 12.64 -22.55 46.54
CA LEU E 302 12.44 -22.83 47.96
C LEU E 302 12.27 -24.35 48.15
N GLY E 303 13.11 -24.93 49.00
CA GLY E 303 13.05 -26.36 49.24
C GLY E 303 14.27 -27.09 48.68
N PHE E 304 15.06 -26.37 47.89
CA PHE E 304 16.28 -26.93 47.30
C PHE E 304 17.14 -27.62 48.37
N PRO E 305 17.33 -28.96 48.22
CA PRO E 305 18.14 -29.70 49.20
C PRO E 305 19.51 -29.13 49.60
N LYS E 306 20.41 -28.88 48.65
CA LYS E 306 21.74 -28.37 48.97
C LYS E 306 21.81 -26.89 49.35
N ALA E 307 20.83 -26.43 50.13
CA ALA E 307 20.77 -25.02 50.57
C ALA E 307 19.61 -24.82 51.53
N LYS E 308 19.82 -23.88 52.46
CA LYS E 308 18.82 -23.51 53.49
C LYS E 308 17.94 -22.39 52.96
N ILE E 309 16.75 -22.25 53.55
CA ILE E 309 15.81 -21.22 53.15
C ILE E 309 16.12 -19.90 53.89
N TYR E 310 17.14 -19.17 53.41
CA TYR E 310 17.57 -17.89 54.01
C TYR E 310 16.42 -16.93 54.33
N GLU E 311 16.33 -16.56 55.61
CA GLU E 311 15.32 -15.62 56.05
C GLU E 311 16.00 -14.24 56.07
N GLY E 312 15.46 -13.34 55.26
CA GLY E 312 16.02 -12.01 55.18
C GLY E 312 16.31 -11.62 53.74
N SER E 313 16.38 -10.31 53.52
CA SER E 313 16.65 -9.70 52.21
C SER E 313 17.84 -10.27 51.43
N ILE E 314 17.55 -10.73 50.21
CA ILE E 314 18.55 -11.27 49.30
C ILE E 314 19.52 -10.13 48.89
N LEU E 315 19.01 -8.89 48.94
CA LEU E 315 19.77 -7.70 48.58
C LEU E 315 20.73 -7.30 49.69
N GLU E 316 20.65 -8.00 50.83
CA GLU E 316 21.51 -7.66 51.96
C GLU E 316 22.51 -8.73 52.36
N VAL E 317 22.33 -9.93 51.80
CA VAL E 317 23.21 -11.05 52.09
C VAL E 317 24.70 -10.69 51.92
N ASP E 318 25.55 -11.42 52.63
CA ASP E 318 26.99 -11.15 52.56
C ASP E 318 27.59 -11.82 51.35
N CYS E 319 28.16 -11.00 50.48
CA CYS E 319 28.80 -11.46 49.25
C CYS E 319 29.64 -10.32 48.65
N ASP E 320 30.34 -10.64 47.57
CA ASP E 320 31.19 -9.71 46.85
C ASP E 320 30.38 -8.91 45.84
N ILE E 321 29.59 -9.61 45.03
CA ILE E 321 28.79 -8.96 44.00
C ILE E 321 27.30 -9.28 44.11
N LEU E 322 26.48 -8.23 44.08
CA LEU E 322 25.02 -8.38 44.15
C LEU E 322 24.41 -8.14 42.76
N ILE E 323 23.70 -9.14 42.27
CA ILE E 323 23.08 -9.09 40.94
C ILE E 323 21.56 -8.95 40.94
N PRO E 324 21.06 -7.73 40.75
CA PRO E 324 19.60 -7.59 40.74
C PRO E 324 19.07 -7.95 39.35
N ALA E 325 18.32 -9.04 39.27
CA ALA E 325 17.73 -9.50 37.99
C ALA E 325 16.20 -9.61 38.09
N ALA E 326 15.61 -8.82 39.00
CA ALA E 326 14.17 -8.81 39.20
C ALA E 326 13.62 -7.53 38.60
N SER E 327 12.58 -6.97 39.22
CA SER E 327 11.98 -5.74 38.70
C SER E 327 12.79 -4.52 39.14
N GLU E 328 12.28 -3.32 38.84
CA GLU E 328 12.95 -2.07 39.17
C GLU E 328 12.92 -1.66 40.66
N LYS E 329 13.61 -0.57 40.97
CA LYS E 329 13.71 -0.01 42.33
C LYS E 329 13.70 -1.04 43.47
N GLN E 330 14.66 -1.95 43.46
CA GLN E 330 14.78 -2.95 44.51
C GLN E 330 15.70 -2.37 45.59
N LEU E 331 16.75 -1.70 45.14
CA LEU E 331 17.72 -1.06 46.03
C LEU E 331 17.29 0.42 46.18
N THR E 332 16.72 0.73 47.33
CA THR E 332 16.25 2.08 47.65
C THR E 332 17.10 2.74 48.74
N LYS E 333 16.74 3.97 49.09
CA LYS E 333 17.46 4.73 50.12
C LYS E 333 17.49 3.99 51.47
N SER E 334 16.40 3.27 51.77
CA SER E 334 16.26 2.49 52.99
C SER E 334 17.37 1.46 53.16
N ASN E 335 17.18 0.33 52.49
CA ASN E 335 18.11 -0.79 52.55
C ASN E 335 19.50 -0.53 51.96
N ALA E 336 19.66 0.55 51.20
CA ALA E 336 20.96 0.85 50.58
C ALA E 336 22.17 0.66 51.49
N PRO E 337 22.15 1.29 52.68
CA PRO E 337 23.29 1.14 53.58
C PRO E 337 23.61 -0.25 54.11
N ARG E 338 22.67 -1.18 54.03
CA ARG E 338 22.87 -2.55 54.51
C ARG E 338 23.09 -3.61 53.42
N VAL E 339 23.95 -3.33 52.45
CA VAL E 339 24.15 -4.27 51.35
C VAL E 339 25.33 -5.26 51.39
N LYS E 340 26.36 -4.95 52.17
CA LYS E 340 27.54 -5.84 52.28
C LYS E 340 28.39 -5.96 50.98
N ALA E 341 27.77 -6.28 49.84
CA ALA E 341 28.50 -6.42 48.58
C ALA E 341 29.26 -5.14 48.18
N LYS E 342 30.40 -5.32 47.53
CA LYS E 342 31.23 -4.20 47.09
C LYS E 342 30.82 -3.81 45.67
N ILE E 343 30.39 -4.79 44.90
CA ILE E 343 29.99 -4.56 43.53
C ILE E 343 28.50 -4.82 43.27
N ILE E 344 27.89 -3.85 42.58
CA ILE E 344 26.49 -3.91 42.20
C ILE E 344 26.42 -3.95 40.67
N ALA E 345 26.13 -5.13 40.12
CA ALA E 345 26.02 -5.31 38.68
C ALA E 345 24.53 -5.26 38.36
N GLU E 346 24.08 -4.10 37.92
CA GLU E 346 22.66 -3.95 37.59
C GLU E 346 22.21 -4.82 36.42
N GLY E 347 21.63 -5.96 36.75
CA GLY E 347 21.15 -6.86 35.71
C GLY E 347 19.83 -6.40 35.14
N ALA E 348 18.90 -6.02 36.01
CA ALA E 348 17.63 -5.55 35.55
C ALA E 348 17.69 -4.07 35.18
N ASN E 349 16.60 -3.57 34.62
CA ASN E 349 16.55 -2.16 34.26
C ASN E 349 16.12 -1.33 35.46
N GLY E 350 17.00 -0.39 35.82
CA GLY E 350 16.76 0.52 36.93
C GLY E 350 16.41 -0.17 38.23
N PRO E 351 17.26 -1.12 38.71
CA PRO E 351 16.96 -1.80 39.96
C PRO E 351 17.25 -0.93 41.19
N THR E 352 18.00 0.15 41.02
CA THR E 352 18.29 1.03 42.14
C THR E 352 17.90 2.49 41.91
N THR E 353 17.29 3.07 42.96
CA THR E 353 16.81 4.46 42.97
C THR E 353 17.95 5.47 42.90
N PRO E 354 17.65 6.75 42.59
CA PRO E 354 18.73 7.73 42.51
C PRO E 354 19.48 7.89 43.83
N GLU E 355 18.77 7.76 44.94
CA GLU E 355 19.39 7.92 46.26
C GLU E 355 20.29 6.73 46.65
N ALA E 356 19.90 5.53 46.27
CA ALA E 356 20.70 4.34 46.56
C ALA E 356 22.07 4.56 45.91
N ASP E 357 22.04 5.16 44.73
CA ASP E 357 23.24 5.48 43.98
C ASP E 357 24.08 6.30 44.94
N LYS E 358 23.56 7.48 45.23
CA LYS E 358 24.18 8.44 46.13
C LYS E 358 24.88 7.75 47.33
N ILE E 359 24.13 6.90 48.01
CA ILE E 359 24.64 6.17 49.17
C ILE E 359 25.80 5.25 48.76
N PHE E 360 25.58 4.45 47.71
CA PHE E 360 26.57 3.53 47.20
C PHE E 360 27.85 4.27 46.79
N LEU E 361 27.70 5.51 46.30
CA LEU E 361 28.86 6.29 45.89
C LEU E 361 29.67 6.56 47.15
N GLU E 362 29.00 7.12 48.15
CA GLU E 362 29.61 7.43 49.44
C GLU E 362 30.13 6.13 50.07
N ARG E 363 29.25 5.14 50.23
CA ARG E 363 29.65 3.85 50.81
C ARG E 363 30.80 3.19 50.06
N ASN E 364 31.15 3.78 48.91
CA ASN E 364 32.23 3.29 48.05
C ASN E 364 32.00 1.87 47.56
N ILE E 365 30.86 1.69 46.95
CA ILE E 365 30.41 0.43 46.40
C ILE E 365 30.16 0.75 44.93
N MET E 366 30.85 0.02 44.06
CA MET E 366 30.73 0.24 42.62
C MET E 366 29.46 -0.34 42.01
N VAL E 367 28.78 0.50 41.24
CA VAL E 367 27.53 0.11 40.59
C VAL E 367 27.70 0.18 39.08
N ILE E 368 27.76 -0.98 38.45
CA ILE E 368 27.89 -1.09 37.01
C ILE E 368 26.47 -0.86 36.49
N PRO E 369 26.22 0.30 35.88
CA PRO E 369 24.92 0.69 35.34
C PRO E 369 24.22 -0.29 34.38
N ASP E 370 22.91 -0.37 34.55
CA ASP E 370 22.06 -1.25 33.75
C ASP E 370 22.19 -1.00 32.26
N LEU E 371 22.19 0.28 31.89
CA LEU E 371 22.25 0.64 30.49
C LEU E 371 23.55 0.30 29.78
N TYR E 372 24.37 -0.52 30.42
CA TYR E 372 25.62 -0.98 29.81
C TYR E 372 25.70 -2.47 30.12
N LEU E 373 25.65 -2.77 31.42
CA LEU E 373 25.75 -4.13 31.91
C LEU E 373 24.73 -5.10 31.31
N ASN E 374 23.49 -4.67 31.11
CA ASN E 374 22.52 -5.60 30.52
C ASN E 374 22.26 -5.40 29.02
N ALA E 375 23.15 -4.66 28.34
CA ALA E 375 23.00 -4.38 26.91
C ALA E 375 23.33 -5.57 26.01
N GLY E 376 23.76 -6.66 26.60
CA GLY E 376 24.09 -7.84 25.82
C GLY E 376 22.86 -8.46 25.15
N GLY E 377 21.68 -8.17 25.70
CA GLY E 377 20.45 -8.71 25.13
C GLY E 377 20.16 -8.14 23.76
N VAL E 378 20.17 -6.82 23.64
CA VAL E 378 19.91 -6.17 22.35
C VAL E 378 21.03 -6.36 21.37
N THR E 379 22.25 -6.46 21.89
CA THR E 379 23.36 -6.61 21.01
C THR E 379 23.12 -7.90 20.25
N VAL E 380 22.68 -8.92 20.97
CA VAL E 380 22.40 -10.22 20.35
C VAL E 380 21.08 -10.17 19.56
N SER E 381 20.11 -9.41 20.04
CA SER E 381 18.84 -9.26 19.31
C SER E 381 19.12 -8.62 17.96
N TYR E 382 20.01 -7.63 17.96
CA TYR E 382 20.42 -6.92 16.77
C TYR E 382 21.06 -7.90 15.78
N PHE E 383 21.87 -8.83 16.29
CA PHE E 383 22.48 -9.86 15.45
C PHE E 383 21.41 -10.77 14.84
N GLU E 384 20.35 -11.05 15.59
CA GLU E 384 19.24 -11.89 15.11
C GLU E 384 18.55 -11.15 13.96
N TRP E 385 18.31 -9.86 14.19
CA TRP E 385 17.66 -8.99 13.22
C TRP E 385 18.45 -8.94 11.89
N LEU E 386 19.77 -8.83 12.02
CA LEU E 386 20.63 -8.80 10.85
C LEU E 386 20.53 -10.15 10.16
N LYS E 387 20.43 -11.21 10.95
CA LYS E 387 20.34 -12.56 10.41
C LYS E 387 19.09 -12.70 9.57
N ASN E 388 17.98 -12.18 10.10
CA ASN E 388 16.72 -12.24 9.41
C ASN E 388 16.77 -11.49 8.09
N LEU E 389 17.40 -10.32 8.09
CA LEU E 389 17.49 -9.56 6.87
C LEU E 389 18.32 -10.30 5.84
N ASN E 390 19.43 -10.88 6.29
CA ASN E 390 20.34 -11.59 5.42
C ASN E 390 19.81 -12.83 4.77
N HIS E 391 18.89 -13.51 5.46
CA HIS E 391 18.30 -14.75 4.95
C HIS E 391 19.31 -15.84 4.66
N VAL E 392 20.40 -15.85 5.41
CA VAL E 392 21.43 -16.86 5.27
C VAL E 392 22.04 -17.01 6.65
N SER E 393 22.27 -18.26 7.09
CA SER E 393 22.90 -18.53 8.39
C SER E 393 24.41 -18.42 8.18
N TYR E 394 25.06 -17.65 9.04
CA TYR E 394 26.48 -17.39 8.97
C TYR E 394 27.35 -18.60 8.63
N GLY E 395 28.17 -18.48 7.61
CA GLY E 395 29.08 -19.56 7.24
C GLY E 395 28.72 -20.50 6.10
N ARG E 396 27.43 -20.69 5.88
CA ARG E 396 26.95 -21.58 4.82
C ARG E 396 27.65 -21.40 3.48
N LEU E 397 27.57 -20.20 2.92
CA LEU E 397 28.17 -19.97 1.62
C LEU E 397 29.68 -20.14 1.55
N THR E 398 30.35 -20.02 2.68
CA THR E 398 31.81 -20.05 2.68
C THR E 398 32.58 -21.13 3.45
N PHE E 399 31.86 -21.95 4.21
CA PHE E 399 32.51 -22.99 4.97
C PHE E 399 33.52 -23.80 4.18
N LYS E 400 33.12 -24.33 3.03
CA LYS E 400 34.05 -25.11 2.24
C LYS E 400 35.16 -24.30 1.59
N TYR E 401 34.84 -23.14 1.03
CA TYR E 401 35.85 -22.31 0.39
C TYR E 401 36.97 -21.89 1.32
N GLU E 402 36.63 -21.49 2.55
CA GLU E 402 37.65 -21.08 3.51
C GLU E 402 38.53 -22.25 3.92
N ARG E 403 37.87 -23.36 4.21
CA ARG E 403 38.59 -24.54 4.60
C ARG E 403 39.64 -24.85 3.54
N ASP E 404 39.23 -24.98 2.29
CA ASP E 404 40.20 -25.27 1.22
C ASP E 404 41.25 -24.17 1.16
N SER E 405 40.78 -22.94 1.09
CA SER E 405 41.64 -21.78 1.02
C SER E 405 42.68 -21.77 2.15
N ASN E 406 42.27 -22.15 3.34
CA ASN E 406 43.17 -22.18 4.50
C ASN E 406 44.23 -23.26 4.42
N TYR E 407 43.85 -24.43 3.92
CA TYR E 407 44.82 -25.51 3.83
C TYR E 407 45.89 -25.17 2.80
N HIS E 408 45.51 -24.38 1.77
CA HIS E 408 46.44 -23.95 0.74
C HIS E 408 47.35 -22.84 1.24
N LEU E 409 46.80 -21.99 2.11
CA LEU E 409 47.59 -20.92 2.69
C LEU E 409 48.71 -21.62 3.45
N LEU E 410 48.32 -22.53 4.34
CA LEU E 410 49.25 -23.29 5.13
C LEU E 410 50.19 -24.08 4.21
N MET E 411 49.65 -24.63 3.13
CA MET E 411 50.48 -25.40 2.19
C MET E 411 51.46 -24.51 1.45
N SER E 412 51.16 -23.21 1.36
CA SER E 412 52.05 -22.26 0.67
C SER E 412 53.33 -22.01 1.43
N VAL E 413 53.29 -22.08 2.76
CA VAL E 413 54.51 -21.85 3.53
C VAL E 413 55.27 -23.14 3.54
N GLN E 414 54.54 -24.24 3.63
CA GLN E 414 55.15 -25.56 3.63
C GLN E 414 55.99 -25.78 2.36
N GLU E 415 55.34 -25.77 1.20
CA GLU E 415 56.06 -25.96 -0.05
C GLU E 415 57.20 -24.98 -0.31
N SER E 416 57.08 -23.79 0.26
CA SER E 416 58.10 -22.75 0.11
C SER E 416 59.33 -23.06 0.97
N LEU E 417 59.08 -23.52 2.18
CA LEU E 417 60.17 -23.86 3.08
C LEU E 417 60.87 -25.12 2.61
N GLU E 418 60.10 -26.05 2.05
CA GLU E 418 60.69 -27.29 1.56
C GLU E 418 61.56 -26.99 0.34
N ARG E 419 61.21 -25.92 -0.35
CA ARG E 419 61.95 -25.48 -1.53
C ARG E 419 63.29 -24.85 -1.15
N LYS E 420 63.30 -23.98 -0.14
CA LYS E 420 64.51 -23.31 0.31
C LYS E 420 65.45 -24.22 1.11
N PHE E 421 64.89 -25.07 1.95
CA PHE E 421 65.68 -26.01 2.76
C PHE E 421 65.80 -27.37 2.09
N GLY E 422 65.45 -27.42 0.80
CA GLY E 422 65.50 -28.65 0.03
C GLY E 422 65.24 -29.98 0.72
N LYS E 423 65.96 -31.00 0.26
CA LYS E 423 65.87 -32.34 0.81
C LYS E 423 66.57 -32.38 2.16
N HIS E 424 67.43 -31.37 2.39
CA HIS E 424 68.17 -31.24 3.63
C HIS E 424 67.22 -31.16 4.85
N GLY E 425 66.08 -30.50 4.70
CA GLY E 425 65.13 -30.40 5.79
C GLY E 425 64.02 -31.45 5.68
N GLY E 426 63.99 -32.17 4.56
CA GLY E 426 62.97 -33.18 4.32
C GLY E 426 61.62 -32.49 4.21
N THR E 427 60.55 -33.12 4.69
CA THR E 427 59.27 -32.45 4.64
C THR E 427 59.12 -31.64 5.92
N ILE E 428 58.53 -30.47 5.78
CA ILE E 428 58.29 -29.55 6.87
C ILE E 428 56.78 -29.44 6.92
N PRO E 429 56.12 -30.39 7.57
CA PRO E 429 54.66 -30.31 7.63
C PRO E 429 54.12 -29.14 8.46
N ILE E 430 53.23 -28.37 7.83
CA ILE E 430 52.58 -27.22 8.44
C ILE E 430 51.09 -27.52 8.63
N VAL E 431 50.77 -27.99 9.83
CA VAL E 431 49.43 -28.38 10.23
C VAL E 431 48.85 -27.35 11.20
N PRO E 432 47.51 -27.24 11.29
CA PRO E 432 46.93 -26.26 12.21
C PRO E 432 47.05 -26.70 13.65
N THR E 433 46.90 -25.75 14.59
CA THR E 433 46.94 -26.10 16.01
C THR E 433 45.52 -26.57 16.30
N ALA E 434 45.27 -27.01 17.52
CA ALA E 434 43.92 -27.48 17.85
C ALA E 434 42.94 -26.30 17.73
N GLU E 435 43.38 -25.12 18.16
CA GLU E 435 42.59 -23.90 18.10
C GLU E 435 42.28 -23.45 16.67
N PHE E 436 43.29 -23.36 15.82
CA PHE E 436 43.06 -22.91 14.45
C PHE E 436 42.29 -23.96 13.67
N GLN E 437 42.31 -25.20 14.14
CA GLN E 437 41.58 -26.26 13.48
C GLN E 437 40.09 -26.01 13.68
N ASP E 438 39.74 -25.61 14.89
CA ASP E 438 38.35 -25.32 15.25
C ASP E 438 37.81 -24.13 14.46
N ARG E 439 38.72 -23.40 13.81
CA ARG E 439 38.36 -22.21 13.03
C ARG E 439 38.64 -22.38 11.54
N ILE E 440 39.31 -23.46 11.18
CA ILE E 440 39.68 -23.72 9.79
C ILE E 440 38.66 -23.34 8.71
N SER E 441 37.37 -23.42 9.01
CA SER E 441 36.34 -23.08 8.03
C SER E 441 35.84 -21.66 8.15
N GLY E 442 36.04 -21.04 9.30
CA GLY E 442 35.61 -19.68 9.45
C GLY E 442 34.57 -19.63 10.54
N ALA E 443 34.03 -18.44 10.77
CA ALA E 443 33.03 -18.28 11.81
C ALA E 443 31.67 -18.88 11.43
N SER E 444 31.03 -19.48 12.43
CA SER E 444 29.70 -20.09 12.31
C SER E 444 28.76 -19.12 13.05
N GLU E 445 27.42 -19.32 13.01
CA GLU E 445 26.48 -18.42 13.71
C GLU E 445 26.85 -18.32 15.19
N LYS E 446 27.17 -19.46 15.79
CA LYS E 446 27.55 -19.46 17.20
C LYS E 446 28.76 -18.59 17.49
N ASP E 447 29.73 -18.67 16.60
CA ASP E 447 30.98 -17.91 16.72
C ASP E 447 30.81 -16.39 16.70
N ILE E 448 29.93 -15.88 15.84
CA ILE E 448 29.70 -14.45 15.71
C ILE E 448 29.00 -13.86 16.92
N VAL E 449 28.00 -14.58 17.42
CA VAL E 449 27.27 -14.11 18.58
C VAL E 449 28.20 -13.97 19.74
N HIS E 450 28.93 -15.04 20.03
CA HIS E 450 29.86 -15.05 21.15
C HIS E 450 30.94 -13.98 21.09
N SER E 451 31.57 -13.81 19.94
CA SER E 451 32.63 -12.81 19.82
C SER E 451 32.10 -11.42 19.55
N GLY E 452 30.95 -11.35 18.88
CA GLY E 452 30.35 -10.07 18.60
C GLY E 452 29.93 -9.43 19.91
N LEU E 453 29.36 -10.24 20.79
CA LEU E 453 28.89 -9.78 22.09
C LEU E 453 30.07 -9.28 22.89
N ALA E 454 31.10 -10.10 22.93
CA ALA E 454 32.34 -9.81 23.64
C ALA E 454 33.02 -8.54 23.15
N TYR E 455 33.08 -8.39 21.83
CA TYR E 455 33.70 -7.23 21.23
C TYR E 455 32.95 -6.02 21.71
N THR E 456 31.62 -6.14 21.73
CA THR E 456 30.75 -5.03 22.13
C THR E 456 30.80 -4.68 23.61
N MET E 457 30.73 -5.69 24.47
CA MET E 457 30.75 -5.42 25.90
C MET E 457 32.06 -4.77 26.30
N GLU E 458 33.15 -5.32 25.79
CA GLU E 458 34.50 -4.84 26.06
C GLU E 458 34.66 -3.42 25.54
N ARG E 459 34.43 -3.25 24.25
CA ARG E 459 34.56 -1.93 23.63
C ARG E 459 33.76 -0.82 24.29
N SER E 460 32.58 -1.15 24.80
CA SER E 460 31.72 -0.16 25.47
C SER E 460 32.22 0.12 26.88
N ALA E 461 32.85 -0.88 27.48
CA ALA E 461 33.38 -0.74 28.82
C ALA E 461 34.46 0.32 28.77
N ARG E 462 35.36 0.18 27.80
CA ARG E 462 36.46 1.12 27.65
C ARG E 462 35.92 2.50 27.37
N GLN E 463 34.89 2.58 26.54
CA GLN E 463 34.30 3.87 26.24
C GLN E 463 33.80 4.57 27.50
N ILE E 464 33.25 3.80 28.44
CA ILE E 464 32.76 4.37 29.69
C ILE E 464 33.92 4.72 30.62
N MET E 465 34.82 3.77 30.84
CA MET E 465 35.98 4.01 31.71
C MET E 465 36.67 5.30 31.26
N ARG E 466 36.97 5.35 29.97
CA ARG E 466 37.64 6.48 29.33
C ARG E 466 36.93 7.78 29.70
N THR E 467 35.60 7.72 29.79
CA THR E 467 34.79 8.89 30.12
C THR E 467 34.83 9.19 31.61
N ALA E 468 34.67 8.16 32.44
CA ALA E 468 34.72 8.32 33.89
C ALA E 468 36.00 9.05 34.33
N MET E 469 37.06 8.90 33.53
CA MET E 469 38.35 9.53 33.77
C MET E 469 38.34 10.98 33.36
N LYS E 470 37.94 11.24 32.11
CA LYS E 470 37.89 12.60 31.59
C LYS E 470 37.02 13.52 32.43
N TYR E 471 36.18 12.95 33.31
CA TYR E 471 35.30 13.77 34.14
C TYR E 471 35.32 13.37 35.62
N ASN E 472 36.36 12.67 36.03
CA ASN E 472 36.52 12.23 37.42
C ASN E 472 35.26 11.77 38.12
N LEU E 473 34.44 10.99 37.44
CA LEU E 473 33.22 10.48 38.06
C LEU E 473 33.60 9.29 38.95
N GLY E 474 34.87 8.90 38.86
CA GLY E 474 35.36 7.79 39.67
C GLY E 474 34.53 6.54 39.64
N LEU E 475 33.57 6.41 40.55
CA LEU E 475 32.72 5.22 40.57
C LEU E 475 31.30 5.49 40.08
N ASP E 476 31.05 6.70 39.63
CA ASP E 476 29.75 7.05 39.09
C ASP E 476 29.78 6.68 37.59
N LEU E 477 29.77 5.37 37.31
CA LEU E 477 29.81 4.87 35.94
C LEU E 477 28.49 5.15 35.24
N ARG E 478 27.41 5.22 36.00
CA ARG E 478 26.12 5.48 35.41
C ARG E 478 26.16 6.81 34.69
N THR E 479 26.70 7.81 35.34
CA THR E 479 26.74 9.11 34.71
C THR E 479 27.68 9.05 33.52
N ALA E 480 28.75 8.29 33.66
CA ALA E 480 29.68 8.16 32.55
C ALA E 480 28.95 7.57 31.36
N ALA E 481 28.19 6.50 31.61
CA ALA E 481 27.43 5.81 30.58
C ALA E 481 26.46 6.76 29.84
N TYR E 482 25.67 7.51 30.59
CA TYR E 482 24.72 8.45 30.00
C TYR E 482 25.41 9.54 29.17
N VAL E 483 26.61 9.93 29.56
CA VAL E 483 27.33 10.95 28.81
C VAL E 483 27.52 10.49 27.37
N ASN E 484 27.93 9.23 27.19
CA ASN E 484 28.14 8.65 25.87
C ASN E 484 26.85 8.55 25.08
N ALA E 485 25.81 8.05 25.74
CA ALA E 485 24.51 7.90 25.13
C ALA E 485 24.07 9.25 24.59
N ILE E 486 24.06 10.25 25.45
CA ILE E 486 23.65 11.59 25.06
C ILE E 486 24.55 12.11 23.96
N GLU E 487 25.85 12.00 24.19
CA GLU E 487 26.83 12.45 23.23
C GLU E 487 26.62 11.89 21.83
N LYS E 488 26.14 10.64 21.76
CA LYS E 488 25.87 9.96 20.49
C LYS E 488 24.51 10.34 19.93
N VAL E 489 23.47 10.18 20.74
CA VAL E 489 22.13 10.54 20.32
C VAL E 489 22.07 12.00 19.85
N PHE E 490 22.80 12.90 20.54
CA PHE E 490 22.82 14.32 20.18
C PHE E 490 23.43 14.58 18.79
N ARG E 491 24.62 14.04 18.56
CA ARG E 491 25.35 14.17 17.29
C ARG E 491 24.44 13.94 16.10
N VAL E 492 23.32 13.25 16.35
CA VAL E 492 22.36 12.95 15.31
C VAL E 492 21.40 14.11 15.18
N TYR E 493 20.50 14.23 16.14
CA TYR E 493 19.52 15.30 16.14
C TYR E 493 20.09 16.66 15.68
N ASN E 494 21.35 16.92 16.02
CA ASN E 494 22.09 18.14 15.66
C ASN E 494 22.29 18.14 14.16
N GLU E 495 23.05 17.16 13.70
CA GLU E 495 23.37 16.98 12.29
C GLU E 495 22.23 16.62 11.34
N ALA E 496 20.97 16.88 11.72
CA ALA E 496 19.82 16.56 10.84
C ALA E 496 18.63 17.54 10.88
N GLY E 497 18.85 18.74 11.41
CA GLY E 497 17.77 19.73 11.52
C GLY E 497 16.70 19.30 12.50
N VAL E 498 17.12 18.54 13.52
CA VAL E 498 16.22 18.02 14.55
C VAL E 498 15.09 17.19 13.90
N GLU F 4 2.43 34.47 -39.42
CA GLU F 4 2.27 35.65 -38.53
C GLU F 4 1.42 35.39 -37.28
N ASP F 5 2.04 35.73 -36.15
CA ASP F 5 1.43 35.58 -34.84
C ASP F 5 1.19 34.11 -34.48
N ASP F 6 2.09 33.60 -33.65
CA ASP F 6 2.03 32.23 -33.20
C ASP F 6 2.77 32.40 -31.90
N PRO F 7 2.10 33.00 -30.90
CA PRO F 7 2.73 33.22 -29.59
C PRO F 7 2.98 31.88 -28.87
N ASN F 8 3.51 31.89 -27.65
CA ASN F 8 3.72 30.64 -26.91
C ASN F 8 2.33 30.26 -26.35
N PHE F 9 1.89 29.04 -26.65
CA PHE F 9 0.56 28.61 -26.21
C PHE F 9 0.37 28.74 -24.71
N PHE F 10 1.45 28.53 -23.96
CA PHE F 10 1.35 28.62 -22.52
C PHE F 10 1.25 30.07 -22.03
N LYS F 11 2.15 30.91 -22.51
CA LYS F 11 2.18 32.31 -22.13
C LYS F 11 0.94 33.00 -22.72
N MET F 12 0.49 32.52 -23.87
CA MET F 12 -0.68 33.08 -24.52
C MET F 12 -1.86 33.03 -23.57
N VAL F 13 -1.96 31.91 -22.87
CA VAL F 13 -3.04 31.69 -21.93
C VAL F 13 -2.71 32.48 -20.67
N GLU F 14 -1.44 32.54 -20.33
CA GLU F 14 -1.02 33.31 -19.15
C GLU F 14 -1.44 34.76 -19.41
N GLY F 15 -1.39 35.15 -20.68
CA GLY F 15 -1.75 36.49 -21.06
C GLY F 15 -3.17 36.79 -20.65
N PHE F 16 -4.06 35.88 -21.02
CA PHE F 16 -5.47 36.04 -20.67
C PHE F 16 -5.61 36.09 -19.14
N PHE F 17 -4.87 35.24 -18.44
CA PHE F 17 -4.92 35.18 -16.98
C PHE F 17 -4.50 36.47 -16.33
N ASP F 18 -3.35 37.01 -16.73
CA ASP F 18 -2.84 38.27 -16.18
C ASP F 18 -3.85 39.40 -16.41
N ARG F 19 -4.35 39.49 -17.64
CA ARG F 19 -5.33 40.52 -18.00
C ARG F 19 -6.50 40.46 -17.03
N GLY F 20 -7.01 39.26 -16.83
CA GLY F 20 -8.14 39.10 -15.93
C GLY F 20 -7.70 39.26 -14.49
N ALA F 21 -6.46 38.93 -14.19
CA ALA F 21 -5.97 39.06 -12.82
C ALA F 21 -6.08 40.52 -12.38
N SER F 22 -5.57 41.42 -13.21
CA SER F 22 -5.61 42.85 -12.89
C SER F 22 -7.04 43.31 -12.58
N ILE F 23 -7.93 43.15 -13.55
CA ILE F 23 -9.32 43.55 -13.42
C ILE F 23 -9.90 43.30 -12.01
N VAL F 24 -9.63 42.13 -11.44
CA VAL F 24 -10.15 41.77 -10.11
C VAL F 24 -9.23 42.04 -8.93
N GLU F 25 -7.93 42.14 -9.17
CA GLU F 25 -6.97 42.37 -8.10
C GLU F 25 -7.54 43.25 -6.96
N ASP F 26 -8.19 44.35 -7.32
CA ASP F 26 -8.79 45.25 -6.32
C ASP F 26 -9.80 44.58 -5.40
N LYS F 27 -10.74 43.85 -5.98
CA LYS F 27 -11.78 43.16 -5.22
C LYS F 27 -11.18 42.14 -4.26
N LEU F 28 -10.23 41.35 -4.77
CA LEU F 28 -9.55 40.33 -3.99
C LEU F 28 -8.84 40.94 -2.79
N VAL F 29 -8.57 42.25 -2.85
CA VAL F 29 -7.89 42.90 -1.72
C VAL F 29 -8.89 43.48 -0.73
N GLU F 30 -10.04 43.90 -1.27
CA GLU F 30 -11.09 44.49 -0.44
C GLU F 30 -11.77 43.44 0.44
N ASP F 31 -12.12 42.30 -0.17
CA ASP F 31 -12.77 41.19 0.54
C ASP F 31 -11.86 40.68 1.65
N LEU F 32 -10.57 40.65 1.37
CA LEU F 32 -9.58 40.19 2.33
C LEU F 32 -9.76 41.02 3.60
N LYS F 33 -9.78 40.38 4.75
CA LYS F 33 -9.99 41.07 6.03
C LYS F 33 -8.87 40.87 7.06
N THR F 34 -7.65 40.63 6.60
CA THR F 34 -6.52 40.38 7.52
C THR F 34 -6.09 41.52 8.44
N ARG F 35 -5.20 41.18 9.37
CA ARG F 35 -4.64 42.11 10.35
C ARG F 35 -3.80 43.21 9.67
N GLU F 36 -2.71 42.84 9.00
CA GLU F 36 -1.86 43.84 8.31
C GLU F 36 -2.63 44.31 7.09
N THR F 37 -3.76 44.99 7.34
CA THR F 37 -4.63 45.51 6.29
C THR F 37 -3.91 46.38 5.25
N GLU F 38 -2.69 46.82 5.57
CA GLU F 38 -1.94 47.65 4.63
C GLU F 38 -1.75 46.86 3.34
N GLU F 39 -1.46 47.54 2.23
CA GLU F 39 -1.33 46.84 0.96
C GLU F 39 -0.22 45.80 0.83
N GLN F 40 0.09 45.10 1.93
CA GLN F 40 1.06 44.02 1.86
C GLN F 40 0.09 42.90 1.42
N LYS F 41 -1.18 43.23 1.63
CA LYS F 41 -2.37 42.43 1.29
C LYS F 41 -2.33 42.27 -0.22
N ARG F 42 -2.00 43.38 -0.88
CA ARG F 42 -1.93 43.46 -2.31
C ARG F 42 -0.75 42.62 -2.84
N ASN F 43 0.28 42.43 -2.02
CA ASN F 43 1.42 41.63 -2.47
C ASN F 43 1.06 40.17 -2.29
N ARG F 44 0.45 39.86 -1.16
CA ARG F 44 0.03 38.50 -0.82
C ARG F 44 -0.97 37.96 -1.83
N VAL F 45 -1.76 38.84 -2.42
CA VAL F 45 -2.73 38.40 -3.41
C VAL F 45 -1.93 38.12 -4.69
N ARG F 46 -0.98 39.01 -4.99
CA ARG F 46 -0.17 38.80 -6.18
C ARG F 46 0.72 37.59 -6.01
N GLY F 47 1.03 37.27 -4.76
CA GLY F 47 1.87 36.12 -4.48
C GLY F 47 1.11 34.87 -4.77
N ILE F 48 -0.13 34.82 -4.30
CA ILE F 48 -1.00 33.68 -4.53
C ILE F 48 -1.24 33.49 -6.03
N LEU F 49 -1.35 34.60 -6.75
CA LEU F 49 -1.57 34.54 -8.19
C LEU F 49 -0.33 34.03 -8.90
N ARG F 50 0.85 34.39 -8.42
CA ARG F 50 2.07 33.92 -9.06
C ARG F 50 2.20 32.40 -8.87
N ILE F 51 1.50 31.89 -7.84
CA ILE F 51 1.50 30.48 -7.52
C ILE F 51 0.53 29.70 -8.37
N ILE F 52 -0.64 30.27 -8.63
CA ILE F 52 -1.65 29.62 -9.47
C ILE F 52 -1.14 29.38 -10.91
N LYS F 53 -0.78 30.46 -11.60
CA LYS F 53 -0.29 30.39 -12.99
C LYS F 53 0.52 29.20 -13.52
N PRO F 54 1.52 28.73 -12.76
CA PRO F 54 2.34 27.60 -13.24
C PRO F 54 1.83 26.19 -12.92
N CYS F 55 2.24 25.23 -13.72
CA CYS F 55 1.85 23.85 -13.50
C CYS F 55 2.57 23.33 -12.28
N ASN F 56 2.01 22.35 -11.59
CA ASN F 56 2.66 21.80 -10.41
C ASN F 56 3.55 20.63 -10.71
N HIS F 57 3.06 19.74 -11.56
CA HIS F 57 3.80 18.56 -11.97
C HIS F 57 3.66 18.34 -13.47
N VAL F 58 4.77 18.06 -14.14
CA VAL F 58 4.70 17.76 -15.56
C VAL F 58 5.58 16.56 -15.83
N LEU F 59 4.96 15.46 -16.23
CA LEU F 59 5.69 14.23 -16.50
C LEU F 59 5.97 14.09 -18.00
N SER F 60 7.22 13.80 -18.34
CA SER F 60 7.61 13.64 -19.73
C SER F 60 8.03 12.20 -19.91
N LEU F 61 7.38 11.53 -20.86
CA LEU F 61 7.63 10.14 -21.13
C LEU F 61 8.27 9.89 -22.46
N SER F 62 9.04 8.83 -22.48
CA SER F 62 9.76 8.38 -23.67
C SER F 62 9.86 6.87 -23.46
N PHE F 63 9.10 6.11 -24.23
CA PHE F 63 9.12 4.66 -24.07
C PHE F 63 9.02 3.92 -25.40
N PRO F 64 9.50 2.68 -25.44
CA PRO F 64 9.46 1.91 -26.70
C PRO F 64 8.24 1.03 -26.96
N ILE F 65 7.86 0.96 -28.23
CA ILE F 65 6.76 0.08 -28.66
C ILE F 65 7.31 -0.74 -29.83
N ARG F 66 6.68 -1.88 -30.11
CA ARG F 66 7.12 -2.76 -31.20
C ARG F 66 6.16 -2.66 -32.38
N ARG F 67 6.64 -2.02 -33.45
CA ARG F 67 5.86 -1.84 -34.67
C ARG F 67 5.49 -3.19 -35.26
N ASP F 68 4.35 -3.23 -35.94
CA ASP F 68 3.85 -4.47 -36.55
C ASP F 68 4.87 -5.17 -37.45
N ASP F 69 5.71 -4.37 -38.11
CA ASP F 69 6.72 -4.90 -39.01
C ASP F 69 7.94 -5.37 -38.23
N GLY F 70 7.79 -5.55 -36.91
CA GLY F 70 8.88 -6.03 -36.07
C GLY F 70 9.97 -5.04 -35.62
N SER F 71 9.87 -3.78 -36.02
CA SER F 71 10.90 -2.81 -35.64
C SER F 71 10.69 -2.04 -34.33
N TRP F 72 11.76 -1.41 -33.83
CA TRP F 72 11.68 -0.64 -32.60
C TRP F 72 11.60 0.88 -32.80
N GLU F 73 10.56 1.46 -32.21
CA GLU F 73 10.30 2.90 -32.27
C GLU F 73 10.04 3.48 -30.88
N VAL F 74 10.68 4.61 -30.60
CA VAL F 74 10.54 5.32 -29.34
C VAL F 74 9.46 6.36 -29.52
N ILE F 75 8.48 6.38 -28.62
CA ILE F 75 7.39 7.35 -28.71
C ILE F 75 7.42 8.27 -27.49
N GLU F 76 7.12 9.55 -27.71
CA GLU F 76 7.14 10.53 -26.64
C GLU F 76 5.74 10.93 -26.23
N GLY F 77 5.60 11.20 -24.93
CA GLY F 77 4.31 11.59 -24.39
C GLY F 77 4.49 12.46 -23.16
N TYR F 78 3.47 13.26 -22.86
CA TYR F 78 3.53 14.14 -21.71
C TYR F 78 2.18 14.19 -21.01
N ARG F 79 2.21 14.49 -19.72
CA ARG F 79 0.99 14.63 -18.91
C ARG F 79 1.33 15.72 -17.90
N ALA F 80 0.53 16.79 -17.89
CA ALA F 80 0.82 17.87 -16.97
C ALA F 80 -0.33 18.08 -16.02
N GLN F 81 -0.02 18.33 -14.76
CA GLN F 81 -1.01 18.59 -13.73
C GLN F 81 -0.81 20.05 -13.35
N HIS F 82 -1.72 20.92 -13.78
CA HIS F 82 -1.60 22.35 -13.50
C HIS F 82 -1.85 22.69 -12.07
N SER F 83 -3.07 22.42 -11.61
CA SER F 83 -3.44 22.74 -10.23
C SER F 83 -4.06 21.57 -9.49
N GLN F 84 -4.06 21.67 -8.17
CA GLN F 84 -4.61 20.62 -7.32
C GLN F 84 -5.35 21.19 -6.13
N HIS F 85 -5.97 22.35 -6.35
CA HIS F 85 -6.73 23.04 -5.31
C HIS F 85 -8.04 22.29 -5.23
N ARG F 86 -8.20 21.38 -6.18
CA ARG F 86 -9.36 20.51 -6.30
C ARG F 86 -8.76 19.20 -6.74
N THR F 87 -9.24 18.11 -6.15
CA THR F 87 -8.74 16.78 -6.45
C THR F 87 -9.93 15.95 -6.93
N PRO F 88 -9.73 15.13 -7.97
CA PRO F 88 -8.51 14.90 -8.74
C PRO F 88 -8.40 15.91 -9.87
N CYS F 89 -7.36 15.75 -10.69
CA CYS F 89 -7.13 16.60 -11.85
C CYS F 89 -7.92 15.97 -12.99
N LYS F 90 -8.27 16.79 -13.96
CA LYS F 90 -9.06 16.33 -15.09
C LYS F 90 -8.49 16.98 -16.35
N GLY F 91 -8.66 16.31 -17.48
CA GLY F 91 -8.16 16.84 -18.74
C GLY F 91 -7.82 15.69 -19.68
N GLY F 92 -8.16 15.84 -20.96
CA GLY F 92 -7.95 14.78 -21.93
C GLY F 92 -6.56 14.46 -22.47
N ILE F 93 -6.54 13.52 -23.41
CA ILE F 93 -5.29 13.08 -24.06
C ILE F 93 -5.38 13.33 -25.56
N ARG F 94 -4.45 14.13 -26.06
CA ARG F 94 -4.38 14.47 -27.47
C ARG F 94 -3.25 13.67 -28.15
N TYR F 95 -3.59 13.03 -29.27
CA TYR F 95 -2.65 12.24 -30.06
C TYR F 95 -2.31 13.04 -31.31
N SER F 96 -1.13 13.67 -31.30
CA SER F 96 -0.71 14.50 -32.42
C SER F 96 0.80 14.66 -32.44
N THR F 97 1.32 15.06 -33.60
CA THR F 97 2.75 15.25 -33.76
C THR F 97 3.12 16.68 -33.36
N ASP F 98 2.10 17.46 -33.01
CA ASP F 98 2.31 18.84 -32.61
C ASP F 98 2.33 19.01 -31.10
N VAL F 99 2.24 17.91 -30.37
CA VAL F 99 2.26 18.00 -28.94
C VAL F 99 3.68 18.23 -28.46
N SER F 100 3.82 19.23 -27.60
CA SER F 100 5.10 19.55 -26.98
C SER F 100 4.67 19.85 -25.57
N VAL F 101 5.63 19.93 -24.67
CA VAL F 101 5.33 20.20 -23.28
C VAL F 101 4.59 21.53 -23.18
N ASP F 102 5.07 22.54 -23.90
CA ASP F 102 4.45 23.84 -23.86
C ASP F 102 2.96 23.84 -24.18
N GLU F 103 2.59 22.95 -25.10
CA GLU F 103 1.20 22.84 -25.51
C GLU F 103 0.44 22.14 -24.40
N VAL F 104 0.94 20.99 -23.98
CA VAL F 104 0.30 20.24 -22.93
C VAL F 104 0.19 21.09 -21.67
N LYS F 105 1.23 21.85 -21.33
CA LYS F 105 1.19 22.72 -20.14
C LYS F 105 0.09 23.76 -20.25
N ALA F 106 -0.14 24.22 -21.47
CA ALA F 106 -1.16 25.22 -21.76
C ALA F 106 -2.56 24.66 -21.64
N LEU F 107 -2.81 23.59 -22.39
CA LEU F 107 -4.12 22.96 -22.37
C LEU F 107 -4.45 22.58 -20.94
N ALA F 108 -3.45 22.12 -20.20
CA ALA F 108 -3.69 21.72 -18.83
C ALA F 108 -4.25 22.90 -18.04
N SER F 109 -3.59 24.04 -18.14
CA SER F 109 -4.02 25.24 -17.43
C SER F 109 -5.40 25.72 -17.89
N LEU F 110 -5.73 25.46 -19.15
CA LEU F 110 -7.04 25.87 -19.63
C LEU F 110 -8.08 24.98 -18.97
N MET F 111 -7.74 23.72 -18.72
CA MET F 111 -8.69 22.80 -18.09
C MET F 111 -9.13 23.28 -16.71
N THR F 112 -8.19 23.77 -15.90
CA THR F 112 -8.54 24.19 -14.56
C THR F 112 -9.44 25.43 -14.50
N TYR F 113 -9.11 26.44 -15.27
CA TYR F 113 -9.91 27.66 -15.31
C TYR F 113 -11.26 27.28 -15.95
N LYS F 114 -11.21 26.40 -16.95
CA LYS F 114 -12.39 25.92 -17.63
C LYS F 114 -13.33 25.39 -16.55
N CYS F 115 -12.81 24.50 -15.69
CA CYS F 115 -13.61 23.92 -14.61
C CYS F 115 -14.10 24.96 -13.61
N ALA F 116 -13.30 25.98 -13.33
CA ALA F 116 -13.71 27.01 -12.38
C ALA F 116 -14.94 27.78 -12.88
N VAL F 117 -14.95 28.08 -14.17
CA VAL F 117 -16.07 28.79 -14.80
C VAL F 117 -17.35 27.98 -14.63
N VAL F 118 -17.24 26.70 -14.99
CA VAL F 118 -18.37 25.79 -14.97
C VAL F 118 -18.68 25.04 -13.65
N ASP F 119 -17.87 25.24 -12.63
CA ASP F 119 -18.08 24.61 -11.32
C ASP F 119 -18.00 23.09 -11.25
N VAL F 120 -16.92 22.55 -11.79
CA VAL F 120 -16.65 21.13 -11.78
C VAL F 120 -15.44 21.09 -10.85
N PRO F 121 -15.55 20.36 -9.72
CA PRO F 121 -14.48 20.24 -8.72
C PRO F 121 -13.22 19.50 -9.09
N PHE F 122 -12.61 19.89 -10.21
CA PHE F 122 -11.38 19.28 -10.70
C PHE F 122 -10.29 20.31 -10.99
N GLY F 123 -9.05 19.93 -10.70
CA GLY F 123 -7.92 20.78 -11.02
C GLY F 123 -7.57 20.44 -12.45
N GLY F 124 -6.91 21.36 -13.16
CA GLY F 124 -6.60 21.11 -14.55
C GLY F 124 -5.45 20.18 -14.88
N ALA F 125 -5.63 19.40 -15.94
CA ALA F 125 -4.60 18.48 -16.41
C ALA F 125 -4.76 18.20 -17.91
N LYS F 126 -3.71 17.67 -18.53
CA LYS F 126 -3.78 17.39 -19.97
C LYS F 126 -2.64 16.50 -20.43
N ALA F 127 -2.90 15.66 -21.42
CA ALA F 127 -1.85 14.77 -21.92
C ALA F 127 -1.67 14.87 -23.43
N GLY F 128 -0.48 14.45 -23.89
CA GLY F 128 -0.20 14.43 -25.30
C GLY F 128 0.80 13.34 -25.66
N VAL F 129 0.51 12.59 -26.73
CA VAL F 129 1.42 11.55 -27.20
C VAL F 129 1.81 11.92 -28.65
N LYS F 130 3.08 12.28 -28.84
CA LYS F 130 3.55 12.73 -30.14
C LYS F 130 3.55 11.71 -31.28
N ILE F 131 2.36 11.39 -31.79
CA ILE F 131 2.25 10.47 -32.92
C ILE F 131 1.13 10.94 -33.83
N ASN F 132 1.14 10.46 -35.06
CA ASN F 132 0.09 10.77 -36.00
C ASN F 132 -0.65 9.43 -36.09
N PRO F 133 -1.80 9.35 -35.41
CA PRO F 133 -2.57 8.09 -35.41
C PRO F 133 -2.82 7.53 -36.79
N LYS F 134 -2.91 8.42 -37.77
CA LYS F 134 -3.18 8.05 -39.14
C LYS F 134 -2.10 7.16 -39.75
N ASN F 135 -0.97 7.02 -39.07
CA ASN F 135 0.13 6.21 -39.56
C ASN F 135 0.36 5.00 -38.70
N TYR F 136 -0.62 4.65 -37.86
CA TYR F 136 -0.48 3.49 -36.99
C TYR F 136 -1.69 2.62 -37.11
N THR F 137 -1.46 1.30 -37.09
CA THR F 137 -2.55 0.34 -37.18
C THR F 137 -3.30 0.35 -35.87
N ASP F 138 -4.50 -0.19 -35.87
CA ASP F 138 -5.29 -0.24 -34.64
C ASP F 138 -4.49 -1.00 -33.58
N ASN F 139 -3.86 -2.07 -34.00
CA ASN F 139 -3.10 -2.87 -33.08
C ASN F 139 -1.96 -2.10 -32.42
N GLU F 140 -1.29 -1.27 -33.20
CA GLU F 140 -0.16 -0.49 -32.70
C GLU F 140 -0.64 0.61 -31.76
N LEU F 141 -1.77 1.23 -32.10
CA LEU F 141 -2.33 2.28 -31.28
C LEU F 141 -2.63 1.74 -29.90
N GLU F 142 -3.40 0.65 -29.84
CA GLU F 142 -3.75 0.03 -28.57
C GLU F 142 -2.50 -0.23 -27.73
N LYS F 143 -1.47 -0.84 -28.32
CA LYS F 143 -0.24 -1.08 -27.57
C LYS F 143 0.25 0.24 -27.00
N ILE F 144 0.21 1.29 -27.81
CA ILE F 144 0.67 2.58 -27.33
C ILE F 144 -0.18 3.12 -26.19
N THR F 145 -1.48 3.26 -26.40
CA THR F 145 -2.30 3.79 -25.33
C THR F 145 -2.27 2.95 -24.04
N ARG F 146 -2.10 1.63 -24.17
CA ARG F 146 -2.05 0.82 -22.97
C ARG F 146 -0.77 1.06 -22.22
N ARG F 147 0.35 0.91 -22.91
CA ARG F 147 1.65 1.12 -22.32
C ARG F 147 1.77 2.53 -21.77
N PHE F 148 1.05 3.47 -22.38
CA PHE F 148 1.11 4.86 -21.95
C PHE F 148 0.37 4.99 -20.61
N THR F 149 -0.73 4.25 -20.47
CA THR F 149 -1.50 4.26 -19.23
C THR F 149 -0.59 3.74 -18.10
N MET F 150 0.16 2.68 -18.37
CA MET F 150 1.05 2.13 -17.35
C MET F 150 2.12 3.11 -16.85
N GLU F 151 2.86 3.68 -17.79
CA GLU F 151 3.92 4.62 -17.44
C GLU F 151 3.36 5.83 -16.74
N LEU F 152 2.06 6.10 -16.91
CA LEU F 152 1.43 7.23 -16.22
C LEU F 152 1.12 6.75 -14.81
N ALA F 153 0.53 5.56 -14.74
CA ALA F 153 0.16 4.94 -13.48
C ALA F 153 1.37 4.89 -12.55
N LYS F 154 2.42 4.22 -12.99
CA LYS F 154 3.62 4.09 -12.18
C LYS F 154 4.11 5.39 -11.51
N LYS F 155 3.80 6.55 -12.07
CA LYS F 155 4.28 7.80 -11.50
C LYS F 155 3.23 8.72 -10.91
N GLY F 156 2.03 8.19 -10.70
CA GLY F 156 0.95 8.97 -10.12
C GLY F 156 0.36 9.99 -11.04
N PHE F 157 0.31 9.67 -12.33
CA PHE F 157 -0.28 10.57 -13.31
C PHE F 157 -1.58 10.09 -13.96
N ILE F 158 -2.29 9.26 -13.22
CA ILE F 158 -3.59 8.71 -13.58
C ILE F 158 -4.09 7.90 -12.38
N GLY F 159 -5.35 8.11 -12.02
CA GLY F 159 -5.94 7.40 -10.90
C GLY F 159 -7.24 8.09 -10.57
N PRO F 160 -8.25 7.38 -10.07
CA PRO F 160 -9.56 7.90 -9.70
C PRO F 160 -9.58 9.18 -8.85
N GLY F 161 -8.65 9.29 -7.92
CA GLY F 161 -8.62 10.48 -7.08
C GLY F 161 -7.35 11.29 -7.29
N VAL F 162 -6.69 11.12 -8.41
CA VAL F 162 -5.46 11.85 -8.68
C VAL F 162 -5.54 12.70 -9.92
N ASP F 163 -5.68 11.99 -11.02
CA ASP F 163 -5.71 12.57 -12.36
C ASP F 163 -6.60 11.67 -13.22
N VAL F 164 -7.68 12.23 -13.74
CA VAL F 164 -8.63 11.48 -14.54
C VAL F 164 -8.65 11.99 -16.00
N PRO F 165 -8.06 11.20 -16.94
CA PRO F 165 -8.00 11.56 -18.35
C PRO F 165 -9.36 11.52 -19.06
N ALA F 166 -9.37 11.83 -20.34
CA ALA F 166 -10.59 11.86 -21.15
C ALA F 166 -10.14 12.05 -22.61
N PRO F 167 -11.11 12.09 -23.54
CA PRO F 167 -10.66 12.26 -24.93
C PRO F 167 -10.29 13.68 -25.33
N ASP F 168 -9.51 13.78 -26.40
CA ASP F 168 -9.15 15.06 -27.01
C ASP F 168 -8.88 14.78 -28.48
N MET F 169 -7.85 15.38 -29.07
CA MET F 169 -7.61 15.15 -30.49
C MET F 169 -7.13 13.77 -30.88
N SER F 170 -7.89 13.12 -31.76
CA SER F 170 -7.56 11.80 -32.29
C SER F 170 -7.68 10.67 -31.28
N THR F 171 -8.48 10.90 -30.25
CA THR F 171 -8.69 9.92 -29.21
C THR F 171 -10.17 9.91 -28.93
N GLY F 172 -10.76 8.73 -28.95
CA GLY F 172 -12.19 8.63 -28.72
C GLY F 172 -12.43 7.67 -27.60
N GLU F 173 -13.65 7.15 -27.52
CA GLU F 173 -13.99 6.22 -26.48
C GLU F 173 -13.22 4.92 -26.64
N ARG F 174 -12.67 4.67 -27.82
CA ARG F 174 -11.91 3.45 -28.05
C ARG F 174 -10.63 3.49 -27.21
N GLU F 175 -10.01 4.67 -27.15
CA GLU F 175 -8.78 4.86 -26.41
C GLU F 175 -9.04 4.87 -24.92
N MET F 176 -10.15 5.49 -24.53
CA MET F 176 -10.54 5.57 -23.15
C MET F 176 -10.82 4.16 -22.67
N SER F 177 -11.47 3.38 -23.53
CA SER F 177 -11.81 2.00 -23.21
C SER F 177 -10.58 1.16 -22.92
N TRP F 178 -9.50 1.38 -23.67
CA TRP F 178 -8.28 0.63 -23.42
C TRP F 178 -7.63 1.14 -22.12
N ILE F 179 -7.65 2.44 -21.91
CA ILE F 179 -7.05 3.05 -20.72
C ILE F 179 -7.68 2.45 -19.48
N ALA F 180 -8.99 2.52 -19.41
CA ALA F 180 -9.70 1.96 -18.27
C ALA F 180 -9.30 0.51 -18.06
N ASP F 181 -9.44 -0.29 -19.12
CA ASP F 181 -9.09 -1.71 -19.04
C ASP F 181 -7.69 -1.99 -18.45
N THR F 182 -6.67 -1.33 -18.96
CA THR F 182 -5.33 -1.52 -18.46
C THR F 182 -5.25 -1.19 -16.96
N TYR F 183 -5.86 -0.05 -16.57
CA TYR F 183 -5.82 0.38 -15.19
C TYR F 183 -6.54 -0.56 -14.25
N ALA F 184 -7.81 -0.82 -14.52
CA ALA F 184 -8.62 -1.70 -13.67
C ALA F 184 -8.14 -3.15 -13.64
N SER F 185 -7.29 -3.51 -14.59
CA SER F 185 -6.80 -4.87 -14.67
C SER F 185 -5.47 -5.03 -13.99
N THR F 186 -4.83 -3.91 -13.69
CA THR F 186 -3.53 -3.95 -13.04
C THR F 186 -3.52 -3.14 -11.73
N ILE F 187 -3.06 -1.87 -11.78
CA ILE F 187 -3.00 -1.00 -10.59
C ILE F 187 -4.31 -0.95 -9.80
N GLY F 188 -5.43 -0.80 -10.49
CA GLY F 188 -6.70 -0.72 -9.80
C GLY F 188 -7.48 -2.01 -9.62
N HIS F 189 -6.81 -3.16 -9.60
CA HIS F 189 -7.54 -4.42 -9.42
C HIS F 189 -8.36 -4.45 -8.11
N TYR F 190 -7.89 -3.75 -7.08
CA TYR F 190 -8.61 -3.73 -5.81
C TYR F 190 -9.38 -2.43 -5.58
N ASP F 191 -9.18 -1.46 -6.45
CA ASP F 191 -9.86 -0.18 -6.31
C ASP F 191 -11.35 -0.32 -6.67
N ILE F 192 -12.20 0.05 -5.72
CA ILE F 192 -13.62 -0.05 -5.94
C ILE F 192 -14.08 1.02 -6.92
N ASN F 193 -13.20 1.99 -7.18
CA ASN F 193 -13.49 3.08 -8.11
C ASN F 193 -12.59 3.05 -9.34
N ALA F 194 -12.00 1.89 -9.60
CA ALA F 194 -11.09 1.70 -10.73
C ALA F 194 -11.54 2.27 -12.07
N HIS F 195 -12.79 2.05 -12.43
CA HIS F 195 -13.27 2.55 -13.72
C HIS F 195 -13.53 4.03 -13.75
N ALA F 196 -13.24 4.72 -12.65
CA ALA F 196 -13.47 6.15 -12.58
C ALA F 196 -12.13 6.82 -12.78
N CYS F 197 -11.22 6.09 -13.40
CA CYS F 197 -9.88 6.58 -13.65
C CYS F 197 -9.81 7.34 -14.95
N VAL F 198 -10.90 7.35 -15.69
CA VAL F 198 -10.96 8.06 -16.96
C VAL F 198 -12.41 8.21 -17.41
N THR F 199 -12.69 9.27 -18.16
CA THR F 199 -14.03 9.52 -18.64
C THR F 199 -14.11 9.43 -20.16
N GLY F 200 -15.31 9.53 -20.73
CA GLY F 200 -15.45 9.43 -22.17
C GLY F 200 -15.30 7.98 -22.62
N LYS F 201 -15.65 7.05 -21.73
CA LYS F 201 -15.55 5.62 -22.00
C LYS F 201 -16.81 5.16 -22.73
N PRO F 202 -16.76 3.95 -23.34
CA PRO F 202 -17.94 3.42 -24.04
C PRO F 202 -18.99 3.22 -22.97
N ILE F 203 -20.27 3.36 -23.33
CA ILE F 203 -21.28 3.19 -22.31
C ILE F 203 -21.24 1.80 -21.64
N SER F 204 -20.88 0.77 -22.39
CA SER F 204 -20.80 -0.57 -21.86
C SER F 204 -19.62 -0.67 -20.89
N GLN F 205 -18.70 0.29 -20.98
CA GLN F 205 -17.51 0.31 -20.14
C GLN F 205 -17.71 1.21 -18.92
N GLY F 206 -18.92 1.70 -18.76
CA GLY F 206 -19.19 2.56 -17.63
C GLY F 206 -19.26 4.00 -18.07
N GLY F 207 -19.44 4.23 -19.38
CA GLY F 207 -19.55 5.58 -19.86
C GLY F 207 -20.95 6.06 -19.51
N ILE F 208 -21.24 7.32 -19.80
CA ILE F 208 -22.56 7.86 -19.49
C ILE F 208 -23.18 8.37 -20.78
N HIS F 209 -24.50 8.44 -20.77
CA HIS F 209 -25.24 8.88 -21.92
C HIS F 209 -24.96 10.30 -22.41
N GLY F 210 -24.62 10.40 -23.67
CA GLY F 210 -24.36 11.69 -24.29
C GLY F 210 -23.03 12.32 -24.01
N ARG F 211 -22.03 11.55 -23.59
CA ARG F 211 -20.76 12.20 -23.36
C ARG F 211 -20.11 12.48 -24.70
N ILE F 212 -20.47 11.70 -25.72
CA ILE F 212 -19.83 11.95 -26.99
C ILE F 212 -20.28 13.28 -27.59
N SER F 213 -21.58 13.49 -27.64
CA SER F 213 -22.14 14.71 -28.19
C SER F 213 -22.17 15.84 -27.14
N ALA F 214 -21.65 15.52 -25.95
CA ALA F 214 -21.64 16.47 -24.84
C ALA F 214 -21.18 17.86 -25.18
N THR F 215 -19.98 17.98 -25.74
CA THR F 215 -19.44 19.29 -26.07
C THR F 215 -20.28 20.05 -27.09
N GLY F 216 -20.76 19.35 -28.11
CA GLY F 216 -21.58 20.02 -29.10
C GLY F 216 -22.82 20.58 -28.43
N ARG F 217 -23.49 19.73 -27.66
CA ARG F 217 -24.70 20.13 -26.95
C ARG F 217 -24.38 21.34 -26.06
N GLY F 218 -23.18 21.31 -25.49
CA GLY F 218 -22.77 22.40 -24.62
C GLY F 218 -22.58 23.67 -25.42
N VAL F 219 -21.85 23.59 -26.54
CA VAL F 219 -21.59 24.73 -27.42
C VAL F 219 -22.92 25.36 -27.78
N PHE F 220 -23.89 24.50 -28.08
CA PHE F 220 -25.23 24.97 -28.42
C PHE F 220 -25.79 25.85 -27.30
N HIS F 221 -25.84 25.31 -26.08
CA HIS F 221 -26.35 26.06 -24.94
C HIS F 221 -25.58 27.34 -24.71
N GLY F 222 -24.27 27.28 -24.93
CA GLY F 222 -23.45 28.45 -24.74
C GLY F 222 -23.96 29.59 -25.61
N ILE F 223 -24.04 29.31 -26.91
CA ILE F 223 -24.52 30.28 -27.88
C ILE F 223 -25.95 30.69 -27.53
N GLU F 224 -26.83 29.70 -27.35
CA GLU F 224 -28.23 29.95 -27.01
C GLU F 224 -28.42 31.00 -25.92
N ASN F 225 -27.61 30.89 -24.87
CA ASN F 225 -27.68 31.82 -23.75
C ASN F 225 -27.31 33.24 -24.15
N PHE F 226 -26.49 33.36 -25.18
CA PHE F 226 -26.09 34.68 -25.61
C PHE F 226 -26.88 35.21 -26.79
N ILE F 227 -27.22 34.33 -27.73
CA ILE F 227 -27.96 34.77 -28.90
C ILE F 227 -29.42 35.07 -28.54
N ASN F 228 -29.71 35.05 -27.25
CA ASN F 228 -31.06 35.37 -26.76
C ASN F 228 -30.98 36.38 -25.62
N GLU F 229 -30.17 37.44 -25.78
CA GLU F 229 -30.07 38.46 -24.74
C GLU F 229 -30.53 39.86 -25.15
N ALA F 230 -30.37 40.18 -26.44
CA ALA F 230 -30.77 41.50 -26.94
C ALA F 230 -29.76 42.55 -26.46
N SER F 231 -29.47 42.51 -25.16
CA SER F 231 -28.51 43.39 -24.55
C SER F 231 -27.21 43.24 -25.35
N TYR F 232 -26.91 41.98 -25.68
CA TYR F 232 -25.71 41.62 -26.45
C TYR F 232 -26.06 41.58 -27.96
N MET F 233 -27.26 41.10 -28.29
CA MET F 233 -27.68 41.05 -29.70
C MET F 233 -27.83 42.42 -30.38
N SER F 234 -28.25 43.43 -29.61
CA SER F 234 -28.40 44.79 -30.14
C SER F 234 -27.03 45.31 -30.59
N ILE F 235 -26.08 45.28 -29.65
CA ILE F 235 -24.72 45.73 -29.88
C ILE F 235 -24.12 45.09 -31.15
N LEU F 236 -24.71 43.99 -31.60
CA LEU F 236 -24.22 43.30 -32.79
C LEU F 236 -25.10 43.52 -34.00
N GLY F 237 -26.20 44.24 -33.81
CA GLY F 237 -27.12 44.47 -34.92
C GLY F 237 -27.59 43.11 -35.39
N MET F 238 -28.13 42.34 -34.46
CA MET F 238 -28.65 41.00 -34.75
C MET F 238 -29.93 40.74 -33.99
N THR F 239 -30.85 40.05 -34.66
CA THR F 239 -32.13 39.70 -34.05
C THR F 239 -31.91 38.49 -33.17
N PRO F 240 -32.56 38.46 -32.00
CA PRO F 240 -32.34 37.29 -31.14
C PRO F 240 -32.90 36.01 -31.81
N GLY F 241 -32.39 34.84 -31.39
CA GLY F 241 -32.85 33.57 -31.93
C GLY F 241 -31.98 32.93 -32.99
N PHE F 242 -32.06 31.60 -33.09
CA PHE F 242 -31.27 30.85 -34.07
C PHE F 242 -31.92 30.78 -35.46
N GLY F 243 -33.26 30.77 -35.46
CA GLY F 243 -34.05 30.68 -36.69
C GLY F 243 -33.56 31.33 -37.95
N ASP F 244 -32.90 32.49 -37.83
CA ASP F 244 -32.41 33.19 -38.99
C ASP F 244 -30.89 33.38 -38.99
N LYS F 245 -30.15 32.37 -38.55
CA LYS F 245 -28.71 32.48 -38.50
C LYS F 245 -28.06 31.43 -39.36
N THR F 246 -26.90 31.77 -39.88
CA THR F 246 -26.13 30.86 -40.70
C THR F 246 -24.77 30.79 -40.03
N PHE F 247 -24.27 29.56 -39.88
CA PHE F 247 -22.96 29.38 -39.26
C PHE F 247 -22.06 28.52 -40.13
N ALA F 248 -20.78 28.58 -39.78
CA ALA F 248 -19.74 27.82 -40.46
C ALA F 248 -18.83 27.31 -39.36
N VAL F 249 -18.43 26.05 -39.49
CA VAL F 249 -17.58 25.43 -38.48
C VAL F 249 -16.31 24.79 -39.05
N GLN F 250 -15.19 25.08 -38.39
CA GLN F 250 -13.87 24.56 -38.74
C GLN F 250 -13.61 23.28 -37.93
N GLY F 251 -13.68 22.12 -38.59
CA GLY F 251 -13.47 20.85 -37.91
C GLY F 251 -14.77 20.08 -37.83
N PHE F 252 -14.83 18.95 -38.51
CA PHE F 252 -16.02 18.11 -38.49
C PHE F 252 -15.64 16.88 -37.64
N GLY F 253 -15.41 17.13 -36.35
CA GLY F 253 -15.04 16.08 -35.42
C GLY F 253 -16.02 15.92 -34.27
N ASN F 254 -15.52 15.48 -33.12
CA ASN F 254 -16.40 15.28 -31.99
C ASN F 254 -17.10 16.57 -31.61
N VAL F 255 -16.33 17.64 -31.44
CA VAL F 255 -16.89 18.92 -31.05
C VAL F 255 -17.52 19.64 -32.26
N GLY F 256 -16.94 19.39 -33.42
CA GLY F 256 -17.44 20.02 -34.64
C GLY F 256 -18.77 19.47 -35.12
N LEU F 257 -18.77 18.19 -35.46
CA LEU F 257 -19.97 17.51 -35.94
C LEU F 257 -21.21 17.79 -35.09
N HIS F 258 -21.11 17.50 -33.80
CA HIS F 258 -22.24 17.70 -32.90
C HIS F 258 -22.64 19.13 -32.71
N SER F 259 -21.69 20.04 -32.82
CA SER F 259 -22.02 21.45 -32.72
C SER F 259 -22.97 21.76 -33.88
N MET F 260 -22.58 21.32 -35.07
CA MET F 260 -23.37 21.54 -36.27
C MET F 260 -24.74 20.89 -36.12
N ARG F 261 -24.74 19.67 -35.59
CA ARG F 261 -25.96 18.92 -35.39
C ARG F 261 -27.00 19.68 -34.59
N TYR F 262 -26.61 20.13 -33.40
CA TYR F 262 -27.55 20.83 -32.55
C TYR F 262 -28.03 22.17 -33.09
N LEU F 263 -27.12 22.96 -33.65
CA LEU F 263 -27.53 24.25 -34.17
C LEU F 263 -28.58 24.06 -35.26
N HIS F 264 -28.29 23.14 -36.18
CA HIS F 264 -29.19 22.81 -37.29
C HIS F 264 -30.56 22.40 -36.73
N ARG F 265 -30.53 21.62 -35.65
CA ARG F 265 -31.75 21.18 -35.02
C ARG F 265 -32.62 22.35 -34.61
N PHE F 266 -32.00 23.49 -34.29
CA PHE F 266 -32.76 24.65 -33.87
C PHE F 266 -32.84 25.76 -34.92
N GLY F 267 -33.05 25.32 -36.17
CA GLY F 267 -33.20 26.25 -37.29
C GLY F 267 -32.04 27.14 -37.71
N ALA F 268 -30.83 26.70 -37.39
CA ALA F 268 -29.63 27.44 -37.77
C ALA F 268 -29.18 26.75 -39.05
N LYS F 269 -28.49 27.48 -39.92
CA LYS F 269 -28.07 26.90 -41.18
C LYS F 269 -26.56 26.82 -41.35
N CYS F 270 -26.09 25.60 -41.56
CA CYS F 270 -24.66 25.37 -41.75
C CYS F 270 -24.32 25.65 -43.19
N VAL F 271 -23.59 26.74 -43.41
CA VAL F 271 -23.20 27.13 -44.76
C VAL F 271 -21.78 26.68 -45.13
N ALA F 272 -20.99 26.26 -44.14
CA ALA F 272 -19.64 25.81 -44.41
C ALA F 272 -19.12 24.82 -43.39
N VAL F 273 -18.34 23.88 -43.86
CA VAL F 273 -17.73 22.89 -42.99
C VAL F 273 -16.30 22.72 -43.47
N GLY F 274 -15.36 22.65 -42.54
CA GLY F 274 -13.97 22.51 -42.94
C GLY F 274 -13.20 21.37 -42.29
N GLU F 275 -12.01 21.13 -42.82
CA GLU F 275 -11.12 20.08 -42.32
C GLU F 275 -9.69 20.45 -42.67
N SER F 276 -8.77 19.50 -42.59
CA SER F 276 -7.36 19.78 -42.90
C SER F 276 -7.14 19.75 -44.41
N ASP F 277 -7.85 18.84 -45.08
CA ASP F 277 -7.72 18.75 -46.52
C ASP F 277 -8.38 19.96 -47.23
N GLY F 278 -9.52 20.42 -46.72
CA GLY F 278 -10.16 21.56 -47.33
C GLY F 278 -11.50 21.91 -46.72
N SER F 279 -12.20 22.89 -47.30
CA SER F 279 -13.51 23.30 -46.81
C SER F 279 -14.57 23.09 -47.89
N ILE F 280 -15.83 22.98 -47.48
CA ILE F 280 -16.91 22.85 -48.45
C ILE F 280 -17.88 23.97 -48.11
N TRP F 281 -18.80 24.24 -49.02
CA TRP F 281 -19.71 25.35 -48.83
C TRP F 281 -21.03 25.16 -49.55
N ASN F 282 -21.99 26.00 -49.17
CA ASN F 282 -23.33 25.98 -49.75
C ASN F 282 -24.15 27.06 -49.03
N PRO F 283 -24.49 28.12 -49.75
CA PRO F 283 -25.28 29.19 -49.12
C PRO F 283 -26.68 28.75 -48.67
N ASP F 284 -27.20 27.72 -49.32
CA ASP F 284 -28.53 27.20 -49.00
C ASP F 284 -28.49 26.30 -47.78
N GLY F 285 -27.29 25.99 -47.30
CA GLY F 285 -27.13 25.13 -46.13
C GLY F 285 -26.75 23.68 -46.40
N ILE F 286 -25.91 23.13 -45.53
CA ILE F 286 -25.46 21.75 -45.62
C ILE F 286 -26.13 20.95 -44.46
N ASP F 287 -26.52 19.72 -44.71
CA ASP F 287 -27.17 18.90 -43.70
C ASP F 287 -26.16 18.03 -42.96
N PRO F 288 -26.24 18.03 -41.61
CA PRO F 288 -25.35 17.28 -40.71
C PRO F 288 -25.37 15.76 -40.91
N LYS F 289 -26.53 15.20 -41.15
CA LYS F 289 -26.63 13.76 -41.33
C LYS F 289 -26.05 13.20 -42.63
N GLU F 290 -26.35 13.84 -43.76
CA GLU F 290 -25.80 13.34 -45.02
C GLU F 290 -24.30 13.60 -45.16
N LEU F 291 -23.84 14.71 -44.57
CA LEU F 291 -22.43 15.06 -44.62
C LEU F 291 -21.64 14.03 -43.83
N GLU F 292 -22.20 13.66 -42.68
CA GLU F 292 -21.57 12.70 -41.81
C GLU F 292 -21.46 11.33 -42.47
N ASP F 293 -22.53 10.91 -43.15
CA ASP F 293 -22.49 9.60 -43.79
C ASP F 293 -21.53 9.59 -44.97
N PHE F 294 -21.44 10.73 -45.67
CA PHE F 294 -20.53 10.85 -46.80
C PHE F 294 -19.12 10.69 -46.23
N LYS F 295 -18.86 11.47 -45.17
CA LYS F 295 -17.59 11.48 -44.46
C LYS F 295 -17.21 10.10 -43.93
N LEU F 296 -18.18 9.32 -43.44
CA LEU F 296 -17.89 7.97 -42.93
C LEU F 296 -17.55 7.02 -44.08
N GLN F 297 -18.39 7.06 -45.12
CA GLN F 297 -18.22 6.23 -46.30
C GLN F 297 -16.94 6.52 -47.10
N HIS F 298 -16.65 7.81 -47.29
CA HIS F 298 -15.51 8.30 -48.08
C HIS F 298 -14.29 8.84 -47.34
N GLY F 299 -14.39 8.92 -46.02
CA GLY F 299 -13.29 9.41 -45.21
C GLY F 299 -12.85 10.85 -45.45
N THR F 300 -13.75 11.70 -45.91
CA THR F 300 -13.44 13.11 -46.16
C THR F 300 -14.73 13.84 -46.51
N ILE F 301 -14.76 15.16 -46.30
CA ILE F 301 -15.96 15.94 -46.62
C ILE F 301 -15.86 16.48 -48.05
N LEU F 302 -14.63 16.52 -48.56
CA LEU F 302 -14.37 17.00 -49.91
C LEU F 302 -14.99 16.01 -50.91
N GLY F 303 -15.89 16.51 -51.75
CA GLY F 303 -16.55 15.68 -52.74
C GLY F 303 -18.04 15.53 -52.45
N PHE F 304 -18.45 16.00 -51.29
CA PHE F 304 -19.85 15.93 -50.90
C PHE F 304 -20.76 16.49 -52.01
N PRO F 305 -21.63 15.63 -52.57
CA PRO F 305 -22.54 16.07 -53.63
C PRO F 305 -23.32 17.38 -53.42
N LYS F 306 -24.08 17.49 -52.32
CA LYS F 306 -24.89 18.71 -52.11
C LYS F 306 -24.12 19.93 -51.59
N ALA F 307 -22.94 20.15 -52.16
CA ALA F 307 -22.08 21.28 -51.79
C ALA F 307 -20.83 21.33 -52.68
N LYS F 308 -20.38 22.56 -52.94
CA LYS F 308 -19.19 22.85 -53.74
C LYS F 308 -17.93 22.84 -52.88
N ILE F 309 -16.77 22.65 -53.49
CA ILE F 309 -15.50 22.63 -52.76
C ILE F 309 -14.95 24.07 -52.60
N TYR F 310 -15.50 24.81 -51.63
CA TYR F 310 -15.11 26.20 -51.37
C TYR F 310 -13.60 26.42 -51.34
N GLU F 311 -13.14 27.32 -52.20
CA GLU F 311 -11.72 27.65 -52.23
C GLU F 311 -11.56 28.92 -51.39
N GLY F 312 -10.77 28.81 -50.32
CA GLY F 312 -10.56 29.94 -49.45
C GLY F 312 -10.84 29.58 -48.01
N SER F 313 -10.26 30.38 -47.11
CA SER F 313 -10.37 30.22 -45.66
C SER F 313 -11.80 30.03 -45.10
N ILE F 314 -11.98 28.93 -44.38
CA ILE F 314 -13.25 28.58 -43.76
C ILE F 314 -13.53 29.61 -42.65
N LEU F 315 -12.45 30.18 -42.11
CA LEU F 315 -12.52 31.18 -41.05
C LEU F 315 -12.93 32.56 -41.60
N GLU F 316 -13.05 32.67 -42.92
CA GLU F 316 -13.40 33.96 -43.50
C GLU F 316 -14.74 33.97 -44.23
N VAL F 317 -15.30 32.78 -44.43
CA VAL F 317 -16.58 32.65 -45.13
C VAL F 317 -17.65 33.57 -44.53
N ASP F 318 -18.63 33.94 -45.37
CA ASP F 318 -19.70 34.82 -44.91
C ASP F 318 -20.75 34.02 -44.17
N CYS F 319 -20.95 34.38 -42.91
CA CYS F 319 -21.92 33.74 -42.04
C CYS F 319 -22.14 34.60 -40.80
N ASP F 320 -23.06 34.14 -39.95
CA ASP F 320 -23.40 34.84 -38.70
C ASP F 320 -22.49 34.42 -37.55
N ILE F 321 -22.30 33.11 -37.40
CA ILE F 321 -21.47 32.55 -36.34
C ILE F 321 -20.37 31.64 -36.86
N LEU F 322 -19.15 31.89 -36.41
CA LEU F 322 -18.01 31.08 -36.82
C LEU F 322 -17.59 30.16 -35.68
N ILE F 323 -17.60 28.86 -35.93
CA ILE F 323 -17.27 27.87 -34.90
C ILE F 323 -15.92 27.16 -35.09
N PRO F 324 -14.89 27.60 -34.37
CA PRO F 324 -13.60 26.92 -34.53
C PRO F 324 -13.57 25.66 -33.67
N ALA F 325 -13.49 24.50 -34.32
CA ALA F 325 -13.46 23.24 -33.60
C ALA F 325 -12.23 22.44 -34.01
N ALA F 326 -11.18 23.14 -34.45
CA ALA F 326 -9.94 22.47 -34.86
C ALA F 326 -8.90 22.70 -33.77
N SER F 327 -7.64 22.85 -34.15
CA SER F 327 -6.59 23.12 -33.16
C SER F 327 -6.54 24.60 -32.73
N GLU F 328 -5.56 24.96 -31.93
CA GLU F 328 -5.42 26.33 -31.43
C GLU F 328 -4.94 27.35 -32.46
N LYS F 329 -4.88 28.61 -32.02
CA LYS F 329 -4.45 29.77 -32.82
C LYS F 329 -4.79 29.69 -34.31
N GLN F 330 -6.08 29.58 -34.61
CA GLN F 330 -6.53 29.54 -36.00
C GLN F 330 -6.81 30.99 -36.42
N LEU F 331 -7.42 31.74 -35.52
CA LEU F 331 -7.74 33.16 -35.73
C LEU F 331 -6.59 33.98 -35.15
N THR F 332 -5.75 34.52 -36.04
CA THR F 332 -4.60 35.34 -35.64
C THR F 332 -4.81 36.80 -36.05
N LYS F 333 -3.82 37.63 -35.75
CA LYS F 333 -3.85 39.06 -36.07
C LYS F 333 -4.03 39.33 -37.58
N SER F 334 -3.46 38.44 -38.39
CA SER F 334 -3.55 38.52 -39.84
C SER F 334 -4.98 38.50 -40.33
N ASN F 335 -5.53 37.29 -40.41
CA ASN F 335 -6.89 37.07 -40.90
C ASN F 335 -8.03 37.64 -40.05
N ALA F 336 -7.71 38.03 -38.82
CA ALA F 336 -8.72 38.56 -37.90
C ALA F 336 -9.70 39.55 -38.55
N PRO F 337 -9.17 40.60 -39.21
CA PRO F 337 -10.04 41.60 -39.84
C PRO F 337 -10.97 41.11 -40.95
N ARG F 338 -10.67 39.96 -41.55
CA ARG F 338 -11.47 39.42 -42.65
C ARG F 338 -12.38 38.25 -42.27
N VAL F 339 -13.12 38.37 -41.17
CA VAL F 339 -13.94 37.25 -40.73
C VAL F 339 -15.44 37.22 -41.09
N LYS F 340 -16.02 38.39 -41.39
CA LYS F 340 -17.44 38.45 -41.75
C LYS F 340 -18.42 38.12 -40.60
N ALA F 341 -18.25 36.97 -39.93
CA ALA F 341 -19.14 36.57 -38.83
C ALA F 341 -19.17 37.59 -37.69
N LYS F 342 -20.35 37.70 -37.07
CA LYS F 342 -20.54 38.64 -35.96
C LYS F 342 -20.24 37.93 -34.66
N ILE F 343 -20.52 36.63 -34.62
CA ILE F 343 -20.29 35.84 -33.41
C ILE F 343 -19.20 34.77 -33.58
N ILE F 344 -18.31 34.71 -32.60
CA ILE F 344 -17.22 33.73 -32.59
C ILE F 344 -17.43 32.87 -31.35
N ALA F 345 -17.89 31.63 -31.57
CA ALA F 345 -18.12 30.66 -30.49
C ALA F 345 -16.90 29.75 -30.46
N GLU F 346 -15.99 30.04 -29.52
CA GLU F 346 -14.76 29.25 -29.44
C GLU F 346 -15.04 27.82 -29.02
N GLY F 347 -15.11 26.93 -30.00
CA GLY F 347 -15.34 25.53 -29.71
C GLY F 347 -14.09 24.84 -29.22
N ALA F 348 -12.97 25.08 -29.90
CA ALA F 348 -11.70 24.45 -29.50
C ALA F 348 -11.06 25.27 -28.39
N ASN F 349 -9.96 24.75 -27.87
CA ASN F 349 -9.27 25.47 -26.82
C ASN F 349 -8.29 26.44 -27.41
N GLY F 350 -8.46 27.70 -27.04
CA GLY F 350 -7.59 28.77 -27.52
C GLY F 350 -7.46 28.83 -29.03
N PRO F 351 -8.58 28.92 -29.77
CA PRO F 351 -8.50 28.97 -31.23
C PRO F 351 -8.08 30.36 -31.75
N THR F 352 -8.17 31.39 -30.89
CA THR F 352 -7.77 32.74 -31.29
C THR F 352 -6.71 33.40 -30.40
N THR F 353 -5.71 34.00 -31.05
CA THR F 353 -4.58 34.69 -30.39
C THR F 353 -5.04 35.91 -29.60
N PRO F 354 -4.17 36.45 -28.72
CA PRO F 354 -4.57 37.62 -27.94
C PRO F 354 -4.92 38.82 -28.81
N GLU F 355 -4.20 38.96 -29.93
CA GLU F 355 -4.43 40.08 -30.81
C GLU F 355 -5.73 39.99 -31.62
N ALA F 356 -6.12 38.78 -32.02
CA ALA F 356 -7.36 38.57 -32.77
C ALA F 356 -8.49 39.05 -31.88
N ASP F 357 -8.33 38.82 -30.58
CA ASP F 357 -9.30 39.25 -29.58
C ASP F 357 -9.44 40.74 -29.79
N LYS F 358 -8.33 41.41 -29.47
CA LYS F 358 -8.20 42.87 -29.61
C LYS F 358 -8.94 43.40 -30.84
N ILE F 359 -8.63 42.83 -32.00
CA ILE F 359 -9.26 43.23 -33.26
C ILE F 359 -10.76 42.99 -33.22
N PHE F 360 -11.17 41.78 -32.81
CA PHE F 360 -12.57 41.42 -32.71
C PHE F 360 -13.33 42.35 -31.76
N LEU F 361 -12.63 42.84 -30.72
CA LEU F 361 -13.27 43.75 -29.76
C LEU F 361 -13.61 45.01 -30.53
N GLU F 362 -12.59 45.58 -31.15
CA GLU F 362 -12.72 46.79 -31.94
C GLU F 362 -13.73 46.55 -33.06
N ARG F 363 -13.47 45.53 -33.89
CA ARG F 363 -14.39 45.19 -34.99
C ARG F 363 -15.83 44.94 -34.50
N ASN F 364 -16.02 44.90 -33.18
CA ASN F 364 -17.30 44.66 -32.55
C ASN F 364 -17.95 43.35 -32.95
N ILE F 365 -17.15 42.30 -32.76
CA ILE F 365 -17.52 40.94 -33.04
C ILE F 365 -17.38 40.23 -31.69
N MET F 366 -18.49 39.65 -31.24
CA MET F 366 -18.52 38.94 -29.96
C MET F 366 -17.85 37.57 -29.98
N VAL F 367 -16.95 37.36 -29.02
CA VAL F 367 -16.22 36.11 -28.90
C VAL F 367 -16.59 35.40 -27.60
N ILE F 368 -17.35 34.31 -27.70
CA ILE F 368 -17.75 33.53 -26.53
C ILE F 368 -16.53 32.67 -26.24
N PRO F 369 -15.81 32.99 -25.14
CA PRO F 369 -14.59 32.27 -24.72
C PRO F 369 -14.67 30.76 -24.58
N ASP F 370 -13.60 30.10 -24.99
CA ASP F 370 -13.48 28.66 -24.95
C ASP F 370 -13.69 28.09 -23.55
N LEU F 371 -13.08 28.72 -22.55
CA LEU F 371 -13.18 28.23 -21.19
C LEU F 371 -14.58 28.31 -20.57
N TYR F 372 -15.58 28.56 -21.40
CA TYR F 372 -16.96 28.57 -20.93
C TYR F 372 -17.78 27.81 -21.95
N LEU F 373 -17.68 28.25 -23.18
CA LEU F 373 -18.40 27.67 -24.30
C LEU F 373 -18.13 26.18 -24.51
N ASN F 374 -16.90 25.70 -24.31
CA ASN F 374 -16.68 24.26 -24.50
C ASN F 374 -16.60 23.45 -23.20
N ALA F 375 -17.06 24.04 -22.11
CA ALA F 375 -17.02 23.38 -20.81
C ALA F 375 -18.06 22.27 -20.64
N GLY F 376 -18.88 22.09 -21.65
CA GLY F 376 -19.91 21.06 -21.57
C GLY F 376 -19.31 19.66 -21.54
N GLY F 377 -18.09 19.53 -22.06
CA GLY F 377 -17.45 18.23 -22.08
C GLY F 377 -17.13 17.71 -20.69
N VAL F 378 -16.47 18.52 -19.88
CA VAL F 378 -16.11 18.12 -18.52
C VAL F 378 -17.29 18.06 -17.63
N THR F 379 -18.27 18.90 -17.89
CA THR F 379 -19.44 18.90 -17.06
C THR F 379 -20.03 17.52 -17.16
N VAL F 380 -20.06 16.99 -18.37
CA VAL F 380 -20.61 15.66 -18.59
C VAL F 380 -19.63 14.57 -18.15
N SER F 381 -18.34 14.85 -18.29
CA SER F 381 -17.33 13.90 -17.85
C SER F 381 -17.45 13.74 -16.35
N TYR F 382 -17.66 14.86 -15.66
CA TYR F 382 -17.83 14.90 -14.21
C TYR F 382 -19.05 14.05 -13.81
N PHE F 383 -20.12 14.12 -14.61
CA PHE F 383 -21.30 13.31 -14.35
C PHE F 383 -20.98 11.83 -14.51
N GLU F 384 -20.11 11.50 -15.45
CA GLU F 384 -19.70 10.11 -15.70
C GLU F 384 -18.93 9.61 -14.50
N TRP F 385 -18.04 10.47 -14.01
CA TRP F 385 -17.19 10.18 -12.87
C TRP F 385 -18.04 9.91 -11.63
N LEU F 386 -19.06 10.74 -11.43
CA LEU F 386 -19.95 10.56 -10.30
C LEU F 386 -20.69 9.24 -10.47
N LYS F 387 -21.06 8.93 -11.70
CA LYS F 387 -21.76 7.68 -11.99
C LYS F 387 -20.90 6.50 -11.57
N ASN F 388 -19.63 6.55 -11.95
CA ASN F 388 -18.72 5.49 -11.63
C ASN F 388 -18.58 5.31 -10.14
N LEU F 389 -18.49 6.40 -9.40
CA LEU F 389 -18.37 6.30 -7.95
C LEU F 389 -19.63 5.69 -7.33
N ASN F 390 -20.79 6.10 -7.82
CA ASN F 390 -22.07 5.64 -7.31
C ASN F 390 -22.38 4.16 -7.55
N HIS F 391 -21.85 3.61 -8.63
CA HIS F 391 -22.08 2.22 -8.98
C HIS F 391 -23.53 1.86 -9.15
N VAL F 392 -24.32 2.87 -9.53
CA VAL F 392 -25.74 2.65 -9.81
C VAL F 392 -26.09 3.65 -10.88
N SER F 393 -26.88 3.20 -11.81
CA SER F 393 -27.28 4.09 -12.88
C SER F 393 -28.51 4.86 -12.38
N TYR F 394 -28.47 6.16 -12.61
CA TYR F 394 -29.51 7.08 -12.17
C TYR F 394 -30.92 6.58 -12.38
N GLY F 395 -31.72 6.56 -11.32
CA GLY F 395 -33.11 6.14 -11.42
C GLY F 395 -33.51 4.74 -11.00
N ARG F 396 -32.58 3.79 -11.12
CA ARG F 396 -32.84 2.41 -10.75
C ARG F 396 -33.56 2.22 -9.42
N LEU F 397 -32.94 2.69 -8.36
CA LEU F 397 -33.53 2.51 -7.04
C LEU F 397 -34.87 3.18 -6.82
N THR F 398 -35.17 4.21 -7.61
CA THR F 398 -36.41 4.96 -7.41
C THR F 398 -37.49 5.03 -8.49
N PHE F 399 -37.20 4.49 -9.67
CA PHE F 399 -38.16 4.53 -10.76
C PHE F 399 -39.58 4.13 -10.36
N LYS F 400 -39.74 2.97 -9.73
CA LYS F 400 -41.06 2.51 -9.32
C LYS F 400 -41.65 3.35 -8.19
N TYR F 401 -40.86 3.66 -7.16
CA TYR F 401 -41.36 4.44 -6.03
C TYR F 401 -41.93 5.78 -6.42
N GLU F 402 -41.21 6.50 -7.29
CA GLU F 402 -41.68 7.82 -7.74
C GLU F 402 -42.94 7.71 -8.56
N ARG F 403 -42.94 6.76 -9.48
CA ARG F 403 -44.10 6.54 -10.32
C ARG F 403 -45.33 6.36 -9.42
N ASP F 404 -45.28 5.40 -8.50
CA ASP F 404 -46.42 5.19 -7.60
C ASP F 404 -46.72 6.46 -6.81
N SER F 405 -45.68 7.01 -6.19
CA SER F 405 -45.82 8.21 -5.39
C SER F 405 -46.46 9.35 -6.17
N ASN F 406 -46.11 9.50 -7.44
CA ASN F 406 -46.67 10.54 -8.29
C ASN F 406 -48.13 10.33 -8.63
N TYR F 407 -48.52 9.10 -8.88
CA TYR F 407 -49.91 8.83 -9.20
C TYR F 407 -50.79 9.12 -7.98
N HIS F 408 -50.25 8.91 -6.78
CA HIS F 408 -50.97 9.19 -5.54
C HIS F 408 -51.05 10.67 -5.26
N LEU F 409 -50.00 11.39 -5.63
CA LEU F 409 -50.00 12.83 -5.44
C LEU F 409 -51.16 13.35 -6.26
N LEU F 410 -51.16 12.99 -7.55
CA LEU F 410 -52.21 13.39 -8.46
C LEU F 410 -53.57 12.88 -7.95
N MET F 411 -53.59 11.67 -7.41
CA MET F 411 -54.84 11.11 -6.89
C MET F 411 -55.32 11.87 -5.65
N SER F 412 -54.40 12.53 -4.96
CA SER F 412 -54.76 13.28 -3.76
C SER F 412 -55.56 14.54 -4.06
N VAL F 413 -55.33 15.12 -5.23
CA VAL F 413 -56.06 16.32 -5.56
C VAL F 413 -57.38 15.87 -6.12
N GLN F 414 -57.34 14.76 -6.86
CA GLN F 414 -58.56 14.23 -7.46
C GLN F 414 -59.58 13.89 -6.39
N GLU F 415 -59.23 12.97 -5.49
CA GLU F 415 -60.15 12.58 -4.44
C GLU F 415 -60.61 13.72 -3.55
N SER F 416 -59.79 14.76 -3.44
CA SER F 416 -60.12 15.93 -2.62
C SER F 416 -61.16 16.80 -3.31
N LEU F 417 -60.96 17.02 -4.61
CA LEU F 417 -61.90 17.81 -5.38
C LEU F 417 -63.24 17.09 -5.52
N GLU F 418 -63.20 15.76 -5.64
CA GLU F 418 -64.44 15.00 -5.78
C GLU F 418 -65.20 15.04 -4.44
N ARG F 419 -64.46 15.25 -3.36
CA ARG F 419 -65.04 15.32 -2.04
C ARG F 419 -65.76 16.66 -1.83
N LYS F 420 -65.13 17.75 -2.26
CA LYS F 420 -65.69 19.10 -2.09
C LYS F 420 -66.82 19.40 -3.07
N PHE F 421 -66.67 18.96 -4.31
CA PHE F 421 -67.68 19.17 -5.35
C PHE F 421 -68.63 17.98 -5.48
N GLY F 422 -68.57 17.07 -4.50
CA GLY F 422 -69.41 15.88 -4.46
C GLY F 422 -69.79 15.22 -5.76
N LYS F 423 -71.00 14.68 -5.78
CA LYS F 423 -71.54 14.01 -6.96
C LYS F 423 -71.90 15.05 -8.01
N HIS F 424 -72.03 16.29 -7.55
CA HIS F 424 -72.36 17.41 -8.42
C HIS F 424 -71.33 17.58 -9.55
N GLY F 425 -70.05 17.34 -9.25
CA GLY F 425 -69.02 17.45 -10.27
C GLY F 425 -68.67 16.10 -10.87
N GLY F 426 -69.22 15.02 -10.30
CA GLY F 426 -68.97 13.66 -10.75
C GLY F 426 -67.51 13.33 -10.52
N THR F 427 -66.88 12.56 -11.42
CA THR F 427 -65.45 12.32 -11.24
C THR F 427 -64.68 13.42 -11.94
N ILE F 428 -63.58 13.81 -11.31
CA ILE F 428 -62.72 14.87 -11.81
C ILE F 428 -61.40 14.17 -12.01
N PRO F 429 -61.23 13.51 -13.15
CA PRO F 429 -59.96 12.81 -13.38
C PRO F 429 -58.75 13.72 -13.56
N ILE F 430 -57.70 13.46 -12.76
CA ILE F 430 -56.45 14.20 -12.79
C ILE F 430 -55.36 13.28 -13.32
N VAL F 431 -55.13 13.40 -14.61
CA VAL F 431 -54.16 12.62 -15.36
C VAL F 431 -52.96 13.50 -15.73
N PRO F 432 -51.78 12.91 -15.97
CA PRO F 432 -50.61 13.71 -16.32
C PRO F 432 -50.67 14.23 -17.76
N THR F 433 -49.92 15.28 -18.07
CA THR F 433 -49.87 15.78 -19.45
C THR F 433 -48.90 14.83 -20.15
N ALA F 434 -48.70 15.01 -21.45
CA ALA F 434 -47.78 14.15 -22.16
C ALA F 434 -46.39 14.37 -21.59
N GLU F 435 -46.07 15.63 -21.29
CA GLU F 435 -44.76 15.99 -20.74
C GLU F 435 -44.51 15.40 -19.35
N PHE F 436 -45.45 15.58 -18.43
CA PHE F 436 -45.26 15.06 -17.08
C PHE F 436 -45.31 13.53 -17.09
N GLN F 437 -45.89 12.96 -18.13
CA GLN F 437 -45.98 11.51 -18.22
C GLN F 437 -44.57 10.99 -18.48
N ASP F 438 -43.85 11.68 -19.35
CA ASP F 438 -42.49 11.32 -19.72
C ASP F 438 -41.54 11.43 -18.53
N ARG F 439 -42.00 12.07 -17.46
CA ARG F 439 -41.22 12.28 -16.25
C ARG F 439 -41.80 11.56 -15.03
N ILE F 440 -43.00 11.00 -15.19
CA ILE F 440 -43.69 10.32 -14.09
C ILE F 440 -42.82 9.49 -13.14
N SER F 441 -41.73 8.89 -13.64
CA SER F 441 -40.85 8.06 -12.80
C SER F 441 -39.66 8.80 -12.23
N GLY F 442 -39.32 9.93 -12.84
CA GLY F 442 -38.22 10.71 -12.36
C GLY F 442 -37.15 10.75 -13.41
N ALA F 443 -36.01 11.36 -13.08
CA ALA F 443 -34.92 11.46 -14.01
C ALA F 443 -34.18 10.14 -14.21
N SER F 444 -33.80 9.89 -15.46
CA SER F 444 -33.06 8.72 -15.86
C SER F 444 -31.67 9.28 -16.13
N GLU F 445 -30.74 8.44 -16.47
CA GLU F 445 -29.40 8.93 -16.72
C GLU F 445 -29.43 10.01 -17.80
N LYS F 446 -30.22 9.76 -18.86
CA LYS F 446 -30.32 10.69 -19.97
C LYS F 446 -30.84 12.05 -19.52
N ASP F 447 -31.84 12.02 -18.64
CA ASP F 447 -32.46 13.23 -18.12
C ASP F 447 -31.50 14.14 -17.34
N ILE F 448 -30.65 13.55 -16.51
CA ILE F 448 -29.71 14.31 -15.67
C ILE F 448 -28.62 14.99 -16.49
N VAL F 449 -28.10 14.28 -17.47
CA VAL F 449 -27.04 14.82 -18.32
C VAL F 449 -27.56 16.05 -19.04
N HIS F 450 -28.69 15.88 -19.71
CA HIS F 450 -29.29 16.95 -20.49
C HIS F 450 -29.64 18.17 -19.69
N SER F 451 -30.26 18.00 -18.52
CA SER F 451 -30.63 19.15 -17.71
C SER F 451 -29.48 19.65 -16.84
N GLY F 452 -28.61 18.74 -16.45
CA GLY F 452 -27.48 19.12 -15.63
C GLY F 452 -26.59 20.03 -16.45
N LEU F 453 -26.40 19.66 -17.71
CA LEU F 453 -25.56 20.43 -18.61
C LEU F 453 -26.14 21.81 -18.80
N ALA F 454 -27.45 21.83 -19.08
CA ALA F 454 -28.21 23.05 -19.31
C ALA F 454 -28.17 23.98 -18.11
N TYR F 455 -28.35 23.41 -16.92
CA TYR F 455 -28.35 24.17 -15.70
C TYR F 455 -27.00 24.86 -15.56
N THR F 456 -25.95 24.10 -15.86
CA THR F 456 -24.59 24.59 -15.77
C THR F 456 -24.22 25.63 -16.82
N MET F 457 -24.57 25.38 -18.08
CA MET F 457 -24.24 26.33 -19.13
C MET F 457 -24.91 27.67 -18.89
N GLU F 458 -26.17 27.60 -18.55
CA GLU F 458 -27.00 28.77 -18.29
C GLU F 458 -26.47 29.51 -17.07
N ARG F 459 -26.39 28.80 -15.95
CA ARG F 459 -25.91 29.41 -14.72
C ARG F 459 -24.55 30.08 -14.83
N SER F 460 -23.65 29.51 -15.62
CA SER F 460 -22.31 30.08 -15.81
C SER F 460 -22.35 31.30 -16.73
N ALA F 461 -23.30 31.30 -17.65
CA ALA F 461 -23.47 32.38 -18.60
C ALA F 461 -23.82 33.62 -17.81
N ARG F 462 -24.80 33.48 -16.93
CA ARG F 462 -25.24 34.59 -16.09
C ARG F 462 -24.09 35.07 -15.22
N GLN F 463 -23.32 34.15 -14.68
CA GLN F 463 -22.19 34.54 -13.83
C GLN F 463 -21.21 35.42 -14.58
N ILE F 464 -21.02 35.13 -15.87
CA ILE F 464 -20.12 35.90 -16.71
C ILE F 464 -20.75 37.24 -17.09
N MET F 465 -21.97 37.21 -17.61
CA MET F 465 -22.67 38.44 -17.98
C MET F 465 -22.64 39.40 -16.80
N ARG F 466 -23.08 38.88 -15.66
CA ARG F 466 -23.13 39.64 -14.42
C ARG F 466 -21.79 40.33 -14.17
N THR F 467 -20.70 39.67 -14.50
CA THR F 467 -19.34 40.20 -14.30
C THR F 467 -18.98 41.23 -15.36
N ALA F 468 -19.27 40.92 -16.62
CA ALA F 468 -18.99 41.82 -17.75
C ALA F 468 -19.60 43.19 -17.49
N MET F 469 -20.68 43.20 -16.70
CA MET F 469 -21.39 44.43 -16.35
C MET F 469 -20.68 45.16 -15.21
N LYS F 470 -20.39 44.45 -14.12
CA LYS F 470 -19.73 45.05 -12.97
C LYS F 470 -18.37 45.66 -13.33
N TYR F 471 -17.85 45.32 -14.50
CA TYR F 471 -16.55 45.85 -14.93
C TYR F 471 -16.52 46.38 -16.37
N ASN F 472 -17.72 46.70 -16.90
CA ASN F 472 -17.85 47.25 -18.26
C ASN F 472 -16.93 46.65 -19.33
N LEU F 473 -16.77 45.34 -19.32
CA LEU F 473 -15.93 44.72 -20.32
C LEU F 473 -16.75 44.61 -21.61
N GLY F 474 -18.04 44.94 -21.50
CA GLY F 474 -18.90 44.90 -22.67
C GLY F 474 -18.88 43.60 -23.46
N LEU F 475 -18.01 43.51 -24.46
CA LEU F 475 -17.93 42.29 -25.27
C LEU F 475 -16.68 41.46 -24.99
N ASP F 476 -15.89 41.88 -24.00
CA ASP F 476 -14.69 41.15 -23.62
C ASP F 476 -15.15 40.14 -22.57
N LEU F 477 -15.88 39.12 -23.03
CA LEU F 477 -16.39 38.06 -22.16
C LEU F 477 -15.26 37.17 -21.66
N ARG F 478 -14.20 37.06 -22.46
CA ARG F 478 -13.08 36.23 -22.06
C ARG F 478 -12.51 36.73 -20.75
N THR F 479 -12.30 38.04 -20.65
CA THR F 479 -11.76 38.60 -19.42
C THR F 479 -12.77 38.41 -18.30
N ALA F 480 -14.06 38.56 -18.61
CA ALA F 480 -15.08 38.35 -17.59
C ALA F 480 -14.98 36.92 -17.08
N ALA F 481 -14.87 35.96 -17.99
CA ALA F 481 -14.75 34.55 -17.64
C ALA F 481 -13.56 34.30 -16.70
N TYR F 482 -12.38 34.78 -17.08
CA TYR F 482 -11.20 34.57 -16.26
C TYR F 482 -11.33 35.21 -14.86
N VAL F 483 -12.09 36.29 -14.77
CA VAL F 483 -12.25 36.93 -13.47
C VAL F 483 -12.88 35.96 -12.49
N ASN F 484 -13.89 35.23 -12.94
CA ASN F 484 -14.59 34.25 -12.11
C ASN F 484 -13.68 33.10 -11.74
N ALA F 485 -12.98 32.57 -12.73
CA ALA F 485 -12.06 31.46 -12.55
C ALA F 485 -11.06 31.82 -11.47
N ILE F 486 -10.41 32.95 -11.67
CA ILE F 486 -9.44 33.44 -10.72
C ILE F 486 -10.10 33.65 -9.37
N GLU F 487 -11.19 34.38 -9.37
CA GLU F 487 -11.92 34.68 -8.15
C GLU F 487 -12.26 33.42 -7.35
N LYS F 488 -12.51 32.31 -8.03
CA LYS F 488 -12.85 31.05 -7.38
C LYS F 488 -11.61 30.29 -6.95
N VAL F 489 -10.72 30.08 -7.90
CA VAL F 489 -9.48 29.36 -7.59
C VAL F 489 -8.75 30.05 -6.47
N PHE F 490 -8.88 31.37 -6.43
CA PHE F 490 -8.22 32.20 -5.43
C PHE F 490 -8.68 31.98 -4.02
N ARG F 491 -10.01 31.90 -3.84
CA ARG F 491 -10.61 31.66 -2.52
C ARG F 491 -9.93 30.42 -1.94
N VAL F 492 -9.92 29.35 -2.72
CA VAL F 492 -9.30 28.14 -2.25
C VAL F 492 -7.84 28.39 -1.85
N TYR F 493 -6.96 28.87 -2.75
CA TYR F 493 -5.56 29.05 -2.34
C TYR F 493 -5.39 29.96 -1.13
N ASN F 494 -6.21 31.01 -1.03
CA ASN F 494 -6.15 31.95 0.08
C ASN F 494 -6.40 31.25 1.43
N GLU F 495 -7.64 30.82 1.65
CA GLU F 495 -8.01 30.16 2.89
C GLU F 495 -7.54 28.70 3.07
N ALA F 496 -6.47 28.27 2.43
CA ALA F 496 -6.00 26.87 2.62
C ALA F 496 -4.69 26.93 3.37
N GLY F 497 -3.97 28.01 3.11
CA GLY F 497 -2.67 28.25 3.72
C GLY F 497 -1.57 28.09 2.68
N VAL F 498 -1.97 28.06 1.40
CA VAL F 498 -1.06 27.90 0.26
C VAL F 498 -0.03 26.76 0.48
N GLU G . -24.96 -16.97 -3.16
CA GLU G . -26.31 -16.68 -3.60
C GLU G . -26.58 -17.09 -5.03
O GLU G . -26.40 -18.25 -5.40
CB GLU G . -26.66 -15.20 -3.41
CG GLU G . -25.58 -14.19 -3.79
CD GLU G . -25.73 -12.92 -2.98
OE1 GLU G . -25.10 -11.90 -3.33
OE2 GLU G . -26.46 -12.96 -1.96
PA NDP H . -30.89 -22.95 3.67
O1A NDP H . -31.81 -22.52 4.73
O2A NDP H . -29.73 -24.00 4.13
O5B NDP H . -31.93 -24.24 3.31
C5B NDP H . -32.30 -25.15 4.38
C4B NDP H . -33.24 -26.31 3.84
O4B NDP H . -32.53 -27.08 2.82
C3B NDP H . -33.53 -27.27 5.02
O3B NDP H . -34.97 -27.43 5.17
C2B NDP H . -32.80 -28.56 4.56
O2B NDP H . -33.28 -29.73 5.22
C1B NDP H . -32.98 -28.49 3.01
N9A NDP H . -32.07 -29.44 2.28
C8A NDP H . -30.71 -29.41 2.24
N7A NDP H . -30.21 -30.38 1.51
C5A NDP H . -31.21 -31.11 1.02
C6A NDP H . -31.29 -32.27 0.19
N6A NDP H . -30.15 -32.89 -0.31
N1A NDP H . -32.50 -32.76 -0.10
C2A NDP H . -33.62 -32.19 0.36
N3A NDP H . -33.61 -31.10 1.14
C4A NDP H . -32.44 -30.54 1.51
O3 NDP H . -31.18 -22.92 2.16
PN NDP H . -30.24 -21.87 1.67
O1N NDP H . -28.84 -22.24 1.34
O2N NDP H . -30.89 -20.49 1.04
O5D NDP H . -30.77 -22.50 0.27
C5D NDP H . -29.85 -22.14 -0.74
C4D NDP H . -30.22 -22.59 -2.11
O4D NDP H . -31.13 -21.52 -2.56
C3D NDP H . -28.99 -22.47 -3.00
O3D NDP H . -28.81 -23.67 -3.75
C2D NDP H . -29.08 -21.30 -3.91
O2D NDP H . -28.90 -21.71 -5.29
C1D NDP H . -30.45 -20.70 -3.61
N1N NDP H . -30.21 -19.24 -3.27
C2N NDP H . -29.92 -18.79 -1.98
C3N NDP H . -29.83 -17.43 -1.69
C7N NDP H . -29.52 -16.98 -0.35
O7N NDP H . -29.33 -17.81 0.54
N7N NDP H . -29.44 -15.66 -0.04
C4N NDP H . -30.06 -16.38 -2.76
C5N NDP H . -30.21 -16.99 -4.14
C6N NDP H . -30.27 -18.32 -4.34
P2B NDP H . -32.17 -30.06 6.39
O1X NDP H . -32.05 -28.94 7.33
O2X NDP H . -32.60 -31.39 7.25
O3X NDP H . -30.72 -30.27 5.67
PG GTP I . -43.82 -4.95 4.86
O1G GTP I . -44.99 -5.32 5.73
O2G GTP I . -43.62 -3.34 5.08
O3G GTP I . -44.16 -5.28 3.31
O3B GTP I . -42.49 -5.69 5.44
PB GTP I . -42.38 -7.34 5.23
O1B GTP I . -43.51 -8.07 5.83
O2B GTP I . -42.25 -7.77 3.67
O3A GTP I . -41.03 -7.64 6.02
PA GTP I . -40.49 -9.15 5.95
O1A GTP I . -41.52 -10.18 6.31
O2A GTP I . -39.96 -9.41 4.46
O5' GTP I . -39.22 -9.08 6.93
C5' GTP I . -38.47 -10.26 7.08
C4' GTP I . -37.41 -9.79 8.07
O4' GTP I . -38.03 -9.35 9.34
C3' GTP I . -36.36 -10.85 8.44
O3' GTP I . -35.06 -10.28 8.35
C2' GTP I . -36.73 -11.30 9.89
O2' GTP I . -35.65 -11.01 10.81
C1' GTP I . -38.03 -10.51 10.24
N9 GTP I . -39.30 -11.30 10.09
C8 GTP I . -40.55 -10.76 10.21
N7 GTP I . -41.47 -11.64 10.05
C5 GTP I . -40.90 -12.82 9.80
C6 GTP I . -41.42 -14.12 9.54
O6 GTP I . -42.62 -14.34 9.51
N1 GTP I . -40.54 -15.13 9.32
C2 GTP I . -39.18 -14.89 9.35
N2 GTP I . -38.34 -15.91 9.13
N3 GTP I . -38.69 -13.68 9.59
C4 GTP I . -39.50 -12.64 9.81
OAA H3P J . -3.36 -6.85 7.77
CAP H3P J . -3.55 -5.51 7.72
CAL H3P J . -3.54 -4.78 8.90
CLAC H3P J . -3.29 -5.58 10.42
CAI H3P J . -3.78 -3.41 8.87
CAN H3P J . -3.99 -2.79 7.65
CLAE H3P J . -4.44 -1.13 7.62
CAR H3P J . -3.98 -3.52 6.47
CLAG H3P J . -4.21 -2.72 4.95
CAT H3P J . -3.77 -4.90 6.49
CAK H3P J . -3.93 -5.76 5.24
CAU H3P J . -2.61 -6.35 4.70
CAS H3P J . -2.54 -7.70 4.39
CLAH H3P J . -3.71 -8.81 4.99
CAO H3P J . -1.45 -8.21 3.67
CLAF H3P J . -1.45 -9.86 3.17
CAJ H3P J . -0.41 -7.36 3.28
CAM H3P J . -0.47 -6.03 3.62
CLAD H3P J . 0.78 -4.95 3.13
CAQ H3P J . -1.57 -5.52 4.33
OAB H3P J . -1.59 -4.21 4.68
N GLU K . -15.80 17.96 18.87
CA GLU K . -17.15 18.48 18.69
C GLU K . -18.16 17.71 19.51
O GLU K . -18.13 17.77 20.74
CB GLU K . -17.51 18.40 17.22
CG GLU K . -17.16 17.06 16.62
CD GLU K . -17.69 16.92 15.23
OE1 GLU K . -18.77 17.48 14.96
OE2 GLU K . -17.04 16.26 14.41
PA NDP L . -15.01 28.53 21.78
O1A NDP L . -15.51 29.72 21.11
O2A NDP L . -13.46 28.62 22.30
O5B NDP L . -15.54 29.22 23.21
C5B NDP L . -14.99 30.50 23.55
C4B NDP L . -15.54 31.07 24.93
O4B NDP L . -15.26 30.12 26.01
C3B NDP L . -14.79 32.38 25.23
O3B NDP L . -15.73 33.44 25.53
C2B NDP L . -13.96 31.96 26.49
O2B NDP L . -13.50 33.04 27.25
C1B NDP L . -14.95 31.00 27.18
N9A NDP L . -14.32 30.27 28.36
C8A NDP L . -13.21 29.45 28.33
N7A NDP L . -12.93 28.98 29.53
C5A NDP L . -13.82 29.45 30.41
C6A NDP L . -14.03 29.27 31.82
N6A NDP L . -13.18 28.48 32.57
N1A NDP L . -15.06 29.91 32.40
C2A NDP L . -15.88 30.68 31.71
N3A NDP L . -15.74 30.87 30.38
C4A NDP L . -14.73 30.28 29.70
O3 NDP L . -15.93 27.48 22.47
PN NDP L . -15.80 26.22 21.65
O1N NDP L . -14.81 25.19 21.97
O2N NDP L . -17.11 25.82 20.76
O5D NDP L . -16.68 25.66 22.93
C5D NDP L . -16.62 24.22 22.96
C4D NDP L . -17.47 23.59 24.05
O4D NDP L . -18.77 23.53 23.35
C3D NDP L . -17.04 22.15 24.18
O3D NDP L . -16.92 21.80 25.56
C2D NDP L . -17.98 21.22 23.47
O2D NDP L . -18.49 20.17 24.29
C1D NDP L . -19.06 22.12 22.94
N1N NDP L . -19.20 21.84 21.47
C2N NDP L . -18.43 22.46 20.48
C3N NDP L . -18.58 22.14 19.13
C7N NDP L . -17.78 22.78 18.12
O7N NDP L . -16.97 23.64 18.46
N7N NDP L . -17.91 22.47 16.80
C4N NDP L . -19.58 21.09 18.68
C5N NDP L . -20.36 20.52 19.85
C6N NDP L . -20.16 20.90 21.12
P2B NDP L . -12.03 33.44 26.68
O1X NDP L . -12.09 33.79 25.22
O2X NDP L . -11.49 34.71 27.54
O3X NDP L . -11.03 32.19 26.85
PG GTP M . -28.77 31.49 10.00
O1G GTP M . -29.61 32.57 9.51
O2G GTP M . -27.43 31.74 10.89
O3G GTP M . -28.85 30.09 9.22
O3B GTP M . -27.77 31.94 8.80
PB GTP M . -28.27 32.07 7.18
O1B GTP M . -28.77 30.78 6.63
O2B GTP M . -29.38 33.23 6.92
O3A GTP M . -26.81 32.43 6.69
PA GTP M . -26.27 32.76 5.22
O1A GTP M . -26.56 31.78 4.14
O2A GTP M . -26.72 34.26 4.80
O5' GTP M . -24.79 32.73 5.85
C5' GTP M . -23.53 32.69 5.18
C4' GTP M . -22.78 32.78 6.54
O4' GTP M . -23.35 32.31 7.76
C3' GTP M . -21.23 32.53 6.79
O3' GTP M . -20.32 33.15 5.88
C2' GTP M . -21.21 33.01 8.35
O2' GTP M . -20.24 34.02 8.63
C1' GTP M . -22.74 33.45 8.35
N9 GTP M . -23.38 34.22 9.43
C8 GTP M . -24.66 34.73 9.28
N7 GTP M . -25.02 35.39 10.32
C5 GTP M . -24.04 35.39 11.20
C6 GTP M . -23.90 35.95 12.49
O6 GTP M . -24.79 36.61 12.99
N1 GTP M . -22.72 35.75 13.15
C2 GTP M . -21.72 35.01 12.59
N2 GTP M . -20.56 34.83 13.29
N3 GTP M . -21.83 34.47 11.38
C4 GTP M . -22.95 34.63 10.67
OAA H3P N . -1.95 2.64 4.01
CAP H3P N . -2.40 3.71 4.72
CAL H3P N . -3.72 4.12 4.57
CLAC H3P N . -4.77 3.36 3.44
CAI H3P N . -4.19 5.18 5.33
CAN H3P N . -3.35 5.83 6.21
CLAE H3P N . -4.02 7.03 7.27
CAR H3P N . -2.02 5.43 6.34
CLAG H3P N . -0.88 6.32 7.28
CAT H3P N . -1.54 4.36 5.59
CAK H3P N . -0.10 3.89 5.79
CAU H3P N . -0.09 2.46 6.33
CAS H3P N . -0.41 2.17 7.64
CLAH H3P N . -0.67 3.48 8.74
CAO H3P N . -0.49 0.86 8.10
CLAF H3P N . -0.81 0.54 9.76
CAJ H3P N . -0.25 -0.20 7.22
CAM H3P N . 0.07 0.08 5.89
CLAD H3P N . 0.37 -1.20 4.77
CAQ H3P N . 0.16 1.39 5.45
OAB H3P N . 0.54 1.68 4.18
N GLU O . 26.55 14.40 -9.21
CA GLU O . 27.09 13.06 -9.00
C GLU O . 27.47 12.45 -10.34
O GLU O . 28.11 11.41 -10.38
CB GLU O . 26.05 12.18 -8.30
CG GLU O . 26.41 10.71 -8.28
CD GLU O . 26.22 10.06 -6.91
OE1 GLU O . 25.27 9.29 -6.71
OE2 GLU O . 27.07 10.33 -6.04
PA NDP P . 30.96 22.43 -5.62
O1A NDP P . 31.73 22.74 -4.39
O2A NDP P . 29.74 23.45 -5.92
O5B NDP P . 32.09 23.34 -6.47
C5B NDP P . 32.30 24.68 -6.01
C4B NDP P . 33.32 25.44 -6.92
O4B NDP P . 32.84 25.46 -8.30
C3B NDP P . 33.38 26.86 -6.40
O3B NDP P . 34.73 27.27 -6.08
C2B NDP P . 32.78 27.64 -7.59
O2B NDP P . 33.22 28.98 -7.60
C1B NDP P . 33.24 26.78 -8.80
N9A NDP P . 32.51 27.22 -10.04
C8A NDP P . 31.17 27.11 -10.28
N7A NDP P . 30.86 27.60 -11.46
C5A NDP P . 31.96 28.08 -12.05
C6A NDP P . 32.24 28.71 -13.29
N6A NDP P . 31.23 28.98 -14.21
N1A NDP P . 33.49 29.05 -13.55
C2A NDP P . 34.48 28.82 -12.69
N3A NDP P . 34.29 28.22 -11.52
C4A NDP P . 33.06 27.84 -11.15
O3 NDP P . 31.48 21.63 -6.88
PN NDP P . 30.56 20.44 -6.95
O1N NDP P . 29.26 20.60 -7.64
O2N NDP P . 31.23 18.98 -6.68
O5D NDP P . 31.27 20.21 -8.42
C5D NDP P . 30.43 19.29 -9.14
C4D NDP P . 30.84 18.87 -10.55
O4D NDP P . 31.84 17.83 -10.32
C3D NDP P . 29.63 18.16 -11.17
O3D NDP P . 29.30 18.69 -12.44
C2D NDP P . 29.87 16.68 -11.25
O2D NDP P . 29.67 16.09 -12.55
C1D NDP P . 31.27 16.52 -10.75
N1N NDP P . 31.23 15.45 -9.74
C2N NDP P . 30.71 15.60 -8.42
C3N NDP P . 30.40 14.45 -7.68
C7N NDP P . 29.89 14.54 -6.35
O7N NDP P . 29.70 15.62 -5.85
N7N NDP P . 29.60 13.42 -5.62
C4N NDP P . 30.62 13.07 -8.25
C5N NDP P . 31.46 13.10 -9.51
C6N NDP P . 31.71 14.21 -10.16
P2B NDP P . 32.11 29.84 -6.82
O1X NDP P . 31.91 29.31 -5.45
O2X NDP P . 32.61 31.39 -6.78
O3X NDP P . 30.72 29.72 -7.61
PG GTP Q . 42.17 10.38 3.36
O1G GTP Q . 40.96 9.99 2.58
O2G GTP Q . 42.85 11.64 2.62
O3G GTP Q . 43.23 9.16 3.47
O3B GTP Q . 41.73 10.88 4.78
PB GTP Q . 41.03 9.80 5.80
O1B GTP Q . 39.82 9.19 5.22
O2B GTP Q . 42.09 8.65 6.25
O3A GTP Q . 40.77 10.97 6.94
PA GTP Q . 40.00 10.80 8.35
O1A GTP Q . 38.57 10.43 8.22
O2A GTP Q . 40.78 9.76 9.31
O5' GTP Q . 40.13 12.34 8.80
C5' GTP Q . 39.43 12.79 9.96
C4' GTP Q . 39.85 14.27 9.97
O4' GTP Q . 39.72 14.95 8.69
C3' GTP Q . 39.14 15.21 10.96
O3' GTP Q . 39.56 15.04 12.32
C2' GTP Q . 39.41 16.64 10.29
O2' GTP Q . 40.06 17.53 11.20
C1' GTP Q . 40.28 16.25 8.99
N9 GTP Q . 40.34 17.19 7.74
C8 GTP Q . 41.27 18.19 7.49
N7 GTP Q . 41.04 18.80 6.33
C5 GTP Q . 39.96 18.25 5.74
C6 GTP Q . 39.23 18.49 4.50
O6 GTP Q . 39.57 19.33 3.71
N1 GTP Q . 38.14 17.71 4.24
C2 GTP Q . 37.74 16.73 5.12
N2 GTP Q . 36.63 15.98 4.82
N3 GTP Q . 38.39 16.51 6.26
C4 GTP Q . 39.47 17.22 6.62
OAA H3P R . 0.35 3.42 -4.06
CAP H3P R . 0.01 3.87 -5.30
CAL H3P R . -1.26 4.35 -5.55
CLAC H3P R . -2.46 4.28 -4.29
CAI H3P R . -1.60 4.85 -6.79
CAN H3P R . -0.64 4.86 -7.81
CLAE H3P R . -1.04 5.61 -9.32
CAR H3P R . 0.62 4.35 -7.56
CLAG H3P R . 1.79 4.13 -8.83
CAT H3P R . 0.98 3.86 -6.31
CAK H3P R . 2.40 3.37 -6.05
CAU H3P R . 3.03 4.26 -4.98
CAS H3P R . 3.44 5.55 -5.26
CLAH H3P R . 3.32 6.19 -6.87
CAO H3P R . 3.94 6.37 -4.26
CLAF H3P R . 4.52 7.94 -4.67
CAJ H3P R . 4.05 5.90 -2.96
CAM H3P R . 3.66 4.59 -2.67
CLAD H3P R . 3.82 4.00 -1.06
CAQ H3P R . 3.15 3.79 -3.68
OAB H3P R . 2.82 2.51 -3.42
OAA H3P S . 3.58 10.19 3.00
CAP H3P S . 3.02 9.81 1.82
CAL H3P S . 3.38 10.47 0.66
CLAC H3P S . 4.55 11.75 0.72
CAI H3P S . 2.81 10.12 -0.55
CAN H3P S . 1.87 9.10 -0.59
CLAE H3P S . 1.07 8.78 -2.09
CAR H3P S . 1.52 8.42 0.58
CLAG H3P S . 0.44 7.08 0.52
CAT H3P S . 2.08 8.77 1.81
CAK H3P S . 1.57 8.17 3.12
CAU H3P S . 2.58 7.24 3.79
CAS H3P S . 2.87 7.38 5.14
CLAH H3P S . 2.52 8.87 5.95
CAO H3P S . 3.58 6.40 5.83
CLAF H3P S . 3.80 6.55 7.53
CAJ H3P S . 4.04 5.27 5.17
CAM H3P S . 3.78 5.13 3.80
CLAD H3P S . 4.31 3.71 2.95
CAQ H3P S . 3.06 6.10 3.14
OAB H3P S . 2.88 5.98 1.79
N GLU T . 11.59 -26.00 -11.11
CA GLU T . 12.65 -26.76 -10.44
C GLU T . 12.10 -27.54 -9.24
O GLU T . 12.75 -28.45 -8.70
CB GLU T . 13.75 -25.81 -9.97
CG GLU T . 13.21 -24.73 -9.04
CD GLU T . 14.26 -23.75 -8.54
OE1 GLU T . 14.07 -23.18 -7.44
OE2 GLU T . 15.27 -23.55 -9.26
PA NDP U . 14.22 -29.78 -20.61
O1A NDP U . 15.36 -29.36 -21.40
O2A NDP U . 12.81 -29.67 -21.41
O5B NDP U . 14.37 -31.35 -21.16
C5B NDP U . 14.30 -31.61 -22.57
C4B NDP U . 14.43 -33.17 -22.77
O4B NDP U . 13.28 -33.81 -22.11
C3B NDP U . 14.28 -33.46 -24.28
O3B NDP U . 15.33 -34.36 -24.74
C2B NDP U . 12.91 -34.13 -24.32
O2B NDP U . 12.66 -34.83 -25.52
C1B NDP U . 12.96 -34.93 -23.01
N9A NDP U . 11.64 -35.58 -22.77
C8A NDP U . 10.48 -34.98 -22.40
N7A NDP U . 9.52 -35.86 -22.27
C5A NDP U . 10.00 -37.08 -22.55
C6A NDP U . 9.43 -38.39 -22.58
N6A NDP U . 8.10 -38.60 -22.28
N1A NDP U . 10.22 -39.42 -22.92
C2A NDP U . 11.52 -39.25 -23.22
N3A NDP U . 12.09 -38.05 -23.20
C4A NDP U . 11.37 -36.94 -22.88
O3 NDP U . 14.30 -30.77 -19.39
PN NDP U . 13.96 -29.94 -18.18
O1N NDP U . 12.54 -29.84 -17.76
O2N NDP U . 15.20 -29.60 -17.18
O5D NDP U . 13.98 -31.39 -17.41
C5D NDP U . 13.27 -31.22 -16.17
C4D NDP U . 13.22 -32.42 -15.26
O4D NDP U . 14.48 -32.33 -14.50
C3D NDP U . 12.13 -32.16 -14.23
O3D NDP U . 11.23 -33.28 -14.20
C2D NDP U . 12.70 -31.88 -12.86
O2D NDP U . 12.17 -32.77 -11.84
C1D NDP U . 14.21 -32.00 -13.06
N1N NDP U . 14.90 -30.74 -12.56
C2N NDP U . 15.09 -29.61 -13.39
C3N NDP U . 15.52 -28.39 -12.84
C7N NDP U . 15.75 -27.24 -13.66
O7N NDP U . 15.58 -27.33 -14.85
N7N NDP U . 16.17 -26.07 -13.12
C4N NDP U . 15.75 -28.24 -11.37
C5N NDP U . 15.79 -29.58 -10.67
C6N NDP U . 15.39 -30.71 -11.24
P2B NDP U . 11.82 -33.77 -26.46
O1X NDP U . 12.61 -32.52 -26.65
O2X NDP U . 11.51 -34.48 -27.89
O3X NDP U . 10.40 -33.41 -25.74
PG GTP V . 31.25 -26.06 -15.82
O1G GTP V . 30.70 -26.11 -14.45
O2G GTP V . 30.11 -26.63 -16.80
O3G GTP V . 32.57 -26.96 -15.92
O3B GTP V . 31.55 -24.55 -16.33
PB GTP V . 32.66 -23.72 -15.48
O1B GTP V . 34.06 -23.56 -15.90
O2B GTP V . 32.18 -22.56 -14.43
O3A GTP V . 32.09 -22.75 -16.76
PA GTP V . 32.54 -21.15 -17.01
O1A GTP V . 33.96 -21.63 -16.81
O2A GTP V . 33.23 -20.44 -18.33
O5' GTP V . 31.41 -21.49 -18.16
C5' GTP V . 30.86 -20.33 -18.91
C4' GTP V . 29.94 -20.95 -19.96
O4' GTP V . 29.09 -22.06 -19.62
C3' GTP V . 28.99 -20.07 -20.90
O3' GTP V . 29.66 -19.11 -21.76
C2' GTP V . 28.25 -21.24 -21.67
O2' GTP V . 28.34 -21.13 -23.12
C1' GTP V . 29.06 -22.43 -21.01
N9 GTP V . 28.91 -23.82 -21.54
C8 GTP V . 30.03 -24.60 -21.70
N7 GTP V . 29.73 -25.76 -22.18
C5 GTP V . 28.42 -25.84 -22.37
C6 GTP V . 27.59 -26.88 -22.88
O6 GTP V . 28.08 -27.93 -23.25
N1 GTP V . 26.24 -26.66 -22.96
C2 GTP V . 25.71 -25.46 -22.55
N2 GTP V . 24.36 -25.27 -22.63
N3 GTP V . 26.49 -24.46 -22.07
C4 GTP V . 27.83 -24.60 -21.95
OAA H3P W . -2.78 -4.04 -1.09
CAP H3P W . -3.82 -4.85 -0.80
CAL H3P W . -5.12 -4.38 -0.95
CLAC H3P W . -5.41 -2.74 -1.38
CAI H3P W . -6.20 -5.24 -0.67
CAN H3P W . -5.96 -6.54 -0.29
CLAE H3P W . -7.31 -7.62 -0.14
CAR H3P W . -4.65 -7.01 -0.14
CLAG H3P W . -4.31 -8.56 0.50
CAT H3P W . -3.56 -6.16 -0.40
CAK H3P W . -2.14 -6.69 -0.29
CAU H3P W . -1.47 -6.61 -1.67
CAS H3P W . -1.81 -7.53 -2.68
CLAH H3P W . -2.87 -8.83 -2.31
CAO H3P W . -1.24 -7.39 -3.94
CLAF H3P W . -1.63 -8.55 -5.16
CAJ H3P W . -0.35 -6.37 -4.22
CAM H3P W . -0.01 -5.47 -3.23
CLAD H3P W . 1.10 -4.19 -3.54
CAQ H3P W . -0.57 -5.61 -1.94
OAB H3P W . -0.18 -4.77 -0.94
N GLU X . 13.83 -6.14 26.91
CA GLU X . 15.27 -6.30 26.97
C GLU X . 15.94 -4.95 27.22
O GLU X . 15.98 -4.48 28.35
CB GLU X . 15.77 -6.89 25.65
CG GLU X . 15.70 -5.92 24.47
CD GLU X . 15.96 -6.62 23.14
OE1 GLU X . 15.39 -6.21 22.11
OE2 GLU X . 16.75 -7.57 23.12
PA NDP Y . 12.41 -13.64 33.98
O1A NDP Y . 12.69 -15.08 33.97
O2A NDP Y . 10.82 -13.32 34.24
O5B NDP Y . 12.80 -13.69 35.61
C5B NDP Y . 12.08 -14.65 36.40
C4B NDP Y . 12.48 -14.54 37.92
O4B NDP Y . 12.28 -13.17 38.42
C3B NDP Y . 11.57 -15.49 38.72
O3B NDP Y . 12.36 -16.46 39.42
C2B NDP Y . 10.79 -14.45 39.64
O2B NDP Y . 10.22 -14.99 40.85
C1B NDP Y . 11.85 -13.34 39.83
N9A NDP Y . 11.28 -12.05 40.39
C8A NDP Y . 10.31 -11.24 39.86
N7A NDP Y . 10.09 -10.20 40.61
C5A NDP Y . 10.91 -10.24 41.68
C6A NDP Y . 11.14 -9.41 42.82
N6A NDP Y . 10.45 -8.23 43.02
N1A NDP Y . 12.08 -9.80 43.71
C2A NDP Y . 12.78 -10.93 43.55
N3A NDP Y . 12.59 -11.74 42.50
C4A NDP Y . 11.69 -11.44 41.56
O3 NDP Y . 13.38 -12.43 34.31
PN NDP Y . 13.24 -11.56 33.06
O1N NDP Y . 12.14 -10.56 33.04
O2N NDP Y . 14.53 -11.44 32.05
O5D NDP Y . 14.15 -10.49 33.96
C5D NDP Y . 13.99 -9.20 33.32
C4D NDP Y . 14.75 -8.00 33.88
O4D NDP Y . 16.11 -8.11 33.34
C3D NDP Y . 14.16 -6.72 33.23
O3D NDP Y . 13.85 -5.73 34.21
C2D NDP Y . 15.12 -6.18 32.17
O2D NDP Y . 15.47 -4.80 32.36
C1D NDP Y . 16.31 -7.13 32.23
N1N NDP Y . 16.49 -7.75 30.87
C2N NDP Y . 15.72 -8.86 30.40
C3N NDP Y . 16.08 -9.53 29.22
C7N NDP Y . 15.32 -10.66 28.71
O7N NDP Y . 14.32 -11.06 29.30
N7N NDP Y . 15.70 -11.29 27.56
C4N NDP Y . 17.28 -9.10 28.45
C5N NDP Y . 17.86 -7.80 28.93
C6N NDP Y . 17.47 -7.20 30.07
P2B NDP Y . 8.63 -15.17 40.52
O1X NDP Y . 8.47 -16.11 39.39
O2X NDP Y . 7.84 -15.76 41.83
O3X NDP Y . 8.05 -13.71 40.09
PG GTP Z . 27.39 -21.28 26.87
O1G GTP Z . 27.55 -20.02 26.12
O2G GTP Z . 26.70 -20.96 28.29
O3G GTP Z . 28.82 -21.96 27.11
O3B GTP Z . 26.44 -22.28 26.07
PB GTP Z . 27.01 -22.69 24.59
O1B GTP Z . 27.14 -21.48 23.74
O2B GTP Z . 28.43 -23.44 24.71
O3A GTP Z . 25.81 -23.68 24.08
PA GTP Z . 25.76 -24.42 22.59
O1A GTP Z . 27.19 -24.80 22.80
O2A GTP Z . 25.44 -25.99 22.20
O5' GTP Z . 24.46 -24.60 23.56
C5' GTP Z . 23.23 -25.16 23.06
C4' GTP Z . 22.38 -25.18 24.32
O4' GTP Z . 22.37 -24.10 25.27
C3' GTP Z . 20.87 -25.57 24.20
O3' GTP Z . 20.66 -26.87 23.64
C2' GTP Z . 20.44 -25.41 25.69
O2' GTP Z . 19.92 -26.66 26.22
C1' GTP Z . 21.82 -24.96 26.32
N9 GTP Z . 21.84 -24.56 27.76
C8 GTP Z . 22.95 -24.77 28.55
N7 GTP Z . 22.73 -24.35 29.76
C5 GTP Z . 21.49 -23.84 29.87
C6 GTP Z . 20.76 -23.26 30.96
O6 GTP Z . 21.26 -23.16 32.07
N1 GTP Z . 19.49 -22.82 30.74
C2 GTP Z . 18.93 -22.95 29.48
N2 GTP Z . 17.66 -22.49 29.31
N3 GTP Z . 19.59 -23.49 28.44
C4 GTP Z . 20.87 -23.95 28.59
N GLU AA . -10.00 16.99 -23.03
CA GLU AA . -11.06 17.99 -22.99
C GLU AA . -10.47 19.38 -22.86
O GLU AA . -11.05 20.34 -23.34
CB GLU AA . -12.02 17.72 -21.82
CG GLU AA . -11.56 16.60 -20.83
CD GLU AA . -12.66 16.08 -19.89
OE1 GLU AA . -12.41 15.10 -19.15
OE2 GLU AA . -13.78 16.64 -19.89
PA NDP BA . -11.59 15.64 -33.54
O1A NDP BA . -12.71 14.95 -34.17
O2A NDP BA . -10.12 15.09 -34.00
O5B NDP BA . -11.58 16.73 -34.79
C5B NDP BA . -11.40 16.15 -36.11
C4B NDP BA . -11.34 17.28 -37.20
O4B NDP BA . -10.23 18.18 -36.88
C3B NDP BA . -11.03 16.62 -38.57
O3B NDP BA . -12.01 17.04 -39.54
C2B NDP BA . -9.60 17.18 -38.86
O2B NDP BA . -9.15 17.15 -40.23
C1B NDP BA . -9.76 18.58 -38.19
N9A NDP BA . -8.50 19.38 -38.09
C8A NDP BA . -7.34 19.07 -37.46
N7A NDP BA . -6.47 20.04 -37.57
C5A NDP BA . -7.02 21.06 -38.29
C6A NDP BA . -6.58 22.35 -38.73
N6A NDP BA . -5.32 22.84 -38.44
N1A NDP BA . -7.45 23.10 -39.45
C2A NDP BA . -8.68 22.65 -39.76
N3A NDP BA . -9.12 21.46 -39.36
C4A NDP BA . -8.33 20.64 -38.64
O3 NDP BA . -11.64 17.09 -32.91
PN NDP BA . -11.42 16.93 -31.41
O1N NDP BA . -10.04 16.96 -30.85
O2N NDP BA . -12.70 17.22 -30.45
O5D NDP BA . -11.38 18.59 -31.46
C5D NDP BA . -10.84 19.03 -30.22
C4D NDP BA . -10.80 20.51 -29.98
O4D NDP BA . -12.17 20.82 -29.54
C3D NDP BA . -9.90 20.74 -28.77
O3D NDP BA . -8.90 21.72 -29.02
C2D NDP BA . -10.74 21.08 -27.55
O2D NDP BA . -10.34 22.32 -26.90
C1D NDP BA . -12.18 21.11 -28.06
N1N NDP BA . -12.96 20.17 -27.16
C2N NDP BA . -12.94 18.77 -27.33
C3N NDP BA . -13.57 17.94 -26.41
C7N NDP BA . -13.53 16.54 -26.60
O7N NDP BA . -12.95 16.08 -27.55
N7N NDP BA . -14.15 15.70 -25.72
C4N NDP BA . -14.29 18.48 -25.21
C5N NDP BA . -14.28 19.98 -25.16
C6N NDP BA . -13.65 20.73 -26.07
P2B NDP BA . -8.09 15.90 -40.44
O1X NDP BA . -8.77 14.60 -40.16
O2X NDP BA . -7.56 15.91 -41.98
O3X NDP BA . -6.83 16.06 -39.44
PG GTP CA . -29.34 13.72 -29.17
O1G GTP CA . -29.08 14.41 -27.90
O2G GTP CA . -28.07 13.96 -30.12
O3G GTP CA . -30.69 14.30 -29.80
O3B GTP CA . -29.47 12.17 -28.93
PB GTP CA . -30.75 11.72 -28.05
O1B GTP CA . -31.95 11.04 -28.57
O2B GTP CA . -30.49 11.43 -26.46
O3A GTP CA . -29.89 10.43 -28.43
PA GTP CA . -30.20 8.87 -28.02
O1A GTP CA . -30.39 8.53 -26.60
O2A GTP CA . -31.44 8.30 -28.91
O5' GTP CA . -28.82 8.41 -28.69
C5' GTP CA . -28.28 7.12 -28.55
C4' GTP CA . -27.12 7.42 -29.51
O4' GTP CA . -26.50 8.71 -29.62
C3' GTP CA . -25.91 6.42 -29.74
O3' GTP CA . -26.32 5.06 -30.00
C2' GTP CA . -25.25 7.21 -30.95
O2' GTP CA . -25.18 6.38 -32.13
C1' GTP CA . -26.30 8.41 -31.02
N9 GTP CA . -26.23 9.45 -32.11
C8 GTP CA . -27.35 10.08 -32.59
N7 GTP CA . -27.07 10.91 -33.54
C5 GTP CA . -25.76 10.89 -33.77
C6 GTP CA . -24.91 11.58 -34.69
O6 GTP CA . -25.37 12.37 -35.49
N1 GTP CA . -23.57 11.32 -34.65
C2 GTP CA . -23.06 10.41 -33.74
N2 GTP CA . -21.72 10.17 -33.73
N3 GTP CA . -23.84 9.75 -32.87
C4 GTP CA . -25.17 9.96 -32.85
OAA H3P DA . 0.47 -3.26 -10.84
CAP H3P DA . -0.37 -3.64 -9.85
CAL H3P DA . -0.92 -4.93 -9.88
CLAC H3P DA . -0.51 -6.03 -11.14
CAI H3P DA . -1.81 -5.31 -8.89
CAN H3P DA . -2.15 -4.41 -7.88
CLAE H3P DA . -3.43 -4.83 -6.82
CAR H3P DA . -1.58 -3.14 -7.86
CLAG H3P DA . -1.97 -2.06 -6.56
CAT H3P DA . -0.69 -2.74 -8.84
CAK H3P DA . -0.19 -1.29 -8.94
CAU H3P DA . 1.28 -1.12 -8.60
CAS H3P DA . 2.12 -0.37 -9.45
CLAH H3P DA . 1.62 -0.08 -11.08
CAO H3P DA . 3.37 0.02 -9.04
CLAF H3P DA . 4.32 1.09 -10.02
CAJ H3P DA . 3.86 -0.34 -7.79
CAM H3P DA . 3.05 -1.11 -6.95
CLAD H3P DA . 3.62 -1.51 -5.35
CAQ H3P DA . 1.79 -1.49 -7.36
OAB H3P DA . 1.02 -2.27 -6.55
#